data_4D11
#
_entry.id   4D11
#
_cell.length_a   116.771
_cell.length_b   120.898
_cell.length_c   249.607
_cell.angle_alpha   90.00
_cell.angle_beta   90.00
_cell.angle_gamma   90.00
#
_symmetry.space_group_name_H-M   'P 21 21 21'
#
loop_
_entity.id
_entity.type
_entity.pdbx_description
1 polymer 'POLYPEPTIDE GALNAC-TRANSFERASE T2'
2 polymer 'POLYPEPTIDE GALNAC-TRANSFERASE T2'
3 polymer PEPTIDE
4 non-polymer 'MANGANESE (II) ION'
5 non-polymer 2-acetamido-2-deoxy-5-thio-alpha-D-galactopyranose
6 non-polymer "URIDINE-5'-DIPHOSPHATE"
#
loop_
_entity_poly.entity_id
_entity_poly.type
_entity_poly.pdbx_seq_one_letter_code
_entity_poly.pdbx_strand_id
1 'polypeptide(L)'
;MRRRSRMLLCFAFLWVLGIAYYMYSGGGSALAGGAGGGAGRKEDWNEIDPIKKKDLHHSNGEEKAQSMETLPPGKVRWPD
FNQEAYVGGTMVRSGQDPYARNKFNQVESDKLRMDRAIPDTRHDQCQRKQWRVDLPATSVVITFHNEARSALLRTVVSVL
KKSPPHLIKEIILVDDYSNDPEDGALLGKIEKVRVLRNDRREGLMRSRVRGADAAQAKVLTFLDSHCECNEHWLEPLLER
VAEDRTRVVSPIIDVINMDNFQYVGASADLKGGFDWNLVFKWDYMTPEQRRSRQGNPVAPIKTPMIAGGLFVMDKFYFEE
LGKYDMMMDVWGGENLEISFRVWQCGGSLEIIPCSRVGHVFRKQHPYTFPGGSGTVFARNTRRAAEVWMDEYKNFYYAAV
PSARNVPYGNIQSRLELRKKLSCKPFKWYLENVYPELRVPDHQDIAFGALQQGTNCLDTLGHFADGVVGVYECHNAGGNQ
EWALTKEKSVKHMDLCLTVVDRAPGSLIKLQGCREDDSRQKWEQIEGNSKLRHVGSNLCLDSRTAKSGGLSVEVCGPALS
QQWKFTLNLQQ
;
A,B,D,E,F
2 'polypeptide(L)'
;MRRRSRMLLCFAFLWVLGIAYYMYSGGGSALAGGAGGGAGRKEDWNEIDPIKKKDLHHSNGEEKAQSMETLPPSKVRWPD
FNQEAYVGGTMVRSGQDPYARNKFNQVESDKLRMDRAIPDTRHDQCQRKQWRVDLPATSVVITFHNEARSALLRTVVSVL
KKSPPHLIKEIILVDDYSNDPEDGALLGKIEKVRVLRNDRREGLMRSRVRGADAAQAKVLTFLDSHCECNEHWLEPLLER
VAEDRTRVVSPIIDVINMDNFQYVGASADLKGGFDWNLVFKWDYMTPEQRRSRQGNPVAPIKTPMIAGGLFVMDKFYFEE
LGKYDMMMDVWGGENLEISFRVWQCGGSLEIIPCSRVGHVFRKQHPYTFPGGSGTVFARNTRRAAEVWMDEYKNFYYAAV
PSARNVPYGNIQSRLELRKKLSCKPFKWYLENVYPELRVPDHQDIAFGALQQGTNCLDTLGHFADGVVGVYECHNAGGNQ
EWALTKEKSVKHMDLCLTVVDRAPGSLIKLQGCREDDSRQKWEQIEGNSKLRHVGSNLCLDSRTAKSGGLSVEVCGPALS
QQWKFTLNLQQ
;
C
3 'polypeptide(L)' STCPAA L,O,P,X,Z
#
loop_
_chem_comp.id
_chem_comp.type
_chem_comp.name
_chem_comp.formula
BBK D-saccharide, alpha linking 2-acetamido-2-deoxy-5-thio-alpha-D-galactopyranose 'C8 H15 N O5 S'
MN non-polymer 'MANGANESE (II) ION' 'Mn 2'
UDP RNA linking URIDINE-5'-DIPHOSPHATE 'C9 H14 N2 O12 P2'
#
# COMPACT_ATOMS: atom_id res chain seq x y z
N LYS A 75 41.62 43.04 -47.86
CA LYS A 75 41.28 41.80 -47.15
C LYS A 75 40.98 40.69 -48.19
N VAL A 76 41.33 39.46 -47.82
CA VAL A 76 41.10 38.28 -48.68
C VAL A 76 40.34 37.10 -48.03
N ARG A 77 39.50 36.47 -48.82
CA ARG A 77 38.83 35.22 -48.40
C ARG A 77 39.89 34.11 -48.16
N TRP A 78 39.66 33.30 -47.13
CA TRP A 78 40.68 32.31 -46.73
C TRP A 78 41.14 31.40 -47.90
N PRO A 79 40.21 30.94 -48.76
CA PRO A 79 40.65 30.01 -49.82
C PRO A 79 41.46 30.67 -50.90
N ASP A 80 41.32 31.98 -50.98
CA ASP A 80 42.12 32.80 -51.93
C ASP A 80 43.50 33.14 -51.41
N PHE A 81 43.72 32.84 -50.15
CA PHE A 81 45.02 33.09 -49.54
C PHE A 81 46.11 32.17 -50.11
N ASN A 82 47.23 32.78 -50.45
CA ASN A 82 48.33 32.05 -51.08
C ASN A 82 49.29 31.36 -50.08
N GLN A 83 48.97 30.14 -49.75
CA GLN A 83 49.71 29.41 -48.72
C GLN A 83 51.12 29.04 -49.14
N GLU A 84 51.28 28.76 -50.41
CA GLU A 84 52.52 28.32 -50.97
C GLU A 84 53.55 29.38 -50.81
N ALA A 85 53.13 30.58 -51.11
CA ALA A 85 53.96 31.81 -50.98
C ALA A 85 54.33 32.17 -49.56
N TYR A 86 53.36 32.02 -48.68
CA TYR A 86 53.47 32.30 -47.21
C TYR A 86 54.41 31.30 -46.51
N VAL A 87 54.13 30.04 -46.71
CA VAL A 87 54.90 28.94 -46.06
C VAL A 87 56.30 28.83 -46.63
N GLY A 88 56.36 29.07 -47.93
CA GLY A 88 57.54 28.83 -48.77
C GLY A 88 58.80 29.53 -48.34
N GLY A 89 58.64 30.79 -47.94
CA GLY A 89 59.75 31.59 -47.33
C GLY A 89 60.62 30.86 -46.28
N THR A 90 59.96 30.03 -45.49
CA THR A 90 60.49 29.50 -44.21
C THR A 90 60.65 27.98 -44.14
N MET A 91 60.64 27.35 -45.30
CA MET A 91 60.81 25.88 -45.34
C MET A 91 62.15 25.36 -44.81
N VAL A 92 62.11 24.09 -44.45
CA VAL A 92 63.29 23.35 -43.97
C VAL A 92 64.16 22.97 -45.17
N ARG A 93 65.46 23.14 -45.01
CA ARG A 93 66.34 23.12 -46.16
C ARG A 93 67.39 22.03 -46.16
N SER A 94 67.99 21.93 -47.33
CA SER A 94 69.21 21.13 -47.51
C SER A 94 68.75 19.74 -47.15
N GLY A 95 69.55 19.14 -46.28
CA GLY A 95 69.14 18.05 -45.42
C GLY A 95 69.54 18.54 -44.03
N GLN A 96 68.72 19.45 -43.54
CA GLN A 96 68.74 19.89 -42.15
C GLN A 96 67.59 19.20 -41.36
N ASP A 97 67.68 19.36 -40.04
CA ASP A 97 66.80 18.70 -39.08
C ASP A 97 65.41 19.28 -38.98
N PRO A 98 64.38 18.51 -39.32
CA PRO A 98 63.01 19.02 -39.37
C PRO A 98 62.37 19.27 -38.01
N TYR A 99 62.96 18.70 -36.98
CA TYR A 99 62.46 18.87 -35.58
C TYR A 99 63.06 20.03 -34.78
N ALA A 100 64.05 20.68 -35.38
CA ALA A 100 64.91 21.69 -34.69
C ALA A 100 64.19 22.94 -34.14
N ARG A 101 63.56 23.65 -35.06
CA ARG A 101 62.86 24.94 -34.75
C ARG A 101 61.60 24.87 -33.84
N ASN A 102 60.88 23.78 -33.96
CA ASN A 102 59.54 23.63 -33.31
C ASN A 102 59.34 22.46 -32.38
N LYS A 103 60.28 21.55 -32.41
CA LYS A 103 60.14 20.26 -31.62
C LYS A 103 58.95 19.42 -32.06
N PHE A 104 58.56 19.72 -33.28
CA PHE A 104 57.70 18.82 -34.10
C PHE A 104 58.21 18.80 -35.55
N ASN A 105 57.76 17.79 -36.26
CA ASN A 105 58.22 17.60 -37.63
C ASN A 105 57.70 18.64 -38.63
N GLN A 106 58.54 19.63 -38.87
CA GLN A 106 58.14 20.77 -39.73
C GLN A 106 57.92 20.39 -41.19
N VAL A 107 58.71 19.45 -41.63
CA VAL A 107 58.66 19.04 -43.04
C VAL A 107 57.26 18.48 -43.33
N GLU A 108 56.88 17.61 -42.41
CA GLU A 108 55.61 16.88 -42.51
C GLU A 108 54.37 17.82 -42.42
N SER A 109 54.49 18.76 -41.52
CA SER A 109 53.51 19.90 -41.38
C SER A 109 53.35 20.75 -42.63
N ASP A 110 54.48 21.05 -43.23
CA ASP A 110 54.54 21.92 -44.47
C ASP A 110 53.97 21.24 -45.72
N LYS A 111 54.04 19.91 -45.75
CA LYS A 111 53.42 19.04 -46.85
C LYS A 111 51.90 19.15 -46.89
N LEU A 112 51.37 19.43 -45.73
CA LEU A 112 49.94 19.54 -45.47
C LEU A 112 49.28 20.76 -46.05
N ARG A 113 48.17 20.50 -46.69
CA ARG A 113 47.27 21.52 -47.25
C ARG A 113 46.62 22.35 -46.10
N MET A 114 46.47 23.63 -46.34
CA MET A 114 46.05 24.64 -45.26
C MET A 114 44.68 24.31 -44.67
N ASP A 115 43.89 23.72 -45.55
CA ASP A 115 42.56 23.19 -45.22
C ASP A 115 42.42 21.68 -45.38
N ARG A 116 43.48 20.97 -45.06
CA ARG A 116 43.50 19.50 -45.22
C ARG A 116 42.31 18.82 -44.54
N ALA A 117 41.87 17.76 -45.18
CA ALA A 117 40.79 16.94 -44.64
C ALA A 117 41.26 16.18 -43.41
N ILE A 118 40.36 16.03 -42.46
CA ILE A 118 40.65 15.22 -41.27
C ILE A 118 39.48 14.34 -40.84
N PRO A 119 39.78 13.21 -40.19
CA PRO A 119 38.68 12.35 -39.87
C PRO A 119 37.76 12.99 -38.85
N ASP A 120 36.48 12.73 -39.06
CA ASP A 120 35.44 13.08 -38.10
C ASP A 120 35.54 12.12 -36.91
N THR A 121 36.10 12.64 -35.82
CA THR A 121 36.37 11.85 -34.59
C THR A 121 35.29 11.97 -33.53
N ARG A 122 34.15 12.45 -33.96
CA ARG A 122 33.00 12.60 -33.07
C ARG A 122 32.16 11.38 -32.87
N HIS A 123 31.56 11.32 -31.68
CA HIS A 123 30.53 10.30 -31.37
C HIS A 123 29.42 10.41 -32.40
N ASP A 124 28.90 9.27 -32.78
CA ASP A 124 27.81 9.16 -33.81
C ASP A 124 26.63 10.07 -33.54
N GLN A 125 26.34 10.20 -32.28
CA GLN A 125 25.18 10.97 -31.77
C GLN A 125 25.29 12.46 -32.05
N CYS A 126 26.50 12.95 -31.96
CA CYS A 126 26.85 14.37 -32.31
C CYS A 126 26.64 14.64 -33.79
N GLN A 127 26.98 13.64 -34.56
CA GLN A 127 26.93 13.67 -36.05
C GLN A 127 25.51 13.72 -36.59
N ARG A 128 24.61 13.21 -35.78
CA ARG A 128 23.15 13.15 -36.04
C ARG A 128 22.50 14.22 -35.22
N LYS A 129 22.92 15.44 -35.44
CA LYS A 129 22.48 16.53 -34.60
C LYS A 129 22.47 17.85 -35.32
N GLN A 130 21.32 18.49 -35.28
CA GLN A 130 21.16 19.87 -35.81
C GLN A 130 21.55 20.83 -34.69
N TRP A 131 22.63 21.56 -34.94
CA TRP A 131 23.16 22.53 -33.95
C TRP A 131 22.54 23.88 -34.13
N ARG A 132 22.10 24.47 -33.02
CA ARG A 132 21.58 25.84 -33.06
C ARG A 132 22.68 26.76 -33.59
N VAL A 133 22.26 27.77 -34.28
CA VAL A 133 23.19 28.80 -34.77
C VAL A 133 22.84 30.17 -34.20
N ASP A 134 21.70 30.24 -33.52
CA ASP A 134 21.20 31.46 -32.78
C ASP A 134 21.93 31.64 -31.45
N LEU A 135 23.21 31.86 -31.64
CA LEU A 135 24.23 31.82 -30.58
C LEU A 135 25.12 33.05 -30.57
N PRO A 136 25.66 33.44 -29.40
CA PRO A 136 26.50 34.60 -29.39
C PRO A 136 27.78 34.32 -30.14
N ALA A 137 28.22 35.33 -30.86
CA ALA A 137 29.44 35.18 -31.67
C ALA A 137 30.62 35.17 -30.75
N THR A 138 31.69 34.59 -31.23
CA THR A 138 32.95 34.56 -30.47
C THR A 138 34.12 35.29 -31.08
N SER A 139 34.96 35.75 -30.19
CA SER A 139 36.26 36.36 -30.52
C SER A 139 37.33 35.36 -30.19
N VAL A 140 37.88 34.80 -31.25
CA VAL A 140 38.91 33.77 -31.13
C VAL A 140 40.26 34.38 -30.88
N VAL A 141 40.85 34.02 -29.78
CA VAL A 141 42.18 34.52 -29.42
C VAL A 141 43.23 33.44 -29.54
N ILE A 142 44.18 33.75 -30.40
CA ILE A 142 45.31 32.84 -30.69
C ILE A 142 46.59 33.57 -30.48
N THR A 143 47.32 32.98 -29.60
CA THR A 143 48.59 33.53 -29.16
C THR A 143 49.75 32.67 -29.67
N PHE A 144 50.79 33.33 -30.10
CA PHE A 144 51.95 32.64 -30.67
C PHE A 144 53.32 33.30 -30.60
N HIS A 145 54.31 32.44 -30.52
CA HIS A 145 55.75 32.79 -30.49
C HIS A 145 56.60 31.83 -31.31
N ASN A 146 57.13 32.37 -32.36
CA ASN A 146 57.96 31.59 -33.37
C ASN A 146 57.34 30.25 -33.74
N GLU A 147 56.10 30.36 -34.14
CA GLU A 147 55.30 29.21 -34.59
C GLU A 147 55.60 28.90 -36.04
N ALA A 148 55.53 27.64 -36.36
CA ALA A 148 55.67 27.18 -37.76
C ALA A 148 54.57 27.73 -38.63
N ARG A 149 54.95 28.39 -39.69
CA ARG A 149 53.92 29.09 -40.55
C ARG A 149 52.77 28.21 -41.02
N SER A 150 53.14 27.03 -41.49
CA SER A 150 52.14 26.08 -42.01
C SER A 150 51.12 25.75 -40.90
N ALA A 151 51.65 25.55 -39.72
CA ALA A 151 50.79 25.14 -38.54
C ALA A 151 49.82 26.24 -38.06
N LEU A 152 50.38 27.42 -38.10
CA LEU A 152 49.68 28.65 -37.69
C LEU A 152 48.54 28.99 -38.62
N LEU A 153 48.89 29.02 -39.89
CA LEU A 153 47.91 29.21 -41.02
C LEU A 153 46.79 28.17 -40.94
N ARG A 154 47.21 26.95 -40.77
CA ARG A 154 46.29 25.80 -40.71
C ARG A 154 45.31 25.97 -39.55
N THR A 155 45.79 26.57 -38.48
CA THR A 155 44.94 26.72 -37.27
C THR A 155 43.82 27.70 -37.59
N VAL A 156 44.28 28.83 -38.05
CA VAL A 156 43.41 29.90 -38.52
C VAL A 156 42.38 29.48 -39.60
N VAL A 157 42.86 28.85 -40.68
CA VAL A 157 41.91 28.39 -41.71
C VAL A 157 40.91 27.35 -41.12
N SER A 158 41.39 26.53 -40.22
CA SER A 158 40.50 25.49 -39.64
C SER A 158 39.33 26.17 -38.93
N VAL A 159 39.67 27.25 -38.22
CA VAL A 159 38.65 28.01 -37.48
C VAL A 159 37.62 28.60 -38.46
N LEU A 160 38.15 29.27 -39.45
CA LEU A 160 37.29 29.91 -40.56
C LEU A 160 36.45 28.91 -41.34
N LYS A 161 37.04 27.81 -41.69
CA LYS A 161 36.40 26.84 -42.60
C LYS A 161 35.34 26.01 -41.88
N LYS A 162 35.64 25.69 -40.65
CA LYS A 162 34.84 24.73 -39.84
C LYS A 162 33.78 25.37 -38.95
N SER A 163 33.82 26.68 -38.91
CA SER A 163 32.89 27.49 -38.07
C SER A 163 31.88 28.32 -38.89
N PRO A 164 30.58 28.29 -38.51
CA PRO A 164 29.61 29.17 -39.15
C PRO A 164 30.07 30.61 -39.04
N PRO A 165 30.11 31.31 -40.15
CA PRO A 165 30.81 32.58 -40.15
C PRO A 165 30.24 33.55 -39.19
N HIS A 166 28.92 33.56 -39.09
CA HIS A 166 28.22 34.65 -38.29
C HIS A 166 28.61 34.55 -36.82
N LEU A 167 29.04 33.36 -36.45
CA LEU A 167 29.54 33.06 -35.07
C LEU A 167 30.97 33.48 -34.82
N ILE A 168 31.67 33.75 -35.89
CA ILE A 168 33.09 34.14 -35.84
C ILE A 168 33.18 35.64 -36.05
N LYS A 169 33.16 36.33 -34.95
CA LYS A 169 33.28 37.78 -34.98
C LYS A 169 34.61 38.24 -35.54
N GLU A 170 35.62 37.64 -34.97
CA GLU A 170 37.03 37.98 -35.29
C GLU A 170 37.99 36.92 -34.83
N ILE A 171 39.09 36.89 -35.51
CA ILE A 171 40.22 36.06 -35.06
C ILE A 171 41.36 36.97 -34.68
N ILE A 172 41.69 36.93 -33.41
CA ILE A 172 42.74 37.80 -32.86
C ILE A 172 44.04 37.07 -32.66
N LEU A 173 44.95 37.43 -33.50
CA LEU A 173 46.31 36.85 -33.48
C LEU A 173 47.22 37.71 -32.66
N VAL A 174 47.64 37.16 -31.54
CA VAL A 174 48.63 37.82 -30.68
C VAL A 174 50.04 37.25 -30.89
N ASP A 175 50.80 38.03 -31.63
CA ASP A 175 52.24 37.78 -31.95
C ASP A 175 53.11 38.12 -30.75
N ASP A 176 53.46 37.10 -30.00
CA ASP A 176 54.28 37.27 -28.76
C ASP A 176 55.79 37.41 -29.00
N TYR A 177 56.11 38.50 -29.63
CA TYR A 177 57.51 38.89 -29.93
C TYR A 177 58.26 37.86 -30.75
N SER A 178 57.61 37.45 -31.81
CA SER A 178 58.22 36.47 -32.77
C SER A 178 59.41 37.11 -33.45
N ASN A 179 60.46 36.36 -33.68
CA ASN A 179 61.63 36.86 -34.43
C ASN A 179 61.20 37.64 -35.66
N ASP A 180 60.44 36.96 -36.51
CA ASP A 180 59.94 37.54 -37.78
C ASP A 180 58.47 38.00 -37.69
N PRO A 181 58.23 39.32 -37.62
CA PRO A 181 56.86 39.85 -37.51
C PRO A 181 55.93 39.62 -38.70
N GLU A 182 56.52 39.21 -39.80
CA GLU A 182 55.76 38.87 -41.04
C GLU A 182 54.89 37.63 -40.90
N ASP A 183 55.42 36.68 -40.15
CA ASP A 183 54.71 35.41 -39.81
C ASP A 183 53.21 35.69 -39.55
N GLY A 184 53.02 36.62 -38.63
CA GLY A 184 51.67 37.07 -38.22
C GLY A 184 51.07 38.18 -39.09
N ALA A 185 51.89 39.15 -39.37
CA ALA A 185 51.49 40.31 -40.18
C ALA A 185 50.85 39.90 -41.52
N LEU A 186 51.50 38.95 -42.19
CA LEU A 186 51.01 38.43 -43.49
C LEU A 186 49.59 37.87 -43.40
N LEU A 187 49.31 37.20 -42.28
CA LEU A 187 48.01 36.53 -42.01
C LEU A 187 46.90 37.55 -41.83
N GLY A 188 47.35 38.76 -41.53
CA GLY A 188 46.48 39.94 -41.33
C GLY A 188 45.64 40.29 -42.56
N LYS A 189 46.10 39.84 -43.70
CA LYS A 189 45.38 39.99 -45.00
C LYS A 189 44.06 39.25 -45.01
N ILE A 190 44.01 38.25 -44.17
CA ILE A 190 42.88 37.29 -44.19
C ILE A 190 41.64 37.87 -43.49
N GLU A 191 40.53 37.62 -44.14
CA GLU A 191 39.19 37.86 -43.59
C GLU A 191 39.11 37.54 -42.10
N LYS A 192 38.56 38.51 -41.37
CA LYS A 192 38.34 38.47 -39.87
C LYS A 192 39.57 38.33 -38.98
N VAL A 193 40.71 38.19 -39.63
CA VAL A 193 42.00 38.14 -38.91
C VAL A 193 42.58 39.52 -38.53
N ARG A 194 42.69 39.71 -37.26
CA ARG A 194 43.38 40.85 -36.71
C ARG A 194 44.70 40.44 -36.04
N VAL A 195 45.78 41.11 -36.38
CA VAL A 195 47.06 40.79 -35.76
C VAL A 195 47.59 41.87 -34.79
N LEU A 196 47.82 41.44 -33.57
CA LEU A 196 48.42 42.22 -32.48
C LEU A 196 49.83 41.73 -32.15
N ARG A 197 50.79 42.64 -32.28
CA ARG A 197 52.20 42.29 -32.11
C ARG A 197 52.85 42.89 -30.86
N ASN A 198 53.17 42.02 -29.91
CA ASN A 198 53.96 42.39 -28.71
C ASN A 198 55.36 42.85 -29.13
N ASP A 199 55.73 44.02 -28.67
CA ASP A 199 57.12 44.57 -28.91
C ASP A 199 58.18 44.07 -27.91
N ARG A 200 57.74 43.23 -27.00
CA ARG A 200 58.64 42.40 -26.18
C ARG A 200 57.98 41.08 -25.74
N ARG A 201 58.81 40.09 -25.44
CA ARG A 201 58.30 38.78 -24.99
C ARG A 201 57.53 38.91 -23.65
N GLU A 202 56.25 38.63 -23.71
CA GLU A 202 55.30 38.68 -22.56
C GLU A 202 54.86 37.34 -22.01
N GLY A 203 54.90 36.39 -22.89
CA GLY A 203 54.43 35.04 -22.58
C GLY A 203 52.97 34.79 -22.84
N LEU A 204 52.57 33.54 -22.59
CA LEU A 204 51.23 33.00 -23.02
C LEU A 204 50.08 33.67 -22.26
N MET A 205 50.24 33.75 -20.96
CA MET A 205 49.22 34.32 -19.99
C MET A 205 48.91 35.81 -20.28
N ARG A 206 49.97 36.58 -20.25
CA ARG A 206 49.87 38.06 -20.50
C ARG A 206 49.33 38.37 -21.90
N SER A 207 49.86 37.64 -22.85
CA SER A 207 49.43 37.75 -24.30
C SER A 207 47.95 37.51 -24.51
N ARG A 208 47.46 36.50 -23.85
CA ARG A 208 46.05 36.13 -23.89
C ARG A 208 45.17 37.23 -23.39
N VAL A 209 45.61 37.77 -22.29
CA VAL A 209 44.86 38.86 -21.65
C VAL A 209 44.77 40.05 -22.61
N ARG A 210 45.91 40.34 -23.23
CA ARG A 210 45.97 41.45 -24.19
C ARG A 210 44.92 41.24 -25.26
N GLY A 211 44.90 40.03 -25.76
CA GLY A 211 44.02 39.64 -26.86
C GLY A 211 42.54 39.69 -26.43
N ALA A 212 42.29 39.09 -25.29
CA ALA A 212 40.96 39.15 -24.62
C ALA A 212 40.45 40.57 -24.45
N ASP A 213 41.35 41.42 -24.00
CA ASP A 213 41.07 42.89 -23.76
C ASP A 213 40.61 43.58 -25.05
N ALA A 214 41.28 43.20 -26.12
CA ALA A 214 41.00 43.70 -27.51
C ALA A 214 39.77 43.11 -28.14
N ALA A 215 39.27 42.11 -27.50
CA ALA A 215 38.14 41.33 -28.03
C ALA A 215 36.81 42.12 -27.98
N GLN A 216 36.12 42.09 -29.08
CA GLN A 216 34.81 42.77 -29.25
C GLN A 216 33.60 41.92 -28.96
N ALA A 217 33.73 40.63 -29.14
CA ALA A 217 32.61 39.71 -28.96
C ALA A 217 32.23 39.56 -27.46
N LYS A 218 31.09 38.95 -27.25
CA LYS A 218 30.62 38.61 -25.88
C LYS A 218 31.32 37.40 -25.27
N VAL A 219 31.65 36.50 -26.19
CA VAL A 219 32.28 35.22 -25.84
C VAL A 219 33.71 35.11 -26.37
N LEU A 220 34.55 34.74 -25.44
CA LEU A 220 35.96 34.45 -25.70
C LEU A 220 36.23 32.99 -26.03
N THR A 221 36.99 32.81 -27.08
CA THR A 221 37.56 31.49 -27.36
C THR A 221 39.07 31.51 -27.42
N PHE A 222 39.69 30.75 -26.54
CA PHE A 222 41.13 30.55 -26.60
C PHE A 222 41.57 29.25 -27.31
N LEU A 223 42.52 29.42 -28.21
CA LEU A 223 43.22 28.31 -28.89
C LEU A 223 44.73 28.46 -29.00
N ASP A 224 45.40 27.33 -28.96
CA ASP A 224 46.83 27.23 -29.31
C ASP A 224 47.02 27.59 -30.78
N SER A 225 48.27 27.89 -31.13
CA SER A 225 48.68 28.19 -32.54
C SER A 225 48.99 26.99 -33.49
N HIS A 226 48.89 25.80 -32.92
CA HIS A 226 49.11 24.51 -33.70
C HIS A 226 47.95 23.57 -33.39
N CYS A 227 46.78 24.12 -33.64
CA CYS A 227 45.49 23.37 -33.56
C CYS A 227 44.79 23.18 -34.89
N GLU A 228 43.95 22.18 -34.90
CA GLU A 228 43.03 21.91 -36.05
C GLU A 228 41.57 21.62 -35.59
N CYS A 229 40.70 22.57 -35.89
CA CYS A 229 39.27 22.45 -35.57
C CYS A 229 38.57 21.42 -36.38
N ASN A 230 37.72 20.69 -35.69
CA ASN A 230 36.91 19.63 -36.33
C ASN A 230 35.47 20.07 -36.60
N GLU A 231 34.78 19.19 -37.29
CA GLU A 231 33.35 19.38 -37.62
C GLU A 231 32.53 19.85 -36.42
N HIS A 232 31.81 20.91 -36.70
CA HIS A 232 30.83 21.52 -35.74
C HIS A 232 31.36 21.62 -34.32
N TRP A 233 32.58 22.08 -34.27
CA TRP A 233 33.37 22.13 -33.03
C TRP A 233 32.90 23.22 -32.12
N LEU A 234 32.49 24.30 -32.74
CA LEU A 234 32.18 25.55 -31.99
C LEU A 234 30.77 25.67 -31.32
N GLU A 235 29.78 25.27 -32.09
CA GLU A 235 28.37 25.35 -31.66
C GLU A 235 28.11 24.73 -30.25
N PRO A 236 28.54 23.50 -30.02
CA PRO A 236 28.31 22.88 -28.71
C PRO A 236 28.93 23.63 -27.57
N LEU A 237 30.04 24.26 -27.88
CA LEU A 237 30.78 24.99 -26.83
C LEU A 237 29.99 26.21 -26.46
N LEU A 238 29.57 26.91 -27.49
CA LEU A 238 28.82 28.20 -27.35
C LEU A 238 27.44 28.04 -26.72
N GLU A 239 26.78 26.99 -27.15
CA GLU A 239 25.50 26.52 -26.59
C GLU A 239 25.54 26.57 -25.06
N ARG A 240 26.60 26.03 -24.55
CA ARG A 240 26.78 25.89 -23.10
C ARG A 240 26.87 27.21 -22.39
N VAL A 241 27.75 28.06 -22.87
CA VAL A 241 28.06 29.32 -22.11
C VAL A 241 26.95 30.34 -22.36
N ALA A 242 26.25 30.12 -23.43
CA ALA A 242 25.04 30.92 -23.76
C ALA A 242 23.92 30.68 -22.73
N GLU A 243 23.64 29.41 -22.46
CA GLU A 243 22.70 28.99 -21.39
C GLU A 243 23.07 29.52 -20.00
N ASP A 244 24.34 29.40 -19.71
CA ASP A 244 24.92 29.71 -18.37
C ASP A 244 26.35 30.26 -18.47
N ARG A 245 26.45 31.55 -18.25
CA ARG A 245 27.69 32.36 -18.49
C ARG A 245 28.84 32.07 -17.51
N THR A 246 28.53 31.30 -16.49
CA THR A 246 29.57 30.86 -15.47
C THR A 246 30.29 29.55 -15.84
N ARG A 247 29.74 28.91 -16.84
CA ARG A 247 30.33 27.72 -17.46
C ARG A 247 31.54 28.09 -18.28
N VAL A 248 32.59 27.42 -17.92
CA VAL A 248 33.85 27.46 -18.68
C VAL A 248 34.08 26.11 -19.33
N VAL A 249 34.08 26.13 -20.64
CA VAL A 249 34.03 24.90 -21.41
C VAL A 249 35.16 24.64 -22.40
N SER A 250 35.38 23.38 -22.58
CA SER A 250 36.45 22.81 -23.46
C SER A 250 36.03 21.74 -24.40
N PRO A 251 36.67 21.72 -25.57
CA PRO A 251 36.44 20.56 -26.33
C PRO A 251 37.29 19.42 -25.85
N ILE A 252 36.90 18.28 -26.35
CA ILE A 252 37.80 17.14 -26.32
C ILE A 252 38.94 17.49 -27.25
N ILE A 253 40.12 17.30 -26.73
CA ILE A 253 41.36 17.60 -27.47
C ILE A 253 42.00 16.42 -28.18
N ASP A 254 41.68 16.34 -29.42
CA ASP A 254 42.21 15.28 -30.22
C ASP A 254 43.71 15.45 -30.31
N VAL A 255 44.34 14.36 -30.71
CA VAL A 255 45.79 14.32 -30.84
C VAL A 255 46.26 14.44 -32.28
N ILE A 256 47.09 15.45 -32.49
CA ILE A 256 47.87 15.58 -33.73
C ILE A 256 49.34 15.18 -33.54
N ASN A 257 49.65 14.08 -34.19
CA ASN A 257 50.97 13.44 -34.06
C ASN A 257 52.10 14.37 -34.49
N MET A 258 53.03 14.53 -33.57
CA MET A 258 54.18 15.46 -33.73
C MET A 258 55.19 15.07 -34.82
N ASP A 259 55.21 13.79 -35.12
CA ASP A 259 56.15 13.22 -36.15
C ASP A 259 55.60 13.16 -37.57
N ASN A 260 54.48 12.50 -37.71
CA ASN A 260 53.80 12.30 -39.05
C ASN A 260 52.56 13.17 -39.31
N PHE A 261 52.18 13.93 -38.29
CA PHE A 261 51.03 14.90 -38.36
C PHE A 261 49.64 14.31 -38.61
N GLN A 262 49.58 13.04 -38.37
CA GLN A 262 48.29 12.35 -38.41
C GLN A 262 47.35 12.85 -37.29
N TYR A 263 46.13 13.05 -37.71
CA TYR A 263 45.03 13.48 -36.84
C TYR A 263 44.41 12.25 -36.22
N VAL A 264 44.59 12.17 -34.94
CA VAL A 264 44.13 11.03 -34.13
C VAL A 264 43.09 11.40 -33.11
N GLY A 265 42.03 10.64 -33.17
CA GLY A 265 40.92 10.77 -32.27
C GLY A 265 41.29 10.39 -30.85
N ALA A 266 41.04 11.29 -29.95
CA ALA A 266 41.28 11.03 -28.52
C ALA A 266 40.17 10.29 -27.83
N SER A 267 40.49 9.83 -26.64
CA SER A 267 39.48 9.21 -25.79
C SER A 267 38.54 10.27 -25.21
N ALA A 268 37.26 9.95 -25.22
CA ALA A 268 36.18 10.78 -24.63
C ALA A 268 35.87 10.42 -23.17
N ASP A 269 36.55 9.39 -22.70
CA ASP A 269 36.27 8.81 -21.34
C ASP A 269 37.17 9.40 -20.26
N LEU A 270 37.75 10.53 -20.60
CA LEU A 270 38.73 11.24 -19.74
C LEU A 270 38.26 12.55 -19.11
N LYS A 271 38.69 12.66 -17.88
CA LYS A 271 38.63 13.92 -17.09
C LYS A 271 40.02 14.47 -16.85
N GLY A 272 40.01 15.77 -16.68
CA GLY A 272 41.21 16.50 -16.27
C GLY A 272 41.50 16.23 -14.79
N GLY A 273 42.76 16.36 -14.43
CA GLY A 273 43.17 16.09 -13.04
C GLY A 273 44.59 16.36 -12.64
N PHE A 274 44.87 16.03 -11.40
CA PHE A 274 46.22 16.23 -10.85
C PHE A 274 46.55 15.44 -9.58
N ASP A 275 47.85 15.38 -9.38
CA ASP A 275 48.46 14.81 -8.18
C ASP A 275 48.95 15.94 -7.31
N TRP A 276 49.33 15.60 -6.10
CA TRP A 276 49.77 16.61 -5.08
C TRP A 276 51.01 17.45 -5.47
N ASN A 277 51.79 16.91 -6.38
CA ASN A 277 52.92 17.68 -7.07
C ASN A 277 52.40 18.79 -8.00
N LEU A 278 51.09 18.94 -7.97
CA LEU A 278 50.31 19.86 -8.87
C LEU A 278 50.60 19.79 -10.38
N VAL A 279 51.10 18.65 -10.82
CA VAL A 279 51.27 18.40 -12.26
C VAL A 279 49.99 17.82 -12.92
N PHE A 280 49.61 18.48 -14.00
CA PHE A 280 48.41 18.10 -14.76
C PHE A 280 48.53 16.67 -15.26
N LYS A 281 47.42 16.00 -15.19
CA LYS A 281 47.30 14.64 -15.71
C LYS A 281 45.87 14.28 -16.11
N TRP A 282 45.79 13.30 -17.01
CA TRP A 282 44.51 12.75 -17.46
C TRP A 282 44.04 11.59 -16.61
N ASP A 283 42.90 11.80 -15.98
CA ASP A 283 42.21 10.73 -15.21
C ASP A 283 41.20 10.07 -16.12
N TYR A 284 41.08 8.77 -15.97
CA TYR A 284 39.93 8.02 -16.51
C TYR A 284 38.75 8.29 -15.61
N MET A 285 37.59 8.32 -16.20
CA MET A 285 36.34 8.37 -15.41
C MET A 285 36.22 7.10 -14.58
N THR A 286 35.60 7.22 -13.41
CA THR A 286 35.26 6.03 -12.57
C THR A 286 34.18 5.21 -13.29
N PRO A 287 34.25 3.86 -13.21
CA PRO A 287 33.24 2.99 -13.85
C PRO A 287 31.85 3.38 -13.44
N GLU A 288 31.76 3.80 -12.18
CA GLU A 288 30.54 4.39 -11.56
C GLU A 288 29.97 5.51 -12.46
N GLN A 289 30.82 6.51 -12.66
CA GLN A 289 30.54 7.70 -13.54
C GLN A 289 30.17 7.28 -14.97
N ARG A 290 31.08 6.49 -15.55
CA ARG A 290 30.95 5.97 -16.95
C ARG A 290 29.56 5.39 -17.17
N ARG A 291 29.21 4.52 -16.24
CA ARG A 291 27.95 3.70 -16.29
C ARG A 291 26.73 4.59 -16.26
N SER A 292 26.81 5.58 -15.38
CA SER A 292 25.72 6.57 -15.12
C SER A 292 25.44 7.54 -16.29
N ARG A 293 26.37 7.54 -17.22
CA ARG A 293 26.31 8.34 -18.46
C ARG A 293 25.77 7.56 -19.65
N GLN A 294 25.88 6.24 -19.54
CA GLN A 294 25.48 5.23 -20.61
C GLN A 294 24.19 5.73 -21.30
N GLY A 295 23.35 6.33 -20.46
CA GLY A 295 22.09 6.97 -20.88
C GLY A 295 22.27 8.02 -21.97
N ASN A 296 23.07 9.02 -21.64
CA ASN A 296 23.59 10.04 -22.62
C ASN A 296 25.12 10.18 -22.67
N PRO A 297 25.78 9.49 -23.63
CA PRO A 297 27.26 9.42 -23.63
C PRO A 297 28.01 10.65 -24.13
N VAL A 298 27.30 11.55 -24.78
CA VAL A 298 27.90 12.83 -25.25
C VAL A 298 27.51 14.05 -24.40
N ALA A 299 27.07 13.77 -23.21
CA ALA A 299 26.73 14.84 -22.28
C ALA A 299 27.98 15.56 -21.83
N PRO A 300 27.82 16.81 -21.40
CA PRO A 300 28.91 17.46 -20.73
C PRO A 300 29.51 16.64 -19.63
N ILE A 301 30.79 16.79 -19.48
CA ILE A 301 31.55 16.17 -18.41
C ILE A 301 32.14 17.22 -17.49
N LYS A 302 31.71 17.17 -16.25
CA LYS A 302 32.36 17.96 -15.21
C LYS A 302 33.80 17.54 -15.09
N THR A 303 34.67 18.51 -15.08
CA THR A 303 36.12 18.30 -14.87
C THR A 303 36.70 19.19 -13.79
N PRO A 304 37.45 18.64 -12.85
CA PRO A 304 38.03 19.45 -11.77
C PRO A 304 39.14 20.32 -12.24
N MET A 305 39.62 19.96 -13.40
CA MET A 305 40.68 20.73 -14.06
C MET A 305 40.66 20.70 -15.59
N ILE A 306 41.05 21.84 -16.15
CA ILE A 306 41.19 21.95 -17.63
C ILE A 306 42.64 21.87 -18.05
N ALA A 307 42.82 21.26 -19.21
CA ALA A 307 44.14 21.15 -19.89
C ALA A 307 44.82 22.53 -19.98
N GLY A 308 44.05 23.45 -20.54
CA GLY A 308 44.30 24.93 -20.46
C GLY A 308 44.46 25.65 -21.81
N GLY A 309 45.06 24.94 -22.73
CA GLY A 309 45.33 25.55 -24.04
C GLY A 309 44.03 26.01 -24.73
N LEU A 310 43.04 25.17 -24.60
CA LEU A 310 41.84 25.26 -25.46
C LEU A 310 40.59 25.33 -24.60
N PHE A 311 40.10 26.53 -24.47
CA PHE A 311 38.79 26.69 -23.85
C PHE A 311 37.99 27.92 -24.29
N VAL A 312 36.73 27.83 -23.92
CA VAL A 312 35.74 28.84 -24.24
C VAL A 312 35.16 29.41 -22.96
N MET A 313 35.09 30.72 -22.96
CA MET A 313 34.68 31.46 -21.77
C MET A 313 33.95 32.77 -22.10
N ASP A 314 32.91 33.02 -21.31
CA ASP A 314 32.17 34.31 -21.34
C ASP A 314 33.10 35.47 -20.99
N LYS A 315 33.15 36.43 -21.90
CA LYS A 315 34.12 37.56 -21.81
C LYS A 315 33.98 38.36 -20.55
N PHE A 316 32.74 38.68 -20.25
CA PHE A 316 32.41 39.45 -19.03
C PHE A 316 32.84 38.68 -17.77
N TYR A 317 32.48 37.42 -17.77
CA TYR A 317 32.79 36.47 -16.66
C TYR A 317 34.30 36.34 -16.41
N PHE A 318 35.00 36.30 -17.51
CA PHE A 318 36.48 36.22 -17.56
C PHE A 318 37.07 37.38 -16.80
N GLU A 319 36.51 38.54 -17.11
CA GLU A 319 36.96 39.86 -16.54
C GLU A 319 36.62 40.01 -15.04
N GLU A 320 35.35 39.76 -14.76
CA GLU A 320 34.79 39.64 -13.40
C GLU A 320 35.61 38.77 -12.45
N LEU A 321 35.86 37.54 -12.86
CA LEU A 321 36.62 36.52 -12.03
C LEU A 321 38.08 36.83 -11.85
N GLY A 322 38.55 37.84 -12.54
CA GLY A 322 39.94 38.34 -12.38
C GLY A 322 40.90 37.94 -13.47
N LYS A 323 40.34 37.83 -14.65
CA LYS A 323 41.09 37.52 -15.88
C LYS A 323 42.03 36.31 -15.69
N TYR A 324 43.29 36.57 -15.93
CA TYR A 324 44.43 35.70 -15.50
C TYR A 324 45.27 36.43 -14.48
N ASP A 325 45.91 35.63 -13.63
CA ASP A 325 47.00 36.16 -12.72
C ASP A 325 48.12 36.73 -13.60
N MET A 326 48.24 38.04 -13.49
CA MET A 326 49.09 38.87 -14.41
C MET A 326 50.60 38.80 -14.19
N MET A 327 50.95 38.30 -13.01
CA MET A 327 52.37 38.14 -12.55
C MET A 327 53.00 36.76 -12.83
N MET A 328 52.26 35.93 -13.50
CA MET A 328 52.74 34.61 -13.87
C MET A 328 53.52 34.74 -15.14
N ASP A 329 54.34 33.73 -15.41
CA ASP A 329 55.41 33.83 -16.40
C ASP A 329 55.61 32.71 -17.40
N VAL A 330 55.79 33.17 -18.63
CA VAL A 330 56.05 32.41 -19.89
C VAL A 330 55.16 31.18 -20.06
N TRP A 331 55.32 30.24 -19.15
CA TRP A 331 54.61 28.96 -19.19
C TRP A 331 54.34 28.47 -17.76
N GLY A 332 53.09 28.18 -17.50
CA GLY A 332 52.62 27.78 -16.17
C GLY A 332 51.79 26.54 -16.41
N GLY A 333 51.03 26.10 -15.41
CA GLY A 333 50.74 26.85 -14.16
C GLY A 333 49.43 27.60 -14.12
N GLU A 334 49.13 28.24 -15.22
CA GLU A 334 47.94 29.18 -15.30
C GLU A 334 46.59 28.42 -15.28
N ASN A 335 46.63 27.29 -15.98
CA ASN A 335 45.51 26.33 -16.09
C ASN A 335 45.06 25.83 -14.69
N LEU A 336 46.07 25.60 -13.89
CA LEU A 336 45.97 25.22 -12.44
C LEU A 336 45.15 26.26 -11.70
N GLU A 337 45.65 27.46 -11.77
CA GLU A 337 45.10 28.63 -11.03
C GLU A 337 43.66 28.97 -11.41
N ILE A 338 43.48 29.14 -12.70
CA ILE A 338 42.14 29.43 -13.28
C ILE A 338 41.10 28.33 -12.95
N SER A 339 41.54 27.08 -12.99
CA SER A 339 40.65 25.94 -12.74
C SER A 339 40.12 26.00 -11.31
N PHE A 340 41.05 26.24 -10.40
CA PHE A 340 40.69 26.38 -8.94
C PHE A 340 39.72 27.54 -8.77
N ARG A 341 40.19 28.66 -9.26
CA ARG A 341 39.45 29.95 -9.17
C ARG A 341 38.01 29.87 -9.66
N VAL A 342 37.85 29.36 -10.86
CA VAL A 342 36.50 29.18 -11.46
C VAL A 342 35.55 28.37 -10.56
N TRP A 343 36.03 27.20 -10.16
CA TRP A 343 35.22 26.22 -9.33
C TRP A 343 34.86 26.78 -7.96
N GLN A 344 35.90 27.22 -7.30
CA GLN A 344 35.85 27.77 -5.92
C GLN A 344 34.95 29.00 -5.83
N CYS A 345 35.03 29.83 -6.86
CA CYS A 345 34.24 31.10 -6.96
C CYS A 345 32.90 31.00 -7.70
N GLY A 346 32.34 29.82 -7.71
CA GLY A 346 30.92 29.59 -8.07
C GLY A 346 30.64 29.21 -9.52
N GLY A 347 31.72 29.12 -10.24
CA GLY A 347 31.67 28.70 -11.64
C GLY A 347 31.81 27.19 -11.81
N SER A 348 31.74 26.77 -13.06
CA SER A 348 32.00 25.36 -13.40
C SER A 348 32.89 25.18 -14.65
N LEU A 349 33.48 23.99 -14.67
CA LEU A 349 34.45 23.53 -15.73
C LEU A 349 33.91 22.32 -16.44
N GLU A 350 33.81 22.43 -17.74
CA GLU A 350 33.30 21.33 -18.56
C GLU A 350 34.17 20.94 -19.72
N ILE A 351 34.21 19.64 -19.92
CA ILE A 351 34.63 19.03 -21.19
C ILE A 351 33.37 18.68 -21.99
N ILE A 352 33.40 19.04 -23.24
CA ILE A 352 32.24 18.88 -24.14
C ILE A 352 32.49 17.92 -25.36
N PRO A 353 32.10 16.65 -25.25
CA PRO A 353 32.49 15.60 -26.20
C PRO A 353 32.16 15.80 -27.62
N CYS A 354 31.08 16.48 -27.87
CA CYS A 354 30.68 16.76 -29.29
C CYS A 354 31.56 17.79 -29.96
N SER A 355 32.29 18.48 -29.11
CA SER A 355 33.33 19.47 -29.53
C SER A 355 34.76 18.85 -29.62
N ARG A 356 35.27 18.88 -30.82
CA ARG A 356 36.55 18.27 -31.15
C ARG A 356 37.50 19.20 -31.81
N VAL A 357 38.61 19.32 -31.14
CA VAL A 357 39.75 20.10 -31.62
C VAL A 357 41.10 19.42 -31.47
N GLY A 358 41.68 19.29 -32.63
CA GLY A 358 43.01 18.66 -32.80
C GLY A 358 44.11 19.57 -32.19
N HIS A 359 45.08 18.95 -31.55
CA HIS A 359 46.22 19.72 -30.99
C HIS A 359 47.56 18.99 -31.10
N VAL A 360 48.57 19.72 -31.55
CA VAL A 360 49.86 19.11 -31.73
C VAL A 360 50.50 18.98 -30.38
N PHE A 361 50.41 17.80 -29.86
CA PHE A 361 51.14 17.53 -28.60
C PHE A 361 52.58 17.20 -28.92
N ARG A 362 53.41 17.79 -28.08
CA ARG A 362 54.85 17.47 -28.08
C ARG A 362 55.44 17.19 -26.69
N LYS A 363 56.65 16.64 -26.73
CA LYS A 363 57.39 16.15 -25.51
C LYS A 363 58.13 17.27 -24.82
N GLN A 364 58.65 18.18 -25.64
CA GLN A 364 59.41 19.40 -25.21
C GLN A 364 59.02 20.74 -25.85
N HIS A 365 59.32 21.79 -25.09
CA HIS A 365 59.12 23.18 -25.55
C HIS A 365 60.24 23.65 -26.48
N PRO A 366 59.89 24.43 -27.53
CA PRO A 366 60.90 24.92 -28.48
C PRO A 366 61.53 26.24 -28.05
N TYR A 367 60.71 27.00 -27.35
CA TYR A 367 61.07 28.35 -26.89
C TYR A 367 61.80 28.30 -25.54
N GLY A 372 64.45 29.99 -15.72
CA GLY A 372 64.53 28.53 -15.81
C GLY A 372 63.18 27.83 -15.84
N SER A 373 63.08 26.76 -16.63
CA SER A 373 61.78 26.05 -16.83
C SER A 373 61.17 25.47 -15.51
N GLY A 374 61.99 24.73 -14.78
CA GLY A 374 61.59 24.17 -13.46
C GLY A 374 61.28 25.24 -12.42
N THR A 375 61.91 26.39 -12.61
CA THR A 375 61.72 27.58 -11.73
C THR A 375 60.37 28.26 -12.04
N VAL A 376 60.26 28.73 -13.29
CA VAL A 376 59.07 29.47 -13.79
C VAL A 376 57.82 28.63 -13.48
N PHE A 377 57.94 27.33 -13.74
CA PHE A 377 56.86 26.36 -13.44
C PHE A 377 56.54 26.37 -11.93
N ALA A 378 57.61 26.25 -11.13
CA ALA A 378 57.48 26.22 -9.64
C ALA A 378 56.93 27.54 -9.09
N ARG A 379 57.43 28.59 -9.67
CA ARG A 379 57.03 29.97 -9.30
C ARG A 379 55.51 30.14 -9.42
N ASN A 380 55.05 29.90 -10.64
CA ASN A 380 53.60 30.06 -11.00
C ASN A 380 52.72 29.12 -10.20
N THR A 381 53.16 27.86 -10.16
CA THR A 381 52.48 26.80 -9.36
C THR A 381 52.32 27.23 -7.91
N ARG A 382 53.38 27.81 -7.39
CA ARG A 382 53.38 28.35 -6.01
C ARG A 382 52.32 29.43 -5.80
N ARG A 383 52.35 30.37 -6.73
CA ARG A 383 51.40 31.53 -6.73
C ARG A 383 49.95 31.06 -6.63
N ALA A 384 49.69 29.97 -7.32
CA ALA A 384 48.34 29.36 -7.38
C ALA A 384 48.00 28.71 -6.06
N ALA A 385 48.94 27.89 -5.64
CA ALA A 385 48.83 27.09 -4.39
C ALA A 385 48.64 27.98 -3.16
N GLU A 386 49.47 29.00 -3.12
CA GLU A 386 49.50 29.96 -1.96
C GLU A 386 48.20 30.73 -1.80
N VAL A 387 47.61 31.04 -2.94
CA VAL A 387 46.35 31.81 -2.99
C VAL A 387 45.07 30.99 -2.72
N TRP A 388 45.03 29.78 -3.27
CA TRP A 388 43.75 28.99 -3.42
C TRP A 388 43.60 27.76 -2.51
N MET A 389 44.74 27.16 -2.23
CA MET A 389 44.79 25.77 -1.68
C MET A 389 44.61 25.71 -0.17
N ASP A 390 44.72 26.87 0.42
CA ASP A 390 44.72 27.03 1.88
C ASP A 390 45.84 26.16 2.52
N GLU A 391 45.48 25.42 3.57
CA GLU A 391 46.45 24.54 4.33
C GLU A 391 46.99 23.39 3.47
N TYR A 392 46.13 22.92 2.61
CA TYR A 392 46.41 21.77 1.70
C TYR A 392 47.61 22.02 0.80
N LYS A 393 47.99 23.27 0.72
CA LYS A 393 49.21 23.68 -0.02
C LYS A 393 50.45 22.89 0.44
N ASN A 394 50.39 22.52 1.70
CA ASN A 394 51.49 21.82 2.40
C ASN A 394 51.79 20.45 1.80
N PHE A 395 50.71 19.80 1.45
CA PHE A 395 50.74 18.50 0.74
C PHE A 395 51.52 18.61 -0.57
N TYR A 396 51.37 19.76 -1.22
CA TYR A 396 52.16 20.12 -2.45
C TYR A 396 53.67 20.15 -2.11
N TYR A 397 53.95 20.90 -1.07
CA TYR A 397 55.35 21.14 -0.56
C TYR A 397 55.98 19.83 -0.05
N ALA A 398 55.12 19.01 0.52
CA ALA A 398 55.47 17.62 0.90
C ALA A 398 55.92 16.76 -0.31
N ALA A 399 55.18 16.90 -1.38
CA ALA A 399 55.48 16.19 -2.67
C ALA A 399 56.68 16.78 -3.39
N VAL A 400 56.78 18.10 -3.28
CA VAL A 400 57.85 18.90 -3.92
C VAL A 400 58.51 19.88 -2.93
N PRO A 401 59.46 19.38 -2.13
CA PRO A 401 60.02 20.23 -1.07
C PRO A 401 60.95 21.32 -1.59
N SER A 402 61.60 21.02 -2.70
CA SER A 402 62.48 22.01 -3.39
C SER A 402 61.79 23.36 -3.68
N ALA A 403 60.49 23.26 -3.82
CA ALA A 403 59.59 24.40 -4.18
C ALA A 403 59.40 25.42 -3.07
N ARG A 404 59.64 24.99 -1.84
CA ARG A 404 59.60 25.89 -0.63
C ARG A 404 60.57 27.08 -0.76
N ASN A 405 61.64 26.81 -1.50
CA ASN A 405 62.79 27.73 -1.76
C ASN A 405 62.63 28.71 -2.89
N VAL A 406 61.78 28.33 -3.83
CA VAL A 406 61.51 29.17 -5.03
C VAL A 406 60.69 30.42 -4.66
N PRO A 407 61.25 31.62 -4.90
CA PRO A 407 60.45 32.79 -4.65
C PRO A 407 59.43 33.00 -5.75
N TYR A 408 58.25 33.37 -5.30
CA TYR A 408 57.07 33.47 -6.17
C TYR A 408 56.58 34.89 -6.41
N GLY A 409 56.68 35.67 -5.37
CA GLY A 409 56.41 37.11 -5.42
C GLY A 409 55.19 37.60 -4.66
N ASN A 410 54.70 38.75 -5.10
CA ASN A 410 53.54 39.42 -4.45
C ASN A 410 52.19 38.89 -4.94
N ILE A 411 51.37 38.47 -3.98
CA ILE A 411 50.04 37.85 -4.25
C ILE A 411 48.88 38.58 -3.60
N GLN A 412 49.04 39.87 -3.47
CA GLN A 412 48.11 40.70 -2.65
C GLN A 412 46.73 40.87 -3.30
N SER A 413 46.77 41.29 -4.56
CA SER A 413 45.54 41.55 -5.35
C SER A 413 44.70 40.28 -5.45
N ARG A 414 45.42 39.21 -5.75
CA ARG A 414 44.84 37.84 -5.93
C ARG A 414 44.08 37.37 -4.68
N LEU A 415 44.67 37.65 -3.54
CA LEU A 415 44.05 37.36 -2.22
C LEU A 415 42.79 38.20 -1.96
N GLU A 416 42.95 39.48 -2.24
CA GLU A 416 41.85 40.48 -2.17
C GLU A 416 40.69 40.07 -3.06
N LEU A 417 41.10 39.64 -4.24
CA LEU A 417 40.20 39.13 -5.33
C LEU A 417 39.33 38.00 -4.84
N ARG A 418 40.00 37.07 -4.19
CA ARG A 418 39.34 35.88 -3.61
C ARG A 418 38.32 36.25 -2.54
N LYS A 419 38.76 37.17 -1.69
CA LYS A 419 37.90 37.77 -0.61
C LYS A 419 36.64 38.37 -1.23
N LYS A 420 36.92 39.34 -2.09
CA LYS A 420 35.93 40.12 -2.87
C LYS A 420 34.85 39.27 -3.55
N LEU A 421 35.33 38.19 -4.17
CA LEU A 421 34.46 37.20 -4.91
C LEU A 421 33.64 36.26 -4.03
N SER A 422 34.03 36.23 -2.78
CA SER A 422 33.36 35.41 -1.76
C SER A 422 33.50 33.92 -2.09
N CYS A 423 34.72 33.55 -2.44
CA CYS A 423 35.05 32.17 -2.92
C CYS A 423 35.02 31.15 -1.78
N LYS A 424 34.70 29.92 -2.13
CA LYS A 424 34.71 28.78 -1.18
C LYS A 424 36.13 28.29 -0.85
N PRO A 425 36.28 27.56 0.26
CA PRO A 425 37.62 27.12 0.57
C PRO A 425 37.99 25.86 -0.16
N PHE A 426 39.30 25.63 -0.19
CA PHE A 426 39.87 24.50 -0.95
C PHE A 426 39.28 23.15 -0.53
N LYS A 427 39.05 23.05 0.75
CA LYS A 427 38.44 21.84 1.37
C LYS A 427 37.15 21.47 0.65
N TRP A 428 36.39 22.51 0.36
CA TRP A 428 35.10 22.39 -0.39
C TRP A 428 35.33 21.83 -1.80
N TYR A 429 36.31 22.45 -2.44
CA TYR A 429 36.77 22.04 -3.80
C TYR A 429 37.07 20.54 -3.86
N LEU A 430 37.86 20.10 -2.91
CA LEU A 430 38.28 18.67 -2.79
C LEU A 430 37.12 17.71 -2.58
N GLU A 431 36.24 18.14 -1.71
CA GLU A 431 35.04 17.35 -1.29
C GLU A 431 34.00 17.21 -2.39
N ASN A 432 33.75 18.33 -3.04
CA ASN A 432 32.63 18.44 -4.02
C ASN A 432 32.96 18.32 -5.48
N VAL A 433 34.16 18.76 -5.81
CA VAL A 433 34.65 18.83 -7.20
C VAL A 433 35.62 17.70 -7.56
N TYR A 434 36.62 17.53 -6.70
CA TYR A 434 37.73 16.50 -6.88
C TYR A 434 37.85 15.49 -5.73
N PRO A 435 36.77 14.80 -5.40
CA PRO A 435 36.81 13.86 -4.30
C PRO A 435 37.70 12.62 -4.52
N GLU A 436 37.84 12.24 -5.79
CA GLU A 436 38.69 11.06 -6.15
C GLU A 436 40.17 11.34 -5.93
N LEU A 437 40.50 12.60 -5.69
CA LEU A 437 41.89 12.96 -5.34
C LEU A 437 42.14 12.46 -3.95
N ARG A 438 43.10 11.56 -3.86
CA ARG A 438 43.41 10.90 -2.58
C ARG A 438 44.22 11.82 -1.66
N VAL A 439 43.57 12.16 -0.57
CA VAL A 439 44.03 13.19 0.39
C VAL A 439 44.48 12.59 1.75
N PRO A 440 45.74 12.85 2.15
CA PRO A 440 46.20 12.24 3.39
C PRO A 440 45.44 12.72 4.58
N ASP A 441 45.36 11.83 5.54
CA ASP A 441 44.90 12.19 6.87
C ASP A 441 45.81 13.31 7.42
N HIS A 442 45.20 14.22 8.16
CA HIS A 442 45.90 15.47 8.65
C HIS A 442 47.11 15.16 9.55
N GLN A 443 47.02 14.01 10.18
CA GLN A 443 48.06 13.49 11.14
C GLN A 443 49.02 12.39 10.65
N ASP A 444 48.72 11.88 9.47
CA ASP A 444 49.66 11.01 8.74
C ASP A 444 51.05 11.65 8.72
N ILE A 445 52.05 10.83 8.99
CA ILE A 445 53.48 11.27 9.03
C ILE A 445 54.04 11.33 7.60
N ALA A 446 53.67 10.31 6.88
CA ALA A 446 54.01 10.20 5.47
C ALA A 446 52.94 9.51 4.68
N PHE A 447 53.02 9.70 3.38
CA PHE A 447 51.93 9.30 2.49
C PHE A 447 52.32 9.08 1.05
N GLY A 448 51.50 8.23 0.46
CA GLY A 448 51.49 8.02 -1.01
C GLY A 448 52.08 6.70 -1.40
N ALA A 449 53.01 6.75 -2.32
CA ALA A 449 53.66 5.50 -2.72
C ALA A 449 54.92 5.31 -1.90
N LEU A 450 55.22 4.03 -1.68
CA LEU A 450 56.50 3.63 -1.01
C LEU A 450 57.51 3.12 -2.04
N GLN A 451 58.37 4.05 -2.44
CA GLN A 451 59.29 3.82 -3.56
C GLN A 451 60.64 3.23 -3.23
N GLN A 452 60.97 2.27 -4.06
CA GLN A 452 62.30 1.64 -4.08
C GLN A 452 62.78 1.49 -5.52
N GLY A 453 63.63 2.43 -5.88
CA GLY A 453 64.02 2.71 -7.27
C GLY A 453 62.81 2.98 -8.13
N THR A 454 62.70 2.22 -9.21
CA THR A 454 61.46 2.27 -10.09
C THR A 454 60.35 1.33 -9.59
N ASN A 455 60.70 0.58 -8.56
CA ASN A 455 59.75 -0.28 -7.89
C ASN A 455 59.04 0.40 -6.75
N CYS A 456 57.82 -0.07 -6.57
CA CYS A 456 56.91 0.35 -5.47
C CYS A 456 56.42 -0.80 -4.58
N LEU A 457 56.19 -0.45 -3.33
CA LEU A 457 55.52 -1.35 -2.33
C LEU A 457 54.11 -1.62 -2.80
N ASP A 458 53.77 -2.89 -2.81
CA ASP A 458 52.53 -3.35 -3.43
C ASP A 458 51.86 -4.52 -2.71
N THR A 459 50.54 -4.41 -2.53
CA THR A 459 49.78 -5.48 -1.83
C THR A 459 49.60 -6.71 -2.63
N LEU A 460 49.93 -6.61 -3.92
CA LEU A 460 49.71 -7.73 -4.92
C LEU A 460 48.27 -8.27 -5.02
N GLY A 461 47.36 -7.42 -4.56
CA GLY A 461 45.90 -7.73 -4.46
C GLY A 461 45.55 -8.69 -3.32
N HIS A 462 46.59 -8.97 -2.56
CA HIS A 462 46.48 -9.70 -1.30
C HIS A 462 45.69 -8.94 -0.25
N PHE A 463 45.13 -9.74 0.63
CA PHE A 463 44.40 -9.22 1.81
C PHE A 463 45.05 -9.65 3.13
N ALA A 464 44.24 -9.70 4.17
CA ALA A 464 44.69 -10.15 5.51
C ALA A 464 45.25 -11.56 5.56
N ASP A 465 46.28 -11.68 6.38
CA ASP A 465 47.21 -12.84 6.48
C ASP A 465 48.04 -13.06 5.19
N GLY A 466 47.93 -12.09 4.33
CA GLY A 466 48.59 -12.08 3.03
C GLY A 466 49.99 -11.52 3.05
N VAL A 467 50.82 -12.06 2.17
CA VAL A 467 52.15 -11.51 1.98
C VAL A 467 52.06 -10.26 1.14
N VAL A 468 53.20 -9.64 1.06
CA VAL A 468 53.34 -8.35 0.42
C VAL A 468 54.56 -8.33 -0.50
N GLY A 469 54.50 -7.47 -1.48
CA GLY A 469 55.59 -7.37 -2.43
C GLY A 469 55.93 -6.06 -3.11
N VAL A 470 56.69 -6.24 -4.18
CA VAL A 470 57.03 -5.12 -5.09
C VAL A 470 56.54 -5.29 -6.51
N TYR A 471 56.36 -4.14 -7.12
CA TYR A 471 55.74 -4.05 -8.43
C TYR A 471 56.19 -2.74 -9.04
N GLU A 472 56.44 -2.74 -10.33
CA GLU A 472 56.96 -1.50 -10.94
C GLU A 472 55.93 -0.39 -10.69
N CYS A 473 56.45 0.75 -10.27
CA CYS A 473 55.60 1.89 -9.87
C CYS A 473 54.76 2.39 -11.01
N HIS A 474 53.58 2.84 -10.72
CA HIS A 474 52.68 3.25 -11.79
C HIS A 474 51.81 4.46 -11.51
N ASN A 475 52.00 5.07 -10.37
CA ASN A 475 51.26 6.31 -10.02
C ASN A 475 49.79 6.31 -10.29
N ALA A 476 49.24 5.12 -10.42
CA ALA A 476 47.78 4.92 -10.47
C ALA A 476 47.27 4.72 -9.05
N GLY A 477 48.15 5.05 -8.12
CA GLY A 477 48.09 4.63 -6.70
C GLY A 477 46.87 3.85 -6.22
N GLY A 478 46.92 2.53 -6.33
CA GLY A 478 45.77 1.71 -5.84
C GLY A 478 46.16 0.72 -4.74
N ASN A 479 46.64 -0.44 -5.18
CA ASN A 479 47.39 -1.40 -4.34
C ASN A 479 48.82 -0.92 -4.05
N GLN A 480 49.09 0.30 -4.47
CA GLN A 480 50.40 0.99 -4.21
C GLN A 480 50.24 2.18 -3.35
N GLU A 481 49.03 2.30 -2.86
CA GLU A 481 48.70 3.39 -1.97
C GLU A 481 48.95 3.02 -0.52
N TRP A 482 49.82 3.80 0.08
CA TRP A 482 50.26 3.60 1.47
C TRP A 482 50.33 4.86 2.31
N ALA A 483 50.26 4.61 3.59
CA ALA A 483 50.41 5.68 4.58
C ALA A 483 51.25 5.27 5.77
N LEU A 484 52.07 6.21 6.20
CA LEU A 484 52.78 6.13 7.50
C LEU A 484 51.99 6.98 8.51
N THR A 485 51.32 6.28 9.38
CA THR A 485 50.44 6.91 10.41
C THR A 485 51.16 7.45 11.65
N LYS A 486 50.44 8.31 12.35
CA LYS A 486 50.83 8.87 13.70
C LYS A 486 51.02 7.79 14.74
N GLU A 487 50.27 6.71 14.56
CA GLU A 487 50.40 5.45 15.40
C GLU A 487 51.63 4.60 15.03
N LYS A 488 52.48 5.18 14.21
CA LYS A 488 53.77 4.58 13.72
C LYS A 488 53.57 3.34 12.83
N SER A 489 52.42 3.33 12.19
CA SER A 489 52.02 2.18 11.36
C SER A 489 51.99 2.45 9.86
N VAL A 490 52.33 1.39 9.14
CA VAL A 490 52.43 1.42 7.64
C VAL A 490 51.21 0.75 7.03
N LYS A 491 50.21 1.59 6.81
CA LYS A 491 48.87 1.09 6.42
C LYS A 491 48.48 1.33 4.98
N HIS A 492 47.88 0.27 4.47
CA HIS A 492 47.11 0.27 3.23
C HIS A 492 45.69 -0.11 3.52
N MET A 493 44.81 0.81 3.17
CA MET A 493 43.39 0.74 3.56
C MET A 493 43.30 0.62 5.09
N ASP A 494 42.61 -0.41 5.54
CA ASP A 494 42.57 -0.78 6.99
C ASP A 494 43.49 -1.94 7.33
N LEU A 495 44.41 -2.21 6.42
CA LEU A 495 45.45 -3.25 6.60
C LEU A 495 46.82 -2.65 6.91
N CYS A 496 47.56 -3.43 7.65
CA CYS A 496 48.88 -2.97 8.19
C CYS A 496 50.05 -3.96 8.01
N LEU A 497 51.19 -3.38 7.65
CA LEU A 497 52.45 -4.17 7.65
C LEU A 497 52.76 -4.66 9.04
N THR A 498 52.78 -5.96 9.13
CA THR A 498 52.92 -6.68 10.40
C THR A 498 54.08 -7.64 10.47
N VAL A 499 54.92 -7.34 11.45
CA VAL A 499 56.10 -8.19 11.82
C VAL A 499 55.63 -9.38 12.64
N VAL A 500 55.27 -10.40 11.90
CA VAL A 500 54.73 -11.66 12.45
C VAL A 500 55.79 -12.51 13.14
N ASP A 501 57.00 -12.34 12.67
CA ASP A 501 58.15 -13.17 13.07
C ASP A 501 59.44 -12.34 12.99
N ARG A 502 60.05 -12.12 14.14
CA ARG A 502 61.29 -11.26 14.31
C ARG A 502 62.55 -11.87 13.74
N ALA A 503 62.50 -13.14 13.40
CA ALA A 503 63.68 -13.82 12.84
C ALA A 503 64.09 -13.24 11.49
N PRO A 504 65.35 -12.80 11.35
CA PRO A 504 65.77 -12.31 10.05
C PRO A 504 65.52 -13.29 8.92
N GLY A 505 65.07 -12.72 7.83
CA GLY A 505 64.68 -13.47 6.60
C GLY A 505 63.18 -13.74 6.55
N SER A 506 62.58 -13.53 7.70
CA SER A 506 61.12 -13.76 7.92
C SER A 506 60.22 -12.84 7.10
N LEU A 507 59.26 -13.49 6.45
CA LEU A 507 58.25 -12.77 5.65
C LEU A 507 57.34 -11.93 6.52
N ILE A 508 57.11 -10.71 6.13
CA ILE A 508 56.10 -9.92 6.81
C ILE A 508 54.72 -10.22 6.23
N LYS A 509 53.72 -9.81 6.99
CA LYS A 509 52.31 -10.06 6.66
C LYS A 509 51.42 -8.87 6.83
N LEU A 510 50.46 -8.87 5.94
CA LEU A 510 49.32 -7.93 5.96
C LEU A 510 48.31 -8.40 7.00
N GLN A 511 48.03 -7.49 7.90
CA GLN A 511 47.04 -7.72 8.99
C GLN A 511 46.26 -6.51 9.36
N GLY A 512 45.07 -6.79 9.80
CA GLY A 512 44.14 -5.75 10.26
C GLY A 512 44.82 -4.83 11.27
N CYS A 513 44.77 -3.53 11.02
CA CYS A 513 45.46 -2.54 11.90
C CYS A 513 44.90 -2.50 13.30
N ARG A 514 45.78 -2.73 14.27
CA ARG A 514 45.54 -2.49 15.74
C ARG A 514 46.57 -1.55 16.35
N GLU A 515 46.11 -0.46 16.95
CA GLU A 515 47.04 0.52 17.55
C GLU A 515 47.87 -0.08 18.68
N ASP A 516 47.26 -1.00 19.42
CA ASP A 516 47.92 -1.70 20.55
C ASP A 516 49.07 -2.62 20.10
N ASP A 517 49.07 -2.97 18.82
CA ASP A 517 49.96 -4.04 18.27
C ASP A 517 51.36 -3.53 17.98
N SER A 518 52.31 -3.99 18.77
CA SER A 518 53.72 -3.53 18.66
C SER A 518 54.43 -4.03 17.40
N ARG A 519 53.95 -5.17 16.93
CA ARG A 519 54.46 -5.84 15.71
C ARG A 519 54.21 -5.08 14.39
N GLN A 520 53.42 -4.05 14.53
CA GLN A 520 52.92 -3.25 13.43
C GLN A 520 53.53 -1.86 13.39
N LYS A 521 54.53 -1.73 14.22
CA LYS A 521 55.17 -0.43 14.47
C LYS A 521 56.49 -0.23 13.70
N TRP A 522 56.49 0.87 12.98
CA TRP A 522 57.59 1.22 12.08
C TRP A 522 58.05 2.64 12.21
N GLU A 523 59.35 2.77 12.06
CA GLU A 523 60.04 4.10 12.07
C GLU A 523 60.94 4.32 10.87
N GLN A 524 60.83 5.52 10.37
CA GLN A 524 61.75 6.03 9.34
C GLN A 524 63.13 6.36 9.88
N ILE A 525 64.13 5.89 9.15
CA ILE A 525 65.54 6.21 9.45
C ILE A 525 66.41 6.60 8.25
N GLU A 526 67.62 6.98 8.60
CA GLU A 526 68.68 7.41 7.67
C GLU A 526 68.19 8.40 6.66
N GLY A 527 67.71 9.50 7.18
CA GLY A 527 67.25 10.63 6.33
C GLY A 527 66.05 10.26 5.48
N ASN A 528 65.10 9.62 6.13
CA ASN A 528 63.85 9.14 5.50
C ASN A 528 64.04 8.33 4.23
N SER A 529 64.99 7.42 4.31
CA SER A 529 65.38 6.55 3.19
C SER A 529 65.24 5.05 3.50
N LYS A 530 64.94 4.78 4.75
CA LYS A 530 64.68 3.40 5.24
C LYS A 530 63.51 3.26 6.22
N LEU A 531 63.11 2.02 6.39
CA LEU A 531 62.06 1.63 7.37
C LEU A 531 62.50 0.58 8.34
N ARG A 532 62.74 1.06 9.52
CA ARG A 532 63.15 0.23 10.65
C ARG A 532 61.93 -0.16 11.48
N HIS A 533 61.90 -1.43 11.83
CA HIS A 533 60.86 -1.97 12.72
C HIS A 533 61.15 -1.49 14.15
N VAL A 534 60.23 -0.70 14.64
CA VAL A 534 60.38 -0.08 15.96
C VAL A 534 60.65 -1.13 17.04
N GLY A 535 61.63 -0.78 17.87
CA GLY A 535 62.07 -1.63 18.99
C GLY A 535 62.92 -2.79 18.52
N SER A 536 63.63 -2.56 17.43
CA SER A 536 64.49 -3.61 16.86
C SER A 536 65.59 -3.13 15.94
N ASN A 537 66.47 -4.06 15.58
CA ASN A 537 67.53 -3.82 14.52
C ASN A 537 67.10 -4.37 13.16
N LEU A 538 65.79 -4.45 13.00
CA LEU A 538 65.18 -5.02 11.79
C LEU A 538 64.66 -3.99 10.83
N CYS A 539 64.95 -4.24 9.57
CA CYS A 539 64.58 -3.34 8.47
C CYS A 539 63.76 -3.97 7.36
N LEU A 540 62.77 -3.24 6.91
CA LEU A 540 61.95 -3.66 5.76
C LEU A 540 62.85 -3.89 4.55
N ASP A 541 62.73 -5.08 3.99
CA ASP A 541 63.71 -5.58 2.97
C ASP A 541 63.07 -6.33 1.79
N SER A 542 63.45 -5.92 0.60
CA SER A 542 62.84 -6.48 -0.65
C SER A 542 63.62 -7.61 -1.34
N ARG A 543 64.71 -8.01 -0.76
CA ARG A 543 65.54 -9.01 -1.38
C ARG A 543 64.87 -10.37 -1.54
N THR A 544 63.89 -10.60 -0.71
CA THR A 544 63.09 -11.88 -0.63
C THR A 544 61.79 -11.86 -1.48
N ALA A 545 61.61 -10.75 -2.17
CA ALA A 545 60.41 -10.49 -2.97
C ALA A 545 60.12 -11.64 -3.94
N LYS A 546 61.16 -12.08 -4.64
CA LYS A 546 61.11 -13.22 -5.64
C LYS A 546 61.07 -14.61 -5.04
N SER A 547 61.30 -14.66 -3.75
CA SER A 547 61.28 -15.92 -2.97
C SER A 547 60.17 -15.97 -1.90
N GLY A 548 59.04 -15.33 -2.16
CA GLY A 548 57.91 -15.37 -1.21
C GLY A 548 57.28 -14.03 -0.86
N GLY A 549 58.11 -13.02 -0.81
CA GLY A 549 57.65 -11.64 -0.59
C GLY A 549 58.54 -10.82 0.32
N LEU A 550 58.13 -9.58 0.53
CA LEU A 550 58.89 -8.66 1.43
C LEU A 550 59.14 -9.26 2.78
N SER A 551 60.37 -9.07 3.18
CA SER A 551 60.85 -9.60 4.44
C SER A 551 61.37 -8.56 5.38
N VAL A 552 61.54 -9.06 6.57
CA VAL A 552 62.17 -8.32 7.65
C VAL A 552 63.59 -8.88 7.74
N GLU A 553 64.53 -8.00 7.56
CA GLU A 553 65.97 -8.37 7.54
C GLU A 553 66.80 -7.46 8.46
N VAL A 554 67.94 -7.97 8.91
CA VAL A 554 68.78 -7.17 9.84
C VAL A 554 69.28 -5.90 9.13
N CYS A 555 69.03 -4.77 9.78
CA CYS A 555 69.34 -3.45 9.17
C CYS A 555 70.80 -3.36 8.77
N GLY A 556 70.99 -2.98 7.52
CA GLY A 556 72.33 -2.78 6.95
C GLY A 556 72.34 -1.94 5.68
N PRO A 557 73.53 -1.59 5.16
CA PRO A 557 73.66 -0.71 4.00
C PRO A 557 73.24 -1.26 2.64
N ALA A 558 72.51 -2.36 2.64
CA ALA A 558 71.92 -2.92 1.38
C ALA A 558 70.91 -2.01 0.68
N LEU A 559 70.87 -2.12 -0.63
CA LEU A 559 69.94 -1.28 -1.47
C LEU A 559 68.48 -1.69 -1.39
N SER A 560 68.27 -2.97 -1.09
CA SER A 560 66.92 -3.61 -0.99
C SER A 560 66.16 -3.12 0.22
N GLN A 561 66.91 -2.45 1.09
CA GLN A 561 66.37 -1.77 2.32
C GLN A 561 66.06 -0.27 2.15
N GLN A 562 66.18 0.17 0.93
CA GLN A 562 65.90 1.56 0.57
C GLN A 562 64.43 1.76 0.25
N TRP A 563 63.79 2.60 1.05
CA TRP A 563 62.35 2.99 0.89
C TRP A 563 62.10 4.46 1.18
N LYS A 564 61.35 5.05 0.25
CA LYS A 564 60.98 6.50 0.26
C LYS A 564 59.55 6.71 -0.06
N PHE A 565 58.85 7.37 0.86
CA PHE A 565 57.46 7.82 0.62
C PHE A 565 57.44 9.03 -0.28
N THR A 566 56.45 9.09 -1.15
CA THR A 566 56.37 10.21 -2.15
C THR A 566 55.97 11.53 -1.52
N LEU A 567 55.19 11.45 -0.47
CA LEU A 567 54.90 12.65 0.38
C LEU A 567 55.35 12.48 1.82
N ASN A 568 56.14 13.45 2.27
CA ASN A 568 56.64 13.50 3.67
C ASN A 568 56.29 14.77 4.36
N LEU A 569 55.83 14.62 5.60
CA LEU A 569 55.52 15.76 6.50
C LEU A 569 56.01 15.49 7.90
CA LYS B 75 23.92 -34.89 29.13
C LYS B 75 25.07 -34.13 29.93
N VAL B 76 26.16 -33.65 29.25
CA VAL B 76 27.29 -33.07 30.00
C VAL B 76 27.63 -31.61 29.65
N ARG B 77 28.03 -30.86 30.66
CA ARG B 77 28.46 -29.43 30.44
C ARG B 77 29.73 -29.43 29.56
N TRP B 78 29.82 -28.46 28.65
CA TRP B 78 30.97 -28.46 27.68
C TRP B 78 32.34 -28.54 28.40
N PRO B 79 32.53 -27.83 29.54
CA PRO B 79 33.86 -27.84 30.11
C PRO B 79 34.19 -29.14 30.80
N ASP B 80 33.17 -29.90 31.12
CA ASP B 80 33.35 -31.27 31.69
C ASP B 80 33.60 -32.34 30.65
N PHE B 81 33.45 -31.93 29.42
CA PHE B 81 33.67 -32.84 28.30
C PHE B 81 35.14 -33.22 28.18
N ASN B 82 35.39 -34.51 28.02
CA ASN B 82 36.76 -35.03 27.96
C ASN B 82 37.41 -34.96 26.57
N GLN B 83 38.03 -33.84 26.29
CA GLN B 83 38.60 -33.61 24.95
C GLN B 83 39.79 -34.50 24.64
N GLU B 84 40.58 -34.72 25.68
CA GLU B 84 41.85 -35.47 25.59
C GLU B 84 41.54 -36.88 25.04
N ALA B 85 40.50 -37.44 25.62
CA ALA B 85 39.98 -38.80 25.26
C ALA B 85 39.38 -38.88 23.86
N TYR B 86 38.61 -37.85 23.56
CA TYR B 86 37.85 -37.72 22.26
C TYR B 86 38.79 -37.56 21.09
N VAL B 87 39.69 -36.61 21.23
CA VAL B 87 40.67 -36.31 20.16
C VAL B 87 41.66 -37.46 20.00
N GLY B 88 41.91 -38.18 21.10
CA GLY B 88 42.86 -39.34 21.15
C GLY B 88 42.93 -40.26 19.92
N GLY B 89 41.78 -40.55 19.32
CA GLY B 89 41.70 -41.22 17.99
C GLY B 89 41.04 -40.36 16.90
N ASP B 97 52.06 -37.94 8.04
CA ASP B 97 51.79 -36.63 7.39
C ASP B 97 50.58 -35.92 7.98
N PRO B 98 50.80 -34.76 8.64
CA PRO B 98 49.72 -34.05 9.30
C PRO B 98 48.71 -33.35 8.40
N TYR B 99 49.05 -33.15 7.13
CA TYR B 99 48.15 -32.50 6.12
C TYR B 99 47.27 -33.43 5.30
N ALA B 100 47.50 -34.71 5.46
CA ALA B 100 46.92 -35.75 4.56
C ALA B 100 45.39 -35.84 4.57
N ARG B 101 44.86 -36.11 5.75
CA ARG B 101 43.40 -36.39 5.99
C ARG B 101 42.43 -35.19 5.78
N ASN B 102 42.95 -34.01 6.07
CA ASN B 102 42.14 -32.74 6.09
C ASN B 102 42.58 -31.59 5.18
N LYS B 103 43.76 -31.70 4.64
CA LYS B 103 44.37 -30.57 3.84
C LYS B 103 44.58 -29.31 4.68
N PHE B 104 44.61 -29.55 5.97
CA PHE B 104 45.18 -28.61 6.98
C PHE B 104 46.00 -29.36 8.02
N ASN B 105 46.81 -28.60 8.74
CA ASN B 105 47.75 -29.18 9.73
C ASN B 105 47.05 -29.74 10.95
N GLN B 106 46.80 -31.03 10.90
CA GLN B 106 46.08 -31.73 12.00
C GLN B 106 46.82 -31.76 13.34
N VAL B 107 48.13 -31.90 13.25
CA VAL B 107 48.96 -31.98 14.47
C VAL B 107 48.80 -30.69 15.29
N GLU B 108 48.91 -29.61 14.54
CA GLU B 108 48.85 -28.23 15.11
C GLU B 108 47.46 -27.93 15.73
N SER B 109 46.45 -28.36 14.99
CA SER B 109 45.03 -28.30 15.44
C SER B 109 44.77 -29.08 16.75
N ASP B 110 45.35 -30.26 16.79
CA ASP B 110 45.20 -31.20 17.95
C ASP B 110 45.87 -30.71 19.23
N LYS B 111 46.94 -29.96 19.07
CA LYS B 111 47.69 -29.28 20.20
C LYS B 111 46.82 -28.28 20.94
N LEU B 112 45.91 -27.74 20.18
CA LEU B 112 45.00 -26.65 20.61
C LEU B 112 43.95 -27.10 21.59
N ARG B 113 43.83 -26.28 22.61
CA ARG B 113 42.79 -26.43 23.66
C ARG B 113 41.39 -26.20 23.03
N MET B 114 40.42 -27.00 23.46
CA MET B 114 39.05 -27.00 22.85
C MET B 114 38.38 -25.63 22.93
N ASP B 115 38.74 -24.94 23.98
CA ASP B 115 38.29 -23.55 24.24
C ASP B 115 39.42 -22.51 24.22
N ARG B 116 40.37 -22.73 23.34
CA ARG B 116 41.57 -21.86 23.27
C ARG B 116 41.23 -20.39 23.10
N ALA B 117 42.04 -19.58 23.75
CA ALA B 117 41.88 -18.13 23.68
C ALA B 117 42.25 -17.64 22.30
N ILE B 118 41.54 -16.63 21.84
CA ILE B 118 41.84 -15.97 20.54
C ILE B 118 41.69 -14.44 20.55
N PRO B 119 42.44 -13.72 19.71
CA PRO B 119 42.42 -12.29 19.82
C PRO B 119 41.10 -11.73 19.41
N ASP B 120 40.69 -10.72 20.14
CA ASP B 120 39.52 -9.93 19.81
C ASP B 120 39.85 -9.06 18.62
N THR B 121 39.32 -9.47 17.47
CA THR B 121 39.61 -8.82 16.14
C THR B 121 38.61 -7.79 15.72
N ARG B 122 37.81 -7.38 16.68
CA ARG B 122 36.73 -6.42 16.42
C ARG B 122 37.14 -4.97 16.46
N HIS B 123 36.44 -4.20 15.64
CA HIS B 123 36.54 -2.71 15.66
C HIS B 123 36.24 -2.27 17.09
N ASP B 124 36.96 -1.25 17.52
CA ASP B 124 36.83 -0.66 18.89
C ASP B 124 35.39 -0.31 19.29
N GLN B 125 34.68 0.15 18.29
CA GLN B 125 33.28 0.64 18.43
C GLN B 125 32.30 -0.48 18.83
N CYS B 126 32.55 -1.65 18.30
CA CYS B 126 31.81 -2.88 18.66
C CYS B 126 32.03 -3.30 20.11
N GLN B 127 33.27 -3.11 20.51
CA GLN B 127 33.71 -3.48 21.87
C GLN B 127 32.83 -2.74 22.86
N ARG B 128 32.59 -1.50 22.52
CA ARG B 128 31.91 -0.53 23.42
C ARG B 128 30.46 -0.55 23.12
N LYS B 129 29.82 -1.68 23.33
CA LYS B 129 28.43 -1.81 22.89
C LYS B 129 27.61 -2.81 23.69
N GLN B 130 26.40 -2.40 24.06
CA GLN B 130 25.45 -3.24 24.85
C GLN B 130 24.27 -3.78 24.05
N TRP B 131 23.84 -5.01 24.34
CA TRP B 131 22.85 -5.67 23.50
C TRP B 131 21.50 -5.97 24.10
N ARG B 132 20.56 -6.12 23.24
CA ARG B 132 19.19 -6.41 23.59
C ARG B 132 19.28 -7.60 24.47
N VAL B 133 18.18 -8.31 24.59
CA VAL B 133 18.11 -9.51 25.39
C VAL B 133 16.91 -10.29 24.92
N ASP B 134 15.89 -9.57 24.47
CA ASP B 134 14.71 -10.23 23.96
C ASP B 134 15.00 -10.76 22.57
N LEU B 135 16.25 -11.13 22.32
CA LEU B 135 16.60 -11.58 20.95
C LEU B 135 16.13 -12.97 20.74
N PRO B 136 15.72 -13.30 19.52
CA PRO B 136 15.32 -14.67 19.31
C PRO B 136 16.49 -15.62 19.38
N ALA B 137 16.20 -16.70 19.92
CA ALA B 137 17.21 -17.74 20.01
C ALA B 137 17.42 -18.37 18.66
N THR B 138 18.59 -18.97 18.52
CA THR B 138 18.95 -19.65 17.27
C THR B 138 19.26 -21.13 17.40
N SER B 139 18.97 -21.78 16.30
CA SER B 139 19.31 -23.19 16.10
C SER B 139 20.52 -23.25 15.18
N VAL B 140 21.63 -23.59 15.78
CA VAL B 140 22.90 -23.66 15.05
C VAL B 140 23.05 -24.97 14.31
N VAL B 141 23.18 -24.85 13.01
CA VAL B 141 23.35 -26.02 12.14
C VAL B 141 24.78 -26.16 11.61
N ILE B 142 25.37 -27.26 12.00
CA ILE B 142 26.73 -27.58 11.58
C ILE B 142 26.79 -28.92 10.92
N THR B 143 27.26 -28.85 9.72
CA THR B 143 27.33 -29.99 8.82
C THR B 143 28.76 -30.43 8.59
N PHE B 144 28.96 -31.72 8.55
CA PHE B 144 30.34 -32.24 8.42
C PHE B 144 30.51 -33.62 7.82
N HIS B 145 31.66 -33.75 7.18
CA HIS B 145 32.12 -35.01 6.52
C HIS B 145 33.62 -35.26 6.72
N ASN B 146 33.90 -36.27 7.51
CA ASN B 146 35.30 -36.64 7.90
C ASN B 146 36.12 -35.44 8.31
N GLU B 147 35.55 -34.74 9.26
CA GLU B 147 36.18 -33.58 9.88
C GLU B 147 37.14 -34.01 10.97
N ALA B 148 38.19 -33.24 11.11
CA ALA B 148 39.14 -33.44 12.21
C ALA B 148 38.45 -33.23 13.56
N ARG B 149 38.54 -34.23 14.42
CA ARG B 149 37.85 -34.17 15.74
C ARG B 149 38.13 -32.89 16.53
N SER B 150 39.40 -32.56 16.65
CA SER B 150 39.82 -31.38 17.44
C SER B 150 39.13 -30.11 16.91
N ALA B 151 39.08 -30.01 15.60
CA ALA B 151 38.51 -28.83 14.91
C ALA B 151 37.00 -28.70 15.11
N LEU B 152 36.39 -29.85 15.03
CA LEU B 152 34.93 -30.02 15.12
C LEU B 152 34.45 -29.65 16.51
N LEU B 153 35.11 -30.28 17.47
CA LEU B 153 34.86 -30.03 18.89
C LEU B 153 35.01 -28.54 19.17
N ARG B 154 36.13 -28.02 18.70
CA ARG B 154 36.52 -26.61 18.94
C ARG B 154 35.46 -25.63 18.37
N THR B 155 34.85 -26.04 17.28
CA THR B 155 33.82 -25.21 16.66
C THR B 155 32.65 -25.14 17.61
N VAL B 156 32.18 -26.32 17.95
CA VAL B 156 31.06 -26.50 18.89
C VAL B 156 31.27 -25.80 20.26
N VAL B 157 32.40 -26.06 20.90
CA VAL B 157 32.66 -25.37 22.20
C VAL B 157 32.74 -23.83 21.98
N SER B 158 33.27 -23.41 20.84
CA SER B 158 33.38 -21.92 20.59
C SER B 158 31.97 -21.30 20.57
N VAL B 159 31.07 -22.03 19.97
CA VAL B 159 29.66 -21.58 19.88
C VAL B 159 29.09 -21.44 21.31
N LEU B 160 29.25 -22.53 22.04
CA LEU B 160 28.72 -22.64 23.44
C LEU B 160 29.32 -21.60 24.33
N LYS B 161 30.62 -21.45 24.22
CA LYS B 161 31.37 -20.62 25.19
C LYS B 161 31.21 -19.12 24.94
N LYS B 162 31.12 -18.79 23.67
CA LYS B 162 31.12 -17.38 23.20
C LYS B 162 29.76 -16.77 22.94
N SER B 163 28.75 -17.62 23.06
CA SER B 163 27.34 -17.21 22.87
C SER B 163 26.53 -17.21 24.17
N PRO B 164 25.75 -16.13 24.40
CA PRO B 164 24.83 -16.17 25.54
C PRO B 164 23.95 -17.40 25.45
N PRO B 165 23.88 -18.18 26.53
CA PRO B 165 23.25 -19.49 26.44
C PRO B 165 21.81 -19.44 26.04
N HIS B 166 21.10 -18.44 26.54
CA HIS B 166 19.63 -18.36 26.28
C HIS B 166 19.30 -18.13 24.79
N LEU B 167 20.29 -17.61 24.09
CA LEU B 167 20.24 -17.41 22.62
C LEU B 167 20.60 -18.64 21.80
N ILE B 168 21.20 -19.62 22.47
CA ILE B 168 21.52 -20.92 21.84
C ILE B 168 20.51 -21.98 22.23
N LYS B 169 19.51 -22.12 21.38
CA LYS B 169 18.45 -23.12 21.57
C LYS B 169 19.04 -24.50 21.55
N GLU B 170 19.80 -24.69 20.51
CA GLU B 170 20.39 -26.01 20.20
C GLU B 170 21.52 -25.92 19.18
N ILE B 171 22.37 -26.92 19.25
CA ILE B 171 23.37 -27.13 18.22
C ILE B 171 23.10 -28.44 17.50
N ILE B 172 22.78 -28.29 16.24
CA ILE B 172 22.48 -29.44 15.37
C ILE B 172 23.65 -29.88 14.48
N LEU B 173 24.19 -31.01 14.86
CA LEU B 173 25.33 -31.62 14.15
C LEU B 173 24.83 -32.60 13.14
N VAL B 174 25.03 -32.25 11.89
CA VAL B 174 24.70 -33.16 10.78
C VAL B 174 25.91 -33.88 10.23
N ASP B 175 26.01 -35.12 10.64
CA ASP B 175 27.05 -36.08 10.20
C ASP B 175 26.77 -36.59 8.78
N ASP B 176 27.44 -35.99 7.81
CA ASP B 176 27.27 -36.36 6.37
C ASP B 176 28.07 -37.58 5.92
N TYR B 177 27.67 -38.70 6.49
CA TYR B 177 28.21 -40.03 6.14
C TYR B 177 29.72 -40.10 6.32
N SER B 178 30.13 -39.63 7.49
CA SER B 178 31.53 -39.74 7.92
C SER B 178 31.93 -41.21 8.09
N ASN B 179 33.15 -41.55 7.70
CA ASN B 179 33.67 -42.93 7.90
C ASN B 179 33.35 -43.46 9.29
N ASP B 180 33.78 -42.70 10.27
CA ASP B 180 33.57 -43.03 11.71
C ASP B 180 32.41 -42.24 12.35
N PRO B 181 31.27 -42.90 12.59
CA PRO B 181 30.11 -42.23 13.19
C PRO B 181 30.28 -41.73 14.63
N GLU B 182 31.32 -42.22 15.26
CA GLU B 182 31.65 -41.83 16.65
C GLU B 182 32.06 -40.38 16.76
N ASP B 183 32.77 -39.94 15.74
CA ASP B 183 33.24 -38.52 15.59
C ASP B 183 32.17 -37.53 16.07
N GLY B 184 31.00 -37.73 15.49
CA GLY B 184 29.79 -36.94 15.83
C GLY B 184 29.00 -37.46 17.02
N ALA B 185 28.81 -38.76 17.01
CA ALA B 185 28.03 -39.44 18.07
C ALA B 185 28.51 -39.09 19.48
N LEU B 186 29.81 -39.12 19.64
CA LEU B 186 30.47 -38.81 20.94
C LEU B 186 30.13 -37.40 21.44
N LEU B 187 30.04 -36.49 20.49
CA LEU B 187 29.73 -35.04 20.77
C LEU B 187 28.29 -34.82 21.23
N GLY B 188 27.51 -35.82 20.93
CA GLY B 188 26.09 -35.90 21.33
C GLY B 188 25.83 -35.89 22.84
N LYS B 189 26.86 -36.28 23.57
CA LYS B 189 26.86 -36.21 25.06
C LYS B 189 26.77 -34.77 25.56
N ILE B 190 27.18 -33.86 24.71
CA ILE B 190 27.32 -32.43 25.11
C ILE B 190 25.98 -31.68 25.13
N GLU B 191 25.85 -30.89 26.18
CA GLU B 191 24.76 -29.92 26.38
C GLU B 191 24.39 -29.24 25.06
N LYS B 192 23.11 -29.26 24.79
CA LYS B 192 22.44 -28.64 23.62
C LYS B 192 22.81 -29.23 22.28
N VAL B 193 23.72 -30.17 22.30
CA VAL B 193 24.15 -30.85 21.06
C VAL B 193 23.28 -32.02 20.63
N ARG B 194 22.67 -31.87 19.45
CA ARG B 194 21.90 -32.95 18.85
C ARG B 194 22.56 -33.43 17.56
N VAL B 195 22.90 -34.71 17.51
CA VAL B 195 23.60 -35.27 16.32
C VAL B 195 22.67 -36.08 15.43
N LEU B 196 22.65 -35.65 14.19
CA LEU B 196 21.96 -36.30 13.07
C LEU B 196 22.95 -36.94 12.13
N ARG B 197 22.86 -38.23 11.98
CA ARG B 197 23.64 -38.89 10.98
C ARG B 197 22.87 -39.16 9.72
N ASN B 198 23.56 -38.92 8.62
CA ASN B 198 23.21 -39.43 7.26
C ASN B 198 23.75 -40.82 7.02
N ASP B 199 22.88 -41.71 6.60
CA ASP B 199 23.26 -43.12 6.28
C ASP B 199 23.79 -43.33 4.85
N ARG B 200 23.82 -42.24 4.11
CA ARG B 200 24.60 -42.14 2.86
C ARG B 200 25.08 -40.71 2.57
N ARG B 201 26.14 -40.59 1.78
CA ARG B 201 26.71 -39.27 1.44
C ARG B 201 25.71 -38.42 0.65
N GLU B 202 25.29 -37.34 1.27
CA GLU B 202 24.23 -36.42 0.72
C GLU B 202 24.79 -35.11 0.21
N GLY B 203 25.89 -34.75 0.81
CA GLY B 203 26.53 -33.45 0.57
C GLY B 203 26.09 -32.31 1.47
N LEU B 204 26.77 -31.19 1.30
CA LEU B 204 26.66 -30.00 2.22
C LEU B 204 25.25 -29.38 2.19
N MET B 205 24.76 -29.18 0.98
CA MET B 205 23.41 -28.55 0.70
C MET B 205 22.23 -29.36 1.27
N ARG B 206 22.14 -30.61 0.84
CA ARG B 206 21.08 -31.54 1.35
C ARG B 206 21.13 -31.70 2.89
N SER B 207 22.34 -31.88 3.38
CA SER B 207 22.59 -32.04 4.83
C SER B 207 22.09 -30.86 5.67
N ARG B 208 22.38 -29.68 5.18
CA ARG B 208 21.93 -28.40 5.81
C ARG B 208 20.42 -28.29 5.93
N VAL B 209 19.80 -28.68 4.85
CA VAL B 209 18.33 -28.70 4.80
C VAL B 209 17.77 -29.65 5.86
N ARG B 210 18.35 -30.82 5.90
CA ARG B 210 17.94 -31.85 6.88
C ARG B 210 17.99 -31.27 8.29
N GLY B 211 19.08 -30.58 8.53
CA GLY B 211 19.35 -29.97 9.85
C GLY B 211 18.38 -28.85 10.16
N ALA B 212 18.24 -28.00 9.18
CA ALA B 212 17.27 -26.85 9.23
C ALA B 212 15.86 -27.33 9.54
N ASP B 213 15.50 -28.41 8.86
CA ASP B 213 14.17 -29.07 9.01
C ASP B 213 13.90 -29.51 10.44
N ALA B 214 14.94 -30.05 11.02
CA ALA B 214 14.98 -30.54 12.45
C ALA B 214 15.04 -29.43 13.49
N ALA B 215 15.28 -28.25 13.00
CA ALA B 215 15.51 -27.08 13.85
C ALA B 215 14.24 -26.59 14.51
N GLN B 216 14.35 -26.37 15.79
CA GLN B 216 13.24 -25.88 16.62
C GLN B 216 13.12 -24.36 16.78
N ALA B 217 14.24 -23.69 16.64
CA ALA B 217 14.28 -22.23 16.86
C ALA B 217 13.63 -21.44 15.73
N LYS B 218 13.43 -20.17 15.98
CA LYS B 218 12.89 -19.23 14.94
C LYS B 218 13.91 -18.81 13.90
N VAL B 219 15.11 -18.76 14.39
CA VAL B 219 16.27 -18.34 13.62
C VAL B 219 17.28 -19.46 13.41
N LEU B 220 17.63 -19.60 12.15
CA LEU B 220 18.72 -20.49 11.68
C LEU B 220 20.12 -19.85 11.62
N THR B 221 21.05 -20.54 12.22
CA THR B 221 22.47 -20.20 12.03
C THR B 221 23.25 -21.35 11.41
N PHE B 222 23.84 -21.07 10.27
CA PHE B 222 24.76 -22.02 9.62
C PHE B 222 26.24 -21.72 9.79
N LEU B 223 26.96 -22.76 10.17
CA LEU B 223 28.44 -22.75 10.28
C LEU B 223 29.14 -23.95 9.71
N ASP B 224 30.35 -23.71 9.23
CA ASP B 224 31.31 -24.77 8.88
C ASP B 224 31.75 -25.51 10.11
N SER B 225 32.31 -26.69 9.90
CA SER B 225 32.79 -27.59 10.99
C SER B 225 34.22 -27.33 11.51
N HIS B 226 34.86 -26.36 10.90
CA HIS B 226 36.24 -25.89 11.30
C HIS B 226 36.24 -24.37 11.45
N CYS B 227 35.36 -23.94 12.32
CA CYS B 227 35.21 -22.51 12.71
C CYS B 227 35.49 -22.22 14.17
N GLU B 228 35.81 -20.97 14.43
CA GLU B 228 36.00 -20.44 15.81
C GLU B 228 35.33 -19.10 16.04
N CYS B 229 34.29 -19.17 16.83
CA CYS B 229 33.51 -17.96 17.17
C CYS B 229 34.25 -17.03 18.08
N ASN B 230 34.10 -15.76 17.76
CA ASN B 230 34.68 -14.68 18.55
C ASN B 230 33.73 -13.99 19.51
N GLU B 231 34.30 -13.10 20.30
CA GLU B 231 33.54 -12.24 21.26
C GLU B 231 32.29 -11.61 20.65
N HIS B 232 31.20 -11.85 21.35
CA HIS B 232 29.86 -11.28 21.00
C HIS B 232 29.54 -11.32 19.52
N TRP B 233 29.82 -12.50 19.00
CA TRP B 233 29.67 -12.75 17.55
C TRP B 233 28.22 -12.81 17.10
N LEU B 234 27.39 -13.35 17.97
CA LEU B 234 26.01 -13.77 17.60
C LEU B 234 24.96 -12.65 17.66
N GLU B 235 25.05 -11.87 18.71
CA GLU B 235 24.08 -10.77 18.99
C GLU B 235 23.88 -9.82 17.82
N PRO B 236 24.96 -9.27 17.24
CA PRO B 236 24.81 -8.37 16.09
C PRO B 236 24.16 -8.99 14.88
N LEU B 237 24.36 -10.30 14.74
CA LEU B 237 23.75 -11.04 13.62
C LEU B 237 22.25 -11.14 13.82
N LEU B 238 21.91 -11.56 15.03
CA LEU B 238 20.47 -11.76 15.45
C LEU B 238 19.66 -10.46 15.50
N GLU B 239 20.29 -9.44 16.01
CA GLU B 239 19.76 -8.05 16.02
C GLU B 239 19.15 -7.69 14.65
N ARG B 240 19.93 -7.96 13.63
CA ARG B 240 19.58 -7.62 12.24
C ARG B 240 18.33 -8.35 11.73
N VAL B 241 18.33 -9.66 11.91
CA VAL B 241 17.23 -10.49 11.32
C VAL B 241 15.97 -10.39 12.18
N ALA B 242 16.20 -10.02 13.42
CA ALA B 242 15.09 -9.71 14.35
C ALA B 242 14.29 -8.46 13.88
N GLU B 243 15.02 -7.41 13.59
CA GLU B 243 14.44 -6.14 13.00
C GLU B 243 13.71 -6.36 11.67
N ASP B 244 14.34 -7.15 10.83
CA ASP B 244 13.87 -7.45 9.44
C ASP B 244 14.22 -8.84 8.98
N ARG B 245 13.19 -9.66 8.92
CA ARG B 245 13.31 -11.13 8.72
C ARG B 245 13.75 -11.57 7.30
N THR B 246 13.76 -10.60 6.41
CA THR B 246 14.23 -10.82 5.01
C THR B 246 15.73 -10.61 4.82
N ARG B 247 16.31 -10.04 5.84
CA ARG B 247 17.77 -9.95 5.94
C ARG B 247 18.43 -11.29 6.19
N VAL B 248 19.36 -11.56 5.31
CA VAL B 248 20.27 -12.67 5.43
C VAL B 248 21.66 -12.17 5.69
N VAL B 249 22.15 -12.54 6.84
CA VAL B 249 23.37 -11.92 7.39
C VAL B 249 24.55 -12.84 7.72
N SER B 250 25.72 -12.23 7.57
CA SER B 250 27.04 -12.87 7.78
C SER B 250 28.01 -12.14 8.63
N PRO B 251 28.85 -12.90 9.33
CA PRO B 251 29.87 -12.21 10.00
C PRO B 251 30.99 -11.99 9.04
N ILE B 252 31.84 -11.10 9.48
CA ILE B 252 33.14 -11.01 8.93
C ILE B 252 33.83 -12.30 9.32
N ILE B 253 34.39 -12.92 8.31
CA ILE B 253 35.07 -14.19 8.44
C ILE B 253 36.57 -14.05 8.63
N ASP B 254 36.96 -14.12 9.86
CA ASP B 254 38.36 -14.09 10.16
C ASP B 254 39.06 -15.30 9.57
N VAL B 255 40.36 -15.16 9.48
CA VAL B 255 41.24 -16.21 8.96
C VAL B 255 41.96 -17.02 10.03
N ILE B 256 41.69 -18.30 10.00
CA ILE B 256 42.48 -19.31 10.75
C ILE B 256 43.45 -20.06 9.84
N ASN B 257 44.71 -19.77 10.11
CA ASN B 257 45.84 -20.29 9.31
C ASN B 257 45.88 -21.84 9.31
N MET B 258 45.85 -22.36 8.11
CA MET B 258 45.79 -23.84 7.86
C MET B 258 47.04 -24.62 8.32
N ASP B 259 48.15 -23.91 8.40
CA ASP B 259 49.47 -24.52 8.77
C ASP B 259 49.77 -24.47 10.27
N ASN B 260 49.77 -23.26 10.80
CA ASN B 260 50.08 -23.01 12.26
C ASN B 260 48.89 -22.74 13.20
N PHE B 261 47.73 -22.68 12.59
CA PHE B 261 46.41 -22.45 13.30
C PHE B 261 46.24 -21.15 14.07
N GLN B 262 47.05 -20.21 13.66
CA GLN B 262 46.92 -18.83 14.15
C GLN B 262 45.66 -18.16 13.66
N TYR B 263 45.04 -17.52 14.62
CA TYR B 263 43.80 -16.77 14.42
C TYR B 263 44.14 -15.36 14.01
N VAL B 264 43.80 -15.06 12.78
CA VAL B 264 44.15 -13.78 12.16
C VAL B 264 42.95 -12.99 11.74
N GLY B 265 43.02 -11.76 12.16
CA GLY B 265 41.96 -10.77 11.89
C GLY B 265 41.87 -10.41 10.45
N ALA B 266 40.69 -10.57 9.89
CA ALA B 266 40.44 -10.25 8.47
C ALA B 266 40.17 -8.79 8.23
N SER B 267 40.25 -8.44 6.96
CA SER B 267 39.84 -7.12 6.52
C SER B 267 38.33 -6.96 6.61
N ALA B 268 37.93 -5.80 7.12
CA ALA B 268 36.51 -5.37 7.18
C ALA B 268 36.05 -4.55 5.98
N ASP B 269 36.98 -4.32 5.08
CA ASP B 269 36.76 -3.42 3.90
C ASP B 269 36.29 -4.17 2.66
N LEU B 270 35.82 -5.37 2.92
CA LEU B 270 35.48 -6.32 1.82
C LEU B 270 34.02 -6.62 1.65
N LYS B 271 33.69 -6.73 0.38
CA LYS B 271 32.44 -7.33 -0.11
C LYS B 271 32.65 -8.66 -0.82
N GLY B 272 31.61 -9.44 -0.76
CA GLY B 272 31.51 -10.67 -1.54
C GLY B 272 31.32 -10.37 -3.04
N GLY B 273 31.75 -11.31 -3.87
CA GLY B 273 31.61 -11.13 -5.31
C GLY B 273 31.95 -12.27 -6.23
N PHE B 274 31.89 -11.98 -7.51
CA PHE B 274 32.25 -12.99 -8.54
C PHE B 274 32.59 -12.46 -9.91
N ASP B 275 33.24 -13.35 -10.63
CA ASP B 275 33.51 -13.17 -12.04
C ASP B 275 32.57 -14.04 -12.86
N TRP B 276 32.57 -13.82 -14.16
CA TRP B 276 31.65 -14.54 -15.10
C TRP B 276 31.80 -16.07 -15.16
N ASN B 277 32.97 -16.54 -14.78
CA ASN B 277 33.21 -18.01 -14.50
C ASN B 277 32.43 -18.54 -13.26
N LEU B 278 31.62 -17.65 -12.72
CA LEU B 278 30.84 -17.84 -11.44
C LEU B 278 31.62 -18.34 -10.21
N VAL B 279 32.91 -18.08 -10.23
CA VAL B 279 33.78 -18.42 -9.06
C VAL B 279 33.82 -17.27 -8.02
N PHE B 280 33.51 -17.66 -6.80
CA PHE B 280 33.45 -16.69 -5.68
C PHE B 280 34.79 -16.01 -5.52
N LYS B 281 34.68 -14.73 -5.23
CA LYS B 281 35.86 -13.93 -4.91
C LYS B 281 35.53 -12.74 -3.99
N TRP B 282 36.58 -12.27 -3.32
CA TRP B 282 36.51 -11.05 -2.47
C TRP B 282 36.82 -9.78 -3.24
N ASP B 283 35.83 -8.92 -3.29
CA ASP B 283 35.99 -7.56 -3.83
C ASP B 283 36.34 -6.62 -2.67
N TYR B 284 37.23 -5.68 -2.95
CA TYR B 284 37.36 -4.48 -2.08
C TYR B 284 36.18 -3.56 -2.35
N MET B 285 35.77 -2.87 -1.32
CA MET B 285 34.84 -1.76 -1.50
C MET B 285 35.44 -0.67 -2.38
N THR B 286 34.59 0.02 -3.13
CA THR B 286 35.00 1.24 -3.91
C THR B 286 35.35 2.36 -2.92
N PRO B 287 36.35 3.19 -3.24
CA PRO B 287 36.74 4.35 -2.41
C PRO B 287 35.59 5.27 -2.11
N GLU B 288 34.72 5.38 -3.11
CA GLU B 288 33.37 6.03 -3.00
C GLU B 288 32.58 5.49 -1.78
N GLN B 289 32.35 4.19 -1.81
CA GLN B 289 31.65 3.43 -0.73
C GLN B 289 32.33 3.64 0.62
N ARG B 290 33.62 3.36 0.60
CA ARG B 290 34.49 3.41 1.82
C ARG B 290 34.30 4.71 2.55
N ARG B 291 34.42 5.73 1.75
CA ARG B 291 34.41 7.13 2.22
C ARG B 291 33.07 7.48 2.88
N SER B 292 32.02 7.03 2.21
CA SER B 292 30.60 7.28 2.62
C SER B 292 30.17 6.56 3.91
N ARG B 293 31.03 5.65 4.32
CA ARG B 293 30.90 4.87 5.61
C ARG B 293 31.68 5.45 6.77
N GLN B 294 32.67 6.24 6.41
CA GLN B 294 33.64 6.87 7.35
C GLN B 294 32.91 7.40 8.59
N GLY B 295 31.70 7.85 8.34
CA GLY B 295 30.73 8.27 9.39
C GLY B 295 30.44 7.20 10.45
N ASN B 296 29.97 6.07 9.97
CA ASN B 296 29.82 4.80 10.77
C ASN B 296 30.54 3.58 10.16
N PRO B 297 31.77 3.31 10.59
CA PRO B 297 32.58 2.23 9.99
C PRO B 297 32.19 0.77 10.30
N VAL B 298 31.38 0.57 11.32
CA VAL B 298 30.88 -0.80 11.67
C VAL B 298 29.44 -1.04 11.26
N ALA B 299 28.99 -0.23 10.33
CA ALA B 299 27.63 -0.41 9.75
C ALA B 299 27.53 -1.67 8.89
N PRO B 300 26.33 -2.22 8.78
CA PRO B 300 26.16 -3.30 7.88
C PRO B 300 26.66 -2.95 6.53
N ILE B 301 27.13 -3.97 5.86
CA ILE B 301 27.59 -3.85 4.48
C ILE B 301 26.78 -4.69 3.55
N LYS B 302 26.17 -4.02 2.61
CA LYS B 302 25.44 -4.74 1.55
C LYS B 302 26.44 -5.52 0.75
N THR B 303 26.15 -6.78 0.54
CA THR B 303 26.99 -7.67 -0.30
C THR B 303 26.18 -8.41 -1.40
N PRO B 304 26.63 -8.39 -2.66
CA PRO B 304 25.90 -9.07 -3.73
C PRO B 304 25.95 -10.56 -3.62
N MET B 305 26.92 -10.96 -2.84
CA MET B 305 27.16 -12.38 -2.63
C MET B 305 27.76 -12.69 -1.28
N ILE B 306 27.30 -13.82 -0.78
CA ILE B 306 27.74 -14.32 0.49
C ILE B 306 28.71 -15.48 0.28
N ALA B 307 29.71 -15.51 1.12
CA ALA B 307 30.74 -16.57 1.04
C ALA B 307 30.06 -17.94 1.02
N GLY B 308 29.18 -18.09 1.97
CA GLY B 308 28.18 -19.20 2.02
C GLY B 308 28.27 -20.12 3.25
N GLY B 309 29.49 -20.35 3.68
CA GLY B 309 29.71 -21.26 4.77
C GLY B 309 28.98 -20.78 6.01
N LEU B 310 29.06 -19.49 6.23
CA LEU B 310 28.72 -18.88 7.53
C LEU B 310 27.67 -17.78 7.41
N PHE B 311 26.47 -18.14 7.76
CA PHE B 311 25.42 -17.15 7.81
C PHE B 311 24.26 -17.46 8.70
N VAL B 312 23.52 -16.39 8.88
CA VAL B 312 22.34 -16.36 9.72
C VAL B 312 21.11 -15.93 8.97
N MET B 313 20.07 -16.70 9.20
CA MET B 313 18.82 -16.60 8.45
C MET B 313 17.57 -16.98 9.24
N ASP B 314 16.56 -16.16 9.07
CA ASP B 314 15.21 -16.44 9.60
C ASP B 314 14.68 -17.76 9.05
N LYS B 315 14.33 -18.63 9.97
CA LYS B 315 13.92 -20.01 9.64
C LYS B 315 12.72 -20.08 8.71
N PHE B 316 11.76 -19.24 8.94
CA PHE B 316 10.54 -19.23 8.15
C PHE B 316 10.83 -18.73 6.76
N TYR B 317 11.58 -17.66 6.72
CA TYR B 317 12.07 -17.05 5.47
C TYR B 317 12.88 -18.00 4.59
N PHE B 318 13.71 -18.75 5.26
CA PHE B 318 14.53 -19.82 4.64
C PHE B 318 13.66 -20.83 3.89
N GLU B 319 12.62 -21.23 4.58
CA GLU B 319 11.62 -22.21 4.09
C GLU B 319 10.77 -21.63 2.92
N GLU B 320 10.21 -20.48 3.20
CA GLU B 320 9.45 -19.64 2.22
C GLU B 320 10.15 -19.48 0.89
N LEU B 321 11.39 -19.01 0.95
CA LEU B 321 12.23 -18.70 -0.26
C LEU B 321 12.72 -19.92 -0.99
N GLY B 322 12.46 -21.06 -0.42
CA GLY B 322 12.69 -22.36 -1.11
C GLY B 322 13.93 -23.07 -0.66
N LYS B 323 14.19 -22.90 0.61
CA LYS B 323 15.26 -23.61 1.34
C LYS B 323 16.58 -23.51 0.59
N TYR B 324 17.11 -24.67 0.26
CA TYR B 324 18.17 -24.87 -0.77
C TYR B 324 17.62 -25.70 -1.93
N ASP B 325 18.23 -25.49 -3.09
CA ASP B 325 18.01 -26.38 -4.27
C ASP B 325 18.46 -27.79 -3.90
N MET B 326 17.48 -28.66 -3.89
CA MET B 326 17.59 -30.03 -3.35
C MET B 326 18.32 -31.06 -4.21
N MET B 327 18.44 -30.71 -5.47
CA MET B 327 19.11 -31.56 -6.49
C MET B 327 20.57 -31.22 -6.72
N MET B 328 21.08 -30.30 -5.93
CA MET B 328 22.50 -29.96 -5.98
C MET B 328 23.27 -30.96 -5.17
N ASP B 329 24.55 -31.07 -5.48
CA ASP B 329 25.32 -32.22 -5.03
C ASP B 329 26.71 -31.93 -4.53
N VAL B 330 26.94 -32.47 -3.35
CA VAL B 330 28.22 -32.46 -2.62
C VAL B 330 28.92 -31.11 -2.50
N TRP B 331 29.41 -30.71 -3.68
CA TRP B 331 30.41 -29.65 -3.97
C TRP B 331 29.83 -28.32 -4.44
N GLY B 332 29.89 -27.34 -3.57
CA GLY B 332 29.69 -25.94 -3.95
C GLY B 332 28.59 -25.56 -4.92
N GLY B 333 28.57 -24.27 -5.22
CA GLY B 333 27.56 -23.67 -6.10
C GLY B 333 26.49 -23.10 -5.17
N GLU B 334 26.70 -23.27 -3.87
CA GLU B 334 25.64 -23.14 -2.82
C GLU B 334 25.36 -21.68 -2.54
N ASN B 335 26.42 -21.03 -2.07
CA ASN B 335 26.59 -19.57 -1.95
C ASN B 335 25.94 -18.83 -3.12
N LEU B 336 26.21 -19.36 -4.28
CA LEU B 336 25.86 -18.78 -5.58
C LEU B 336 24.33 -18.61 -5.76
N GLU B 337 23.68 -19.75 -5.77
CA GLU B 337 22.24 -19.87 -6.04
C GLU B 337 21.40 -19.07 -5.02
N ILE B 338 21.68 -19.36 -3.76
CA ILE B 338 20.97 -18.70 -2.63
C ILE B 338 21.14 -17.18 -2.63
N SER B 339 22.35 -16.74 -2.95
CA SER B 339 22.67 -15.28 -3.00
C SER B 339 21.81 -14.56 -4.04
N PHE B 340 21.76 -15.17 -5.21
CA PHE B 340 20.91 -14.63 -6.32
C PHE B 340 19.45 -14.61 -5.89
N ARG B 341 19.01 -15.77 -5.47
CA ARG B 341 17.62 -16.01 -5.05
C ARG B 341 17.17 -14.97 -4.01
N VAL B 342 17.93 -14.83 -2.96
CA VAL B 342 17.58 -13.89 -1.86
C VAL B 342 17.34 -12.47 -2.36
N TRP B 343 18.31 -12.00 -3.11
CA TRP B 343 18.35 -10.60 -3.65
C TRP B 343 17.19 -10.35 -4.62
N GLN B 344 17.16 -11.23 -5.59
CA GLN B 344 16.18 -11.20 -6.71
C GLN B 344 14.73 -11.29 -6.21
N CYS B 345 14.54 -12.10 -5.19
CA CYS B 345 13.19 -12.33 -4.58
C CYS B 345 12.85 -11.46 -3.35
N GLY B 346 13.47 -10.29 -3.30
CA GLY B 346 13.06 -9.19 -2.38
C GLY B 346 13.76 -9.10 -1.05
N GLY B 347 14.67 -10.02 -0.88
CA GLY B 347 15.47 -10.09 0.34
C GLY B 347 16.77 -9.33 0.19
N SER B 348 17.53 -9.36 1.26
CA SER B 348 18.86 -8.74 1.24
C SER B 348 19.95 -9.60 1.90
N LEU B 349 21.17 -9.28 1.49
CA LEU B 349 22.43 -9.92 1.97
C LEU B 349 23.32 -8.93 2.65
N GLU B 350 23.67 -9.26 3.87
CA GLU B 350 24.59 -8.40 4.65
C GLU B 350 25.79 -9.09 5.27
N ILE B 351 26.88 -8.35 5.24
CA ILE B 351 28.06 -8.58 6.07
C ILE B 351 28.02 -7.64 7.27
N ILE B 352 28.27 -8.22 8.42
CA ILE B 352 28.14 -7.52 9.71
C ILE B 352 29.46 -7.42 10.53
N PRO B 353 30.16 -6.29 10.44
CA PRO B 353 31.52 -6.15 10.93
C PRO B 353 31.73 -6.41 12.40
N CYS B 354 30.74 -6.12 13.20
CA CYS B 354 30.87 -6.38 14.67
C CYS B 354 30.81 -7.87 15.02
N SER B 355 30.33 -8.60 14.05
CA SER B 355 30.31 -10.08 14.08
C SER B 355 31.56 -10.71 13.44
N ARG B 356 32.28 -11.42 14.29
CA ARG B 356 33.55 -12.07 13.93
C ARG B 356 33.62 -13.56 14.20
N VAL B 357 33.84 -14.25 13.11
CA VAL B 357 34.00 -15.72 13.14
C VAL B 357 35.17 -16.21 12.32
N GLY B 358 36.03 -16.85 13.06
CA GLY B 358 37.23 -17.50 12.52
C GLY B 358 36.88 -18.71 11.64
N HIS B 359 37.58 -18.84 10.55
CA HIS B 359 37.41 -19.99 9.66
C HIS B 359 38.74 -20.50 9.12
N VAL B 360 38.89 -21.80 9.17
CA VAL B 360 40.08 -22.43 8.59
C VAL B 360 39.99 -22.48 7.08
N PHE B 361 40.65 -21.53 6.48
CA PHE B 361 40.74 -21.51 5.02
C PHE B 361 41.83 -22.43 4.57
N ARG B 362 41.49 -23.19 3.55
CA ARG B 362 42.47 -24.05 2.86
C ARG B 362 42.50 -23.90 1.34
N LYS B 363 43.54 -24.49 0.75
CA LYS B 363 43.86 -24.36 -0.71
C LYS B 363 43.10 -25.33 -1.55
N GLN B 364 42.96 -26.52 -0.99
CA GLN B 364 42.28 -27.67 -1.64
C GLN B 364 41.25 -28.43 -0.77
N HIS B 365 40.38 -29.10 -1.51
CA HIS B 365 39.35 -29.99 -0.94
C HIS B 365 39.90 -31.38 -0.56
N PRO B 366 39.42 -31.94 0.55
CA PRO B 366 39.54 -33.35 0.90
C PRO B 366 38.35 -34.11 0.34
N GLY B 374 34.48 -31.34 -9.16
CA GLY B 374 35.07 -30.69 -10.36
C GLY B 374 34.09 -30.52 -11.52
N THR B 375 33.12 -31.42 -11.54
CA THR B 375 31.99 -31.39 -12.46
C THR B 375 30.70 -31.10 -11.72
N VAL B 376 30.52 -31.74 -10.58
CA VAL B 376 29.41 -31.35 -9.70
C VAL B 376 29.53 -29.85 -9.71
N PHE B 377 30.81 -29.47 -9.68
CA PHE B 377 31.23 -28.07 -9.80
C PHE B 377 30.34 -27.36 -10.79
N ALA B 378 30.46 -27.89 -11.98
CA ALA B 378 29.85 -27.31 -13.13
C ALA B 378 28.35 -27.57 -13.09
N ARG B 379 27.99 -28.73 -12.57
CA ARG B 379 26.61 -29.14 -12.50
C ARG B 379 25.85 -28.10 -11.77
N ASN B 380 26.18 -28.01 -10.51
CA ASN B 380 25.46 -27.13 -9.54
C ASN B 380 25.42 -25.71 -9.99
N THR B 381 26.59 -25.28 -10.41
CA THR B 381 26.76 -23.92 -10.97
C THR B 381 25.77 -23.68 -12.11
N ARG B 382 25.66 -24.70 -12.94
CA ARG B 382 24.73 -24.68 -14.12
C ARG B 382 23.27 -24.52 -13.69
N ARG B 383 22.91 -25.34 -12.73
CA ARG B 383 21.56 -25.33 -12.14
C ARG B 383 21.15 -23.94 -11.66
N ALA B 384 22.11 -23.26 -11.08
CA ALA B 384 21.93 -21.89 -10.52
C ALA B 384 21.75 -20.90 -11.65
N ALA B 385 22.70 -20.99 -12.56
CA ALA B 385 22.80 -20.10 -13.75
C ALA B 385 21.56 -20.18 -14.66
N GLU B 386 21.16 -21.42 -14.91
CA GLU B 386 20.00 -21.74 -15.79
C GLU B 386 18.69 -21.21 -15.23
N VAL B 387 18.58 -21.26 -13.93
CA VAL B 387 17.36 -20.78 -13.20
C VAL B 387 17.23 -19.26 -12.96
N TRP B 388 18.34 -18.63 -12.64
CA TRP B 388 18.38 -17.23 -12.11
C TRP B 388 18.90 -16.14 -13.05
N MET B 389 19.83 -16.54 -13.88
CA MET B 389 20.71 -15.58 -14.61
C MET B 389 20.09 -15.03 -15.89
N ASP B 390 19.01 -15.68 -16.27
CA ASP B 390 18.34 -15.41 -17.57
C ASP B 390 19.34 -15.54 -18.76
N GLU B 391 19.33 -14.57 -19.65
CA GLU B 391 20.24 -14.54 -20.86
C GLU B 391 21.75 -14.47 -20.49
N TYR B 392 22.01 -13.75 -19.43
CA TYR B 392 23.38 -13.49 -18.90
C TYR B 392 24.12 -14.76 -18.54
N LYS B 393 23.37 -15.84 -18.46
CA LYS B 393 23.95 -17.19 -18.27
C LYS B 393 24.99 -17.54 -19.33
N ASN B 394 24.76 -16.96 -20.50
CA ASN B 394 25.63 -17.15 -21.70
C ASN B 394 27.06 -16.69 -21.46
N PHE B 395 27.15 -15.58 -20.77
CA PHE B 395 28.45 -15.00 -20.34
C PHE B 395 29.27 -15.97 -19.49
N TYR B 396 28.55 -16.71 -18.67
CA TYR B 396 29.15 -17.84 -17.87
C TYR B 396 29.75 -18.91 -18.79
N TYR B 397 28.91 -19.32 -19.73
CA TYR B 397 29.25 -20.37 -20.75
C TYR B 397 30.41 -19.91 -21.64
N ALA B 398 30.38 -18.61 -21.90
CA ALA B 398 31.46 -17.95 -22.65
C ALA B 398 32.82 -18.04 -21.92
N ALA B 399 32.74 -17.83 -20.62
CA ALA B 399 33.93 -17.95 -19.72
C ALA B 399 34.37 -19.42 -19.51
N VAL B 400 33.36 -20.26 -19.45
CA VAL B 400 33.53 -21.71 -19.22
C VAL B 400 32.75 -22.55 -20.26
N PRO B 401 33.31 -22.76 -21.45
CA PRO B 401 32.55 -23.42 -22.52
C PRO B 401 32.37 -24.91 -22.30
N SER B 402 33.35 -25.50 -21.66
CA SER B 402 33.31 -26.95 -21.28
C SER B 402 32.04 -27.34 -20.50
N ALA B 403 31.49 -26.34 -19.83
CA ALA B 403 30.27 -26.43 -18.99
C ALA B 403 28.97 -26.66 -19.76
N ARG B 404 28.98 -26.24 -21.01
CA ARG B 404 27.80 -26.44 -21.93
C ARG B 404 27.41 -27.91 -22.07
N ASN B 405 28.45 -28.73 -21.93
CA ASN B 405 28.40 -30.22 -22.07
C ASN B 405 27.93 -31.00 -20.86
N VAL B 406 28.13 -30.40 -19.71
CA VAL B 406 27.84 -31.03 -18.41
C VAL B 406 26.33 -31.08 -18.16
N PRO B 407 25.80 -32.30 -18.00
CA PRO B 407 24.39 -32.36 -17.72
C PRO B 407 24.14 -32.01 -16.25
N TYR B 408 23.08 -31.23 -16.10
CA TYR B 408 22.74 -30.61 -14.78
C TYR B 408 21.49 -31.18 -14.14
N GLY B 409 20.52 -31.47 -14.99
CA GLY B 409 19.30 -32.17 -14.59
C GLY B 409 18.03 -31.37 -14.68
N ASN B 410 17.04 -31.81 -13.92
CA ASN B 410 15.69 -31.19 -13.91
C ASN B 410 15.60 -29.99 -12.97
N ILE B 411 15.16 -28.88 -13.53
CA ILE B 411 15.06 -27.57 -12.81
C ILE B 411 13.65 -26.98 -12.78
N GLN B 412 12.69 -27.87 -12.77
CA GLN B 412 11.29 -27.46 -12.96
C GLN B 412 10.70 -26.71 -11.75
N SER B 413 10.87 -27.33 -10.60
CA SER B 413 10.34 -26.79 -9.33
C SER B 413 10.92 -25.42 -9.02
N ARG B 414 12.23 -25.36 -9.22
CA ARG B 414 13.04 -24.13 -9.04
C ARG B 414 12.55 -22.95 -9.91
N LEU B 415 12.23 -23.28 -11.14
CA LEU B 415 11.62 -22.29 -12.06
C LEU B 415 10.23 -21.81 -11.63
N GLU B 416 9.44 -22.80 -11.25
CA GLU B 416 8.08 -22.58 -10.69
C GLU B 416 8.13 -21.70 -9.46
N LEU B 417 9.10 -22.03 -8.63
CA LEU B 417 9.44 -21.34 -7.36
C LEU B 417 9.69 -19.85 -7.58
N ARG B 418 10.49 -19.61 -8.59
CA ARG B 418 10.87 -18.24 -9.02
C ARG B 418 9.65 -17.43 -9.48
N LYS B 419 8.84 -18.10 -10.29
CA LYS B 419 7.53 -17.56 -10.79
C LYS B 419 6.67 -17.17 -9.60
N LYS B 420 6.41 -18.18 -8.80
CA LYS B 420 5.57 -18.13 -7.57
C LYS B 420 5.93 -16.97 -6.66
N LEU B 421 7.22 -16.80 -6.48
CA LEU B 421 7.80 -15.76 -5.57
C LEU B 421 7.76 -14.35 -6.13
N SER B 422 7.50 -14.32 -7.42
CA SER B 422 7.42 -13.04 -8.15
C SER B 422 8.80 -12.32 -8.14
N CYS B 423 9.84 -13.09 -8.42
CA CYS B 423 11.25 -12.60 -8.33
C CYS B 423 11.59 -11.67 -9.50
N LYS B 424 12.52 -10.77 -9.24
CA LYS B 424 13.04 -9.83 -10.29
C LYS B 424 14.01 -10.50 -11.26
N PRO B 425 14.20 -9.91 -12.46
CA PRO B 425 15.13 -10.54 -13.36
C PRO B 425 16.57 -10.22 -13.04
N PHE B 426 17.43 -11.04 -13.60
CA PHE B 426 18.89 -10.95 -13.34
C PHE B 426 19.47 -9.57 -13.70
N LYS B 427 18.96 -9.03 -14.78
CA LYS B 427 19.32 -7.67 -15.25
C LYS B 427 19.22 -6.67 -14.09
N TRP B 428 18.14 -6.81 -13.35
CA TRP B 428 17.83 -5.97 -12.18
C TRP B 428 18.90 -6.12 -11.11
N TYR B 429 19.17 -7.39 -10.86
CA TYR B 429 20.23 -7.79 -9.90
C TYR B 429 21.55 -7.09 -10.21
N LEU B 430 21.94 -7.17 -11.46
CA LEU B 430 23.22 -6.57 -11.96
C LEU B 430 23.27 -5.07 -11.80
N GLU B 431 22.17 -4.46 -12.17
CA GLU B 431 21.99 -3.00 -12.15
C GLU B 431 21.96 -2.40 -10.75
N ASN B 432 21.21 -3.07 -9.89
CA ASN B 432 20.93 -2.56 -8.53
C ASN B 432 21.75 -3.08 -7.39
N VAL B 433 22.18 -4.32 -7.53
CA VAL B 433 22.91 -5.06 -6.47
C VAL B 433 24.42 -5.18 -6.75
N TYR B 434 24.75 -5.61 -7.95
CA TYR B 434 26.15 -5.82 -8.41
C TYR B 434 26.57 -5.03 -9.66
N PRO B 435 26.44 -3.70 -9.61
CA PRO B 435 26.72 -2.89 -10.79
C PRO B 435 28.19 -2.83 -11.14
N GLU B 436 29.04 -3.01 -10.13
CA GLU B 436 30.53 -2.99 -10.35
C GLU B 436 31.01 -4.20 -11.15
N LEU B 437 30.14 -5.18 -11.30
CA LEU B 437 30.47 -6.36 -12.14
C LEU B 437 30.49 -5.90 -13.58
N ARG B 438 31.65 -6.06 -14.20
CA ARG B 438 31.84 -5.62 -15.61
C ARG B 438 31.19 -6.57 -16.60
N VAL B 439 30.20 -6.03 -17.25
CA VAL B 439 29.26 -6.78 -18.14
C VAL B 439 29.43 -6.46 -19.64
N PRO B 440 29.75 -7.46 -20.46
CA PRO B 440 29.92 -7.16 -21.86
C PRO B 440 28.67 -6.64 -22.52
N ASP B 441 28.94 -5.83 -23.52
CA ASP B 441 27.89 -5.40 -24.45
C ASP B 441 27.25 -6.59 -25.14
N HIS B 442 25.98 -6.44 -25.47
CA HIS B 442 25.19 -7.60 -25.96
C HIS B 442 25.61 -8.13 -27.33
N GLN B 443 26.25 -7.27 -28.09
CA GLN B 443 26.72 -7.59 -29.46
C GLN B 443 28.17 -8.03 -29.54
N ASP B 444 28.88 -7.72 -28.48
CA ASP B 444 30.30 -8.07 -28.37
C ASP B 444 30.55 -9.52 -28.71
N ILE B 445 31.57 -9.74 -29.50
CA ILE B 445 31.94 -11.10 -30.04
C ILE B 445 32.75 -11.83 -29.00
N ALA B 446 33.65 -11.08 -28.42
CA ALA B 446 34.50 -11.59 -27.35
C ALA B 446 34.80 -10.50 -26.36
N PHE B 447 35.27 -10.95 -25.21
CA PHE B 447 35.38 -10.06 -24.02
C PHE B 447 36.32 -10.53 -22.96
N GLY B 448 36.83 -9.52 -22.27
CA GLY B 448 37.59 -9.69 -21.03
C GLY B 448 39.05 -9.42 -21.20
N ALA B 449 39.84 -10.34 -20.73
CA ALA B 449 41.29 -10.17 -20.91
C ALA B 449 41.72 -10.86 -22.21
N LEU B 450 42.76 -10.30 -22.81
CA LEU B 450 43.43 -10.90 -24.03
C LEU B 450 44.75 -11.56 -23.65
N GLN B 451 44.61 -12.85 -23.40
CA GLN B 451 45.70 -13.67 -22.82
C GLN B 451 46.67 -14.27 -23.81
N GLN B 452 47.92 -14.10 -23.43
CA GLN B 452 49.06 -14.75 -24.08
C GLN B 452 49.97 -15.30 -23.03
N GLY B 453 49.80 -16.59 -22.87
CA GLY B 453 50.39 -17.35 -21.76
C GLY B 453 49.96 -16.75 -20.41
N THR B 454 50.93 -16.44 -19.58
CA THR B 454 50.65 -15.73 -18.27
C THR B 454 50.62 -14.20 -18.46
N ASN B 455 50.94 -13.82 -19.66
CA ASN B 455 50.85 -12.44 -20.08
C ASN B 455 49.51 -12.06 -20.68
N CYS B 456 49.21 -10.79 -20.47
CA CYS B 456 47.96 -10.12 -20.94
C CYS B 456 48.22 -8.87 -21.75
N LEU B 457 47.31 -8.65 -22.67
CA LEU B 457 47.29 -7.37 -23.48
C LEU B 457 46.99 -6.22 -22.53
N ASP B 458 47.84 -5.20 -22.58
CA ASP B 458 47.76 -4.12 -21.63
C ASP B 458 48.03 -2.77 -22.28
N THR B 459 47.22 -1.79 -21.91
CA THR B 459 47.37 -0.40 -22.42
C THR B 459 48.60 0.32 -21.90
N LEU B 460 49.23 -0.25 -20.88
CA LEU B 460 50.40 0.42 -20.16
C LEU B 460 50.10 1.85 -19.61
N GLY B 461 48.81 2.12 -19.45
CA GLY B 461 48.28 3.40 -19.00
C GLY B 461 48.34 4.47 -20.06
N HIS B 462 48.77 4.01 -21.21
CA HIS B 462 48.76 4.82 -22.44
C HIS B 462 47.32 5.17 -22.86
N PHE B 463 47.24 6.28 -23.54
CA PHE B 463 45.98 6.74 -24.14
C PHE B 463 46.11 6.84 -25.67
N ALA B 464 45.32 7.70 -26.25
CA ALA B 464 45.34 7.87 -27.70
C ALA B 464 46.66 8.31 -28.25
N ASP B 465 46.93 7.77 -29.43
CA ASP B 465 48.24 7.84 -30.17
C ASP B 465 49.37 7.10 -29.46
N GLY B 466 48.96 6.38 -28.46
CA GLY B 466 49.84 5.61 -27.61
C GLY B 466 50.07 4.20 -28.10
N VAL B 467 51.26 3.71 -27.80
CA VAL B 467 51.59 2.32 -28.07
C VAL B 467 50.94 1.44 -27.00
N VAL B 468 51.08 0.17 -27.24
CA VAL B 468 50.41 -0.84 -26.48
C VAL B 468 51.35 -2.00 -26.22
N GLY B 469 51.05 -2.73 -25.17
CA GLY B 469 51.94 -3.80 -24.73
C GLY B 469 51.37 -4.99 -23.97
N VAL B 470 52.34 -5.71 -23.40
CA VAL B 470 52.06 -6.85 -22.48
C VAL B 470 52.55 -6.64 -21.05
N TYR B 471 51.84 -7.31 -20.18
CA TYR B 471 52.04 -7.19 -18.76
C TYR B 471 51.52 -8.46 -18.15
N GLU B 472 52.18 -8.93 -17.11
CA GLU B 472 51.73 -10.20 -16.53
C GLU B 472 50.27 -10.02 -16.06
N CYS B 473 49.45 -10.99 -16.41
CA CYS B 473 47.99 -10.88 -16.30
C CYS B 473 47.62 -10.85 -14.85
N HIS B 474 46.61 -10.10 -14.48
CA HIS B 474 46.28 -9.93 -13.05
C HIS B 474 44.82 -9.98 -12.64
N ASN B 475 43.96 -10.26 -13.59
CA ASN B 475 42.54 -10.54 -13.30
C ASN B 475 41.79 -9.46 -12.51
N ALA B 476 42.50 -8.38 -12.21
CA ALA B 476 41.92 -7.09 -11.69
C ALA B 476 41.35 -6.23 -12.80
N GLY B 477 41.22 -6.87 -13.95
CA GLY B 477 40.92 -6.24 -15.24
C GLY B 477 40.69 -4.74 -15.33
N GLY B 478 41.74 -4.00 -15.54
CA GLY B 478 41.58 -2.51 -15.68
C GLY B 478 42.08 -1.98 -17.01
N ASN B 479 43.38 -1.73 -17.07
CA ASN B 479 44.15 -1.57 -18.35
C ASN B 479 44.39 -2.89 -19.05
N GLN B 480 43.77 -3.91 -18.53
CA GLN B 480 43.76 -5.26 -19.15
C GLN B 480 42.37 -5.70 -19.61
N GLU B 481 41.48 -4.76 -19.51
CA GLU B 481 40.10 -4.98 -19.93
C GLU B 481 39.90 -4.62 -21.40
N TRP B 482 39.54 -5.66 -22.13
CA TRP B 482 39.34 -5.58 -23.62
C TRP B 482 38.06 -6.19 -24.13
N ALA B 483 37.71 -5.73 -25.31
CA ALA B 483 36.53 -6.28 -26.04
C ALA B 483 36.75 -6.41 -27.52
N LEU B 484 36.25 -7.52 -28.06
CA LEU B 484 36.17 -7.73 -29.53
C LEU B 484 34.74 -7.45 -29.93
N THR B 485 34.57 -6.33 -30.56
CA THR B 485 33.24 -5.84 -30.95
C THR B 485 32.65 -6.44 -32.24
N LYS B 486 31.33 -6.28 -32.38
CA LYS B 486 30.55 -6.64 -33.63
C LYS B 486 31.03 -5.85 -34.84
N GLU B 487 31.54 -4.66 -34.57
CA GLU B 487 32.23 -3.81 -35.62
C GLU B 487 33.65 -4.30 -35.97
N LYS B 488 33.96 -5.50 -35.49
CA LYS B 488 35.25 -6.23 -35.75
C LYS B 488 36.48 -5.55 -35.10
N SER B 489 36.20 -4.81 -34.07
CA SER B 489 37.21 -3.94 -33.43
C SER B 489 37.62 -4.39 -32.02
N VAL B 490 38.88 -4.16 -31.72
CA VAL B 490 39.50 -4.59 -30.46
C VAL B 490 39.67 -3.41 -29.52
N LYS B 491 38.66 -3.21 -28.72
CA LYS B 491 38.54 -1.95 -27.96
C LYS B 491 38.72 -2.08 -26.49
N HIS B 492 39.44 -1.10 -26.01
CA HIS B 492 39.56 -0.81 -24.58
C HIS B 492 38.99 0.57 -24.30
N MET B 493 38.01 0.59 -23.42
CA MET B 493 37.16 1.76 -23.24
C MET B 493 36.63 2.22 -24.59
N ASP B 494 36.92 3.47 -24.93
CA ASP B 494 36.55 4.04 -26.27
C ASP B 494 37.73 4.16 -27.17
N LEU B 495 38.75 3.44 -26.79
CA LEU B 495 40.01 3.34 -27.61
C LEU B 495 40.12 2.00 -28.34
N CYS B 496 40.80 2.05 -29.44
CA CYS B 496 40.89 0.91 -30.37
C CYS B 496 42.29 0.59 -30.93
N LEU B 497 42.57 -0.70 -30.96
CA LEU B 497 43.81 -1.18 -31.64
C LEU B 497 43.74 -0.81 -33.14
N THR B 498 44.70 0.00 -33.51
CA THR B 498 44.78 0.59 -34.80
C THR B 498 46.08 0.30 -35.56
N VAL B 499 45.87 -0.34 -36.71
CA VAL B 499 46.94 -0.64 -37.70
C VAL B 499 47.31 0.62 -38.49
N VAL B 500 48.25 1.33 -37.92
CA VAL B 500 48.69 2.63 -38.42
C VAL B 500 49.53 2.51 -39.64
N ASP B 501 50.18 1.38 -39.71
CA ASP B 501 51.21 1.10 -40.75
C ASP B 501 51.27 -0.40 -41.04
N ARG B 502 50.89 -0.74 -42.26
CA ARG B 502 50.78 -2.15 -42.73
C ARG B 502 52.13 -2.89 -42.89
N ALA B 503 53.21 -2.15 -42.86
CA ALA B 503 54.55 -2.76 -43.02
C ALA B 503 54.87 -3.69 -41.84
N PRO B 504 55.24 -4.97 -42.13
CA PRO B 504 55.57 -5.88 -41.04
C PRO B 504 56.68 -5.34 -40.18
N GLY B 505 56.47 -5.52 -38.90
CA GLY B 505 57.38 -5.00 -37.85
C GLY B 505 56.90 -3.68 -37.25
N SER B 506 55.96 -3.10 -37.98
CA SER B 506 55.27 -1.82 -37.59
C SER B 506 54.47 -1.88 -36.29
N LEU B 507 54.74 -0.91 -35.43
CA LEU B 507 54.03 -0.76 -34.12
C LEU B 507 52.59 -0.37 -34.31
N ILE B 508 51.71 -1.01 -33.62
CA ILE B 508 50.33 -0.56 -33.66
C ILE B 508 50.11 0.55 -32.64
N LYS B 509 49.00 1.22 -32.79
CA LYS B 509 48.62 2.35 -31.91
C LYS B 509 47.20 2.31 -31.43
N LEU B 510 47.08 2.81 -30.22
CA LEU B 510 45.79 3.11 -29.59
C LEU B 510 45.18 4.41 -30.19
N GLN B 511 43.98 4.25 -30.73
CA GLN B 511 43.23 5.37 -31.32
C GLN B 511 41.77 5.29 -31.12
N GLY B 512 41.22 6.47 -31.03
CA GLY B 512 39.78 6.65 -30.77
C GLY B 512 39.04 5.79 -31.75
N CYS B 513 38.14 4.98 -31.25
CA CYS B 513 37.36 4.08 -32.15
C CYS B 513 36.50 4.83 -33.16
N ARG B 514 36.72 4.55 -34.43
CA ARG B 514 35.79 4.90 -35.55
C ARG B 514 35.28 3.65 -36.32
N GLU B 515 33.97 3.48 -36.40
CA GLU B 515 33.34 2.32 -37.12
C GLU B 515 33.73 2.26 -38.59
N ASP B 516 33.90 3.44 -39.16
CA ASP B 516 34.34 3.56 -40.57
C ASP B 516 35.84 3.55 -40.82
N ASP B 517 36.61 3.19 -39.80
CA ASP B 517 38.08 3.00 -39.93
C ASP B 517 38.51 1.55 -40.16
N SER B 518 38.99 1.30 -41.35
CA SER B 518 39.36 -0.10 -41.75
C SER B 518 40.59 -0.62 -41.02
N ARG B 519 41.42 0.34 -40.65
CA ARG B 519 42.72 0.08 -39.96
C ARG B 519 42.56 -0.48 -38.55
N GLN B 520 41.32 -0.50 -38.13
CA GLN B 520 40.94 -0.86 -36.77
C GLN B 520 40.21 -2.19 -36.68
N LYS B 521 40.21 -2.83 -37.81
CA LYS B 521 39.42 -4.05 -38.04
C LYS B 521 40.26 -5.33 -37.88
N TRP B 522 39.74 -6.15 -37.00
CA TRP B 522 40.37 -7.39 -36.60
C TRP B 522 39.43 -8.58 -36.65
N GLU B 523 40.02 -9.69 -37.07
CA GLU B 523 39.34 -11.01 -37.06
C GLU B 523 40.12 -12.07 -36.31
N GLN B 524 39.36 -12.83 -35.55
CA GLN B 524 39.86 -14.06 -34.93
C GLN B 524 40.10 -15.17 -35.93
N ILE B 525 41.26 -15.80 -35.80
CA ILE B 525 41.57 -17.04 -36.56
C ILE B 525 42.18 -18.20 -35.77
N GLU B 526 42.34 -19.29 -36.51
CA GLU B 526 42.93 -20.57 -36.03
C GLU B 526 42.33 -21.01 -34.69
N GLY B 527 41.04 -21.21 -34.72
CA GLY B 527 40.32 -21.73 -33.58
C GLY B 527 40.39 -20.76 -32.43
N ASN B 528 40.12 -19.50 -32.74
CA ASN B 528 40.12 -18.38 -31.75
C ASN B 528 41.34 -18.33 -30.87
N SER B 529 42.48 -18.49 -31.51
CA SER B 529 43.79 -18.49 -30.85
C SER B 529 44.73 -17.38 -31.36
N LYS B 530 44.27 -16.72 -32.41
CA LYS B 530 45.01 -15.60 -33.02
C LYS B 530 44.14 -14.42 -33.45
N LEU B 531 44.83 -13.31 -33.70
CA LEU B 531 44.21 -12.06 -34.19
C LEU B 531 44.79 -11.51 -35.47
N ARG B 532 44.02 -11.71 -36.51
CA ARG B 532 44.40 -11.30 -37.86
C ARG B 532 43.75 -9.98 -38.21
N HIS B 533 44.58 -9.12 -38.74
CA HIS B 533 44.12 -7.79 -39.21
C HIS B 533 43.32 -8.01 -40.50
N VAL B 534 42.05 -7.64 -40.41
CA VAL B 534 41.09 -7.85 -41.51
C VAL B 534 41.55 -7.18 -42.81
N GLY B 535 41.44 -7.97 -43.88
CA GLY B 535 41.88 -7.59 -45.21
C GLY B 535 43.38 -7.69 -45.39
N SER B 536 44.00 -8.60 -44.66
CA SER B 536 45.47 -8.77 -44.71
C SER B 536 46.03 -10.11 -44.24
N ASN B 537 47.32 -10.30 -44.49
CA ASN B 537 48.10 -11.45 -43.96
CA ASN B 537 48.08 -11.47 -43.93
C ASN B 537 48.88 -11.06 -42.69
N LEU B 538 48.38 -10.04 -42.02
CA LEU B 538 48.99 -9.47 -40.80
C LEU B 538 48.33 -9.91 -39.51
N CYS B 539 49.19 -10.28 -38.60
CA CYS B 539 48.76 -10.78 -37.27
C CYS B 539 49.31 -10.00 -36.07
N LEU B 540 48.43 -9.76 -35.12
CA LEU B 540 48.82 -9.08 -33.85
C LEU B 540 49.94 -9.87 -33.20
N ASP B 541 51.04 -9.16 -32.93
CA ASP B 541 52.32 -9.81 -32.52
C ASP B 541 53.08 -9.12 -31.36
N SER B 542 53.46 -9.91 -30.37
CA SER B 542 54.11 -9.40 -29.13
C SER B 542 55.61 -9.46 -29.09
N ARG B 543 56.21 -9.92 -30.15
CA ARG B 543 57.70 -10.09 -30.19
C ARG B 543 58.47 -8.78 -30.05
N THR B 544 57.80 -7.73 -30.42
CA THR B 544 58.35 -6.34 -30.39
C THR B 544 58.06 -5.58 -29.10
N ALA B 545 57.41 -6.27 -28.19
CA ALA B 545 56.94 -5.67 -26.94
C ALA B 545 58.04 -4.95 -26.16
N LYS B 546 59.16 -5.63 -26.05
CA LYS B 546 60.37 -5.11 -25.32
C LYS B 546 61.13 -4.07 -26.10
N SER B 547 60.82 -4.01 -27.37
CA SER B 547 61.50 -3.06 -28.30
C SER B 547 60.59 -1.94 -28.84
N GLY B 548 59.62 -1.50 -28.03
CA GLY B 548 58.70 -0.43 -28.46
C GLY B 548 57.22 -0.69 -28.23
N GLY B 549 56.83 -1.92 -28.42
CA GLY B 549 55.45 -2.34 -28.15
C GLY B 549 54.88 -3.31 -29.15
N LEU B 550 53.65 -3.74 -28.88
CA LEU B 550 52.95 -4.67 -29.78
C LEU B 550 53.01 -4.17 -31.25
N SER B 551 53.31 -5.12 -32.10
CA SER B 551 53.38 -4.87 -33.52
C SER B 551 52.44 -5.71 -34.33
N VAL B 552 52.40 -5.28 -35.55
CA VAL B 552 51.72 -5.99 -36.63
C VAL B 552 52.79 -6.73 -37.42
N GLU B 553 52.63 -8.03 -37.46
CA GLU B 553 53.64 -8.91 -38.10
C GLU B 553 53.00 -9.92 -39.07
N VAL B 554 53.76 -10.40 -40.04
CA VAL B 554 53.20 -11.35 -41.05
C VAL B 554 52.76 -12.65 -40.36
N CYS B 555 51.52 -13.03 -40.59
CA CYS B 555 50.90 -14.21 -39.87
C CYS B 555 51.71 -15.46 -40.09
N GLY B 556 52.06 -16.07 -38.98
CA GLY B 556 52.88 -17.29 -38.98
C GLY B 556 52.81 -18.09 -37.71
N PRO B 557 53.54 -19.21 -37.64
CA PRO B 557 53.40 -20.17 -36.52
C PRO B 557 54.02 -19.77 -35.20
N ALA B 558 54.43 -18.52 -35.10
CA ALA B 558 55.06 -17.97 -33.88
C ALA B 558 54.14 -17.89 -32.65
N LEU B 559 54.74 -18.08 -31.49
CA LEU B 559 53.99 -18.11 -30.19
C LEU B 559 53.54 -16.73 -29.73
N SER B 560 54.29 -15.75 -30.19
CA SER B 560 54.06 -14.30 -29.91
C SER B 560 52.78 -13.77 -30.55
N GLN B 561 52.25 -14.57 -31.47
CA GLN B 561 50.96 -14.30 -32.19
C GLN B 561 49.75 -14.98 -31.58
N GLN B 562 49.98 -15.59 -30.45
CA GLN B 562 48.95 -16.36 -29.76
C GLN B 562 48.23 -15.45 -28.83
N TRP B 563 46.94 -15.35 -29.08
CA TRP B 563 46.01 -14.54 -28.23
C TRP B 563 44.66 -15.20 -28.07
N LYS B 564 44.22 -15.18 -26.83
CA LYS B 564 42.94 -15.78 -26.39
C LYS B 564 42.21 -14.86 -25.43
N PHE B 565 41.00 -14.52 -25.81
CA PHE B 565 40.08 -13.81 -24.92
C PHE B 565 39.56 -14.76 -23.84
N THR B 566 39.36 -14.23 -22.66
CA THR B 566 38.83 -15.04 -21.53
C THR B 566 37.35 -15.37 -21.70
N LEU B 567 36.61 -14.49 -22.34
CA LEU B 567 35.20 -14.77 -22.74
C LEU B 567 35.01 -14.72 -24.22
N ASN B 568 34.44 -15.80 -24.72
CA ASN B 568 34.02 -15.92 -26.13
C ASN B 568 32.56 -16.25 -26.37
N LEU B 569 31.95 -15.47 -27.24
CA LEU B 569 30.51 -15.53 -27.51
C LEU B 569 30.31 -16.40 -28.76
N GLN B 570 30.67 -17.66 -28.66
CA GLN B 570 30.74 -18.56 -29.84
C GLN B 570 30.07 -19.89 -29.60
N SER C 74 26.00 48.78 -37.20
CA SER C 74 24.76 49.37 -36.65
C SER C 74 24.06 48.31 -35.82
N LYS C 75 23.46 47.38 -36.55
CA LYS C 75 22.42 46.47 -36.06
C LYS C 75 23.10 45.19 -35.56
N VAL C 76 22.61 44.72 -34.43
CA VAL C 76 23.19 43.55 -33.76
C VAL C 76 22.26 42.33 -33.74
N ARG C 77 22.83 41.17 -33.92
CA ARG C 77 22.05 39.91 -33.81
C ARG C 77 21.56 39.75 -32.35
N TRP C 78 20.34 39.24 -32.21
CA TRP C 78 19.74 39.17 -30.84
C TRP C 78 20.65 38.46 -29.80
N PRO C 79 21.34 37.35 -30.18
CA PRO C 79 22.12 36.65 -29.15
C PRO C 79 23.38 37.38 -28.75
N ASP C 80 23.81 38.28 -29.61
CA ASP C 80 24.98 39.15 -29.31
C ASP C 80 24.59 40.34 -28.45
N PHE C 81 23.31 40.53 -28.27
CA PHE C 81 22.80 41.67 -27.48
C PHE C 81 23.16 41.51 -26.02
N ASN C 82 23.66 42.59 -25.45
CA ASN C 82 24.11 42.58 -24.04
C ASN C 82 23.01 42.83 -23.00
N GLN C 83 22.37 41.76 -22.60
CA GLN C 83 21.20 41.86 -21.71
C GLN C 83 21.54 42.30 -20.31
N GLU C 84 22.69 41.83 -19.88
CA GLU C 84 23.23 42.09 -18.52
C GLU C 84 23.33 43.62 -18.32
N ALA C 85 23.91 44.24 -19.34
CA ALA C 85 24.12 45.73 -19.39
C ALA C 85 22.83 46.54 -19.49
N TYR C 86 21.92 46.04 -20.32
CA TYR C 86 20.59 46.66 -20.58
C TYR C 86 19.66 46.63 -19.36
N VAL C 87 19.51 45.43 -18.83
CA VAL C 87 18.67 45.21 -17.64
C VAL C 87 19.28 45.85 -16.38
N GLY C 88 20.62 45.91 -16.34
CA GLY C 88 21.41 46.36 -15.15
C GLY C 88 20.79 47.47 -14.28
N GLY C 89 20.23 48.48 -14.94
CA GLY C 89 19.33 49.48 -14.29
C GLY C 89 17.96 49.55 -14.96
N PRO C 98 9.89 45.42 -5.15
CA PRO C 98 9.97 44.39 -6.21
C PRO C 98 8.71 44.26 -7.05
N TYR C 99 7.58 44.33 -6.37
CA TYR C 99 6.23 44.41 -7.04
C TYR C 99 5.76 45.83 -7.37
N ALA C 100 6.53 46.80 -6.90
CA ALA C 100 6.13 48.23 -6.87
C ALA C 100 5.87 48.85 -8.25
N ARG C 101 6.91 48.84 -9.06
CA ARG C 101 6.95 49.51 -10.40
C ARG C 101 6.05 48.89 -11.49
N ASN C 102 5.88 47.59 -11.40
CA ASN C 102 5.18 46.78 -12.45
C ASN C 102 3.96 45.96 -12.04
N LYS C 103 3.76 45.82 -10.75
CA LYS C 103 2.67 44.94 -10.21
C LYS C 103 2.86 43.48 -10.63
N PHE C 104 4.11 43.21 -10.96
CA PHE C 104 4.66 41.83 -10.99
C PHE C 104 6.08 41.79 -10.38
N ASN C 105 6.51 40.59 -10.05
CA ASN C 105 7.81 40.39 -9.38
C ASN C 105 9.01 40.67 -10.28
N GLN C 106 9.50 41.89 -10.19
CA GLN C 106 10.62 42.33 -11.05
C GLN C 106 11.94 41.61 -10.81
N VAL C 107 12.18 41.28 -9.56
CA VAL C 107 13.46 40.62 -9.18
C VAL C 107 13.56 39.27 -9.90
N GLU C 108 12.46 38.56 -9.81
CA GLU C 108 12.31 37.21 -10.39
C GLU C 108 12.43 37.22 -11.92
N SER C 109 11.80 38.22 -12.51
CA SER C 109 11.86 38.53 -13.98
C SER C 109 13.28 38.80 -14.47
N ASP C 110 13.97 39.60 -13.67
CA ASP C 110 15.38 40.01 -13.96
C ASP C 110 16.40 38.89 -13.89
N LYS C 111 16.12 37.91 -13.06
CA LYS C 111 16.95 36.66 -12.89
C LYS C 111 16.97 35.82 -14.16
N LEU C 112 15.87 35.95 -14.88
CA LEU C 112 15.59 35.18 -16.09
C LEU C 112 16.42 35.58 -17.28
N ARG C 113 16.92 34.55 -17.92
CA ARG C 113 17.69 34.66 -19.16
C ARG C 113 16.78 35.21 -20.30
N MET C 114 17.33 36.07 -21.13
CA MET C 114 16.53 36.78 -22.20
C MET C 114 15.82 35.83 -23.17
N ASP C 115 16.48 34.71 -23.37
CA ASP C 115 15.97 33.59 -24.19
C ASP C 115 15.73 32.32 -23.40
N ARG C 116 15.26 32.48 -22.18
CA ARG C 116 15.08 31.33 -21.28
C ARG C 116 14.21 30.25 -21.88
N ALA C 117 14.56 29.04 -21.52
CA ALA C 117 13.82 27.85 -21.97
C ALA C 117 12.46 27.80 -21.29
N ILE C 118 11.47 27.36 -22.05
CA ILE C 118 10.09 27.19 -21.52
C ILE C 118 9.40 25.92 -22.01
N PRO C 119 8.50 25.36 -21.19
CA PRO C 119 7.92 24.12 -21.60
C PRO C 119 7.06 24.28 -22.82
N ASP C 120 7.17 23.28 -23.66
CA ASP C 120 6.30 23.15 -24.83
C ASP C 120 4.92 22.73 -24.34
N THR C 121 4.02 23.69 -24.35
CA THR C 121 2.64 23.52 -23.80
C THR C 121 1.60 23.18 -24.86
N ARG C 122 2.11 22.78 -25.99
CA ARG C 122 1.23 22.42 -27.11
C ARG C 122 0.69 21.00 -27.05
N HIS C 123 -0.51 20.87 -27.62
CA HIS C 123 -1.09 19.55 -27.90
C HIS C 123 -0.10 18.74 -28.73
N ASP C 124 -0.06 17.46 -28.45
CA ASP C 124 0.88 16.51 -29.12
C ASP C 124 0.82 16.56 -30.64
N GLN C 125 -0.38 16.78 -31.11
CA GLN C 125 -0.71 16.78 -32.55
C GLN C 125 -0.06 17.94 -33.32
N CYS C 126 0.01 19.06 -32.64
CA CYS C 126 0.73 20.25 -33.15
C CYS C 126 2.21 19.99 -33.31
N GLN C 127 2.71 19.25 -32.34
CA GLN C 127 4.16 18.90 -32.19
C GLN C 127 4.71 18.17 -33.38
N ARG C 128 3.81 17.80 -34.28
CA ARG C 128 4.12 18.05 -35.74
C ARG C 128 3.05 18.20 -36.77
N LYS C 129 3.08 19.36 -37.36
CA LYS C 129 2.02 19.76 -38.23
C LYS C 129 2.52 20.74 -39.28
N GLN C 130 2.43 20.29 -40.51
CA GLN C 130 2.84 21.12 -41.64
C GLN C 130 1.71 22.10 -41.95
N TRP C 131 2.14 23.27 -42.38
CA TRP C 131 1.29 24.38 -42.88
C TRP C 131 1.55 24.68 -44.39
N ARG C 132 0.90 25.72 -44.87
CA ARG C 132 1.51 26.39 -46.02
C ARG C 132 2.98 26.50 -45.61
N VAL C 133 3.78 26.84 -46.58
CA VAL C 133 5.20 27.18 -46.32
C VAL C 133 5.49 28.57 -46.85
N ASP C 134 4.89 28.76 -48.00
CA ASP C 134 4.76 30.06 -48.64
C ASP C 134 3.80 30.81 -47.77
N LEU C 135 4.30 31.48 -46.73
CA LEU C 135 3.44 32.33 -45.86
C LEU C 135 3.80 33.79 -45.92
N PRO C 136 2.82 34.68 -45.81
CA PRO C 136 3.17 36.08 -45.72
C PRO C 136 3.89 36.46 -44.45
N ALA C 137 4.85 37.31 -44.60
CA ALA C 137 5.61 37.84 -43.46
C ALA C 137 4.76 38.81 -42.68
N THR C 138 5.13 38.94 -41.43
CA THR C 138 4.40 39.83 -40.52
C THR C 138 5.23 40.96 -39.94
N SER C 139 4.49 42.02 -39.66
CA SER C 139 5.01 43.20 -38.93
C SER C 139 4.49 43.14 -37.51
N VAL C 140 5.41 42.80 -36.62
CA VAL C 140 5.04 42.65 -35.20
C VAL C 140 4.99 43.99 -34.47
N VAL C 141 3.82 44.31 -33.96
CA VAL C 141 3.61 45.56 -33.24
C VAL C 141 3.47 45.40 -31.72
N ILE C 142 4.41 45.99 -31.04
CA ILE C 142 4.49 45.90 -29.58
C ILE C 142 4.53 47.26 -28.98
N THR C 143 3.57 47.44 -28.15
CA THR C 143 3.32 48.72 -27.54
C THR C 143 3.61 48.67 -26.05
N PHE C 144 4.23 49.72 -25.56
CA PHE C 144 4.61 49.72 -24.12
C PHE C 144 4.73 51.08 -23.43
N HIS C 145 4.44 51.02 -22.14
CA HIS C 145 4.56 52.18 -21.21
C HIS C 145 5.15 51.79 -19.83
N ASN C 146 6.34 52.29 -19.59
CA ASN C 146 7.13 51.95 -18.36
C ASN C 146 7.13 50.47 -18.02
N GLU C 147 7.53 49.72 -19.03
CA GLU C 147 7.65 48.25 -18.93
C GLU C 147 8.98 47.89 -18.30
N ALA C 148 8.95 46.83 -17.57
CA ALA C 148 10.19 46.22 -17.03
C ALA C 148 11.14 45.78 -18.17
N ARG C 149 12.34 46.29 -18.13
CA ARG C 149 13.31 46.00 -19.21
C ARG C 149 13.48 44.51 -19.51
N SER C 150 13.69 43.74 -18.47
CA SER C 150 13.92 42.29 -18.63
C SER C 150 12.74 41.64 -19.38
N ALA C 151 11.55 42.07 -19.02
CA ALA C 151 10.29 41.48 -19.59
C ALA C 151 10.10 41.86 -21.08
N LEU C 152 10.42 43.09 -21.34
CA LEU C 152 10.31 43.71 -22.67
C LEU C 152 11.28 43.04 -23.65
N LEU C 153 12.52 43.00 -23.21
CA LEU C 153 13.60 42.36 -23.96
C LEU C 153 13.20 40.94 -24.28
N ARG C 154 12.78 40.27 -23.23
CA ARG C 154 12.42 38.82 -23.28
C ARG C 154 11.28 38.60 -24.29
N THR C 155 10.42 39.56 -24.39
CA THR C 155 9.30 39.48 -25.36
C THR C 155 9.83 39.50 -26.80
N VAL C 156 10.57 40.56 -27.05
CA VAL C 156 11.25 40.75 -28.30
C VAL C 156 12.11 39.53 -28.71
N VAL C 157 13.00 39.10 -27.82
CA VAL C 157 13.91 37.98 -28.21
C VAL C 157 13.02 36.75 -28.47
N SER C 158 11.94 36.62 -27.72
CA SER C 158 11.10 35.41 -27.87
C SER C 158 10.51 35.37 -29.29
N VAL C 159 10.18 36.55 -29.75
CA VAL C 159 9.62 36.68 -31.12
C VAL C 159 10.68 36.32 -32.18
N LEU C 160 11.81 36.94 -32.01
CA LEU C 160 12.99 36.65 -32.89
C LEU C 160 13.45 35.19 -32.90
N LYS C 161 13.55 34.63 -31.70
CA LYS C 161 14.17 33.30 -31.53
C LYS C 161 13.24 32.17 -31.97
N LYS C 162 11.97 32.41 -31.73
CA LYS C 162 10.91 31.38 -31.90
C LYS C 162 10.16 31.43 -33.23
N SER C 163 10.49 32.44 -33.99
CA SER C 163 9.87 32.67 -35.30
C SER C 163 10.83 32.53 -36.49
N PRO C 164 10.40 31.83 -37.55
CA PRO C 164 11.23 31.75 -38.74
C PRO C 164 11.54 33.14 -39.23
N PRO C 165 12.82 33.46 -39.43
CA PRO C 165 13.20 34.85 -39.69
C PRO C 165 12.52 35.48 -40.90
N HIS C 166 12.40 34.71 -41.97
CA HIS C 166 11.82 35.26 -43.23
C HIS C 166 10.37 35.74 -43.04
N LEU C 167 9.73 35.18 -42.04
CA LEU C 167 8.33 35.54 -41.65
C LEU C 167 8.22 36.79 -40.75
N ILE C 168 9.36 37.18 -40.20
CA ILE C 168 9.44 38.38 -39.35
C ILE C 168 10.05 39.53 -40.13
N LYS C 169 9.19 40.28 -40.74
CA LYS C 169 9.62 41.47 -41.52
C LYS C 169 10.32 42.48 -40.66
N GLU C 170 9.64 42.77 -39.59
CA GLU C 170 10.07 43.79 -38.63
C GLU C 170 9.36 43.66 -37.28
N ILE C 171 10.04 44.20 -36.28
CA ILE C 171 9.43 44.32 -34.96
C ILE C 171 9.33 45.78 -34.64
N ILE C 172 8.11 46.22 -34.51
CA ILE C 172 7.79 47.65 -34.23
C ILE C 172 7.44 47.93 -32.80
N LEU C 173 8.39 48.56 -32.17
CA LEU C 173 8.27 48.94 -30.75
C LEU C 173 7.73 50.31 -30.64
N VAL C 174 6.53 50.38 -30.12
CA VAL C 174 5.90 51.69 -29.82
C VAL C 174 5.97 52.09 -28.35
N ASP C 175 6.91 52.99 -28.11
CA ASP C 175 7.17 53.58 -26.77
C ASP C 175 6.15 54.62 -26.40
N ASP C 176 5.17 54.21 -25.63
CA ASP C 176 4.05 55.11 -25.23
C ASP C 176 4.35 56.08 -24.08
N TYR C 177 5.26 56.98 -24.38
CA TYR C 177 5.69 58.05 -23.45
C TYR C 177 6.21 57.48 -22.12
N SER C 178 7.09 56.53 -22.25
CA SER C 178 7.80 55.95 -21.09
C SER C 178 8.71 56.98 -20.43
N ASN C 179 8.78 56.96 -19.12
CA ASN C 179 9.67 57.90 -18.38
C ASN C 179 11.04 57.97 -19.03
N ASP C 180 11.64 56.80 -19.15
CA ASP C 180 12.99 56.64 -19.73
C ASP C 180 12.97 56.15 -21.18
N PRO C 181 13.27 57.03 -22.14
CA PRO C 181 13.24 56.65 -23.57
C PRO C 181 14.28 55.63 -24.01
N GLU C 182 15.26 55.45 -23.15
CA GLU C 182 16.36 54.48 -23.41
C GLU C 182 15.88 53.03 -23.40
N ASP C 183 14.94 52.78 -22.51
CA ASP C 183 14.24 51.46 -22.38
C ASP C 183 14.00 50.83 -23.77
N GLY C 184 13.35 51.62 -24.59
CA GLY C 184 13.03 51.25 -26.00
C GLY C 184 14.14 51.55 -27.01
N ALA C 185 14.67 52.75 -26.89
CA ALA C 185 15.76 53.21 -27.79
C ALA C 185 16.93 52.20 -27.89
N LEU C 186 17.32 51.69 -26.74
CA LEU C 186 18.46 50.73 -26.63
C LEU C 186 18.20 49.44 -27.44
N LEU C 187 16.94 49.04 -27.40
CA LEU C 187 16.47 47.80 -28.10
C LEU C 187 16.51 47.95 -29.61
N GLY C 188 16.56 49.20 -30.00
CA GLY C 188 16.65 49.63 -31.42
C GLY C 188 17.92 49.17 -32.14
N LYS C 189 18.94 48.87 -31.35
CA LYS C 189 20.21 48.26 -31.86
C LYS C 189 19.99 46.87 -32.46
N ILE C 190 18.90 46.25 -32.03
CA ILE C 190 18.64 44.85 -32.35
C ILE C 190 18.06 44.67 -33.75
N GLU C 191 18.60 43.67 -34.41
CA GLU C 191 18.12 43.19 -35.71
C GLU C 191 16.57 43.26 -35.79
N LYS C 192 16.09 43.84 -36.89
CA LYS C 192 14.64 43.99 -37.27
C LYS C 192 13.81 44.84 -36.33
N VAL C 193 14.43 45.26 -35.25
CA VAL C 193 13.72 46.13 -34.28
C VAL C 193 13.70 47.64 -34.65
N ARG C 194 12.50 48.16 -34.83
CA ARG C 194 12.28 49.61 -35.00
C ARG C 194 11.57 50.19 -33.84
N VAL C 195 12.10 51.27 -33.32
CA VAL C 195 11.46 51.90 -32.18
C VAL C 195 10.84 53.26 -32.55
N LEU C 196 9.57 53.35 -32.23
CA LEU C 196 8.74 54.56 -32.33
C LEU C 196 8.39 55.09 -30.97
N ARG C 197 8.81 56.32 -30.69
CA ARG C 197 8.54 56.94 -29.39
C ARG C 197 7.51 58.07 -29.40
N ASN C 198 6.37 57.82 -28.76
CA ASN C 198 5.33 58.86 -28.49
C ASN C 198 5.85 59.99 -27.60
N ASP C 199 5.63 61.20 -28.13
CA ASP C 199 5.88 62.59 -27.61
C ASP C 199 5.05 62.95 -26.35
N ARG C 200 3.97 62.21 -26.24
CA ARG C 200 3.04 62.29 -25.11
C ARG C 200 2.23 61.01 -24.91
N ARG C 201 1.71 60.82 -23.71
CA ARG C 201 0.93 59.60 -23.39
C ARG C 201 -0.33 59.54 -24.25
N GLU C 202 -0.38 58.55 -25.11
CA GLU C 202 -1.50 58.32 -26.08
C GLU C 202 -2.41 57.15 -25.73
N GLY C 203 -1.81 56.24 -25.01
CA GLY C 203 -2.47 54.97 -24.65
C GLY C 203 -2.29 53.82 -25.65
N LEU C 204 -2.81 52.69 -25.24
CA LEU C 204 -2.58 51.37 -25.93
C LEU C 204 -3.17 51.37 -27.37
N MET C 205 -4.39 51.84 -27.47
CA MET C 205 -5.21 51.87 -28.75
C MET C 205 -4.57 52.74 -29.83
N ARG C 206 -4.36 53.99 -29.46
CA ARG C 206 -3.75 55.00 -30.37
C ARG C 206 -2.35 54.57 -30.81
N SER C 207 -1.59 54.13 -29.82
CA SER C 207 -0.21 53.62 -30.03
C SER C 207 -0.11 52.46 -31.05
N ARG C 208 -1.02 51.52 -30.89
CA ARG C 208 -1.13 50.38 -31.82
C ARG C 208 -1.37 50.80 -33.25
N VAL C 209 -2.26 51.74 -33.38
CA VAL C 209 -2.62 52.27 -34.70
C VAL C 209 -1.38 52.92 -35.33
N ARG C 210 -0.71 53.70 -34.52
CA ARG C 210 0.50 54.38 -34.98
C ARG C 210 1.46 53.34 -35.57
N GLY C 211 1.61 52.26 -34.82
CA GLY C 211 2.57 51.21 -35.15
C GLY C 211 2.14 50.47 -36.40
N ALA C 212 0.86 50.15 -36.42
CA ALA C 212 0.19 49.51 -37.59
C ALA C 212 0.36 50.31 -38.87
N ASP C 213 0.17 51.60 -38.70
CA ASP C 213 0.35 52.62 -39.81
C ASP C 213 1.75 52.58 -40.43
N ALA C 214 2.72 52.45 -39.54
CA ALA C 214 4.17 52.37 -39.87
C ALA C 214 4.59 51.03 -40.43
N ALA C 215 3.69 50.09 -40.32
CA ALA C 215 3.99 48.69 -40.66
C ALA C 215 4.11 48.48 -42.16
N GLN C 216 5.16 47.79 -42.53
CA GLN C 216 5.47 47.50 -43.96
C GLN C 216 4.93 46.17 -44.49
N ALA C 217 4.72 45.24 -43.59
CA ALA C 217 4.29 43.88 -43.99
C ALA C 217 2.80 43.84 -44.36
N LYS C 218 2.38 42.73 -44.92
CA LYS C 218 0.95 42.48 -45.32
C LYS C 218 0.07 42.14 -44.15
N VAL C 219 0.71 41.49 -43.23
CA VAL C 219 0.08 40.98 -42.02
C VAL C 219 0.61 41.65 -40.76
N LEU C 220 -0.35 42.08 -39.99
CA LEU C 220 -0.14 42.64 -38.66
C LEU C 220 -0.19 41.61 -37.53
N THR C 221 0.83 41.67 -36.68
CA THR C 221 0.77 40.93 -35.41
C THR C 221 0.86 41.87 -34.21
N PHE C 222 -0.17 41.84 -33.38
CA PHE C 222 -0.13 42.55 -32.08
C PHE C 222 0.20 41.69 -30.86
N LEU C 223 1.14 42.19 -30.08
CA LEU C 223 1.52 41.59 -28.76
C LEU C 223 1.69 42.60 -27.65
N ASP C 224 1.39 42.15 -26.45
CA ASP C 224 1.79 42.84 -25.20
C ASP C 224 3.29 42.88 -25.04
N SER C 225 3.74 43.76 -24.16
CA SER C 225 5.21 43.95 -23.86
C SER C 225 5.82 43.03 -22.78
N HIS C 226 4.97 42.19 -22.23
CA HIS C 226 5.39 41.15 -21.23
C HIS C 226 4.85 39.76 -21.64
N CYS C 227 5.25 39.38 -22.83
CA CYS C 227 4.90 38.08 -23.42
C CYS C 227 6.08 37.22 -23.68
N GLU C 228 5.80 35.94 -23.75
CA GLU C 228 6.80 34.91 -24.20
C GLU C 228 6.23 33.95 -25.24
N CYS C 229 6.74 34.10 -26.43
CA CYS C 229 6.37 33.21 -27.54
C CYS C 229 6.92 31.78 -27.37
N ASN C 230 6.05 30.86 -27.71
CA ASN C 230 6.36 29.43 -27.70
C ASN C 230 6.68 28.84 -29.08
N GLU C 231 7.09 27.58 -29.02
CA GLU C 231 7.41 26.78 -30.21
C GLU C 231 6.37 26.91 -31.30
N HIS C 232 6.88 27.26 -32.47
CA HIS C 232 6.07 27.36 -33.73
C HIS C 232 4.72 28.07 -33.54
N TRP C 233 4.83 29.18 -32.84
CA TRP C 233 3.66 29.97 -32.41
C TRP C 233 3.03 30.72 -33.56
N LEU C 234 3.88 31.16 -34.46
CA LEU C 234 3.47 32.11 -35.52
C LEU C 234 2.80 31.46 -36.76
N GLU C 235 3.42 30.38 -37.21
CA GLU C 235 2.99 29.69 -38.46
C GLU C 235 1.47 29.36 -38.52
N PRO C 236 0.92 28.71 -37.48
CA PRO C 236 -0.50 28.41 -37.45
C PRO C 236 -1.38 29.63 -37.54
N LEU C 237 -0.89 30.73 -37.02
CA LEU C 237 -1.68 31.97 -37.02
C LEU C 237 -1.77 32.50 -38.42
N LEU C 238 -0.61 32.58 -39.02
CA LEU C 238 -0.46 33.13 -40.39
C LEU C 238 -1.17 32.28 -41.43
N GLU C 239 -1.15 30.99 -41.23
CA GLU C 239 -1.71 30.13 -42.24
C GLU C 239 -3.17 30.41 -42.34
N ARG C 240 -3.78 30.67 -41.21
CA ARG C 240 -5.23 31.04 -41.17
C ARG C 240 -5.58 32.27 -41.97
N VAL C 241 -4.85 33.35 -41.72
CA VAL C 241 -5.21 34.65 -42.36
C VAL C 241 -4.76 34.67 -43.82
N ALA C 242 -3.81 33.81 -44.10
CA ALA C 242 -3.31 33.64 -45.49
C ALA C 242 -4.40 32.99 -46.37
N GLU C 243 -5.00 31.93 -45.85
CA GLU C 243 -6.20 31.28 -46.48
C GLU C 243 -7.41 32.19 -46.66
N ASP C 244 -7.67 32.95 -45.62
CA ASP C 244 -8.83 33.89 -45.54
C ASP C 244 -8.53 35.15 -44.74
N ARG C 245 -8.40 36.25 -45.46
CA ARG C 245 -7.89 37.57 -44.93
C ARG C 245 -8.86 38.29 -43.97
N THR C 246 -10.06 37.75 -43.90
CA THR C 246 -11.11 38.31 -42.98
C THR C 246 -11.06 37.69 -41.57
N ARG C 247 -10.30 36.60 -41.50
CA ARG C 247 -10.02 35.94 -40.23
C ARG C 247 -9.10 36.79 -39.39
N VAL C 248 -9.58 36.99 -38.20
CA VAL C 248 -8.79 37.60 -37.12
C VAL C 248 -8.51 36.58 -36.02
N VAL C 249 -7.23 36.30 -35.86
CA VAL C 249 -6.80 35.12 -35.08
C VAL C 249 -5.86 35.37 -33.92
N SER C 250 -6.03 34.48 -32.97
CA SER C 250 -5.30 34.50 -31.67
C SER C 250 -4.71 33.23 -31.21
N PRO C 251 -3.60 33.35 -30.50
CA PRO C 251 -3.13 32.14 -29.93
C PRO C 251 -3.83 31.89 -28.65
N ILE C 252 -3.65 30.66 -28.23
CA ILE C 252 -3.93 30.31 -26.86
C ILE C 252 -2.89 31.04 -26.04
N ILE C 253 -3.41 31.71 -25.05
CA ILE C 253 -2.59 32.51 -24.15
C ILE C 253 -2.21 31.78 -22.89
N ASP C 254 -1.01 31.27 -22.93
CA ASP C 254 -0.47 30.63 -21.74
C ASP C 254 -0.29 31.65 -20.62
N VAL C 255 -0.13 31.09 -19.43
CA VAL C 255 0.03 31.88 -18.19
C VAL C 255 1.45 31.94 -17.68
N ILE C 256 1.93 33.15 -17.60
CA ILE C 256 3.19 33.46 -16.90
C ILE C 256 2.94 34.08 -15.53
N ASN C 257 3.30 33.29 -14.54
CA ASN C 257 3.10 33.62 -13.13
C ASN C 257 3.80 34.91 -12.73
N MET C 258 2.99 35.82 -12.22
CA MET C 258 3.43 37.20 -11.87
C MET C 258 4.43 37.25 -10.69
N ASP C 259 4.40 36.20 -9.87
CA ASP C 259 5.24 36.12 -8.64
C ASP C 259 6.59 35.42 -8.85
N ASN C 260 6.50 34.20 -9.31
CA ASN C 260 7.71 33.32 -9.56
C ASN C 260 8.16 33.17 -11.04
N PHE C 261 7.37 33.76 -11.91
CA PHE C 261 7.63 33.79 -13.39
C PHE C 261 7.69 32.45 -14.10
N GLN C 262 7.07 31.52 -13.46
CA GLN C 262 6.86 30.22 -14.07
C GLN C 262 5.89 30.28 -15.23
N TYR C 263 6.32 29.58 -16.27
CA TYR C 263 5.55 29.46 -17.52
C TYR C 263 4.61 28.28 -17.39
N VAL C 264 3.35 28.62 -17.37
CA VAL C 264 2.28 27.62 -17.16
C VAL C 264 1.31 27.51 -18.32
N GLY C 265 1.15 26.27 -18.71
CA GLY C 265 0.27 25.91 -19.81
C GLY C 265 -1.18 26.19 -19.47
N ALA C 266 -1.83 26.93 -20.34
CA ALA C 266 -3.27 27.24 -20.22
C ALA C 266 -4.18 26.17 -20.77
N SER C 267 -5.43 26.27 -20.36
CA SER C 267 -6.49 25.40 -20.91
C SER C 267 -6.80 25.77 -22.36
N ALA C 268 -6.91 24.74 -23.17
CA ALA C 268 -7.31 24.86 -24.61
C ALA C 268 -8.81 24.73 -24.83
N ASP C 269 -9.51 24.49 -23.74
CA ASP C 269 -10.98 24.19 -23.79
C ASP C 269 -11.83 25.42 -23.59
N LEU C 270 -11.17 26.55 -23.79
CA LEU C 270 -11.77 27.87 -23.55
C LEU C 270 -12.08 28.70 -24.77
N LYS C 271 -13.22 29.35 -24.67
CA LYS C 271 -13.62 30.49 -25.55
C LYS C 271 -13.62 31.81 -24.80
N GLY C 272 -13.46 32.83 -25.60
CA GLY C 272 -13.63 34.22 -25.14
C GLY C 272 -15.11 34.55 -24.93
N GLY C 273 -15.36 35.49 -24.05
CA GLY C 273 -16.74 35.86 -23.76
C GLY C 273 -17.00 37.04 -22.85
N PHE C 274 -18.27 37.24 -22.59
CA PHE C 274 -18.70 38.31 -21.69
C PHE C 274 -20.09 38.17 -21.08
N ASP C 275 -20.23 38.94 -20.03
CA ASP C 275 -21.52 39.19 -19.39
C ASP C 275 -22.05 40.57 -19.78
N TRP C 276 -23.30 40.82 -19.43
CA TRP C 276 -24.00 42.11 -19.80
C TRP C 276 -23.36 43.41 -19.24
N ASN C 277 -22.60 43.26 -18.17
CA ASN C 277 -21.66 44.34 -17.64
C ASN C 277 -20.45 44.63 -18.59
N LEU C 278 -20.50 43.97 -19.73
CA LEU C 278 -19.43 44.02 -20.80
C LEU C 278 -18.00 43.80 -20.33
N VAL C 279 -17.88 43.12 -19.21
CA VAL C 279 -16.53 42.69 -18.73
C VAL C 279 -16.10 41.34 -19.32
N PHE C 280 -14.89 41.36 -19.86
CA PHE C 280 -14.33 40.15 -20.51
C PHE C 280 -14.23 39.02 -19.52
N LYS C 281 -14.53 37.86 -20.04
CA LYS C 281 -14.41 36.63 -19.28
C LYS C 281 -14.17 35.41 -20.15
N TRP C 282 -13.58 34.40 -19.51
CA TRP C 282 -13.36 33.09 -20.14
C TRP C 282 -14.54 32.14 -19.94
N ASP C 283 -15.12 31.77 -21.06
CA ASP C 283 -16.16 30.72 -21.10
C ASP C 283 -15.50 29.37 -21.35
N TYR C 284 -15.99 28.36 -20.67
CA TYR C 284 -15.72 26.95 -21.07
C TYR C 284 -16.56 26.64 -22.30
N MET C 285 -16.02 25.80 -23.16
CA MET C 285 -16.81 25.28 -24.28
C MET C 285 -17.94 24.45 -23.74
N THR C 286 -19.05 24.46 -24.49
CA THR C 286 -20.19 23.53 -24.18
C THR C 286 -19.75 22.07 -24.45
N PRO C 287 -20.18 21.10 -23.61
CA PRO C 287 -19.86 19.67 -23.81
C PRO C 287 -20.21 19.20 -25.23
N GLU C 288 -21.30 19.76 -25.72
CA GLU C 288 -21.75 19.65 -27.14
C GLU C 288 -20.59 19.95 -28.11
N GLN C 289 -20.10 21.16 -27.98
CA GLN C 289 -18.94 21.69 -28.79
C GLN C 289 -17.70 20.81 -28.63
N ARG C 290 -17.33 20.62 -27.37
CA ARG C 290 -16.14 19.82 -26.96
C ARG C 290 -16.11 18.50 -27.68
N ARG C 291 -17.24 17.84 -27.56
CA ARG C 291 -17.47 16.47 -28.08
C ARG C 291 -17.28 16.41 -29.61
N SER C 292 -17.86 17.40 -30.25
CA SER C 292 -17.89 17.54 -31.74
C SER C 292 -16.53 17.84 -32.35
N ARG C 293 -15.61 18.19 -31.48
CA ARG C 293 -14.17 18.47 -31.82
C ARG C 293 -13.25 17.27 -31.61
N GLN C 294 -13.70 16.36 -30.76
CA GLN C 294 -12.96 15.13 -30.37
C GLN C 294 -12.23 14.54 -31.58
N GLY C 295 -12.92 14.65 -32.71
CA GLY C 295 -12.39 14.28 -34.04
C GLY C 295 -11.05 14.94 -34.37
N ASN C 296 -11.07 16.26 -34.36
CA ASN C 296 -9.83 17.14 -34.43
C ASN C 296 -9.70 18.16 -33.27
N PRO C 297 -8.96 17.83 -32.20
CA PRO C 297 -8.90 18.65 -30.99
C PRO C 297 -8.07 19.93 -31.07
N VAL C 298 -7.25 20.05 -32.10
CA VAL C 298 -6.43 21.29 -32.33
C VAL C 298 -6.96 22.16 -33.46
N ALA C 299 -8.21 21.96 -33.77
CA ALA C 299 -8.89 22.77 -34.80
C ALA C 299 -9.13 24.18 -34.31
N PRO C 300 -9.24 25.13 -35.24
CA PRO C 300 -9.60 26.46 -34.82
C PRO C 300 -10.85 26.46 -34.01
N ILE C 301 -10.90 27.37 -33.09
CA ILE C 301 -12.08 27.57 -32.25
C ILE C 301 -12.67 28.96 -32.50
N LYS C 302 -13.89 28.95 -32.97
CA LYS C 302 -14.67 30.18 -33.14
C LYS C 302 -14.81 30.80 -31.78
N THR C 303 -14.50 32.07 -31.69
CA THR C 303 -14.70 32.85 -30.42
C THR C 303 -15.49 34.17 -30.62
N PRO C 304 -16.50 34.45 -29.79
CA PRO C 304 -17.31 35.65 -29.98
C PRO C 304 -16.58 36.89 -29.56
N MET C 305 -15.55 36.61 -28.82
CA MET C 305 -14.69 37.66 -28.35
C MET C 305 -13.24 37.25 -28.15
N ILE C 306 -12.40 38.21 -28.43
CA ILE C 306 -10.96 38.04 -28.29
C ILE C 306 -10.46 38.74 -27.03
N ALA C 307 -9.52 38.11 -26.36
CA ALA C 307 -8.89 38.66 -25.11
C ALA C 307 -8.39 40.11 -25.35
N GLY C 308 -7.61 40.21 -26.40
CA GLY C 308 -7.33 41.51 -27.08
C GLY C 308 -5.86 41.89 -27.15
N GLY C 309 -5.15 41.51 -26.11
CA GLY C 309 -3.72 41.84 -26.08
C GLY C 309 -2.97 41.22 -27.29
N LEU C 310 -3.34 40.01 -27.61
CA LEU C 310 -2.57 39.16 -28.51
C LEU C 310 -3.39 38.66 -29.69
N PHE C 311 -3.17 39.29 -30.82
CA PHE C 311 -3.77 38.78 -32.06
C PHE C 311 -3.08 39.16 -33.35
N VAL C 312 -3.53 38.43 -34.35
CA VAL C 312 -3.00 38.50 -35.70
C VAL C 312 -4.11 38.86 -36.66
N MET C 313 -3.77 39.81 -37.50
CA MET C 313 -4.73 40.43 -38.43
C MET C 313 -4.11 40.94 -39.72
N ASP C 314 -4.84 40.68 -40.79
CA ASP C 314 -4.47 41.18 -42.14
C ASP C 314 -4.44 42.71 -42.14
N LYS C 315 -3.32 43.27 -42.55
CA LYS C 315 -3.07 44.74 -42.46
C LYS C 315 -4.09 45.55 -43.22
N PHE C 316 -4.33 45.12 -44.43
CA PHE C 316 -5.32 45.78 -45.30
C PHE C 316 -6.71 45.75 -44.65
N TYR C 317 -7.05 44.57 -44.16
CA TYR C 317 -8.39 44.29 -43.54
C TYR C 317 -8.62 45.14 -42.32
N PHE C 318 -7.53 45.28 -41.59
CA PHE C 318 -7.46 46.13 -40.36
C PHE C 318 -7.87 47.57 -40.67
N GLU C 319 -7.30 48.04 -41.75
CA GLU C 319 -7.45 49.43 -42.26
C GLU C 319 -8.86 49.67 -42.80
N GLU C 320 -9.23 48.77 -43.68
CA GLU C 320 -10.59 48.65 -44.25
C GLU C 320 -11.71 48.73 -43.22
N LEU C 321 -11.64 47.85 -42.24
CA LEU C 321 -12.67 47.73 -41.15
C LEU C 321 -12.70 48.87 -40.16
N GLY C 322 -11.75 49.76 -40.31
CA GLY C 322 -11.73 51.03 -39.53
C GLY C 322 -10.79 51.04 -38.36
N LYS C 323 -9.70 50.35 -38.60
CA LYS C 323 -8.56 50.32 -37.66
C LYS C 323 -9.06 50.03 -36.25
N TYR C 324 -8.70 50.95 -35.36
CA TYR C 324 -9.27 51.06 -33.99
C TYR C 324 -10.00 52.35 -33.87
N ASP C 325 -10.96 52.34 -32.97
CA ASP C 325 -11.65 53.60 -32.51
C ASP C 325 -10.65 54.52 -31.86
N MET C 326 -10.44 55.62 -32.56
CA MET C 326 -9.31 56.56 -32.29
C MET C 326 -9.48 57.47 -31.08
N MET C 327 -10.72 57.56 -30.63
CA MET C 327 -11.15 58.42 -29.47
C MET C 327 -11.24 57.68 -28.13
N MET C 328 -10.84 56.44 -28.15
CA MET C 328 -10.78 55.66 -26.92
C MET C 328 -9.49 55.98 -26.18
N ASP C 329 -9.45 55.67 -24.90
CA ASP C 329 -8.36 56.13 -23.98
C ASP C 329 -7.74 55.13 -23.02
N VAL C 330 -6.43 55.25 -22.97
CA VAL C 330 -5.50 54.52 -22.03
C VAL C 330 -5.66 52.98 -22.02
N TRP C 331 -6.73 52.53 -21.43
CA TRP C 331 -6.91 51.08 -21.25
C TRP C 331 -8.35 50.60 -21.33
N GLY C 332 -8.47 49.34 -21.71
CA GLY C 332 -9.72 48.65 -21.72
C GLY C 332 -10.72 49.23 -22.69
N GLY C 333 -11.51 48.33 -23.26
CA GLY C 333 -12.64 48.67 -24.08
C GLY C 333 -12.48 48.38 -25.53
N GLU C 334 -11.26 48.39 -26.02
CA GLU C 334 -11.03 48.26 -27.47
C GLU C 334 -11.26 46.84 -28.02
N ASN C 335 -10.88 45.85 -27.22
CA ASN C 335 -11.06 44.39 -27.53
C ASN C 335 -12.54 44.06 -27.77
N LEU C 336 -13.33 44.69 -26.92
CA LEU C 336 -14.80 44.69 -26.95
C LEU C 336 -15.30 45.17 -28.32
N GLU C 337 -14.92 46.39 -28.61
CA GLU C 337 -15.34 47.10 -29.83
C GLU C 337 -14.97 46.37 -31.15
N ILE C 338 -13.69 46.08 -31.24
CA ILE C 338 -13.12 45.38 -32.41
C ILE C 338 -13.77 44.02 -32.63
N SER C 339 -14.02 43.33 -31.54
CA SER C 339 -14.61 41.97 -31.60
C SER C 339 -16.01 42.03 -32.25
N PHE C 340 -16.78 42.98 -31.77
CA PHE C 340 -18.14 43.21 -32.33
C PHE C 340 -18.08 43.58 -33.79
N ARG C 341 -17.31 44.62 -34.01
CA ARG C 341 -17.09 45.17 -35.37
C ARG C 341 -16.68 44.06 -36.39
N VAL C 342 -15.64 43.31 -36.07
CA VAL C 342 -15.17 42.23 -36.99
C VAL C 342 -16.30 41.25 -37.41
N TRP C 343 -16.98 40.75 -36.40
CA TRP C 343 -18.02 39.69 -36.56
C TRP C 343 -19.20 40.23 -37.37
N GLN C 344 -19.69 41.35 -36.86
CA GLN C 344 -20.87 42.07 -37.42
C GLN C 344 -20.66 42.50 -38.88
N CYS C 345 -19.44 42.92 -39.17
CA CYS C 345 -19.05 43.39 -40.53
C CYS C 345 -18.41 42.33 -41.45
N GLY C 346 -18.73 41.09 -41.20
CA GLY C 346 -18.49 39.95 -42.16
C GLY C 346 -17.24 39.12 -41.94
N GLY C 347 -16.52 39.54 -40.94
CA GLY C 347 -15.29 38.89 -40.54
C GLY C 347 -15.51 37.81 -39.51
N SER C 348 -14.42 37.18 -39.13
CA SER C 348 -14.46 36.16 -38.06
C SER C 348 -13.32 36.28 -37.06
N LEU C 349 -13.59 35.70 -35.91
CA LEU C 349 -12.65 35.64 -34.76
C LEU C 349 -12.28 34.21 -34.39
N GLU C 350 -11.00 33.94 -34.38
CA GLU C 350 -10.52 32.58 -33.98
C GLU C 350 -9.47 32.56 -32.90
N ILE C 351 -9.61 31.54 -32.08
CA ILE C 351 -8.53 31.04 -31.20
C ILE C 351 -7.89 29.80 -31.83
N ILE C 352 -6.58 29.80 -31.81
CA ILE C 352 -5.78 28.79 -32.52
C ILE C 352 -4.88 27.97 -31.58
N PRO C 353 -5.34 26.79 -31.15
CA PRO C 353 -4.67 25.96 -30.14
C PRO C 353 -3.21 25.58 -30.35
N CYS C 354 -2.82 25.41 -31.59
CA CYS C 354 -1.41 25.06 -31.88
C CYS C 354 -0.46 26.24 -31.68
N SER C 355 -1.09 27.39 -31.63
CA SER C 355 -0.40 28.66 -31.33
C SER C 355 -0.44 29.03 -29.85
N ARG C 356 0.75 29.09 -29.31
CA ARG C 356 0.96 29.32 -27.87
C ARG C 356 1.87 30.47 -27.54
N VAL C 357 1.27 31.36 -26.78
CA VAL C 357 1.98 32.55 -26.30
C VAL C 357 1.69 32.85 -24.84
N GLY C 358 2.79 32.84 -24.15
CA GLY C 358 2.85 33.14 -22.73
C GLY C 358 2.56 34.61 -22.49
N HIS C 359 1.83 34.85 -21.43
CA HIS C 359 1.53 36.23 -21.03
C HIS C 359 1.58 36.40 -19.52
N VAL C 360 2.27 37.44 -19.10
CA VAL C 360 2.29 37.79 -17.67
C VAL C 360 0.95 38.41 -17.24
N PHE C 361 0.14 37.56 -16.65
CA PHE C 361 -1.12 38.04 -16.10
C PHE C 361 -0.87 38.59 -14.74
N ARG C 362 -1.48 39.75 -14.56
CA ARG C 362 -1.50 40.38 -13.24
C ARG C 362 -2.91 40.78 -12.77
N LYS C 363 -2.99 41.08 -11.48
CA LYS C 363 -4.29 41.35 -10.78
C LYS C 363 -4.66 42.83 -10.83
N GLN C 364 -3.63 43.65 -10.73
CA GLN C 364 -3.77 45.11 -10.62
C GLN C 364 -3.60 45.80 -11.95
N HIS C 365 -2.43 46.40 -12.20
CA HIS C 365 -2.32 47.53 -13.16
C HIS C 365 -1.39 48.66 -12.67
N PRO C 366 -0.31 48.95 -13.41
CA PRO C 366 0.53 50.14 -13.29
C PRO C 366 0.38 51.07 -14.48
N GLY C 374 -12.39 52.68 -13.93
CA GLY C 374 -13.73 53.14 -13.58
C GLY C 374 -14.35 53.98 -14.70
N THR C 375 -13.77 55.15 -14.87
CA THR C 375 -14.28 56.15 -15.85
C THR C 375 -13.86 55.79 -17.28
N VAL C 376 -12.54 55.78 -17.47
CA VAL C 376 -11.93 55.52 -18.80
C VAL C 376 -12.49 54.20 -19.37
N PHE C 377 -12.58 53.21 -18.47
CA PHE C 377 -13.16 51.90 -18.80
C PHE C 377 -14.60 52.06 -19.25
N ALA C 378 -15.38 52.79 -18.45
CA ALA C 378 -16.83 53.06 -18.72
C ALA C 378 -17.02 53.86 -20.01
N ARG C 379 -16.16 54.86 -20.15
CA ARG C 379 -16.17 55.76 -21.33
C ARG C 379 -16.07 54.94 -22.64
N ASN C 380 -14.99 54.19 -22.69
CA ASN C 380 -14.66 53.35 -23.88
C ASN C 380 -15.70 52.30 -24.14
N THR C 381 -16.04 51.62 -23.07
CA THR C 381 -17.12 50.58 -23.09
C THR C 381 -18.40 51.15 -23.68
N ARG C 382 -18.70 52.35 -23.26
CA ARG C 382 -19.89 53.08 -23.74
C ARG C 382 -19.86 53.31 -25.24
N ARG C 383 -18.72 53.84 -25.66
CA ARG C 383 -18.45 54.14 -27.10
C ARG C 383 -18.71 52.92 -28.00
N ALA C 384 -18.30 51.77 -27.47
CA ALA C 384 -18.48 50.48 -28.16
C ALA C 384 -19.95 50.09 -28.23
N ALA C 385 -20.54 50.11 -27.05
CA ALA C 385 -21.96 49.71 -26.82
C ALA C 385 -22.93 50.57 -27.64
N GLU C 386 -22.67 51.87 -27.59
CA GLU C 386 -23.52 52.88 -28.28
C GLU C 386 -23.52 52.71 -29.81
N VAL C 387 -22.38 52.33 -30.31
CA VAL C 387 -22.17 52.15 -31.77
C VAL C 387 -22.67 50.81 -32.36
N TRP C 388 -22.46 49.75 -31.60
CA TRP C 388 -22.60 48.33 -32.12
C TRP C 388 -23.80 47.51 -31.63
N MET C 389 -24.18 47.79 -30.39
CA MET C 389 -25.09 46.92 -29.60
C MET C 389 -26.55 47.14 -29.87
N ASP C 390 -26.81 48.23 -30.57
CA ASP C 390 -28.19 48.68 -30.87
C ASP C 390 -28.99 48.84 -29.55
N GLU C 391 -30.21 48.32 -29.54
CA GLU C 391 -31.12 48.40 -28.34
C GLU C 391 -30.58 47.65 -27.12
N TYR C 392 -29.91 46.55 -27.43
CA TYR C 392 -29.31 45.64 -26.42
C TYR C 392 -28.30 46.32 -25.50
N LYS C 393 -27.89 47.50 -25.91
CA LYS C 393 -27.01 48.38 -25.07
C LYS C 393 -27.61 48.67 -23.69
N ASN C 394 -28.93 48.66 -23.68
CA ASN C 394 -29.73 48.93 -22.47
C ASN C 394 -29.48 47.91 -21.35
N PHE C 395 -29.36 46.67 -21.79
CA PHE C 395 -29.03 45.52 -20.90
C PHE C 395 -27.69 45.75 -20.18
N TYR C 396 -26.77 46.37 -20.89
CA TYR C 396 -25.45 46.85 -20.32
C TYR C 396 -25.70 47.87 -19.18
N TYR C 397 -26.49 48.87 -19.53
CA TYR C 397 -26.87 49.98 -18.61
C TYR C 397 -27.65 49.49 -17.39
N ALA C 398 -28.46 48.49 -17.66
CA ALA C 398 -29.21 47.74 -16.61
C ALA C 398 -28.26 47.09 -15.59
N ALA C 399 -27.22 46.47 -16.13
CA ALA C 399 -26.16 45.80 -15.32
C ALA C 399 -25.26 46.81 -14.62
N VAL C 400 -25.06 47.89 -15.32
CA VAL C 400 -24.28 49.02 -14.85
C VAL C 400 -25.08 50.29 -15.05
N PRO C 401 -25.48 51.00 -13.94
CA PRO C 401 -26.27 52.16 -14.26
C PRO C 401 -25.45 53.40 -14.07
N SER C 402 -24.43 53.33 -13.23
CA SER C 402 -23.44 54.40 -13.03
C SER C 402 -22.97 54.92 -14.36
N ALA C 403 -22.93 54.00 -15.31
CA ALA C 403 -22.40 54.22 -16.68
C ALA C 403 -23.23 55.16 -17.57
N ARG C 404 -24.51 55.23 -17.26
CA ARG C 404 -25.46 56.17 -17.98
C ARG C 404 -24.98 57.63 -17.90
N ASN C 405 -24.31 57.91 -16.79
CA ASN C 405 -23.79 59.27 -16.39
C ASN C 405 -22.46 59.68 -16.98
N VAL C 406 -21.68 58.68 -17.32
CA VAL C 406 -20.32 58.88 -17.86
C VAL C 406 -20.35 59.41 -19.30
N PRO C 407 -19.78 60.61 -19.53
CA PRO C 407 -19.74 61.08 -20.89
C PRO C 407 -18.66 60.38 -21.69
N TYR C 408 -19.06 60.03 -22.89
CA TYR C 408 -18.25 59.17 -23.77
C TYR C 408 -17.67 59.91 -24.98
N GLY C 409 -18.48 60.80 -25.50
CA GLY C 409 -18.06 61.72 -26.56
C GLY C 409 -18.74 61.52 -27.90
N ASN C 410 -18.08 62.00 -28.92
CA ASN C 410 -18.62 61.88 -30.27
C ASN C 410 -18.35 60.51 -30.79
N ILE C 411 -19.22 60.08 -31.70
CA ILE C 411 -19.11 58.77 -32.32
C ILE C 411 -19.67 58.75 -33.74
N GLN C 412 -19.55 59.90 -34.38
CA GLN C 412 -20.19 60.13 -35.69
C GLN C 412 -19.60 59.25 -36.77
N SER C 413 -18.27 59.23 -36.78
CA SER C 413 -17.53 58.43 -37.76
C SER C 413 -17.85 56.95 -37.61
N ARG C 414 -17.59 56.42 -36.42
CA ARG C 414 -17.85 55.00 -36.15
C ARG C 414 -19.22 54.58 -36.67
N LEU C 415 -20.20 55.47 -36.54
CA LEU C 415 -21.57 55.19 -37.02
C LEU C 415 -21.67 55.15 -38.54
N GLU C 416 -21.04 56.16 -39.13
CA GLU C 416 -20.88 56.28 -40.61
C GLU C 416 -20.17 55.05 -41.18
N LEU C 417 -19.13 54.69 -40.45
CA LEU C 417 -18.27 53.53 -40.74
C LEU C 417 -19.06 52.24 -40.83
N ARG C 418 -19.92 52.09 -39.84
CA ARG C 418 -20.82 50.91 -39.72
C ARG C 418 -21.79 50.83 -40.91
N LYS C 419 -22.35 51.99 -41.21
CA LYS C 419 -23.26 52.18 -42.38
C LYS C 419 -22.55 51.72 -43.65
N LYS C 420 -21.45 52.42 -43.87
CA LYS C 420 -20.53 52.25 -45.04
C LYS C 420 -20.17 50.79 -45.30
N LEU C 421 -19.86 50.11 -44.21
CA LEU C 421 -19.42 48.68 -44.24
C LEU C 421 -20.55 47.68 -44.48
N SER C 422 -21.74 48.19 -44.31
CA SER C 422 -22.97 47.39 -44.48
C SER C 422 -23.04 46.27 -43.42
N CYS C 423 -22.76 46.65 -42.19
CA CYS C 423 -22.62 45.67 -41.06
C CYS C 423 -23.97 45.15 -40.62
N LYS C 424 -23.96 43.94 -40.09
CA LYS C 424 -25.19 43.29 -39.54
C LYS C 424 -25.58 43.85 -38.17
N PRO C 425 -26.84 43.65 -37.76
CA PRO C 425 -27.19 44.17 -36.46
C PRO C 425 -26.78 43.26 -35.34
N PHE C 426 -26.76 43.86 -34.16
CA PHE C 426 -26.32 43.15 -32.94
C PHE C 426 -27.12 41.88 -32.67
N LYS C 427 -28.40 41.97 -32.94
CA LYS C 427 -29.33 40.82 -32.80
C LYS C 427 -28.77 39.58 -33.53
N TRP C 428 -28.26 39.84 -34.71
CA TRP C 428 -27.62 38.82 -35.59
C TRP C 428 -26.42 38.20 -34.89
N TYR C 429 -25.60 39.10 -34.38
CA TYR C 429 -24.39 38.74 -33.61
C TYR C 429 -24.72 37.75 -32.49
N LEU C 430 -25.72 38.12 -31.72
CA LEU C 430 -26.18 37.31 -30.55
C LEU C 430 -26.68 35.94 -30.94
N GLU C 431 -27.46 35.95 -32.00
CA GLU C 431 -28.10 34.71 -32.57
C GLU C 431 -27.10 33.73 -33.17
N ASN C 432 -26.20 34.29 -33.96
CA ASN C 432 -25.26 33.49 -34.79
C ASN C 432 -23.87 33.27 -34.24
N VAL C 433 -23.42 34.24 -33.48
CA VAL C 433 -22.04 34.27 -32.94
C VAL C 433 -21.93 33.90 -31.46
N TYR C 434 -22.73 34.57 -30.67
CA TYR C 434 -22.79 34.39 -29.17
C TYR C 434 -24.18 33.96 -28.64
N PRO C 435 -24.73 32.84 -29.15
CA PRO C 435 -26.05 32.39 -28.71
C PRO C 435 -26.11 31.91 -27.27
N GLU C 436 -25.00 31.41 -26.77
CA GLU C 436 -24.92 30.94 -25.35
C GLU C 436 -25.02 32.10 -24.36
N LEU C 437 -24.87 33.31 -24.87
CA LEU C 437 -25.06 34.50 -24.01
C LEU C 437 -26.53 34.59 -23.70
N ARG C 438 -26.83 34.49 -22.42
CA ARG C 438 -28.23 34.49 -21.99
C ARG C 438 -28.86 35.91 -21.95
N VAL C 439 -29.85 36.05 -22.80
CA VAL C 439 -30.48 37.36 -23.16
C VAL C 439 -31.90 37.53 -22.61
N PRO C 440 -32.13 38.58 -21.81
CA PRO C 440 -33.45 38.72 -21.26
C PRO C 440 -34.49 38.97 -22.30
N ASP C 441 -35.67 38.51 -21.96
CA ASP C 441 -36.87 38.89 -22.71
C ASP C 441 -37.00 40.43 -22.69
N HIS C 442 -37.50 40.97 -23.78
CA HIS C 442 -37.57 42.46 -23.99
C HIS C 442 -38.42 43.20 -22.92
N GLN C 443 -39.37 42.45 -22.37
CA GLN C 443 -40.36 42.95 -21.34
C GLN C 443 -40.10 42.57 -19.88
N ASP C 444 -39.16 41.67 -19.71
CA ASP C 444 -38.65 41.34 -18.37
C ASP C 444 -38.37 42.63 -17.59
N ILE C 445 -38.79 42.62 -16.35
CA ILE C 445 -38.57 43.77 -15.39
C ILE C 445 -37.15 43.73 -14.82
N ALA C 446 -36.77 42.53 -14.48
CA ALA C 446 -35.43 42.26 -13.98
C ALA C 446 -34.95 40.90 -14.42
N PHE C 447 -33.65 40.72 -14.28
CA PHE C 447 -32.99 39.53 -14.85
C PHE C 447 -31.65 39.16 -14.23
N GLY C 448 -31.39 37.88 -14.35
CA GLY C 448 -30.06 37.30 -14.07
C GLY C 448 -30.03 36.48 -12.81
N ALA C 449 -29.04 36.74 -11.98
CA ALA C 449 -28.94 36.01 -10.72
C ALA C 449 -29.69 36.78 -9.64
N LEU C 450 -30.28 36.02 -8.72
CA LEU C 450 -30.96 36.59 -7.51
C LEU C 450 -30.07 36.47 -6.29
N GLN C 451 -29.35 37.55 -6.06
CA GLN C 451 -28.30 37.59 -5.04
C GLN C 451 -28.73 37.98 -3.64
N GLN C 452 -28.22 37.19 -2.72
CA GLN C 452 -28.28 37.45 -1.28
C GLN C 452 -26.92 37.23 -0.66
N GLY C 453 -26.25 38.36 -0.46
CA GLY C 453 -24.83 38.44 -0.11
C GLY C 453 -23.97 37.71 -1.15
N THR C 454 -23.15 36.78 -0.68
CA THR C 454 -22.36 35.87 -1.59
C THR C 454 -23.17 34.65 -2.04
N ASN C 455 -24.35 34.55 -1.47
CA ASN C 455 -25.31 33.50 -1.85
C ASN C 455 -26.27 33.94 -2.95
N CYS C 456 -26.66 32.94 -3.73
CA CYS C 456 -27.69 33.08 -4.80
C CYS C 456 -28.79 32.09 -4.65
N LEU C 457 -30.01 32.56 -4.95
CA LEU C 457 -31.15 31.65 -5.13
C LEU C 457 -30.88 30.72 -6.31
N ASP C 458 -31.10 29.43 -6.09
CA ASP C 458 -30.83 28.47 -7.17
C ASP C 458 -31.71 27.18 -7.09
N THR C 459 -31.18 26.12 -7.72
CA THR C 459 -31.73 24.74 -7.58
C THR C 459 -32.81 24.46 -8.65
N LEU C 460 -33.13 23.24 -9.05
CA LEU C 460 -32.47 21.94 -8.73
C LEU C 460 -33.46 20.78 -8.84
N GLY C 461 -34.59 20.96 -8.15
CA GLY C 461 -35.70 20.07 -8.24
C GLY C 461 -36.49 20.42 -9.48
N HIS C 462 -37.81 20.31 -9.41
CA HIS C 462 -38.70 20.55 -10.55
C HIS C 462 -40.11 20.63 -9.97
N VAL C 470 -30.98 27.96 -2.28
CA VAL C 470 -29.80 28.81 -2.41
C VAL C 470 -28.59 27.94 -2.25
N TYR C 471 -27.60 28.21 -3.09
CA TYR C 471 -26.31 27.50 -3.07
C TYR C 471 -25.25 28.57 -3.05
N GLU C 472 -24.08 28.21 -2.55
CA GLU C 472 -22.92 29.13 -2.57
C GLU C 472 -22.65 29.45 -4.06
N CYS C 473 -22.79 30.72 -4.43
CA CYS C 473 -22.86 31.10 -5.86
C CYS C 473 -21.54 30.71 -6.54
N GLY C 478 -28.32 29.34 -15.40
CA GLY C 478 -28.66 27.93 -15.53
C GLY C 478 -28.68 27.21 -14.20
N ASN C 479 -29.80 27.39 -13.50
CA ASN C 479 -30.02 26.91 -12.10
C ASN C 479 -29.80 28.08 -11.10
N GLN C 480 -28.98 28.97 -11.59
CA GLN C 480 -28.71 30.28 -10.96
C GLN C 480 -29.46 31.38 -11.73
N GLU C 481 -30.04 30.95 -12.81
CA GLU C 481 -30.64 31.87 -13.77
C GLU C 481 -32.12 32.12 -13.52
N TRP C 482 -32.39 33.38 -13.29
CA TRP C 482 -33.76 33.87 -12.96
C TRP C 482 -34.19 35.13 -13.68
N ALA C 483 -35.49 35.26 -13.73
CA ALA C 483 -36.13 36.45 -14.31
C ALA C 483 -37.33 36.92 -13.51
N LEU C 484 -37.42 38.25 -13.41
CA LEU C 484 -38.64 38.94 -12.93
C LEU C 484 -39.43 39.46 -14.15
N THR C 485 -40.51 38.78 -14.43
CA THR C 485 -41.34 39.06 -15.61
C THR C 485 -42.31 40.21 -15.45
N LYS C 486 -42.78 40.69 -16.60
CA LYS C 486 -43.85 41.72 -16.67
C LYS C 486 -45.17 41.25 -16.03
N GLU C 487 -45.38 39.93 -16.13
CA GLU C 487 -46.53 39.25 -15.44
C GLU C 487 -46.35 39.17 -13.91
N LYS C 488 -45.36 39.89 -13.42
CA LYS C 488 -44.98 39.99 -11.98
C LYS C 488 -44.50 38.67 -11.38
N SER C 489 -43.97 37.84 -12.25
CA SER C 489 -43.54 36.50 -11.86
C SER C 489 -42.02 36.30 -11.83
N VAL C 490 -41.61 35.45 -10.90
CA VAL C 490 -40.18 35.10 -10.70
C VAL C 490 -39.90 33.74 -11.28
N LYS C 491 -39.51 33.76 -12.54
CA LYS C 491 -39.35 32.51 -13.31
C LYS C 491 -37.91 32.09 -13.59
N HIS C 492 -37.76 30.78 -13.45
CA HIS C 492 -36.61 30.02 -13.96
C HIS C 492 -37.08 29.03 -15.00
N MET C 493 -36.54 29.19 -16.18
CA MET C 493 -37.01 28.46 -17.37
C MET C 493 -38.50 28.73 -17.55
N ASP C 494 -39.27 27.66 -17.63
CA ASP C 494 -40.78 27.74 -17.63
C ASP C 494 -41.37 27.40 -16.25
N LEU C 495 -40.51 27.45 -15.25
CA LEU C 495 -40.91 27.26 -13.84
C LEU C 495 -40.97 28.57 -13.05
N CYS C 496 -41.86 28.57 -12.07
CA CYS C 496 -42.19 29.79 -11.30
C CYS C 496 -42.24 29.64 -9.78
N LEU C 497 -41.68 30.63 -9.10
CA LEU C 497 -41.78 30.71 -7.63
C LEU C 497 -43.23 30.88 -7.26
N THR C 498 -43.69 29.89 -6.52
CA THR C 498 -45.11 29.72 -6.17
C THR C 498 -45.37 29.62 -4.68
N VAL C 499 -46.13 30.61 -4.24
CA VAL C 499 -46.67 30.68 -2.86
C VAL C 499 -47.86 29.70 -2.68
N VAL C 500 -47.46 28.49 -2.35
CA VAL C 500 -48.39 27.35 -2.19
C VAL C 500 -49.23 27.46 -0.94
N ASP C 501 -48.67 28.14 0.04
CA ASP C 501 -49.24 28.23 1.40
C ASP C 501 -48.86 29.55 2.05
N ARG C 502 -49.88 30.37 2.27
CA ARG C 502 -49.74 31.75 2.84
C ARG C 502 -49.32 31.69 4.30
N LYS C 509 -42.75 26.57 -3.30
CA LYS C 509 -42.57 25.63 -4.40
C LYS C 509 -42.40 26.18 -5.82
N LEU C 510 -41.60 25.41 -6.53
CA LEU C 510 -41.44 25.50 -7.98
C LEU C 510 -42.65 24.88 -8.69
N GLN C 511 -43.27 25.70 -9.50
CA GLN C 511 -44.42 25.28 -10.32
C GLN C 511 -44.48 25.91 -11.68
N GLY C 512 -45.03 25.13 -12.59
CA GLY C 512 -45.23 25.55 -13.96
C GLY C 512 -45.89 26.91 -14.01
N CYS C 513 -45.28 27.84 -14.73
CA CYS C 513 -45.81 29.24 -14.79
C CYS C 513 -47.16 29.33 -15.45
N ARG C 514 -48.11 29.89 -14.71
CA ARG C 514 -49.42 30.23 -15.28
C ARG C 514 -49.61 31.72 -15.21
N GLU C 515 -49.84 32.33 -16.37
CA GLU C 515 -49.89 33.79 -16.48
C GLU C 515 -50.86 34.38 -15.49
N ASP C 516 -51.98 33.70 -15.31
CA ASP C 516 -52.99 34.31 -14.46
C ASP C 516 -53.17 33.69 -13.08
N ASP C 517 -52.29 32.77 -12.74
CA ASP C 517 -52.22 32.34 -11.34
C ASP C 517 -51.95 33.57 -10.49
N SER C 518 -51.83 33.38 -9.20
CA SER C 518 -51.60 34.52 -8.33
C SER C 518 -50.67 34.22 -7.18
N ARG C 519 -50.71 32.96 -6.79
CA ARG C 519 -49.75 32.39 -5.88
C ARG C 519 -48.37 32.51 -6.46
N GLN C 520 -48.27 33.12 -7.64
CA GLN C 520 -46.99 33.25 -8.40
C GLN C 520 -46.51 34.67 -8.62
N LYS C 521 -47.23 35.56 -7.97
CA LYS C 521 -47.06 37.00 -8.18
C LYS C 521 -46.17 37.64 -7.11
N TRP C 522 -45.14 38.29 -7.61
CA TRP C 522 -44.11 38.95 -6.79
C TRP C 522 -43.81 40.38 -7.21
N GLU C 523 -43.58 41.18 -6.18
CA GLU C 523 -43.15 42.59 -6.34
C GLU C 523 -41.88 42.94 -5.59
N GLN C 524 -41.05 43.68 -6.28
CA GLN C 524 -39.84 44.30 -5.69
C GLN C 524 -40.16 45.46 -4.79
N ILE C 525 -39.49 45.43 -3.66
CA ILE C 525 -39.61 46.50 -2.67
C ILE C 525 -38.31 47.22 -2.38
N GLU C 526 -38.45 48.32 -1.66
CA GLU C 526 -37.32 49.05 -1.08
C GLU C 526 -36.37 49.43 -2.27
N GLY C 527 -35.09 49.15 -2.11
CA GLY C 527 -34.09 49.23 -3.21
C GLY C 527 -34.09 48.05 -4.17
N ASN C 528 -35.29 47.58 -4.46
CA ASN C 528 -35.46 46.30 -5.18
C ASN C 528 -34.59 45.31 -4.39
N SER C 529 -34.51 45.61 -3.12
CA SER C 529 -33.52 44.97 -2.21
C SER C 529 -34.23 43.78 -1.58
N LYS C 530 -35.52 43.75 -1.83
CA LYS C 530 -36.39 42.66 -1.37
C LYS C 530 -37.46 42.20 -2.37
N LEU C 531 -38.01 41.05 -2.04
CA LEU C 531 -39.16 40.45 -2.80
C LEU C 531 -40.39 40.14 -1.97
N ARG C 532 -41.37 40.98 -2.18
CA ARG C 532 -42.67 40.88 -1.50
C ARG C 532 -43.68 40.13 -2.38
N HIS C 533 -44.36 39.20 -1.75
CA HIS C 533 -45.47 38.44 -2.39
C HIS C 533 -46.66 39.36 -2.56
N VAL C 534 -46.99 39.60 -3.82
CA VAL C 534 -48.08 40.56 -4.17
C VAL C 534 -49.40 40.21 -3.49
N TRP C 563 -32.67 40.44 -1.13
CA TRP C 563 -32.45 39.89 -2.48
C TRP C 563 -32.23 40.97 -3.53
N LYS C 564 -31.24 40.77 -4.40
CA LYS C 564 -30.93 41.73 -5.49
C LYS C 564 -30.73 41.02 -6.82
N PHE C 565 -31.49 41.45 -7.82
CA PHE C 565 -31.25 40.93 -9.18
C PHE C 565 -30.01 41.61 -9.72
N THR C 566 -29.21 40.90 -10.49
CA THR C 566 -28.00 41.52 -11.08
C THR C 566 -28.32 42.47 -12.26
N LEU C 567 -29.43 42.25 -12.96
CA LEU C 567 -29.95 43.21 -13.96
C LEU C 567 -31.34 43.75 -13.66
N ASN C 568 -31.42 45.08 -13.64
CA ASN C 568 -32.69 45.79 -13.39
C ASN C 568 -33.05 46.80 -14.47
N LEU C 569 -34.20 46.59 -15.10
CA LEU C 569 -34.62 47.39 -16.27
C LEU C 569 -35.34 48.66 -15.88
N LYS D 75 3.28 -67.12 6.74
CA LYS D 75 2.51 -66.21 7.64
C LYS D 75 2.75 -66.61 9.10
N VAL D 76 3.04 -65.62 9.92
CA VAL D 76 3.33 -65.81 11.33
C VAL D 76 2.36 -65.13 12.32
N ARG D 77 2.07 -65.83 13.39
CA ARG D 77 1.18 -65.25 14.47
C ARG D 77 1.86 -64.01 15.09
N TRP D 78 1.07 -63.01 15.45
CA TRP D 78 1.67 -61.73 15.91
C TRP D 78 2.62 -61.87 17.10
N PRO D 79 2.28 -62.69 18.12
CA PRO D 79 3.22 -62.88 19.20
C PRO D 79 4.51 -63.61 18.85
N ASP D 80 4.50 -64.37 17.78
CA ASP D 80 5.75 -65.07 17.29
C ASP D 80 6.63 -64.17 16.44
N PHE D 81 6.10 -63.00 16.15
CA PHE D 81 6.83 -62.00 15.35
C PHE D 81 8.01 -61.45 16.08
N ASN D 82 9.14 -61.43 15.38
CA ASN D 82 10.43 -61.05 16.00
C ASN D 82 10.66 -59.56 16.01
N GLN D 83 10.15 -58.93 17.04
CA GLN D 83 10.19 -57.46 17.12
C GLN D 83 11.61 -56.91 17.28
N GLU D 84 12.39 -57.67 18.02
CA GLU D 84 13.81 -57.34 18.38
C GLU D 84 14.62 -57.13 17.09
N ALA D 85 14.45 -58.11 16.22
CA ALA D 85 15.10 -58.12 14.89
C ALA D 85 14.64 -57.04 13.94
N TYR D 86 13.33 -56.83 13.93
CA TYR D 86 12.63 -55.84 13.05
C TYR D 86 12.99 -54.41 13.39
N VAL D 87 12.82 -54.09 14.67
CA VAL D 87 13.10 -52.73 15.19
C VAL D 87 14.58 -52.43 15.22
N GLY D 88 15.32 -53.47 15.54
CA GLY D 88 16.79 -53.42 15.80
C GLY D 88 17.65 -52.87 14.68
N GLY D 89 17.30 -53.26 13.46
CA GLY D 89 17.92 -52.71 12.23
C GLY D 89 18.07 -51.18 12.19
N THR D 90 17.09 -50.52 12.77
CA THR D 90 16.89 -49.07 12.62
C THR D 90 16.86 -48.33 13.94
N MET D 91 17.47 -48.92 14.95
CA MET D 91 17.53 -48.25 16.26
C MET D 91 18.33 -46.95 16.21
N VAL D 92 18.10 -46.14 17.22
CA VAL D 92 18.92 -44.93 17.40
C VAL D 92 20.39 -45.31 17.63
N ARG D 93 20.97 -44.91 18.75
CA ARG D 93 22.42 -45.03 18.98
C ARG D 93 22.87 -43.92 19.91
N SER D 94 23.52 -44.30 20.99
CA SER D 94 24.00 -43.36 22.00
C SER D 94 24.71 -42.17 21.35
N GLY D 95 24.23 -40.98 21.72
CA GLY D 95 24.66 -39.70 21.14
C GLY D 95 23.69 -39.15 20.08
N GLN D 96 23.25 -40.05 19.21
CA GLN D 96 22.31 -39.68 18.13
C GLN D 96 21.00 -39.16 18.65
N ASP D 97 20.40 -38.25 17.89
CA ASP D 97 19.22 -37.51 18.33
C ASP D 97 17.92 -38.27 18.14
N PRO D 98 17.21 -38.55 19.26
CA PRO D 98 16.03 -39.39 19.21
C PRO D 98 14.77 -38.78 18.63
N TYR D 99 14.73 -37.46 18.55
CA TYR D 99 13.57 -36.70 17.92
C TYR D 99 13.65 -36.39 16.40
N ALA D 100 14.78 -36.71 15.82
CA ALA D 100 15.15 -36.21 14.47
C ALA D 100 14.25 -36.70 13.33
N ARG D 101 14.23 -38.02 13.19
CA ARG D 101 13.53 -38.72 12.07
C ARG D 101 12.00 -38.63 12.07
N ASN D 102 11.45 -38.55 13.26
CA ASN D 102 9.98 -38.65 13.49
C ASN D 102 9.29 -37.51 14.22
N LYS D 103 10.06 -36.63 14.80
CA LYS D 103 9.53 -35.51 15.61
C LYS D 103 8.74 -36.03 16.82
N PHE D 104 9.06 -37.26 17.16
CA PHE D 104 8.76 -37.87 18.51
C PHE D 104 9.95 -38.70 19.00
N ASN D 105 9.95 -38.97 20.29
CA ASN D 105 11.08 -39.63 20.94
C ASN D 105 11.26 -41.10 20.60
N GLN D 106 12.11 -41.36 19.63
CA GLN D 106 12.22 -42.70 19.04
C GLN D 106 12.80 -43.69 20.01
N VAL D 107 13.67 -43.20 20.85
CA VAL D 107 14.41 -44.07 21.77
C VAL D 107 13.40 -44.69 22.72
N GLU D 108 12.59 -43.80 23.22
CA GLU D 108 11.54 -44.13 24.20
C GLU D 108 10.50 -45.11 23.62
N SER D 109 10.13 -44.83 22.39
CA SER D 109 9.23 -45.70 21.58
C SER D 109 9.79 -47.12 21.38
N ASP D 110 11.06 -47.15 21.06
CA ASP D 110 11.80 -48.42 20.80
C ASP D 110 11.98 -49.32 22.03
N LYS D 111 12.05 -48.70 23.18
CA LYS D 111 12.10 -49.39 24.53
C LYS D 111 10.86 -50.21 24.81
N LEU D 112 9.78 -49.71 24.27
CA LEU D 112 8.44 -50.24 24.44
C LEU D 112 8.25 -51.59 23.76
N ARG D 113 7.61 -52.45 24.51
CA ARG D 113 7.15 -53.75 24.06
C ARG D 113 6.02 -53.64 23.00
N MET D 114 6.08 -54.49 22.01
CA MET D 114 5.17 -54.37 20.79
C MET D 114 3.68 -54.41 21.18
N ASP D 115 3.46 -55.13 22.25
CA ASP D 115 2.10 -55.31 22.86
C ASP D 115 1.98 -54.75 24.25
N ARG D 116 2.69 -53.67 24.48
CA ARG D 116 2.82 -53.11 25.89
C ARG D 116 1.47 -52.77 26.52
N ALA D 117 1.44 -52.92 27.81
CA ALA D 117 0.21 -52.70 28.58
C ALA D 117 -0.07 -51.25 28.66
N ILE D 118 -1.34 -50.91 28.61
CA ILE D 118 -1.79 -49.49 28.72
C ILE D 118 -3.05 -49.33 29.58
N PRO D 119 -3.22 -48.16 30.20
CA PRO D 119 -4.31 -48.03 31.13
C PRO D 119 -5.61 -47.96 30.42
N ASP D 120 -6.54 -48.65 31.05
CA ASP D 120 -7.90 -48.71 30.56
C ASP D 120 -8.53 -47.37 30.87
N THR D 121 -8.65 -46.56 29.83
CA THR D 121 -9.11 -45.15 29.96
C THR D 121 -10.58 -44.97 29.72
N ARG D 122 -11.26 -46.10 29.73
CA ARG D 122 -12.70 -46.09 29.45
C ARG D 122 -13.55 -45.76 30.65
N HIS D 123 -14.70 -45.16 30.35
CA HIS D 123 -15.76 -44.97 31.36
C HIS D 123 -16.12 -46.34 31.94
N ASP D 124 -16.41 -46.34 33.23
CA ASP D 124 -16.74 -47.59 34.00
C ASP D 124 -17.84 -48.41 33.38
N GLN D 125 -18.75 -47.69 32.79
CA GLN D 125 -19.95 -48.28 32.18
C GLN D 125 -19.62 -49.15 30.98
N CYS D 126 -18.64 -48.69 30.23
CA CYS D 126 -18.14 -49.43 29.05
C CYS D 126 -17.49 -50.76 29.45
N GLN D 127 -16.80 -50.66 30.57
CA GLN D 127 -16.04 -51.76 31.18
C GLN D 127 -16.88 -52.88 31.74
N ARG D 128 -18.08 -52.48 32.11
CA ARG D 128 -19.07 -53.41 32.77
C ARG D 128 -19.85 -54.10 31.66
N LYS D 129 -20.20 -53.28 30.70
CA LYS D 129 -20.78 -53.76 29.44
C LYS D 129 -19.96 -54.90 28.90
N GLN D 130 -20.67 -55.68 28.12
CA GLN D 130 -20.16 -56.79 27.38
C GLN D 130 -20.72 -56.74 25.96
N TRP D 131 -19.81 -56.87 25.02
CA TRP D 131 -20.07 -56.42 23.63
C TRP D 131 -20.51 -57.52 22.70
N ARG D 132 -21.50 -57.21 21.85
CA ARG D 132 -21.85 -58.12 20.75
C ARG D 132 -20.64 -58.40 19.86
N VAL D 133 -20.61 -59.61 19.34
CA VAL D 133 -19.53 -60.01 18.41
C VAL D 133 -20.11 -60.48 17.07
N ASP D 134 -21.44 -60.58 17.04
CA ASP D 134 -22.25 -60.80 15.81
C ASP D 134 -22.35 -59.54 14.92
N LEU D 135 -21.19 -59.19 14.43
CA LEU D 135 -20.92 -57.89 13.76
C LEU D 135 -20.17 -58.06 12.46
N PRO D 136 -20.30 -57.12 11.53
CA PRO D 136 -19.54 -57.26 10.32
C PRO D 136 -18.07 -57.06 10.58
N ALA D 137 -17.29 -57.88 9.91
CA ALA D 137 -15.83 -57.76 9.97
C ALA D 137 -15.37 -56.51 9.24
N THR D 138 -14.20 -56.07 9.65
CA THR D 138 -13.55 -54.89 9.08
C THR D 138 -12.21 -55.12 8.41
N SER D 139 -11.99 -54.27 7.43
CA SER D 139 -10.72 -54.15 6.69
C SER D 139 -10.05 -52.90 7.20
N VAL D 140 -9.02 -53.13 7.97
CA VAL D 140 -8.25 -52.01 8.59
C VAL D 140 -7.23 -51.47 7.63
N VAL D 141 -7.38 -50.22 7.31
CA VAL D 141 -6.44 -49.54 6.41
C VAL D 141 -5.50 -48.56 7.12
N ILE D 142 -4.24 -48.87 6.99
CA ILE D 142 -3.18 -48.08 7.64
C ILE D 142 -2.17 -47.67 6.64
N THR D 143 -2.03 -46.40 6.61
CA THR D 143 -1.22 -45.71 5.62
C THR D 143 -0.01 -45.06 6.28
N PHE D 144 1.10 -45.15 5.62
CA PHE D 144 2.35 -44.65 6.20
C PHE D 144 3.45 -44.23 5.24
N HIS D 145 4.19 -43.25 5.73
CA HIS D 145 5.43 -42.71 5.08
C HIS D 145 6.58 -42.42 6.06
N ASN D 146 7.61 -43.23 5.90
CA ASN D 146 8.81 -43.18 6.80
C ASN D 146 8.46 -43.11 8.28
N GLU D 147 7.64 -44.08 8.65
CA GLU D 147 7.20 -44.25 10.04
C GLU D 147 8.26 -45.02 10.85
N ALA D 148 8.34 -44.69 12.11
CA ALA D 148 9.19 -45.42 13.07
C ALA D 148 8.73 -46.88 13.21
N ARG D 149 9.65 -47.79 12.99
CA ARG D 149 9.28 -49.22 12.98
C ARG D 149 8.53 -49.66 14.24
N SER D 150 9.08 -49.29 15.38
CA SER D 150 8.51 -49.72 16.70
C SER D 150 7.06 -49.21 16.84
N ALA D 151 6.83 -48.01 16.40
CA ALA D 151 5.47 -47.41 16.46
C ALA D 151 4.46 -48.09 15.51
N LEU D 152 4.97 -48.37 14.33
CA LEU D 152 4.18 -48.99 13.23
C LEU D 152 3.72 -50.36 13.64
N LEU D 153 4.72 -51.11 14.08
CA LEU D 153 4.52 -52.51 14.53
C LEU D 153 3.50 -52.51 15.66
N ARG D 154 3.75 -51.61 16.59
CA ARG D 154 2.93 -51.47 17.83
C ARG D 154 1.45 -51.10 17.47
N THR D 155 1.28 -50.37 16.39
CA THR D 155 -0.09 -50.04 15.91
C THR D 155 -0.79 -51.32 15.44
N VAL D 156 -0.11 -51.97 14.51
CA VAL D 156 -0.57 -53.26 13.96
C VAL D 156 -0.84 -54.31 15.03
N VAL D 157 0.13 -54.57 15.91
CA VAL D 157 -0.12 -55.60 16.97
C VAL D 157 -1.31 -55.15 17.88
N SER D 158 -1.43 -53.86 18.11
CA SER D 158 -2.53 -53.37 19.00
C SER D 158 -3.88 -53.70 18.37
N VAL D 159 -3.94 -53.54 17.07
CA VAL D 159 -5.14 -53.92 16.33
C VAL D 159 -5.43 -55.42 16.48
N LEU D 160 -4.41 -56.20 16.18
CA LEU D 160 -4.55 -57.71 16.25
C LEU D 160 -4.89 -58.22 17.65
N LYS D 161 -4.19 -57.67 18.62
CA LYS D 161 -4.30 -58.19 20.01
C LYS D 161 -5.61 -57.80 20.69
N LYS D 162 -6.04 -56.60 20.38
CA LYS D 162 -7.17 -55.93 21.10
C LYS D 162 -8.50 -56.11 20.44
N SER D 163 -8.45 -56.69 19.26
CA SER D 163 -9.65 -56.93 18.45
C SER D 163 -10.02 -58.41 18.35
N PRO D 164 -11.30 -58.76 18.52
CA PRO D 164 -11.73 -60.15 18.26
C PRO D 164 -11.37 -60.55 16.86
N PRO D 165 -10.70 -61.70 16.71
CA PRO D 165 -10.07 -61.99 15.43
C PRO D 165 -11.05 -62.06 14.29
N HIS D 166 -12.21 -62.63 14.57
CA HIS D 166 -13.21 -62.87 13.49
C HIS D 166 -13.69 -61.55 12.87
N LEU D 167 -13.55 -60.50 13.65
CA LEU D 167 -13.91 -59.09 13.23
C LEU D 167 -12.84 -58.38 12.44
N ILE D 168 -11.67 -58.97 12.47
CA ILE D 168 -10.52 -58.46 11.69
C ILE D 168 -10.29 -59.30 10.44
N LYS D 169 -10.89 -58.86 9.37
CA LYS D 169 -10.74 -59.54 8.06
C LYS D 169 -9.32 -59.50 7.60
N GLU D 170 -8.82 -58.31 7.63
CA GLU D 170 -7.46 -58.02 7.13
C GLU D 170 -6.93 -56.69 7.64
N ILE D 171 -5.63 -56.63 7.66
CA ILE D 171 -4.96 -55.36 7.88
C ILE D 171 -4.22 -54.99 6.60
N ILE D 172 -4.67 -53.90 6.03
CA ILE D 172 -4.03 -53.35 4.80
C ILE D 172 -3.05 -52.20 5.04
N LEU D 173 -1.80 -52.54 4.86
CA LEU D 173 -0.70 -51.58 5.04
C LEU D 173 -0.37 -50.95 3.74
N VAL D 174 -0.64 -49.67 3.65
CA VAL D 174 -0.25 -48.86 2.48
C VAL D 174 1.01 -48.06 2.71
N ASP D 175 2.08 -48.61 2.16
CA ASP D 175 3.44 -48.00 2.15
C ASP D 175 3.53 -46.85 1.15
N ASP D 176 3.39 -45.63 1.65
CA ASP D 176 3.40 -44.40 0.80
C ASP D 176 4.79 -43.89 0.42
N TYR D 177 5.44 -44.73 -0.37
CA TYR D 177 6.78 -44.42 -0.93
C TYR D 177 7.83 -44.13 0.15
N SER D 178 7.86 -45.01 1.12
CA SER D 178 8.86 -44.96 2.22
C SER D 178 10.26 -45.21 1.66
N ASN D 179 11.24 -44.51 2.20
CA ASN D 179 12.67 -44.73 1.79
C ASN D 179 13.01 -46.21 1.71
N ASP D 180 12.78 -46.88 2.82
CA ASP D 180 13.04 -48.32 2.99
C ASP D 180 11.78 -49.18 2.89
N PRO D 181 11.59 -49.89 1.76
CA PRO D 181 10.39 -50.73 1.57
C PRO D 181 10.26 -51.92 2.50
N GLU D 182 11.35 -52.23 3.16
CA GLU D 182 11.40 -53.36 4.14
C GLU D 182 10.56 -53.10 5.39
N ASP D 183 10.56 -51.85 5.79
CA ASP D 183 9.75 -51.34 6.94
C ASP D 183 8.35 -51.99 6.95
N GLY D 184 7.72 -51.88 5.81
CA GLY D 184 6.38 -52.47 5.55
C GLY D 184 6.37 -53.93 5.08
N ALA D 185 7.24 -54.19 4.14
CA ALA D 185 7.40 -55.55 3.55
C ALA D 185 7.59 -56.63 4.62
N LEU D 186 8.46 -56.33 5.58
CA LEU D 186 8.76 -57.25 6.71
C LEU D 186 7.52 -57.61 7.56
N LEU D 187 6.67 -56.61 7.72
CA LEU D 187 5.37 -56.76 8.50
C LEU D 187 4.36 -57.64 7.79
N GLY D 188 4.60 -57.78 6.50
CA GLY D 188 3.81 -58.66 5.59
C GLY D 188 3.80 -60.13 5.97
N LYS D 189 4.83 -60.52 6.70
CA LYS D 189 4.93 -61.87 7.29
C LYS D 189 3.81 -62.17 8.29
N ILE D 190 3.27 -61.10 8.84
CA ILE D 190 2.30 -61.20 9.94
C ILE D 190 0.90 -61.55 9.47
N GLU D 191 0.32 -62.45 10.22
CA GLU D 191 -1.09 -62.87 10.08
C GLU D 191 -2.00 -61.69 9.77
N LYS D 192 -2.82 -61.90 8.75
CA LYS D 192 -3.84 -60.90 8.22
C LYS D 192 -3.28 -59.61 7.63
N VAL D 193 -1.98 -59.44 7.74
CA VAL D 193 -1.32 -58.25 7.19
C VAL D 193 -0.99 -58.33 5.69
N ARG D 194 -1.61 -57.45 4.94
CA ARG D 194 -1.24 -57.24 3.51
C ARG D 194 -0.56 -55.94 3.33
N VAL D 195 0.55 -55.96 2.63
CA VAL D 195 1.26 -54.71 2.36
C VAL D 195 1.22 -54.32 0.88
N LEU D 196 0.74 -53.12 0.69
CA LEU D 196 0.68 -52.40 -0.61
C LEU D 196 1.69 -51.25 -0.64
N ARG D 197 2.60 -51.33 -1.61
CA ARG D 197 3.67 -50.33 -1.72
C ARG D 197 3.52 -49.43 -2.94
N ASN D 198 3.35 -48.13 -2.68
CA ASN D 198 3.35 -47.11 -3.71
C ASN D 198 4.73 -46.86 -4.25
N ASP D 199 4.79 -46.74 -5.58
CA ASP D 199 6.06 -46.46 -6.27
C ASP D 199 6.30 -44.96 -6.36
N ARG D 200 5.46 -44.17 -5.72
CA ARG D 200 5.62 -42.72 -5.71
C ARG D 200 4.82 -42.10 -4.57
N ARG D 201 5.46 -41.22 -3.83
CA ARG D 201 4.80 -40.48 -2.77
C ARG D 201 3.45 -40.07 -3.21
N GLU D 202 2.42 -40.47 -2.48
CA GLU D 202 1.12 -39.98 -2.87
C GLU D 202 0.40 -39.30 -1.74
N GLY D 203 0.70 -39.41 -1.08
CA GLY D 203 0.08 -38.80 0.09
C GLY D 203 -0.99 -39.62 0.79
N LEU D 204 -1.47 -39.05 1.88
CA LEU D 204 -2.36 -39.75 2.85
C LEU D 204 -3.72 -40.12 2.22
N MET D 205 -4.31 -39.14 1.58
CA MET D 205 -5.69 -39.23 0.95
C MET D 205 -5.76 -40.28 -0.20
N ARG D 206 -4.88 -40.11 -1.16
CA ARG D 206 -4.78 -41.07 -2.30
C ARG D 206 -4.49 -42.50 -1.80
N SER D 207 -3.53 -42.58 -0.90
CA SER D 207 -3.07 -43.88 -0.32
C SER D 207 -4.18 -44.65 0.35
N ARG D 208 -4.97 -43.92 1.10
CA ARG D 208 -6.17 -44.46 1.79
C ARG D 208 -7.21 -45.04 0.83
N VAL D 209 -7.43 -44.29 -0.22
CA VAL D 209 -8.33 -44.74 -1.29
C VAL D 209 -7.82 -46.06 -1.95
N ARG D 210 -6.53 -46.07 -2.23
CA ARG D 210 -5.89 -47.27 -2.78
C ARG D 210 -6.18 -48.47 -1.91
N GLY D 211 -6.01 -48.25 -0.63
CA GLY D 211 -6.16 -49.31 0.38
C GLY D 211 -7.60 -49.76 0.52
N ALA D 212 -8.46 -48.77 0.62
CA ALA D 212 -9.94 -48.97 0.65
C ALA D 212 -10.43 -49.78 -0.56
N ASP D 213 -9.89 -49.41 -1.71
CA ASP D 213 -10.20 -50.09 -3.03
C ASP D 213 -9.87 -51.58 -3.00
N ALA D 214 -8.72 -51.87 -2.41
CA ALA D 214 -8.19 -53.24 -2.20
C ALA D 214 -8.91 -54.04 -1.13
N ALA D 215 -9.72 -53.33 -0.39
CA ALA D 215 -10.37 -53.87 0.81
C ALA D 215 -11.47 -54.86 0.47
N GLN D 216 -11.42 -55.99 1.13
CA GLN D 216 -12.41 -57.07 0.93
C GLN D 216 -13.61 -57.04 1.84
N ALA D 217 -13.45 -56.44 3.00
CA ALA D 217 -14.54 -56.44 4.03
C ALA D 217 -15.65 -55.47 3.68
N LYS D 218 -16.73 -55.58 4.41
CA LYS D 218 -17.91 -54.70 4.24
C LYS D 218 -17.74 -53.33 4.89
N VAL D 219 -16.97 -53.37 5.95
CA VAL D 219 -16.65 -52.20 6.76
C VAL D 219 -15.18 -51.82 6.70
N LEU D 220 -14.99 -50.53 6.45
CA LEU D 220 -13.66 -49.87 6.48
C LEU D 220 -13.31 -49.27 7.82
N THR D 221 -12.11 -49.60 8.27
CA THR D 221 -11.51 -48.88 9.39
C THR D 221 -10.21 -48.21 9.04
N PHE D 222 -10.17 -46.89 9.21
CA PHE D 222 -8.92 -46.12 9.02
C PHE D 222 -8.20 -45.73 10.30
N LEU D 223 -6.91 -45.99 10.29
CA LEU D 223 -6.00 -45.60 11.37
C LEU D 223 -4.67 -45.03 10.93
N ASP D 224 -4.15 -44.15 11.77
CA ASP D 224 -2.77 -43.64 11.64
C ASP D 224 -1.80 -44.77 11.91
N SER D 225 -0.55 -44.55 11.50
CA SER D 225 0.55 -45.52 11.70
C SER D 225 1.27 -45.44 13.04
N HIS D 226 0.88 -44.49 13.86
CA HIS D 226 1.43 -44.34 15.29
C HIS D 226 0.27 -44.27 16.31
N CYS D 227 -0.54 -45.32 16.24
CA CYS D 227 -1.69 -45.53 17.15
C CYS D 227 -1.61 -46.76 18.03
N GLU D 228 -2.37 -46.70 19.08
CA GLU D 228 -2.50 -47.80 20.01
C GLU D 228 -3.97 -48.02 20.44
N CYS D 229 -4.49 -49.15 19.99
CA CYS D 229 -5.85 -49.57 20.30
C CYS D 229 -5.98 -50.00 21.72
N ASN D 230 -7.07 -49.57 22.31
CA ASN D 230 -7.41 -49.93 23.68
C ASN D 230 -8.41 -51.08 23.76
N GLU D 231 -8.63 -51.51 24.99
CA GLU D 231 -9.67 -52.53 25.31
C GLU D 231 -11.01 -52.29 24.61
N HIS D 232 -11.45 -53.33 23.95
CA HIS D 232 -12.76 -53.40 23.24
C HIS D 232 -13.07 -52.15 22.46
N TRP D 233 -12.06 -51.73 21.74
CA TRP D 233 -12.12 -50.49 20.97
C TRP D 233 -13.02 -50.60 19.75
N LEU D 234 -13.03 -51.77 19.16
CA LEU D 234 -13.65 -51.98 17.81
C LEU D 234 -15.17 -52.20 17.79
N GLU D 235 -15.59 -53.03 18.72
CA GLU D 235 -16.99 -53.47 18.84
C GLU D 235 -18.00 -52.30 18.85
N PRO D 236 -17.82 -51.31 19.73
CA PRO D 236 -18.71 -50.16 19.78
C PRO D 236 -18.78 -49.37 18.51
N LEU D 237 -17.70 -49.37 17.79
CA LEU D 237 -17.65 -48.65 16.52
C LEU D 237 -18.51 -49.36 15.50
N LEU D 238 -18.29 -50.64 15.43
CA LEU D 238 -18.93 -51.53 14.42
C LEU D 238 -20.42 -51.65 14.66
N GLU D 239 -20.75 -51.79 15.92
CA GLU D 239 -22.15 -51.80 16.42
C GLU D 239 -22.96 -50.69 15.74
N ARG D 240 -22.37 -49.52 15.72
CA ARG D 240 -23.01 -48.29 15.18
C ARG D 240 -23.29 -48.36 13.68
N VAL D 241 -22.26 -48.73 12.93
CA VAL D 241 -22.37 -48.66 11.45
C VAL D 241 -23.14 -49.89 10.95
N ALA D 242 -23.17 -50.90 11.79
CA ALA D 242 -23.99 -52.11 11.52
C ALA D 242 -25.48 -51.79 11.57
N GLU D 243 -25.89 -51.12 12.63
CA GLU D 243 -27.28 -50.58 12.78
C GLU D 243 -27.71 -49.63 11.65
N ASP D 244 -26.79 -48.74 11.32
CA ASP D 244 -27.00 -47.68 10.32
C ASP D 244 -25.74 -47.34 9.54
N ARG D 245 -25.74 -47.77 8.29
CA ARG D 245 -24.55 -47.72 7.37
C ARG D 245 -24.12 -46.32 6.92
N THR D 246 -24.96 -45.35 7.22
CA THR D 246 -24.66 -43.92 6.89
C THR D 246 -23.87 -43.20 7.98
N ARG D 247 -23.83 -43.87 9.13
CA ARG D 247 -23.04 -43.42 10.27
C ARG D 247 -21.55 -43.61 9.98
N VAL D 248 -20.87 -42.49 10.14
CA VAL D 248 -19.42 -42.43 10.13
C VAL D 248 -18.89 -42.10 11.51
N VAL D 249 -18.17 -43.05 12.04
CA VAL D 249 -17.86 -43.05 13.46
C VAL D 249 -16.39 -43.07 13.83
N SER D 250 -16.15 -42.44 14.97
CA SER D 250 -14.79 -42.28 15.60
C SER D 250 -14.63 -42.62 17.02
N PRO D 251 -13.46 -43.15 17.38
CA PRO D 251 -13.27 -43.34 18.79
C PRO D 251 -12.83 -42.04 19.37
N ILE D 252 -12.93 -42.04 20.66
CA ILE D 252 -12.25 -41.05 21.43
C ILE D 252 -10.78 -41.32 21.26
N ILE D 253 -10.08 -40.26 20.93
CA ILE D 253 -8.65 -40.34 20.70
C ILE D 253 -7.83 -39.97 21.92
N ASP D 254 -7.40 -40.99 22.59
CA ASP D 254 -6.50 -40.79 23.72
C ASP D 254 -5.14 -40.23 23.24
N VAL D 255 -4.42 -39.72 24.21
CA VAL D 255 -3.16 -39.06 23.96
C VAL D 255 -1.96 -39.91 24.35
N ILE D 256 -1.12 -40.14 23.36
CA ILE D 256 0.19 -40.72 23.60
C ILE D 256 1.28 -39.67 23.51
N ASN D 257 1.92 -39.48 24.65
CA ASN D 257 2.97 -38.47 24.83
C ASN D 257 4.16 -38.70 23.95
N MET D 258 4.47 -37.66 23.21
CA MET D 258 5.55 -37.71 22.16
C MET D 258 6.97 -37.82 22.72
N ASP D 259 7.12 -37.41 23.95
CA ASP D 259 8.47 -37.42 24.67
C ASP D 259 8.79 -38.67 25.47
N ASN D 260 7.89 -38.98 26.40
CA ASN D 260 7.99 -40.22 27.28
C ASN D 260 7.11 -41.46 26.90
N PHE D 261 6.30 -41.27 25.89
CA PHE D 261 5.37 -42.32 25.36
C PHE D 261 4.31 -42.90 26.34
N GLN D 262 4.03 -42.12 27.35
CA GLN D 262 2.94 -42.39 28.24
C GLN D 262 1.59 -42.21 27.62
N TYR D 263 0.78 -43.20 27.91
CA TYR D 263 -0.61 -43.33 27.38
C TYR D 263 -1.54 -42.63 28.32
N VAL D 264 -2.09 -41.57 27.84
CA VAL D 264 -2.92 -40.67 28.67
C VAL D 264 -4.32 -40.55 28.15
N GLY D 265 -5.21 -40.72 29.09
CA GLY D 265 -6.67 -40.62 28.85
C GLY D 265 -7.13 -39.17 28.59
N ALA D 266 -7.81 -39.17 27.43
CA ALA D 266 -8.47 -37.95 26.85
C ALA D 266 -9.84 -37.69 27.39
N SER D 267 -10.26 -36.47 27.25
CA SER D 267 -11.59 -36.06 27.71
C SER D 267 -12.60 -36.62 26.72
N ALA D 268 -13.68 -37.10 27.29
CA ALA D 268 -14.90 -37.59 26.57
C ALA D 268 -15.99 -36.53 26.40
N ASP D 269 -15.75 -35.34 26.93
CA ASP D 269 -16.77 -34.22 26.92
C ASP D 269 -16.61 -33.27 25.74
N LEU D 270 -15.91 -33.79 24.76
CA LEU D 270 -15.50 -33.01 23.58
C LEU D 270 -16.17 -33.40 22.29
N LYS D 271 -16.47 -32.36 21.56
CA LYS D 271 -16.81 -32.43 20.14
C LYS D 271 -15.73 -31.87 19.24
N GLY D 272 -15.75 -32.37 18.04
CA GLY D 272 -14.97 -31.81 16.93
C GLY D 272 -15.54 -30.47 16.47
N GLY D 273 -14.68 -29.65 15.92
CA GLY D 273 -15.10 -28.32 15.46
C GLY D 273 -14.11 -27.47 14.70
N PHE D 274 -14.56 -26.28 14.39
CA PHE D 274 -13.69 -25.30 13.71
C PHE D 274 -14.08 -23.82 13.85
N ASP D 275 -13.09 -23.02 13.52
CA ASP D 275 -13.24 -21.57 13.32
C ASP D 275 -13.23 -21.25 11.83
N TRP D 276 -13.56 -20.01 11.51
CA TRP D 276 -13.69 -19.56 10.07
C TRP D 276 -12.40 -19.66 9.23
N ASN D 277 -11.29 -19.69 9.93
CA ASN D 277 -9.94 -20.02 9.30
C ASN D 277 -9.83 -21.52 8.87
N LEU D 278 -10.95 -22.19 9.01
CA LEU D 278 -11.14 -23.66 8.76
C LEU D 278 -10.12 -24.58 9.42
N VAL D 279 -9.51 -24.07 10.48
CA VAL D 279 -8.57 -24.90 11.27
C VAL D 279 -9.31 -25.73 12.34
N PHE D 280 -9.03 -27.03 12.30
CA PHE D 280 -9.65 -27.96 13.22
C PHE D 280 -9.36 -27.54 14.67
N LYS D 281 -10.37 -27.72 15.47
CA LYS D 281 -10.26 -27.52 16.90
C LYS D 281 -11.28 -28.32 17.71
N TRP D 282 -10.94 -28.50 18.99
CA TRP D 282 -11.81 -29.21 19.99
C TRP D 282 -12.72 -28.25 20.73
N ASP D 283 -13.99 -28.45 20.52
CA ASP D 283 -15.04 -27.74 21.26
C ASP D 283 -15.44 -28.57 22.47
N TYR D 284 -15.70 -27.90 23.57
CA TYR D 284 -16.41 -28.52 24.72
C TYR D 284 -17.87 -28.59 24.33
N MET D 285 -18.53 -29.59 24.84
CA MET D 285 -19.99 -29.67 24.74
C MET D 285 -20.60 -28.53 25.49
N THR D 286 -21.72 -28.11 24.94
CA THR D 286 -22.60 -27.14 25.56
C THR D 286 -23.14 -27.88 26.78
N PRO D 287 -23.56 -27.19 27.86
CA PRO D 287 -24.06 -28.11 28.85
C PRO D 287 -25.37 -28.68 28.39
N GLU D 288 -26.09 -27.86 27.66
CA GLU D 288 -27.41 -28.23 27.09
C GLU D 288 -27.36 -29.56 26.35
N GLN D 289 -26.17 -29.98 26.01
CA GLN D 289 -25.87 -31.19 25.27
C GLN D 289 -25.40 -32.20 26.32
N ARG D 290 -24.73 -31.67 27.33
CA ARG D 290 -24.16 -32.45 28.40
C ARG D 290 -25.25 -32.95 29.29
N ARG D 291 -26.28 -32.14 29.44
CA ARG D 291 -27.51 -32.58 30.07
C ARG D 291 -27.95 -33.65 29.07
N SER D 292 -29.12 -34.20 29.25
CA SER D 292 -29.61 -35.18 28.28
C SER D 292 -28.78 -36.44 28.36
N ARG D 293 -27.49 -36.21 28.23
CA ARG D 293 -26.54 -37.33 28.18
C ARG D 293 -26.37 -37.90 29.56
N GLN D 294 -26.29 -37.02 30.53
CA GLN D 294 -26.17 -37.38 31.98
C GLN D 294 -26.86 -38.70 32.35
N GLY D 295 -28.03 -38.84 31.76
CA GLY D 295 -28.81 -40.11 31.75
C GLY D 295 -28.01 -41.31 31.26
N ASN D 296 -27.47 -41.17 30.07
CA ASN D 296 -26.41 -42.09 29.49
C ASN D 296 -25.10 -41.41 29.04
N PRO D 297 -24.05 -41.42 29.89
CA PRO D 297 -22.83 -40.63 29.63
C PRO D 297 -21.86 -41.20 28.60
N VAL D 298 -22.05 -42.45 28.26
CA VAL D 298 -21.24 -43.10 27.18
C VAL D 298 -22.01 -43.26 25.86
N ALA D 299 -23.03 -42.47 25.71
CA ALA D 299 -23.81 -42.42 24.45
C ALA D 299 -23.04 -41.78 23.31
N PRO D 300 -23.40 -42.13 22.08
CA PRO D 300 -22.75 -41.49 20.99
C PRO D 300 -22.89 -40.02 21.08
N ILE D 301 -21.89 -39.35 20.54
CA ILE D 301 -21.89 -37.89 20.45
C ILE D 301 -21.85 -37.45 18.98
N LYS D 302 -22.87 -36.70 18.60
CA LYS D 302 -22.90 -36.05 17.29
C LYS D 302 -21.79 -35.05 17.22
N THR D 303 -21.04 -35.11 16.14
CA THR D 303 -19.92 -34.16 15.91
C THR D 303 -20.02 -33.52 14.53
N PRO D 304 -19.90 -32.19 14.44
CA PRO D 304 -19.93 -31.52 13.12
C PRO D 304 -18.70 -31.76 12.29
N MET D 305 -17.70 -32.22 12.99
CA MET D 305 -16.42 -32.55 12.38
C MET D 305 -15.64 -33.64 13.07
N ILE D 306 -14.96 -34.41 12.25
CA ILE D 306 -14.02 -35.46 12.76
C ILE D 306 -12.59 -35.00 12.68
N ALA D 307 -11.82 -35.44 13.69
CA ALA D 307 -10.33 -35.22 13.74
C ALA D 307 -9.66 -35.67 12.40
N GLY D 308 -9.96 -36.91 12.02
CA GLY D 308 -9.78 -37.43 10.61
C GLY D 308 -8.86 -38.63 10.47
N GLY D 309 -7.87 -38.65 11.32
CA GLY D 309 -6.92 -39.76 11.28
C GLY D 309 -7.64 -41.11 11.47
N LEU D 310 -8.59 -41.09 12.38
CA LEU D 310 -9.12 -42.33 12.99
C LEU D 310 -10.63 -42.38 12.86
N PHE D 311 -11.07 -43.13 11.89
CA PHE D 311 -12.51 -43.42 11.80
C PHE D 311 -12.89 -44.71 11.09
N VAL D 312 -14.15 -45.01 11.30
CA VAL D 312 -14.80 -46.21 10.81
C VAL D 312 -15.95 -45.84 9.92
N MET D 313 -15.97 -46.50 8.80
CA MET D 313 -16.94 -46.24 7.74
C MET D 313 -17.34 -47.47 6.93
N ASP D 314 -18.63 -47.54 6.65
CA ASP D 314 -19.18 -48.55 5.72
C ASP D 314 -18.54 -48.41 4.34
N LYS D 315 -17.97 -49.51 3.88
CA LYS D 315 -17.19 -49.54 2.59
C LYS D 315 -18.00 -49.09 1.39
N PHE D 316 -19.20 -49.64 1.28
CA PHE D 316 -20.13 -49.30 0.19
C PHE D 316 -20.48 -47.82 0.22
N TYR D 317 -20.81 -47.36 1.42
CA TYR D 317 -21.18 -45.92 1.70
C TYR D 317 -20.05 -44.96 1.32
N PHE D 318 -18.86 -45.41 1.65
CA PHE D 318 -17.60 -44.67 1.37
C PHE D 318 -17.48 -44.40 -0.12
N GLU D 319 -17.75 -45.45 -0.84
CA GLU D 319 -17.64 -45.48 -2.33
C GLU D 319 -18.72 -44.61 -2.98
N GLU D 320 -19.92 -44.90 -2.55
CA GLU D 320 -21.15 -44.15 -2.91
C GLU D 320 -21.00 -42.66 -2.79
N LEU D 321 -20.57 -42.23 -1.61
CA LEU D 321 -20.42 -40.76 -1.26
C LEU D 321 -19.27 -40.06 -1.93
N GLY D 322 -18.49 -40.83 -2.65
CA GLY D 322 -17.41 -40.29 -3.51
C GLY D 322 -16.03 -40.39 -2.91
N LYS D 323 -15.87 -41.46 -2.19
CA LYS D 323 -14.58 -41.85 -1.60
C LYS D 323 -13.93 -40.65 -0.86
N TYR D 324 -12.73 -40.33 -1.31
CA TYR D 324 -12.03 -39.03 -1.01
C TYR D 324 -11.85 -38.25 -2.27
N ASP D 325 -11.76 -36.94 -2.10
CA ASP D 325 -11.31 -36.02 -3.18
C ASP D 325 -9.89 -36.39 -3.58
N MET D 326 -9.83 -36.86 -4.81
CA MET D 326 -8.62 -37.51 -5.40
C MET D 326 -7.48 -36.60 -5.80
N MET D 327 -7.82 -35.32 -5.92
CA MET D 327 -6.87 -34.24 -6.32
C MET D 327 -6.26 -33.46 -5.14
N MET D 328 -6.57 -33.90 -3.96
CA MET D 328 -5.96 -33.33 -2.76
C MET D 328 -4.60 -33.94 -2.55
N ASP D 329 -3.79 -33.27 -1.78
CA ASP D 329 -2.36 -33.62 -1.70
C ASP D 329 -1.70 -33.57 -0.32
N VAL D 330 -0.88 -34.58 -0.13
CA VAL D 330 0.00 -34.67 1.05
C VAL D 330 -0.73 -34.77 2.42
N TRP D 331 -1.16 -33.60 2.91
CA TRP D 331 -1.73 -33.46 4.27
C TRP D 331 -2.81 -32.39 4.40
N GLY D 332 -3.80 -32.69 5.23
CA GLY D 332 -4.90 -31.81 5.60
C GLY D 332 -5.49 -31.30 4.31
N GLY D 333 -6.67 -30.70 4.29
CA GLY D 333 -7.80 -30.94 5.17
C GLY D 333 -8.86 -31.79 4.41
N GLU D 334 -8.48 -33.02 4.20
CA GLU D 334 -9.41 -34.07 3.71
C GLU D 334 -10.53 -34.34 4.74
N ASN D 335 -10.15 -34.27 6.02
CA ASN D 335 -11.06 -34.43 7.20
C ASN D 335 -12.19 -33.38 7.20
N LEU D 336 -11.78 -32.20 6.82
CA LEU D 336 -12.66 -31.06 6.54
C LEU D 336 -13.72 -31.41 5.48
N GLU D 337 -13.22 -31.77 4.33
CA GLU D 337 -14.05 -32.06 3.13
C GLU D 337 -15.05 -33.19 3.36
N ILE D 338 -14.51 -34.30 3.82
CA ILE D 338 -15.33 -35.50 4.11
C ILE D 338 -16.41 -35.23 5.15
N SER D 339 -16.03 -34.47 6.15
CA SER D 339 -16.96 -34.11 7.27
C SER D 339 -18.20 -33.34 6.74
N PHE D 340 -17.89 -32.35 5.92
CA PHE D 340 -18.95 -31.57 5.28
C PHE D 340 -19.82 -32.50 4.42
N ARG D 341 -19.13 -33.18 3.54
CA ARG D 341 -19.76 -34.09 2.54
C ARG D 341 -20.72 -35.10 3.18
N VAL D 342 -20.22 -35.80 4.18
CA VAL D 342 -21.05 -36.79 4.89
C VAL D 342 -22.38 -36.20 5.43
N TRP D 343 -22.23 -35.10 6.16
CA TRP D 343 -23.38 -34.42 6.87
C TRP D 343 -24.39 -33.89 5.86
N GLN D 344 -23.85 -33.11 4.96
CA GLN D 344 -24.61 -32.40 3.89
C GLN D 344 -25.37 -33.36 2.98
N CYS D 345 -24.73 -34.49 2.70
CA CYS D 345 -25.30 -35.58 1.82
C CYS D 345 -26.03 -36.72 2.54
N GLY D 346 -26.55 -36.41 3.71
CA GLY D 346 -27.56 -37.27 4.42
C GLY D 346 -27.05 -38.22 5.47
N GLY D 347 -25.76 -38.18 5.59
CA GLY D 347 -25.07 -39.04 6.56
C GLY D 347 -24.90 -38.36 7.90
N SER D 348 -24.25 -39.07 8.80
CA SER D 348 -23.88 -38.50 10.11
C SER D 348 -22.47 -38.85 10.56
N LEU D 349 -22.00 -38.01 11.45
CA LEU D 349 -20.68 -38.10 12.12
C LEU D 349 -20.80 -38.30 13.62
N GLU D 350 -20.17 -39.34 14.10
CA GLU D 350 -20.17 -39.64 15.57
C GLU D 350 -18.83 -39.92 16.20
N ILE D 351 -18.77 -39.45 17.42
CA ILE D 351 -17.70 -39.82 18.36
C ILE D 351 -18.28 -40.79 19.36
N ILE D 352 -17.53 -41.86 19.60
CA ILE D 352 -18.00 -43.03 20.37
C ILE D 352 -17.17 -43.32 21.64
N PRO D 353 -17.62 -42.83 22.80
CA PRO D 353 -16.81 -42.80 24.02
C PRO D 353 -16.29 -44.11 24.49
N CYS D 354 -17.01 -45.16 24.24
CA CYS D 354 -16.54 -46.48 24.73
C CYS D 354 -15.40 -47.02 23.90
N SER D 355 -15.26 -46.40 22.75
CA SER D 355 -14.16 -46.67 21.81
C SER D 355 -12.95 -45.73 22.07
N ARG D 356 -11.87 -46.36 22.48
CA ARG D 356 -10.61 -45.68 22.85
C ARG D 356 -9.38 -46.11 22.09
N VAL D 357 -8.81 -45.11 21.43
CA VAL D 357 -7.61 -45.31 20.65
C VAL D 357 -6.62 -44.20 20.89
N GLY D 358 -5.51 -44.69 21.37
CA GLY D 358 -4.33 -43.87 21.60
C GLY D 358 -3.68 -43.37 20.33
N HIS D 359 -3.21 -42.16 20.38
CA HIS D 359 -2.54 -41.55 19.21
C HIS D 359 -1.37 -40.62 19.60
N VAL D 360 -0.27 -40.78 18.88
CA VAL D 360 0.93 -40.01 19.19
C VAL D 360 0.79 -38.66 18.59
N PHE D 361 0.38 -37.75 19.43
CA PHE D 361 0.28 -36.35 18.98
C PHE D 361 1.64 -35.71 19.04
N ARG D 362 1.93 -35.00 17.97
CA ARG D 362 3.15 -34.16 17.89
C ARG D 362 2.89 -32.74 17.40
N LYS D 363 3.92 -31.91 17.52
CA LYS D 363 3.83 -30.46 17.13
C LYS D 363 4.08 -30.18 15.66
N GLN D 364 5.11 -30.87 15.22
CA GLN D 364 5.73 -30.72 13.91
C GLN D 364 5.48 -31.96 13.02
N HIS D 365 5.16 -31.68 11.76
CA HIS D 365 5.15 -32.70 10.68
C HIS D 365 6.61 -33.05 10.31
N PRO D 366 6.94 -34.35 10.19
CA PRO D 366 8.33 -34.76 9.87
C PRO D 366 8.63 -34.81 8.36
N TYR D 367 7.60 -35.17 7.63
CA TYR D 367 7.69 -35.41 6.17
C TYR D 367 7.60 -34.07 5.42
N THR D 368 8.41 -33.93 4.38
CA THR D 368 8.44 -32.67 3.58
C THR D 368 7.32 -32.57 2.54
N PHE D 377 -1.73 -27.08 2.56
CA PHE D 377 -2.90 -27.00 3.45
C PHE D 377 -3.96 -26.09 2.85
N ALA D 378 -3.51 -24.94 2.38
CA ALA D 378 -4.41 -23.92 1.77
C ALA D 378 -5.12 -24.44 0.52
N ARG D 379 -4.34 -25.13 -0.29
CA ARG D 379 -4.83 -25.71 -1.56
C ARG D 379 -6.04 -26.61 -1.32
N ASN D 380 -5.79 -27.59 -0.48
CA ASN D 380 -6.81 -28.62 -0.12
C ASN D 380 -8.02 -28.04 0.60
N THR D 381 -7.72 -27.22 1.58
CA THR D 381 -8.75 -26.43 2.31
C THR D 381 -9.65 -25.65 1.36
N ARG D 382 -9.02 -25.05 0.38
CA ARG D 382 -9.75 -24.30 -0.70
C ARG D 382 -10.73 -25.17 -1.48
N ARG D 383 -10.17 -26.28 -1.92
CA ARG D 383 -10.93 -27.29 -2.71
C ARG D 383 -12.23 -27.69 -2.00
N ALA D 384 -12.10 -27.80 -0.70
CA ALA D 384 -13.22 -28.19 0.18
C ALA D 384 -14.25 -27.08 0.27
N ALA D 385 -13.71 -25.92 0.59
CA ALA D 385 -14.49 -24.67 0.81
C ALA D 385 -15.26 -24.26 -0.44
N GLU D 386 -14.56 -24.33 -1.56
CA GLU D 386 -15.12 -23.97 -2.91
C GLU D 386 -16.27 -24.87 -3.38
N VAL D 387 -16.17 -26.13 -3.05
CA VAL D 387 -17.18 -27.16 -3.38
C VAL D 387 -18.43 -27.19 -2.45
N TRP D 388 -18.20 -27.01 -1.17
CA TRP D 388 -19.23 -27.35 -0.09
C TRP D 388 -19.86 -26.18 0.63
N MET D 389 -19.06 -25.15 0.78
CA MET D 389 -19.37 -24.03 1.74
C MET D 389 -20.32 -22.98 1.19
N ASP D 390 -20.51 -23.07 -0.11
CA ASP D 390 -21.28 -22.08 -0.87
C ASP D 390 -20.72 -20.66 -0.65
N GLU D 391 -21.60 -19.70 -0.38
CA GLU D 391 -21.21 -18.26 -0.15
C GLU D 391 -20.33 -18.05 1.08
N TYR D 392 -20.63 -18.86 2.09
CA TYR D 392 -19.94 -18.84 3.41
C TYR D 392 -18.43 -19.07 3.32
N LYS D 393 -18.03 -19.55 2.16
CA LYS D 393 -16.57 -19.68 1.83
C LYS D 393 -15.82 -18.36 1.99
N ASN D 394 -16.56 -17.28 1.80
CA ASN D 394 -16.03 -15.89 1.90
C ASN D 394 -15.51 -15.52 3.28
N PHE D 395 -16.26 -15.98 4.25
CA PHE D 395 -15.88 -15.82 5.68
C PHE D 395 -14.52 -16.46 5.98
N TYR D 396 -14.26 -17.58 5.31
CA TYR D 396 -12.94 -18.27 5.34
C TYR D 396 -11.84 -17.31 4.81
N TYR D 397 -12.13 -16.79 3.64
CA TYR D 397 -11.21 -15.88 2.91
C TYR D 397 -10.96 -14.58 3.70
N ALA D 398 -12.02 -14.15 4.36
CA ALA D 398 -11.97 -12.99 5.30
C ALA D 398 -10.98 -13.22 6.43
N ALA D 399 -11.06 -14.42 6.97
CA ALA D 399 -10.16 -14.87 8.08
C ALA D 399 -8.73 -15.14 7.57
N VAL D 400 -8.68 -15.67 6.36
CA VAL D 400 -7.41 -16.02 5.68
C VAL D 400 -7.36 -15.45 4.25
N PRO D 401 -6.97 -14.19 4.11
CA PRO D 401 -7.01 -13.56 2.78
C PRO D 401 -5.91 -14.03 1.84
N SER D 402 -4.77 -14.38 2.41
CA SER D 402 -3.62 -14.95 1.65
C SER D 402 -3.99 -16.16 0.77
N ALA D 403 -5.02 -16.84 1.23
CA ALA D 403 -5.59 -18.08 0.58
C ALA D 403 -6.30 -17.84 -0.77
N ARG D 404 -6.78 -16.62 -0.95
CA ARG D 404 -7.43 -16.19 -2.23
C ARG D 404 -6.52 -16.42 -3.43
N ASN D 405 -5.24 -16.29 -3.14
CA ASN D 405 -4.11 -16.36 -4.14
C ASN D 405 -3.61 -17.75 -4.51
N VAL D 406 -3.85 -18.67 -3.60
CA VAL D 406 -3.38 -20.07 -3.76
C VAL D 406 -4.22 -20.82 -4.80
N PRO D 407 -3.57 -21.32 -5.88
CA PRO D 407 -4.35 -22.07 -6.84
C PRO D 407 -4.62 -23.46 -6.31
N TYR D 408 -5.84 -23.86 -6.53
CA TYR D 408 -6.39 -25.11 -5.96
C TYR D 408 -6.64 -26.22 -6.99
N GLY D 409 -7.10 -25.78 -8.15
CA GLY D 409 -7.24 -26.64 -9.33
C GLY D 409 -8.66 -26.92 -9.80
N ASN D 410 -8.81 -28.03 -10.50
CA ASN D 410 -10.10 -28.43 -11.08
C ASN D 410 -10.99 -29.16 -10.07
N ILE D 411 -12.19 -28.64 -9.92
CA ILE D 411 -13.20 -29.19 -8.96
C ILE D 411 -14.53 -29.62 -9.62
N GLN D 412 -14.41 -30.08 -10.85
CA GLN D 412 -15.61 -30.38 -11.68
C GLN D 412 -16.39 -31.62 -11.22
N SER D 413 -15.66 -32.72 -11.06
CA SER D 413 -16.26 -34.02 -10.64
C SER D 413 -16.95 -33.92 -9.30
N ARG D 414 -16.24 -33.27 -8.40
CA ARG D 414 -16.69 -32.99 -7.01
C ARG D 414 -18.01 -32.22 -6.95
N LEU D 415 -18.11 -31.24 -7.83
CA LEU D 415 -19.35 -30.44 -8.01
C LEU D 415 -20.51 -31.26 -8.55
N GLU D 416 -20.18 -32.02 -9.58
CA GLU D 416 -21.11 -33.01 -10.23
C GLU D 416 -21.63 -34.03 -9.21
N LEU D 417 -20.68 -34.47 -8.43
CA LEU D 417 -20.88 -35.44 -7.32
C LEU D 417 -21.90 -34.95 -6.31
N ARG D 418 -21.72 -33.70 -5.94
CA ARG D 418 -22.62 -33.00 -4.99
C ARG D 418 -24.05 -32.90 -5.54
N LYS D 419 -24.11 -32.51 -6.80
CA LYS D 419 -25.39 -32.44 -7.59
C LYS D 419 -26.10 -33.79 -7.55
N LYS D 420 -25.36 -34.75 -8.07
CA LYS D 420 -25.76 -36.19 -8.19
C LYS D 420 -26.34 -36.78 -6.89
N LEU D 421 -25.66 -36.47 -5.80
CA LEU D 421 -26.02 -36.95 -4.43
C LEU D 421 -27.20 -36.23 -3.79
N SER D 422 -27.53 -35.11 -4.40
CA SER D 422 -28.67 -34.30 -3.95
C SER D 422 -28.41 -33.75 -2.54
N CYS D 423 -27.21 -33.23 -2.37
CA CYS D 423 -26.72 -32.76 -1.04
C CYS D 423 -27.34 -31.44 -0.65
N LYS D 424 -27.46 -31.24 0.66
CA LYS D 424 -28.03 -29.99 1.23
C LYS D 424 -27.04 -28.83 1.16
N PRO D 425 -27.55 -27.59 1.24
CA PRO D 425 -26.59 -26.51 1.22
C PRO D 425 -25.93 -26.27 2.57
N PHE D 426 -24.81 -25.55 2.49
CA PHE D 426 -23.99 -25.27 3.67
C PHE D 426 -24.75 -24.57 4.80
N LYS D 427 -25.61 -23.66 4.38
CA LYS D 427 -26.50 -22.93 5.31
C LYS D 427 -27.24 -23.91 6.23
N TRP D 428 -27.70 -25.00 5.62
CA TRP D 428 -28.40 -26.11 6.34
C TRP D 428 -27.47 -26.74 7.40
N TYR D 429 -26.28 -27.03 6.92
CA TYR D 429 -25.21 -27.61 7.76
C TYR D 429 -25.00 -26.78 9.03
N LEU D 430 -24.85 -25.50 8.81
CA LEU D 430 -24.61 -24.52 9.90
C LEU D 430 -25.74 -24.46 10.90
N GLU D 431 -26.94 -24.44 10.34
CA GLU D 431 -28.21 -24.35 11.11
C GLU D 431 -28.51 -25.59 11.95
N ASN D 432 -28.31 -26.73 11.31
CA ASN D 432 -28.71 -28.03 11.89
C ASN D 432 -27.64 -28.88 12.57
N VAL D 433 -26.44 -28.74 12.06
CA VAL D 433 -25.28 -29.56 12.50
C VAL D 433 -24.33 -28.79 13.42
N TYR D 434 -23.94 -27.61 12.96
CA TYR D 434 -22.96 -26.70 13.68
C TYR D 434 -23.50 -25.32 14.04
N PRO D 435 -24.63 -25.25 14.77
CA PRO D 435 -25.26 -23.97 15.10
C PRO D 435 -24.49 -23.12 16.09
N GLU D 436 -23.70 -23.79 16.93
CA GLU D 436 -22.82 -23.08 17.92
C GLU D 436 -21.69 -22.32 17.23
N LEU D 437 -21.45 -22.62 15.96
CA LEU D 437 -20.45 -21.85 15.17
C LEU D 437 -21.00 -20.45 14.96
N ARG D 438 -20.27 -19.47 15.48
CA ARG D 438 -20.73 -18.08 15.39
C ARG D 438 -20.47 -17.45 14.02
N VAL D 439 -21.57 -17.14 13.39
CA VAL D 439 -21.65 -16.75 11.95
C VAL D 439 -22.01 -15.27 11.73
N PRO D 440 -21.16 -14.53 10.99
CA PRO D 440 -21.48 -13.15 10.83
C PRO D 440 -22.71 -12.94 10.02
N ASP D 441 -23.39 -11.87 10.36
CA ASP D 441 -24.47 -11.37 9.53
C ASP D 441 -23.91 -11.10 8.11
N HIS D 442 -24.77 -11.34 7.11
CA HIS D 442 -24.45 -11.27 5.63
C HIS D 442 -23.81 -9.93 5.22
N GLN D 443 -24.29 -8.90 5.91
CA GLN D 443 -23.94 -7.47 5.65
C GLN D 443 -22.96 -6.79 6.63
N ASP D 444 -22.64 -7.49 7.70
CA ASP D 444 -21.54 -7.10 8.59
C ASP D 444 -20.29 -6.70 7.77
N ILE D 445 -19.70 -5.60 8.17
CA ILE D 445 -18.46 -5.06 7.54
C ILE D 445 -17.22 -5.77 8.05
N ALA D 446 -17.25 -5.96 9.34
CA ALA D 446 -16.19 -6.69 10.04
C ALA D 446 -16.75 -7.45 11.22
N PHE D 447 -15.94 -8.40 11.67
CA PHE D 447 -16.41 -9.42 12.61
C PHE D 447 -15.33 -10.10 13.41
N GLY D 448 -15.77 -10.53 14.57
CA GLY D 448 -14.98 -11.42 15.45
C GLY D 448 -14.42 -10.71 16.67
N ALA D 449 -13.15 -10.86 16.90
CA ALA D 449 -12.51 -10.16 18.02
C ALA D 449 -11.95 -8.84 17.55
N LEU D 450 -11.98 -7.87 18.46
CA LEU D 450 -11.35 -6.55 18.27
C LEU D 450 -10.01 -6.48 19.03
N GLN D 451 -8.96 -6.78 18.28
CA GLN D 451 -7.60 -6.92 18.84
C GLN D 451 -6.77 -5.66 18.93
N GLN D 452 -6.16 -5.57 20.09
CA GLN D 452 -5.13 -4.54 20.38
C GLN D 452 -3.97 -5.20 21.10
N GLY D 453 -2.96 -5.44 20.29
CA GLY D 453 -1.79 -6.32 20.62
C GLY D 453 -2.28 -7.70 21.04
N THR D 454 -1.87 -8.12 22.23
CA THR D 454 -2.39 -9.41 22.83
C THR D 454 -3.70 -9.22 23.61
N ASN D 455 -4.07 -7.96 23.71
CA ASN D 455 -5.34 -7.57 24.32
C ASN D 455 -6.49 -7.50 23.33
N CYS D 456 -7.65 -7.80 23.88
CA CYS D 456 -8.94 -7.78 23.16
C CYS D 456 -9.99 -6.88 23.82
N LEU D 457 -10.85 -6.33 22.95
CA LEU D 457 -12.05 -5.55 23.39
C LEU D 457 -12.96 -6.49 24.11
N ASP D 458 -13.37 -6.07 25.27
CA ASP D 458 -14.10 -6.95 26.20
C ASP D 458 -15.23 -6.26 26.98
N THR D 459 -16.39 -6.90 27.03
CA THR D 459 -17.55 -6.32 27.75
C THR D 459 -17.39 -6.35 29.27
N LEU D 460 -16.39 -7.07 29.73
CA LEU D 460 -16.15 -7.32 31.19
C LEU D 460 -17.38 -7.89 31.96
N GLY D 461 -18.27 -8.48 31.20
CA GLY D 461 -19.50 -9.10 31.71
C GLY D 461 -20.56 -8.06 32.05
N HIS D 462 -20.19 -6.84 31.70
CA HIS D 462 -21.09 -5.69 31.74
C HIS D 462 -22.23 -5.80 30.74
N PHE D 463 -23.30 -5.13 31.09
CA PHE D 463 -24.47 -4.99 30.20
C PHE D 463 -24.76 -3.54 29.86
N ALA D 464 -26.01 -3.27 29.55
CA ALA D 464 -26.43 -1.89 29.23
C ALA D 464 -26.15 -0.87 30.36
N ASP D 465 -25.78 0.32 29.89
CA ASP D 465 -25.27 1.49 30.68
C ASP D 465 -23.92 1.22 31.32
N GLY D 466 -23.37 0.10 30.87
CA GLY D 466 -22.12 -0.45 31.39
C GLY D 466 -20.91 0.04 30.65
N VAL D 467 -19.82 0.16 31.37
CA VAL D 467 -18.56 0.52 30.73
C VAL D 467 -17.97 -0.70 30.07
N VAL D 468 -16.92 -0.45 29.36
CA VAL D 468 -16.31 -1.44 28.53
C VAL D 468 -14.78 -1.39 28.66
N GLY D 469 -14.15 -2.50 28.37
CA GLY D 469 -12.72 -2.63 28.57
C GLY D 469 -11.90 -3.55 27.71
N VAL D 470 -10.71 -3.76 28.21
CA VAL D 470 -9.74 -4.77 27.63
C VAL D 470 -9.37 -5.93 28.56
N TYR D 471 -9.04 -7.01 27.91
CA TYR D 471 -8.79 -8.28 28.57
C TYR D 471 -7.93 -9.09 27.66
N GLU D 472 -6.99 -9.84 28.21
CA GLU D 472 -6.07 -10.59 27.33
C GLU D 472 -6.90 -11.54 26.47
N CYS D 473 -6.58 -11.50 25.18
CA CYS D 473 -7.39 -12.15 24.16
C CYS D 473 -7.32 -13.63 24.40
N HIS D 474 -8.44 -14.28 24.31
CA HIS D 474 -8.50 -15.70 24.62
C HIS D 474 -9.17 -16.55 23.57
N ASN D 475 -9.74 -15.91 22.57
CA ASN D 475 -10.39 -16.57 21.41
C ASN D 475 -11.55 -17.50 21.71
N ALA D 476 -11.93 -17.61 22.97
CA ALA D 476 -13.14 -18.38 23.32
C ALA D 476 -14.35 -17.60 22.87
N GLY D 477 -14.07 -16.62 22.02
CA GLY D 477 -14.98 -15.50 21.68
C GLY D 477 -16.34 -15.45 22.36
N GLY D 478 -16.40 -14.77 23.49
CA GLY D 478 -17.69 -14.68 24.21
C GLY D 478 -18.09 -13.25 24.46
N ASN D 479 -17.58 -12.74 25.56
CA ASN D 479 -17.56 -11.27 25.87
C ASN D 479 -16.49 -10.54 25.08
N GLN D 480 -15.87 -11.27 24.17
CA GLN D 480 -14.87 -10.71 23.22
C GLN D 480 -15.35 -10.76 21.79
N GLU D 481 -16.59 -11.17 21.68
CA GLU D 481 -17.21 -11.29 20.39
C GLU D 481 -17.89 -9.98 19.98
N TRP D 482 -17.41 -9.48 18.85
CA TRP D 482 -17.85 -8.18 18.29
C TRP D 482 -18.08 -8.19 16.79
N ALA D 483 -18.88 -7.22 16.40
CA ALA D 483 -19.20 -6.99 14.99
C ALA D 483 -19.25 -5.51 14.61
N LEU D 484 -18.73 -5.24 13.44
CA LEU D 484 -18.86 -3.91 12.78
C LEU D 484 -19.91 -4.01 11.71
N THR D 485 -21.04 -3.43 12.03
CA THR D 485 -22.23 -3.53 11.18
C THR D 485 -22.28 -2.57 10.00
N LYS D 486 -23.16 -2.92 9.07
CA LYS D 486 -23.49 -2.08 7.87
C LYS D 486 -24.08 -0.73 8.29
N GLU D 487 -24.75 -0.72 9.44
CA GLU D 487 -25.27 0.53 10.12
C GLU D 487 -24.16 1.35 10.80
N LYS D 488 -22.92 0.96 10.52
CA LYS D 488 -21.67 1.61 11.04
C LYS D 488 -21.48 1.50 12.56
N SER D 489 -22.07 0.45 13.08
CA SER D 489 -22.11 0.23 14.53
C SER D 489 -21.23 -0.94 14.99
N VAL D 490 -20.69 -0.75 16.19
CA VAL D 490 -19.78 -1.74 16.86
C VAL D 490 -20.55 -2.47 17.95
N LYS D 491 -21.15 -3.55 17.52
CA LYS D 491 -22.08 -4.27 18.39
C LYS D 491 -21.56 -5.59 18.93
N HIS D 492 -21.89 -5.75 20.18
CA HIS D 492 -21.83 -7.04 20.91
C HIS D 492 -23.22 -7.46 21.32
N MET D 493 -23.60 -8.64 20.86
CA MET D 493 -24.98 -9.12 20.97
C MET D 493 -25.90 -8.03 20.38
N ASP D 494 -26.87 -7.59 21.17
CA ASP D 494 -27.78 -6.45 20.81
C ASP D 494 -27.38 -5.16 21.50
N LEU D 495 -26.17 -5.17 21.98
CA LEU D 495 -25.55 -3.98 22.61
C LEU D 495 -24.52 -3.29 21.72
N CYS D 496 -24.41 -1.99 21.91
CA CYS D 496 -23.60 -1.11 21.03
C CYS D 496 -22.67 -0.09 21.73
N LEU D 497 -21.46 0.01 21.19
CA LEU D 497 -20.51 1.03 21.68
C LEU D 497 -21.10 2.39 21.40
N THR D 498 -21.30 3.10 22.48
CA THR D 498 -22.01 4.36 22.48
C THR D 498 -21.23 5.52 23.08
N VAL D 499 -21.00 6.51 22.21
CA VAL D 499 -20.38 7.79 22.56
C VAL D 499 -21.37 8.71 23.28
N VAL D 500 -21.38 8.52 24.57
CA VAL D 500 -22.29 9.17 25.49
C VAL D 500 -21.93 10.63 25.70
N ASP D 501 -20.67 10.92 25.52
CA ASP D 501 -20.09 12.23 25.85
C ASP D 501 -18.87 12.48 24.98
N ARG D 502 -18.99 13.47 24.12
CA ARG D 502 -17.96 13.84 23.08
C ARG D 502 -16.69 14.48 23.64
N ALA D 503 -16.72 14.86 24.89
CA ALA D 503 -15.53 15.42 25.53
C ALA D 503 -14.37 14.42 25.59
N PRO D 504 -13.21 14.79 25.05
CA PRO D 504 -12.08 13.88 25.19
C PRO D 504 -11.77 13.46 26.62
N GLY D 505 -11.50 12.17 26.75
CA GLY D 505 -11.23 11.51 28.06
C GLY D 505 -12.45 10.78 28.56
N SER D 506 -13.57 11.12 27.94
CA SER D 506 -14.90 10.61 28.29
C SER D 506 -15.06 9.12 28.07
N LEU D 507 -15.55 8.46 29.10
CA LEU D 507 -15.83 7.00 29.03
C LEU D 507 -16.94 6.69 28.06
N ILE D 508 -16.74 5.69 27.25
CA ILE D 508 -17.84 5.20 26.41
C ILE D 508 -18.69 4.18 27.18
N LYS D 509 -19.88 3.95 26.65
CA LYS D 509 -20.87 3.05 27.28
C LYS D 509 -21.52 2.12 26.32
N LEU D 510 -21.80 0.98 26.89
CA LEU D 510 -22.62 -0.05 26.30
C LEU D 510 -24.09 0.35 26.39
N GLN D 511 -24.70 0.41 25.23
CA GLN D 511 -26.15 0.71 25.10
C GLN D 511 -26.86 -0.03 24.00
N GLY D 512 -28.12 -0.27 24.27
CA GLY D 512 -28.98 -0.97 23.34
C GLY D 512 -28.86 -0.34 21.97
N CYS D 513 -28.61 -1.17 20.97
CA CYS D 513 -28.42 -0.66 19.59
C CYS D 513 -29.65 -0.02 18.99
N ARG D 514 -29.48 1.23 18.57
CA ARG D 514 -30.47 1.98 17.74
C ARG D 514 -29.88 2.49 16.44
N GLU D 515 -30.53 2.19 15.33
CA GLU D 515 -30.12 2.65 13.99
C GLU D 515 -29.97 4.16 13.91
N ASP D 516 -30.83 4.87 14.62
CA ASP D 516 -30.77 6.36 14.61
C ASP D 516 -29.61 6.97 15.42
N ASP D 517 -29.32 6.34 16.54
CA ASP D 517 -28.33 6.92 17.43
C ASP D 517 -27.04 7.18 16.69
N SER D 518 -26.81 8.44 16.43
CA SER D 518 -25.58 8.90 15.75
C SER D 518 -24.35 8.64 16.64
N ARG D 519 -24.63 8.62 17.94
CA ARG D 519 -23.61 8.43 19.01
C ARG D 519 -22.97 7.04 19.00
N GLN D 520 -23.57 6.21 18.19
CA GLN D 520 -23.24 4.79 18.10
C GLN D 520 -22.52 4.40 16.81
N LYS D 521 -22.16 5.45 16.10
CA LYS D 521 -21.61 5.31 14.75
C LYS D 521 -20.10 5.43 14.71
N TRP D 522 -19.53 4.40 14.13
CA TRP D 522 -18.08 4.22 14.04
C TRP D 522 -17.61 3.86 12.66
N GLU D 523 -16.45 4.42 12.35
CA GLU D 523 -15.73 4.13 11.10
C GLU D 523 -14.30 3.68 11.31
N GLN D 524 -13.93 2.68 10.52
CA GLN D 524 -12.54 2.20 10.41
C GLN D 524 -11.67 3.16 9.63
N ILE D 525 -10.50 3.41 10.19
CA ILE D 525 -9.46 4.24 9.54
C ILE D 525 -8.03 3.71 9.62
N GLU D 526 -7.17 4.43 8.91
CA GLU D 526 -5.71 4.15 8.78
C GLU D 526 -5.43 2.70 8.46
N GLY D 527 -5.97 2.27 7.33
CA GLY D 527 -5.77 0.90 6.82
C GLY D 527 -6.34 -0.14 7.76
N ASN D 528 -7.58 0.10 8.16
CA ASN D 528 -8.31 -0.78 9.12
C ASN D 528 -7.52 -1.16 10.39
N SER D 529 -6.91 -0.16 10.98
CA SER D 529 -6.08 -0.30 12.20
C SER D 529 -6.59 0.54 13.39
N LYS D 530 -7.57 1.36 13.09
CA LYS D 530 -8.20 2.23 14.10
C LYS D 530 -9.72 2.32 13.98
N LEU D 531 -10.31 2.83 15.05
CA LEU D 531 -11.77 3.15 15.10
C LEU D 531 -12.09 4.60 15.49
N ARG D 532 -12.51 5.30 14.47
CA ARG D 532 -12.89 6.72 14.57
C ARG D 532 -14.40 6.83 14.72
N HIS D 533 -14.80 7.66 15.68
CA HIS D 533 -16.20 7.99 15.91
C HIS D 533 -16.68 8.88 14.77
N VAL D 534 -17.62 8.33 14.02
CA VAL D 534 -18.16 9.02 12.83
C VAL D 534 -18.69 10.39 13.16
N GLY D 535 -18.29 11.32 12.30
CA GLY D 535 -18.64 12.75 12.43
C GLY D 535 -17.84 13.46 13.50
N SER D 536 -16.62 12.99 13.70
CA SER D 536 -15.72 13.58 14.72
C SER D 536 -14.23 13.31 14.52
N ASN D 537 -13.42 13.99 15.31
CA ASN D 537 -11.95 13.73 15.40
C ASN D 537 -11.62 12.84 16.63
N LEU D 538 -12.61 12.07 17.01
CA LEU D 538 -12.52 11.19 18.18
C LEU D 538 -12.27 9.74 17.82
N CYS D 539 -11.35 9.17 18.56
CA CYS D 539 -10.94 7.75 18.39
C CYS D 539 -11.12 6.87 19.62
N LEU D 540 -11.61 5.66 19.38
CA LEU D 540 -11.68 4.62 20.45
C LEU D 540 -10.29 4.37 21.06
N ASP D 541 -10.22 4.54 22.37
CA ASP D 541 -8.93 4.63 23.10
C ASP D 541 -8.89 3.88 24.44
N SER D 542 -7.85 3.08 24.59
CA SER D 542 -7.71 2.12 25.74
C SER D 542 -6.88 2.61 26.89
N ARG D 543 -6.36 3.81 26.76
CA ARG D 543 -5.43 4.33 27.78
C ARG D 543 -6.06 4.47 29.14
N THR D 544 -7.35 4.62 29.11
CA THR D 544 -8.19 4.84 30.34
C THR D 544 -8.76 3.55 30.96
N ALA D 545 -8.38 2.44 30.36
CA ALA D 545 -8.92 1.12 30.70
C ALA D 545 -8.77 0.82 32.18
N LYS D 546 -7.58 1.12 32.69
CA LYS D 546 -7.23 0.92 34.13
C LYS D 546 -7.82 1.95 35.07
N SER D 547 -8.29 3.02 34.48
CA SER D 547 -8.89 4.15 35.24
C SER D 547 -10.40 4.36 35.00
N GLY D 548 -11.13 3.28 34.76
CA GLY D 548 -12.57 3.36 34.53
C GLY D 548 -13.11 2.62 33.32
N GLY D 549 -12.34 2.62 32.27
CA GLY D 549 -12.67 1.85 31.06
C GLY D 549 -12.32 2.56 29.77
N LEU D 550 -12.61 1.88 28.66
CA LEU D 550 -12.38 2.46 27.33
C LEU D 550 -13.02 3.82 27.19
N SER D 551 -12.23 4.68 26.61
CA SER D 551 -12.64 6.06 26.41
C SER D 551 -12.57 6.49 24.97
N VAL D 552 -13.16 7.64 24.80
CA VAL D 552 -13.16 8.35 23.53
C VAL D 552 -12.14 9.46 23.71
N GLU D 553 -11.15 9.40 22.86
CA GLU D 553 -10.01 10.34 22.94
C GLU D 553 -9.68 10.96 21.58
N VAL D 554 -9.06 12.12 21.60
CA VAL D 554 -8.78 12.82 20.32
C VAL D 554 -7.83 11.96 19.47
N CYS D 555 -8.23 11.71 18.22
CA CYS D 555 -7.46 10.83 17.29
C CYS D 555 -6.02 11.30 17.14
N GLY D 556 -5.12 10.37 17.39
CA GLY D 556 -3.67 10.65 17.34
C GLY D 556 -2.82 9.42 17.22
N PRO D 557 -1.49 9.59 17.10
CA PRO D 557 -0.58 8.46 16.80
C PRO D 557 -0.29 7.50 17.94
N ALA D 558 -1.07 7.60 19.01
CA ALA D 558 -0.97 6.68 20.15
C ALA D 558 -1.30 5.19 19.85
N LEU D 559 -0.62 4.31 20.56
CA LEU D 559 -0.80 2.84 20.40
C LEU D 559 -2.09 2.29 20.97
N SER D 560 -2.58 3.00 21.99
CA SER D 560 -3.85 2.67 22.72
C SER D 560 -5.08 2.84 21.84
N GLN D 561 -4.87 3.51 20.70
CA GLN D 561 -5.91 3.70 19.65
C GLN D 561 -5.89 2.68 18.51
N GLN D 562 -5.06 1.69 18.69
CA GLN D 562 -4.86 0.63 17.70
C GLN D 562 -5.84 -0.49 17.92
N TRP D 563 -6.68 -0.71 16.92
CA TRP D 563 -7.70 -1.80 16.91
C TRP D 563 -7.84 -2.46 15.55
N LYS D 564 -7.88 -3.78 15.60
CA LYS D 564 -8.01 -4.68 14.43
C LYS D 564 -9.01 -5.78 14.67
N PHE D 565 -10.01 -5.85 13.81
CA PHE D 565 -10.93 -7.02 13.76
C PHE D 565 -10.24 -8.27 13.17
N THR D 566 -10.60 -9.42 13.67
CA THR D 566 -10.03 -10.69 13.16
C THR D 566 -10.60 -11.17 11.79
N LEU D 567 -11.83 -10.81 11.50
CA LEU D 567 -12.42 -11.00 10.13
C LEU D 567 -12.81 -9.64 9.56
N ASN D 568 -12.30 -9.38 8.38
CA ASN D 568 -12.67 -8.20 7.58
C ASN D 568 -13.26 -8.61 6.26
N LEU D 569 -14.39 -7.98 5.95
CA LEU D 569 -15.20 -8.30 4.75
C LEU D 569 -14.83 -7.43 3.55
N LYS E 75 -60.87 15.87 40.97
CA LYS E 75 -59.94 15.04 40.12
C LYS E 75 -59.45 15.86 38.92
N VAL E 76 -58.16 15.81 38.71
CA VAL E 76 -57.48 16.62 37.68
C VAL E 76 -56.79 15.75 36.60
N ARG E 77 -56.88 16.21 35.38
CA ARG E 77 -56.16 15.56 34.26
C ARG E 77 -54.64 15.68 34.48
N TRP E 78 -53.91 14.62 34.12
CA TRP E 78 -52.45 14.55 34.45
C TRP E 78 -51.65 15.76 33.91
N PRO E 79 -51.95 16.24 32.69
CA PRO E 79 -51.17 17.38 32.19
C PRO E 79 -51.48 18.69 32.87
N ASP E 80 -52.64 18.76 33.50
CA ASP E 80 -53.04 19.96 34.32
C ASP E 80 -52.45 19.93 35.72
N PHE E 81 -51.85 18.82 36.05
CA PHE E 81 -51.25 18.66 37.39
C PHE E 81 -50.04 19.54 37.59
N ASN E 82 -50.01 20.22 38.73
CA ASN E 82 -48.93 21.19 39.03
C ASN E 82 -47.65 20.57 39.61
N GLN E 83 -46.77 20.15 38.73
CA GLN E 83 -45.57 19.42 39.15
C GLN E 83 -44.56 20.29 39.88
N GLU E 84 -44.49 21.53 39.43
CA GLU E 84 -43.55 22.56 39.98
C GLU E 84 -43.80 22.74 41.51
N ALA E 85 -45.09 22.85 41.80
CA ALA E 85 -45.60 22.98 43.20
C ALA E 85 -45.42 21.77 44.08
N TYR E 86 -45.70 20.63 43.47
CA TYR E 86 -45.57 19.29 44.11
C TYR E 86 -44.11 18.93 44.48
N VAL E 87 -43.26 19.00 43.48
CA VAL E 87 -41.84 18.66 43.62
C VAL E 87 -41.10 19.68 44.48
N GLY E 88 -41.54 20.91 44.32
CA GLY E 88 -40.96 22.10 44.98
C GLY E 88 -41.24 22.02 46.49
N GLY E 89 -40.27 22.40 47.30
CA GLY E 89 -40.45 22.20 48.76
C GLY E 89 -40.04 20.84 49.31
N THR E 90 -39.66 19.94 48.42
CA THR E 90 -38.80 18.79 48.78
C THR E 90 -37.50 18.76 47.95
N MET E 91 -37.22 19.86 47.30
CA MET E 91 -35.98 19.99 46.56
C MET E 91 -34.74 19.96 47.42
N VAL E 92 -33.64 19.65 46.76
CA VAL E 92 -32.33 19.60 47.37
C VAL E 92 -31.86 21.04 47.56
N ARG E 93 -31.34 21.31 48.74
CA ARG E 93 -30.97 22.68 49.08
C ARG E 93 -29.54 22.93 48.68
N SER E 94 -29.22 24.22 48.63
CA SER E 94 -27.89 24.71 48.31
C SER E 94 -26.84 23.88 49.03
N GLY E 95 -25.92 23.37 48.22
CA GLY E 95 -24.82 22.51 48.63
C GLY E 95 -25.16 21.30 49.47
N GLN E 96 -26.42 20.99 49.70
CA GLN E 96 -26.73 19.67 50.26
C GLN E 96 -26.37 18.57 49.20
N ASP E 97 -26.24 17.34 49.71
CA ASP E 97 -25.89 16.15 48.92
C ASP E 97 -27.07 15.53 48.18
N PRO E 98 -27.03 15.51 46.84
CA PRO E 98 -28.14 15.08 46.00
C PRO E 98 -28.43 13.57 46.02
N TYR E 99 -27.44 12.79 46.45
CA TYR E 99 -27.56 11.30 46.57
C TYR E 99 -28.03 10.75 47.93
N ALA E 100 -28.15 11.65 48.90
CA ALA E 100 -28.37 11.28 50.33
C ALA E 100 -29.67 10.52 50.63
N ARG E 101 -30.78 11.17 50.30
CA ARG E 101 -32.17 10.68 50.60
C ARG E 101 -32.63 9.42 49.86
N ASN E 102 -32.13 9.28 48.64
CA ASN E 102 -32.58 8.22 47.72
C ASN E 102 -31.53 7.27 47.14
N LYS E 103 -30.28 7.60 47.33
CA LYS E 103 -29.16 6.80 46.70
C LYS E 103 -29.22 6.82 45.16
N PHE E 104 -29.92 7.83 44.70
CA PHE E 104 -29.83 8.32 43.32
C PHE E 104 -29.83 9.85 43.27
N ASN E 105 -29.40 10.36 42.15
CA ASN E 105 -29.24 11.81 41.98
C ASN E 105 -30.57 12.55 41.92
N GLN E 106 -30.99 13.06 43.07
CA GLN E 106 -32.27 13.76 43.17
C GLN E 106 -32.34 15.06 42.37
N VAL E 107 -31.22 15.76 42.32
CA VAL E 107 -31.18 17.08 41.66
C VAL E 107 -31.53 16.89 40.19
N GLU E 108 -30.86 15.90 39.64
CA GLU E 108 -30.97 15.56 38.23
C GLU E 108 -32.39 15.08 37.85
N SER E 109 -32.93 14.27 38.75
CA SER E 109 -34.33 13.77 38.66
C SER E 109 -35.37 14.90 38.69
N ASP E 110 -35.11 15.85 39.57
CA ASP E 110 -36.00 17.06 39.76
C ASP E 110 -36.01 18.06 38.59
N LYS E 111 -34.89 18.14 37.89
CA LYS E 111 -34.74 18.92 36.59
C LYS E 111 -35.68 18.43 35.46
N LEU E 112 -35.95 17.15 35.53
CA LEU E 112 -36.75 16.42 34.55
C LEU E 112 -38.22 16.74 34.58
N ARG E 113 -38.73 16.94 33.39
CA ARG E 113 -40.17 17.19 33.13
C ARG E 113 -40.96 15.90 33.49
N MET E 114 -42.11 16.09 34.10
CA MET E 114 -42.95 14.93 34.60
C MET E 114 -43.32 13.90 33.50
N ASP E 115 -43.44 14.45 32.31
CA ASP E 115 -43.71 13.69 31.07
C ASP E 115 -42.60 13.78 30.03
N ARG E 116 -41.39 13.83 30.54
CA ARG E 116 -40.20 13.98 29.65
C ARG E 116 -40.14 12.96 28.53
N ALA E 117 -39.64 13.42 27.42
CA ALA E 117 -39.43 12.55 26.24
C ALA E 117 -38.32 11.53 26.48
N ILE E 118 -38.51 10.33 25.97
CA ILE E 118 -37.50 9.26 26.08
C ILE E 118 -37.33 8.43 24.81
N PRO E 119 -36.12 7.92 24.57
CA PRO E 119 -35.96 7.21 23.34
C PRO E 119 -36.77 5.94 23.28
N ASP E 120 -37.30 5.70 22.09
CA ASP E 120 -37.98 4.47 21.78
C ASP E 120 -36.92 3.38 21.64
N THR E 121 -36.83 2.55 22.67
CA THR E 121 -35.81 1.49 22.76
C THR E 121 -36.25 0.11 22.24
N ARG E 122 -37.34 0.14 21.52
CA ARG E 122 -37.93 -1.10 21.01
C ARG E 122 -37.34 -1.58 19.72
N HIS E 123 -37.39 -2.89 19.56
CA HIS E 123 -37.11 -3.55 18.26
C HIS E 123 -38.02 -2.94 17.21
N ASP E 124 -37.46 -2.78 16.01
CA ASP E 124 -38.17 -2.18 14.84
C ASP E 124 -39.51 -2.82 14.54
N GLN E 125 -39.54 -4.11 14.76
CA GLN E 125 -40.71 -4.97 14.48
C GLN E 125 -41.91 -4.64 15.34
N CYS E 126 -41.63 -4.31 16.58
CA CYS E 126 -42.65 -3.85 17.57
C CYS E 126 -43.28 -2.52 17.16
N GLN E 127 -42.41 -1.70 16.64
CA GLN E 127 -42.76 -0.33 16.19
C GLN E 127 -43.69 -0.30 14.98
N ARG E 128 -43.59 -1.38 14.22
CA ARG E 128 -44.40 -1.66 13.00
C ARG E 128 -45.47 -2.65 13.36
N LYS E 129 -46.28 -2.28 14.33
CA LYS E 129 -47.25 -3.22 14.86
C LYS E 129 -48.48 -2.56 15.40
N GLN E 130 -49.62 -3.05 14.92
CA GLN E 130 -50.94 -2.66 15.45
C GLN E 130 -51.29 -3.54 16.64
N TRP E 131 -51.40 -2.90 17.78
CA TRP E 131 -51.68 -3.60 19.02
C TRP E 131 -53.16 -3.72 19.29
N ARG E 132 -53.55 -4.88 19.78
CA ARG E 132 -54.91 -5.05 20.26
C ARG E 132 -55.34 -4.05 21.28
N VAL E 133 -56.62 -3.75 21.20
CA VAL E 133 -57.34 -2.71 21.97
C VAL E 133 -58.30 -3.34 22.99
N ASP E 134 -58.89 -4.41 22.47
CA ASP E 134 -59.95 -5.26 23.08
C ASP E 134 -59.43 -6.22 24.12
N LEU E 135 -58.90 -5.56 25.12
CA LEU E 135 -58.06 -6.20 26.15
C LEU E 135 -58.60 -5.90 27.52
N PRO E 136 -58.36 -6.78 28.47
CA PRO E 136 -58.76 -6.45 29.80
C PRO E 136 -57.98 -5.32 30.36
N ALA E 137 -58.71 -4.45 31.03
CA ALA E 137 -58.08 -3.32 31.74
C ALA E 137 -57.29 -3.80 32.92
N THR E 138 -56.30 -2.99 33.26
CA THR E 138 -55.45 -3.30 34.41
C THR E 138 -55.50 -2.28 35.58
N SER E 139 -55.25 -2.85 36.73
CA SER E 139 -55.11 -2.11 37.99
C SER E 139 -53.64 -2.07 38.30
N VAL E 140 -53.09 -0.87 38.10
CA VAL E 140 -51.67 -0.64 38.35
C VAL E 140 -51.35 -0.40 39.81
N VAL E 141 -50.54 -1.27 40.38
CA VAL E 141 -50.18 -1.19 41.81
C VAL E 141 -48.74 -0.72 41.99
N ILE E 142 -48.63 0.43 42.59
CA ILE E 142 -47.34 1.07 42.84
C ILE E 142 -47.16 1.38 44.31
N THR E 143 -46.10 0.84 44.81
CA THR E 143 -45.82 0.79 46.21
C THR E 143 -44.61 1.61 46.48
N PHE E 144 -44.66 2.36 47.55
CA PHE E 144 -43.56 3.28 47.86
C PHE E 144 -43.34 3.70 49.31
N HIS E 145 -42.07 3.95 49.60
CA HIS E 145 -41.61 4.42 50.92
C HIS E 145 -40.48 5.49 50.82
N ASN E 146 -40.84 6.69 51.23
CA ASN E 146 -39.98 7.87 51.10
C ASN E 146 -39.27 7.96 49.76
N GLU E 147 -40.10 7.90 48.74
CA GLU E 147 -39.68 8.03 47.33
C GLU E 147 -39.55 9.48 46.98
N ALA E 148 -38.63 9.75 46.11
CA ALA E 148 -38.44 11.10 45.57
C ALA E 148 -39.67 11.54 44.78
N ARG E 149 -40.20 12.67 45.14
CA ARG E 149 -41.49 13.13 44.51
C ARG E 149 -41.45 13.17 42.99
N SER E 150 -40.39 13.75 42.47
CA SER E 150 -40.25 13.92 41.00
C SER E 150 -40.30 12.53 40.31
N ALA E 151 -39.61 11.58 40.90
CA ALA E 151 -39.52 10.19 40.34
C ALA E 151 -40.89 9.46 40.38
N LEU E 152 -41.55 9.67 41.51
CA LEU E 152 -42.84 9.05 41.81
C LEU E 152 -43.92 9.55 40.84
N LEU E 153 -43.98 10.85 40.78
CA LEU E 153 -44.90 11.55 39.86
C LEU E 153 -44.65 11.07 38.43
N ARG E 154 -43.38 11.09 38.07
CA ARG E 154 -42.96 10.74 36.69
C ARG E 154 -43.38 9.29 36.35
N THR E 155 -43.38 8.45 37.37
CA THR E 155 -43.75 7.06 37.16
C THR E 155 -45.22 7.03 36.77
N VAL E 156 -46.00 7.64 37.64
CA VAL E 156 -47.47 7.77 37.49
C VAL E 156 -47.88 8.42 36.16
N VAL E 157 -47.29 9.57 35.86
CA VAL E 157 -47.65 10.23 34.57
C VAL E 157 -47.23 9.33 33.38
N SER E 158 -46.11 8.61 33.55
CA SER E 158 -45.64 7.77 32.40
C SER E 158 -46.69 6.72 32.10
N VAL E 159 -47.25 6.22 33.16
CA VAL E 159 -48.29 5.17 33.04
C VAL E 159 -49.51 5.74 32.30
N LEU E 160 -49.95 6.85 32.82
CA LEU E 160 -51.16 7.57 32.23
C LEU E 160 -50.95 8.00 30.80
N LYS E 161 -49.80 8.58 30.52
CA LYS E 161 -49.53 9.21 29.20
C LYS E 161 -49.27 8.18 28.10
N LYS E 162 -48.62 7.10 28.50
CA LYS E 162 -48.14 6.05 27.56
C LYS E 162 -49.07 4.87 27.35
N SER E 163 -50.12 4.85 28.14
CA SER E 163 -51.11 3.74 28.14
C SER E 163 -52.48 4.16 27.60
N PRO E 164 -53.11 3.33 26.77
CA PRO E 164 -54.47 3.64 26.30
C PRO E 164 -55.36 3.75 27.50
N PRO E 165 -56.12 4.85 27.61
CA PRO E 165 -56.81 5.10 28.86
C PRO E 165 -57.80 4.03 29.28
N HIS E 166 -58.51 3.48 28.30
CA HIS E 166 -59.56 2.49 28.58
C HIS E 166 -58.97 1.21 29.21
N LEU E 167 -57.69 0.99 28.96
CA LEU E 167 -56.90 -0.12 29.59
C LEU E 167 -56.38 0.16 31.00
N ILE E 168 -56.44 1.42 31.39
CA ILE E 168 -56.00 1.81 32.74
C ILE E 168 -57.20 2.06 33.63
N LYS E 169 -57.59 1.02 34.32
CA LYS E 169 -58.74 1.09 35.26
C LYS E 169 -58.49 2.07 36.37
N GLU E 170 -57.34 1.88 36.96
CA GLU E 170 -56.93 2.67 38.12
C GLU E 170 -55.43 2.55 38.39
N ILE E 171 -54.92 3.57 39.03
CA ILE E 171 -53.55 3.51 39.57
C ILE E 171 -53.60 3.55 41.07
N ILE E 172 -53.15 2.45 41.65
CA ILE E 172 -53.18 2.28 43.10
C ILE E 172 -51.85 2.53 43.73
N LEU E 173 -51.82 3.66 44.40
CA LEU E 173 -50.61 4.08 45.13
C LEU E 173 -50.66 3.62 46.55
N VAL E 174 -49.77 2.70 46.86
CA VAL E 174 -49.63 2.24 48.25
C VAL E 174 -48.46 2.90 48.95
N ASP E 175 -48.82 3.87 49.77
CA ASP E 175 -47.89 4.64 50.66
C ASP E 175 -47.43 3.82 51.89
N ASP E 176 -46.25 3.23 51.80
CA ASP E 176 -45.73 2.35 52.86
C ASP E 176 -45.07 3.08 54.00
N TYR E 177 -45.91 3.80 54.68
CA TYR E 177 -45.53 4.54 55.91
C TYR E 177 -44.42 5.55 55.66
N SER E 178 -44.63 6.32 54.61
CA SER E 178 -43.72 7.44 54.25
C SER E 178 -43.73 8.53 55.32
N ASN E 179 -42.59 9.10 55.63
CA ASN E 179 -42.53 10.20 56.65
C ASN E 179 -43.63 11.21 56.42
N ASP E 180 -43.65 11.72 55.21
CA ASP E 180 -44.64 12.73 54.75
C ASP E 180 -45.79 12.16 53.92
N PRO E 181 -47.00 12.07 54.49
CA PRO E 181 -48.15 11.46 53.79
C PRO E 181 -48.68 12.24 52.62
N GLU E 182 -48.23 13.47 52.51
CA GLU E 182 -48.58 14.36 51.41
C GLU E 182 -48.04 13.90 50.08
N ASP E 183 -46.83 13.38 50.15
CA ASP E 183 -46.10 12.82 48.97
C ASP E 183 -47.08 12.07 48.05
N GLY E 184 -47.78 11.15 48.68
CA GLY E 184 -48.80 10.31 48.03
C GLY E 184 -50.19 10.94 47.94
N ALA E 185 -50.60 11.49 49.06
CA ALA E 185 -51.93 12.14 49.19
C ALA E 185 -52.19 13.19 48.09
N LEU E 186 -51.20 14.01 47.84
CA LEU E 186 -51.26 15.07 46.81
C LEU E 186 -51.52 14.52 45.41
N LEU E 187 -50.92 13.37 45.13
CA LEU E 187 -51.06 12.66 43.80
C LEU E 187 -52.46 12.13 43.59
N GLY E 188 -53.12 12.00 44.71
CA GLY E 188 -54.54 11.53 44.79
C GLY E 188 -55.54 12.40 44.03
N LYS E 189 -55.12 13.64 43.79
CA LYS E 189 -55.87 14.62 42.96
C LYS E 189 -55.95 14.18 41.52
N ILE E 190 -55.02 13.34 41.14
CA ILE E 190 -54.86 12.95 39.74
C ILE E 190 -55.84 11.89 39.31
N GLU E 191 -56.34 12.11 38.12
CA GLU E 191 -57.23 11.16 37.38
C GLU E 191 -56.76 9.72 37.52
N LYS E 192 -57.69 8.88 37.90
CA LYS E 192 -57.51 7.41 38.13
C LYS E 192 -56.58 6.99 39.30
N VAL E 193 -55.97 7.97 39.92
CA VAL E 193 -55.07 7.70 41.06
C VAL E 193 -55.80 7.53 42.39
N ARG E 194 -55.67 6.35 42.96
CA ARG E 194 -56.12 6.09 44.36
C ARG E 194 -54.95 5.92 45.27
N VAL E 195 -54.98 6.61 46.38
CA VAL E 195 -53.90 6.44 47.34
C VAL E 195 -54.34 5.71 48.61
N LEU E 196 -53.63 4.63 48.87
CA LEU E 196 -53.68 3.84 50.12
C LEU E 196 -52.45 4.03 51.03
N ARG E 197 -52.70 4.50 52.24
CA ARG E 197 -51.62 4.82 53.17
C ARG E 197 -51.51 3.87 54.36
N ASN E 198 -50.44 3.08 54.39
CA ASN E 198 -50.09 2.24 55.55
C ASN E 198 -49.77 3.10 56.76
N ASP E 199 -50.43 2.82 57.85
CA ASP E 199 -50.20 3.55 59.12
C ASP E 199 -49.05 2.95 59.97
N ARG E 200 -48.44 1.91 59.42
CA ARG E 200 -47.13 1.43 59.88
C ARG E 200 -46.31 0.76 58.75
N ARG E 201 -44.99 0.74 58.91
CA ARG E 201 -44.13 0.16 57.88
C ARG E 201 -44.41 -1.33 57.73
N GLU E 202 -44.86 -1.73 56.55
CA GLU E 202 -45.21 -3.16 56.22
C GLU E 202 -44.26 -3.85 55.27
N GLY E 203 -43.62 -3.01 54.50
CA GLY E 203 -42.74 -3.48 53.45
C GLY E 203 -43.39 -3.71 52.09
N LEU E 204 -42.56 -4.10 51.15
CA LEU E 204 -42.91 -4.14 49.71
C LEU E 204 -43.96 -5.22 49.43
N MET E 205 -43.77 -6.40 49.99
CA MET E 205 -44.65 -7.50 49.65
C MET E 205 -46.00 -7.33 50.25
N ARG E 206 -46.04 -7.10 51.54
CA ARG E 206 -47.32 -6.91 52.25
C ARG E 206 -48.13 -5.77 51.62
N SER E 207 -47.42 -4.68 51.36
CA SER E 207 -47.99 -3.49 50.67
C SER E 207 -48.64 -3.82 49.34
N ARG E 208 -47.95 -4.60 48.57
CA ARG E 208 -48.42 -5.04 47.24
C ARG E 208 -49.70 -5.81 47.33
N VAL E 209 -49.71 -6.69 48.30
CA VAL E 209 -50.88 -7.56 48.53
C VAL E 209 -52.08 -6.69 48.91
N ARG E 210 -51.80 -5.73 49.76
CA ARG E 210 -52.83 -4.76 50.18
C ARG E 210 -53.43 -4.07 48.96
N GLY E 211 -52.54 -3.64 48.09
CA GLY E 211 -52.92 -2.92 46.88
C GLY E 211 -53.72 -3.81 45.91
N ALA E 212 -53.15 -4.99 45.70
CA ALA E 212 -53.79 -6.06 44.87
C ALA E 212 -55.21 -6.38 45.34
N ASP E 213 -55.33 -6.50 46.65
CA ASP E 213 -56.61 -6.78 47.34
C ASP E 213 -57.65 -5.73 47.01
N ALA E 214 -57.19 -4.49 47.00
CA ALA E 214 -58.03 -3.29 46.72
C ALA E 214 -58.36 -3.10 45.24
N ALA E 215 -57.69 -3.89 44.45
CA ALA E 215 -57.73 -3.75 42.99
C ALA E 215 -59.04 -4.24 42.42
N GLN E 216 -59.59 -3.42 41.57
CA GLN E 216 -60.90 -3.69 40.91
C GLN E 216 -60.84 -4.35 39.57
N ALA E 217 -59.74 -4.17 38.89
CA ALA E 217 -59.55 -4.75 37.56
C ALA E 217 -59.34 -6.27 37.60
N LYS E 218 -59.44 -6.88 36.45
CA LYS E 218 -59.16 -8.34 36.29
C LYS E 218 -57.70 -8.68 36.34
N VAL E 219 -56.95 -7.73 35.83
CA VAL E 219 -55.50 -7.86 35.65
C VAL E 219 -54.75 -6.89 36.53
N LEU E 220 -53.80 -7.48 37.24
CA LEU E 220 -52.80 -6.76 38.06
C LEU E 220 -51.53 -6.39 37.33
N THR E 221 -51.17 -5.13 37.47
CA THR E 221 -49.85 -4.68 37.04
C THR E 221 -49.04 -4.08 38.20
N PHE E 222 -47.92 -4.72 38.49
CA PHE E 222 -46.98 -4.21 39.49
C PHE E 222 -45.79 -3.44 38.92
N LEU E 223 -45.60 -2.27 39.48
CA LEU E 223 -44.44 -1.39 39.18
C LEU E 223 -43.77 -0.77 40.39
N ASP E 224 -42.46 -0.60 40.26
CA ASP E 224 -41.67 0.22 41.20
C ASP E 224 -42.12 1.66 41.12
N SER E 225 -41.77 2.40 42.16
CA SER E 225 -42.08 3.88 42.25
C SER E 225 -41.09 4.86 41.54
N HIS E 226 -40.06 4.30 40.95
CA HIS E 226 -39.03 5.06 40.13
C HIS E 226 -38.85 4.39 38.77
N CYS E 227 -39.97 4.26 38.08
CA CYS E 227 -40.05 3.70 36.70
C CYS E 227 -40.53 4.69 35.67
N GLU E 228 -40.17 4.40 34.45
CA GLU E 228 -40.65 5.16 33.27
C GLU E 228 -41.11 4.27 32.14
N CYS E 229 -42.41 4.30 31.92
CA CYS E 229 -43.02 3.52 30.85
C CYS E 229 -42.72 4.05 29.49
N ASN E 230 -42.45 3.12 28.61
CA ASN E 230 -42.19 3.44 27.21
C ASN E 230 -43.41 3.26 26.28
N GLU E 231 -43.20 3.68 25.06
CA GLU E 231 -44.16 3.43 23.95
C GLU E 231 -44.77 2.03 23.97
N HIS E 232 -46.10 2.05 23.97
CA HIS E 232 -46.96 0.84 23.83
C HIS E 232 -46.47 -0.33 24.67
N TRP E 233 -46.16 0.05 25.88
CA TRP E 233 -45.53 -0.86 26.85
C TRP E 233 -46.52 -1.89 27.36
N LEU E 234 -47.74 -1.46 27.47
CA LEU E 234 -48.79 -2.24 28.18
C LEU E 234 -49.52 -3.34 27.35
N GLU E 235 -49.90 -2.95 26.17
CA GLU E 235 -50.66 -3.84 25.24
C GLU E 235 -50.04 -5.24 25.05
N PRO E 236 -48.76 -5.35 24.67
CA PRO E 236 -48.12 -6.65 24.58
C PRO E 236 -48.19 -7.48 25.82
N LEU E 237 -48.18 -6.80 26.96
CA LEU E 237 -48.16 -7.55 28.24
C LEU E 237 -49.52 -8.17 28.39
N LEU E 238 -50.50 -7.34 28.18
CA LEU E 238 -51.92 -7.72 28.44
C LEU E 238 -52.42 -8.75 27.45
N GLU E 239 -52.02 -8.55 26.23
CA GLU E 239 -52.24 -9.50 25.12
C GLU E 239 -51.97 -10.93 25.61
N ARG E 240 -50.84 -11.08 26.25
CA ARG E 240 -50.35 -12.39 26.71
C ARG E 240 -51.27 -13.03 27.73
N VAL E 241 -51.57 -12.28 28.76
CA VAL E 241 -52.27 -12.85 29.94
C VAL E 241 -53.76 -12.97 29.60
N ALA E 242 -54.16 -12.19 28.63
CA ALA E 242 -55.55 -12.29 28.10
C ALA E 242 -55.77 -13.63 27.36
N GLU E 243 -54.84 -13.96 26.48
CA GLU E 243 -54.81 -15.30 25.80
C GLU E 243 -54.78 -16.48 26.77
N ASP E 244 -53.96 -16.31 27.79
CA ASP E 244 -53.66 -17.35 28.78
C ASP E 244 -53.36 -16.78 30.15
N ARG E 245 -54.31 -16.97 31.03
CA ARG E 245 -54.33 -16.34 32.40
C ARG E 245 -53.26 -16.86 33.41
N THR E 246 -52.60 -17.93 33.00
CA THR E 246 -51.52 -18.58 33.83
C THR E 246 -50.14 -17.99 33.54
N ARG E 247 -50.10 -17.24 32.47
CA ARG E 247 -48.90 -16.49 32.10
C ARG E 247 -48.71 -15.33 33.04
N VAL E 248 -47.51 -15.32 33.56
CA VAL E 248 -46.99 -14.18 34.32
C VAL E 248 -45.87 -13.49 33.54
N VAL E 249 -46.13 -12.25 33.22
CA VAL E 249 -45.29 -11.56 32.26
C VAL E 249 -44.65 -10.24 32.68
N SER E 250 -43.51 -10.02 32.07
CA SER E 250 -42.63 -8.84 32.32
C SER E 250 -42.13 -8.11 31.13
N PRO E 251 -41.97 -6.80 31.28
CA PRO E 251 -41.33 -6.16 30.21
C PRO E 251 -39.86 -6.30 30.33
N ILE E 252 -39.23 -5.94 29.25
CA ILE E 252 -37.84 -5.72 29.26
C ILE E 252 -37.67 -4.49 30.05
N ILE E 253 -36.77 -4.59 31.00
CA ILE E 253 -36.48 -3.47 31.90
C ILE E 253 -35.31 -2.63 31.45
N ASP E 254 -35.65 -1.56 30.81
CA ASP E 254 -34.62 -0.59 30.42
C ASP E 254 -33.94 0.02 31.67
N VAL E 255 -32.79 0.61 31.42
CA VAL E 255 -31.99 1.22 32.48
C VAL E 255 -32.06 2.72 32.51
N ILE E 256 -32.49 3.22 33.65
CA ILE E 256 -32.41 4.62 33.96
C ILE E 256 -31.24 4.90 34.92
N ASN E 257 -30.29 5.62 34.35
CA ASN E 257 -29.05 5.97 35.04
C ASN E 257 -29.29 6.79 36.31
N MET E 258 -28.74 6.25 37.38
CA MET E 258 -28.94 6.79 38.77
C MET E 258 -28.28 8.14 39.00
N ASP E 259 -27.27 8.43 38.18
CA ASP E 259 -26.48 9.70 38.31
C ASP E 259 -27.01 10.85 37.44
N ASN E 260 -27.10 10.59 36.16
CA ASN E 260 -27.54 11.61 35.15
C ASN E 260 -28.95 11.45 34.61
N PHE E 261 -29.59 10.39 35.04
CA PHE E 261 -31.02 10.07 34.69
C PHE E 261 -31.34 9.83 33.22
N GLN E 262 -30.29 9.50 32.52
CA GLN E 262 -30.45 9.09 31.13
C GLN E 262 -31.15 7.75 31.02
N TYR E 263 -32.07 7.75 30.09
CA TYR E 263 -32.87 6.55 29.73
C TYR E 263 -32.13 5.71 28.70
N VAL E 264 -31.75 4.56 29.13
CA VAL E 264 -30.89 3.69 28.34
C VAL E 264 -31.55 2.37 28.04
N GLY E 265 -31.50 2.06 26.77
CA GLY E 265 -32.00 0.81 26.24
C GLY E 265 -31.22 -0.41 26.71
N ALA E 266 -31.95 -1.36 27.27
CA ALA E 266 -31.36 -2.62 27.78
C ALA E 266 -31.24 -3.66 26.74
N SER E 267 -30.44 -4.65 27.06
CA SER E 267 -30.31 -5.82 26.20
C SER E 267 -31.58 -6.65 26.25
N ALA E 268 -32.00 -7.08 25.07
CA ALA E 268 -33.15 -8.02 24.89
C ALA E 268 -32.75 -9.48 24.87
N ASP E 269 -31.47 -9.70 24.97
CA ASP E 269 -30.87 -11.07 24.80
C ASP E 269 -30.67 -11.77 26.12
N LEU E 270 -31.36 -11.24 27.11
CA LEU E 270 -31.26 -11.72 28.51
C LEU E 270 -32.46 -12.44 29.08
N LYS E 271 -32.11 -13.45 29.83
CA LYS E 271 -33.03 -14.18 30.71
C LYS E 271 -32.69 -13.92 32.18
N GLY E 272 -33.71 -14.07 32.96
CA GLY E 272 -33.58 -14.09 34.41
C GLY E 272 -32.93 -15.38 34.91
N GLY E 273 -32.28 -15.31 36.06
CA GLY E 273 -31.62 -16.50 36.61
C GLY E 273 -31.02 -16.43 37.99
N PHE E 274 -30.41 -17.52 38.38
CA PHE E 274 -29.73 -17.60 39.68
C PHE E 274 -28.68 -18.70 39.86
N ASP E 275 -27.90 -18.45 40.89
CA ASP E 275 -26.87 -19.37 41.37
C ASP E 275 -27.36 -20.00 42.64
N TRP E 276 -26.64 -21.00 43.10
CA TRP E 276 -27.09 -21.80 44.27
C TRP E 276 -27.20 -21.02 45.60
N ASN E 277 -26.48 -19.92 45.67
CA ASN E 277 -26.63 -18.89 46.77
C ASN E 277 -27.99 -18.17 46.73
N LEU E 278 -28.81 -18.64 45.80
CA LEU E 278 -30.17 -18.06 45.44
C LEU E 278 -30.25 -16.57 45.17
N VAL E 279 -29.14 -16.03 44.77
CA VAL E 279 -29.09 -14.60 44.48
C VAL E 279 -29.33 -14.38 42.96
N PHE E 280 -30.25 -13.46 42.73
CA PHE E 280 -30.71 -13.17 41.37
C PHE E 280 -29.57 -12.68 40.49
N LYS E 281 -29.63 -13.11 39.26
CA LYS E 281 -28.68 -12.67 38.23
C LYS E 281 -29.23 -12.76 36.83
N TRP E 282 -28.63 -11.97 35.95
CA TRP E 282 -28.94 -12.00 34.50
C TRP E 282 -28.09 -12.98 33.71
N ASP E 283 -28.76 -13.96 33.14
CA ASP E 283 -28.15 -14.93 32.21
C ASP E 283 -28.29 -14.39 30.79
N TYR E 284 -27.24 -14.58 29.99
CA TYR E 284 -27.35 -14.41 28.52
C TYR E 284 -28.03 -15.69 27.99
N MET E 285 -28.83 -15.50 26.94
CA MET E 285 -29.41 -16.65 26.21
C MET E 285 -28.31 -17.46 25.60
N THR E 286 -28.52 -18.75 25.54
CA THR E 286 -27.58 -19.67 24.84
C THR E 286 -27.62 -19.35 23.33
N PRO E 287 -26.46 -19.41 22.63
CA PRO E 287 -26.41 -19.18 21.18
C PRO E 287 -27.41 -20.05 20.43
N GLU E 288 -27.57 -21.25 20.96
CA GLU E 288 -28.63 -22.21 20.56
C GLU E 288 -30.02 -21.55 20.53
N GLN E 289 -30.42 -21.07 21.69
CA GLN E 289 -31.69 -20.31 21.90
C GLN E 289 -31.80 -19.09 20.97
N ARG E 290 -30.78 -18.25 21.05
CA ARG E 290 -30.68 -16.99 20.26
C ARG E 290 -31.01 -17.25 18.80
N ARG E 291 -30.31 -18.23 18.28
CA ARG E 291 -30.34 -18.63 16.85
C ARG E 291 -31.75 -19.06 16.42
N SER E 292 -32.34 -19.85 17.29
CA SER E 292 -33.70 -20.47 17.11
C SER E 292 -34.87 -19.46 17.15
N ARG E 293 -34.53 -18.26 17.59
CA ARG E 293 -35.45 -17.08 17.64
C ARG E 293 -35.31 -16.15 16.44
N GLN E 294 -34.16 -16.25 15.81
CA GLN E 294 -33.77 -15.40 14.64
C GLN E 294 -34.97 -15.22 13.70
N GLY E 295 -35.74 -16.28 13.61
CA GLY E 295 -37.04 -16.31 12.88
C GLY E 295 -38.02 -15.20 13.30
N ASN E 296 -38.33 -15.21 14.59
CA ASN E 296 -39.07 -14.10 15.31
C ASN E 296 -38.35 -13.52 16.53
N PRO E 297 -37.63 -12.42 16.38
CA PRO E 297 -36.76 -11.90 17.45
C PRO E 297 -37.45 -11.14 18.59
N VAL E 298 -38.69 -10.77 18.37
CA VAL E 298 -39.51 -10.14 19.44
C VAL E 298 -40.56 -11.08 20.07
N ALA E 299 -40.33 -12.34 19.91
CA ALA E 299 -41.17 -13.35 20.57
C ALA E 299 -40.99 -13.38 22.08
N PRO E 300 -42.00 -13.83 22.80
CA PRO E 300 -41.83 -14.02 24.18
C PRO E 300 -40.62 -14.87 24.50
N ILE E 301 -40.01 -14.57 25.61
CA ILE E 301 -38.88 -15.33 26.11
C ILE E 301 -39.25 -15.97 27.46
N LYS E 302 -39.21 -17.28 27.46
CA LYS E 302 -39.37 -18.06 28.70
C LYS E 302 -38.21 -17.73 29.62
N THR E 303 -38.56 -17.42 30.85
CA THR E 303 -37.55 -17.07 31.91
C THR E 303 -37.76 -17.84 33.19
N PRO E 304 -36.71 -18.43 33.75
CA PRO E 304 -36.91 -19.32 34.90
C PRO E 304 -37.14 -18.50 36.13
N MET E 305 -36.81 -17.26 35.97
CA MET E 305 -36.98 -16.29 37.03
C MET E 305 -37.24 -14.87 36.56
N ILE E 306 -38.06 -14.19 37.34
CA ILE E 306 -38.30 -12.75 37.10
C ILE E 306 -37.52 -11.89 38.04
N ALA E 307 -37.12 -10.73 37.50
CA ALA E 307 -36.45 -9.65 38.25
C ALA E 307 -37.24 -9.31 39.55
N GLY E 308 -38.51 -9.01 39.32
CA GLY E 308 -39.55 -9.00 40.40
C GLY E 308 -40.29 -7.65 40.53
N GLY E 309 -39.55 -6.61 40.33
CA GLY E 309 -40.14 -5.27 40.54
C GLY E 309 -41.32 -5.03 39.61
N LEU E 310 -41.16 -5.49 38.40
CA LEU E 310 -42.05 -5.11 37.29
C LEU E 310 -42.66 -6.35 36.62
N PHE E 311 -43.90 -6.60 36.95
CA PHE E 311 -44.66 -7.64 36.23
C PHE E 311 -46.15 -7.51 36.24
N VAL E 312 -46.69 -8.28 35.31
CA VAL E 312 -48.13 -8.28 35.00
C VAL E 312 -48.70 -9.65 35.19
N MET E 313 -49.80 -9.67 35.90
CA MET E 313 -50.41 -10.92 36.39
C MET E 313 -51.91 -10.85 36.54
N ASP E 314 -52.53 -11.93 36.09
CA ASP E 314 -54.00 -12.12 36.22
C ASP E 314 -54.37 -12.13 37.69
N LYS E 315 -55.28 -11.24 38.04
CA LYS E 315 -55.66 -11.00 39.47
C LYS E 315 -56.18 -12.24 40.14
N PHE E 316 -57.07 -12.91 39.45
CA PHE E 316 -57.67 -14.17 39.96
C PHE E 316 -56.60 -15.26 40.17
N TYR E 317 -55.72 -15.36 39.20
CA TYR E 317 -54.58 -16.32 39.20
C TYR E 317 -53.59 -16.05 40.35
N PHE E 318 -53.38 -14.78 40.56
CA PHE E 318 -52.54 -14.27 41.67
C PHE E 318 -53.05 -14.77 43.00
N GLU E 319 -54.34 -14.62 43.16
CA GLU E 319 -55.08 -14.99 44.40
C GLU E 319 -55.08 -16.53 44.60
N GLU E 320 -55.51 -17.19 43.57
CA GLU E 320 -55.51 -18.65 43.46
C GLU E 320 -54.20 -19.30 43.88
N LEU E 321 -53.12 -18.86 43.24
CA LEU E 321 -51.75 -19.43 43.44
C LEU E 321 -51.16 -19.09 44.78
N GLY E 322 -51.87 -18.27 45.53
CA GLY E 322 -51.50 -17.96 46.94
C GLY E 322 -50.83 -16.62 47.15
N LYS E 323 -51.27 -15.68 46.36
CA LYS E 323 -50.83 -14.26 46.44
C LYS E 323 -49.30 -14.17 46.53
N TYR E 324 -48.88 -13.50 47.59
CA TYR E 324 -47.48 -13.54 48.07
C TYR E 324 -47.45 -14.24 49.40
N ASP E 325 -46.31 -14.84 49.69
CA ASP E 325 -46.00 -15.33 51.08
C ASP E 325 -46.00 -14.12 52.04
N MET E 326 -47.00 -14.16 52.91
CA MET E 326 -47.39 -12.99 53.77
C MET E 326 -46.49 -12.68 54.97
N MET E 327 -45.70 -13.69 55.28
CA MET E 327 -44.72 -13.67 56.41
C MET E 327 -43.28 -13.25 56.04
N MET E 328 -43.13 -12.86 54.81
CA MET E 328 -41.84 -12.35 54.35
C MET E 328 -41.77 -10.91 54.81
N ASP E 329 -40.59 -10.41 55.14
CA ASP E 329 -40.49 -9.09 55.86
C ASP E 329 -39.97 -7.92 55.11
N VAL E 330 -39.24 -8.15 54.05
CA VAL E 330 -38.81 -7.05 53.16
C VAL E 330 -37.58 -6.53 53.80
N TRP E 331 -36.45 -6.62 53.11
CA TRP E 331 -36.37 -7.02 51.67
C TRP E 331 -36.33 -8.52 51.49
N GLY E 332 -37.20 -9.03 50.63
CA GLY E 332 -37.11 -10.44 50.16
C GLY E 332 -36.45 -10.33 48.80
N GLY E 333 -36.26 -11.43 48.06
CA GLY E 333 -36.68 -12.83 48.37
C GLY E 333 -38.00 -13.32 47.80
N GLU E 334 -38.95 -12.42 47.67
CA GLU E 334 -40.32 -12.79 47.23
C GLU E 334 -40.40 -13.14 45.71
N ASN E 335 -39.58 -12.46 44.91
CA ASN E 335 -39.40 -12.72 43.44
C ASN E 335 -38.94 -14.19 43.17
N LEU E 336 -38.05 -14.62 44.05
CA LEU E 336 -37.53 -15.99 44.14
C LEU E 336 -38.71 -16.97 44.29
N GLU E 337 -39.42 -16.75 45.37
CA GLU E 337 -40.54 -17.64 45.79
C GLU E 337 -41.67 -17.77 44.76
N ILE E 338 -42.14 -16.62 44.33
CA ILE E 338 -43.22 -16.51 43.33
C ILE E 338 -42.80 -17.16 42.02
N SER E 339 -41.55 -16.97 41.64
CA SER E 339 -41.02 -17.53 40.35
C SER E 339 -41.09 -19.08 40.35
N PHE E 340 -40.63 -19.62 41.45
CA PHE E 340 -40.67 -21.09 41.64
C PHE E 340 -42.11 -21.56 41.60
N ARG E 341 -42.87 -20.94 42.48
CA ARG E 341 -44.34 -21.25 42.68
C ARG E 341 -45.13 -21.26 41.35
N VAL E 342 -45.01 -20.19 40.61
CA VAL E 342 -45.68 -20.08 39.30
C VAL E 342 -45.37 -21.24 38.33
N TRP E 343 -44.08 -21.49 38.15
CA TRP E 343 -43.56 -22.54 37.21
C TRP E 343 -43.97 -23.94 37.63
N GLN E 344 -43.63 -24.22 38.87
CA GLN E 344 -43.89 -25.53 39.52
C GLN E 344 -45.38 -25.90 39.58
N CYS E 345 -46.20 -24.89 39.83
CA CYS E 345 -47.69 -25.05 39.90
C CYS E 345 -48.48 -24.82 38.61
N GLY E 346 -47.81 -25.03 37.49
CA GLY E 346 -48.46 -25.15 36.17
C GLY E 346 -48.57 -23.88 35.36
N GLY E 347 -48.05 -22.83 35.94
CA GLY E 347 -47.97 -21.53 35.26
C GLY E 347 -46.70 -21.34 34.45
N SER E 348 -46.60 -20.17 33.85
CA SER E 348 -45.35 -19.77 33.18
C SER E 348 -44.92 -18.31 33.47
N LEU E 349 -43.63 -18.10 33.25
CA LEU E 349 -42.93 -16.80 33.36
C LEU E 349 -42.37 -16.32 32.05
N GLU E 350 -42.77 -15.13 31.66
CA GLU E 350 -42.28 -14.53 30.38
C GLU E 350 -41.74 -13.14 30.44
N ILE E 351 -40.71 -12.96 29.65
CA ILE E 351 -40.17 -11.62 29.34
C ILE E 351 -40.65 -11.29 27.95
N ILE E 352 -41.12 -10.07 27.81
CA ILE E 352 -41.79 -9.62 26.59
C ILE E 352 -41.15 -8.42 25.88
N PRO E 353 -40.37 -8.66 24.83
CA PRO E 353 -39.43 -7.68 24.30
C PRO E 353 -40.06 -6.43 23.80
N CYS E 354 -41.26 -6.55 23.31
CA CYS E 354 -41.95 -5.35 22.74
C CYS E 354 -42.42 -4.40 23.82
N SER E 355 -42.45 -4.95 25.02
CA SER E 355 -42.74 -4.21 26.25
C SER E 355 -41.49 -3.68 26.95
N ARG E 356 -41.45 -2.36 27.01
CA ARG E 356 -40.29 -1.61 27.57
C ARG E 356 -40.62 -0.66 28.68
N VAL E 357 -39.98 -0.94 29.78
CA VAL E 357 -40.12 -0.10 30.97
C VAL E 357 -38.78 0.23 31.65
N GLY E 358 -38.59 1.53 31.71
CA GLY E 358 -37.40 2.12 32.31
C GLY E 358 -37.45 1.96 33.84
N HIS E 359 -36.30 1.68 34.42
CA HIS E 359 -36.18 1.54 35.88
C HIS E 359 -34.88 2.15 36.40
N VAL E 360 -35.02 2.92 37.44
CA VAL E 360 -33.84 3.49 38.07
C VAL E 360 -33.10 2.45 38.90
N PHE E 361 -32.06 1.93 38.32
CA PHE E 361 -31.22 0.96 39.04
C PHE E 361 -30.22 1.69 39.87
N ARG E 362 -30.12 1.21 41.08
CA ARG E 362 -29.08 1.69 42.02
C ARG E 362 -28.26 0.54 42.70
N LYS E 363 -27.17 0.94 43.34
CA LYS E 363 -26.23 -0.02 44.04
C LYS E 363 -26.57 -0.28 45.49
N GLN E 364 -27.21 0.73 46.09
CA GLN E 364 -27.58 0.79 47.54
C GLN E 364 -29.06 1.06 47.79
N HIS E 365 -29.56 0.46 48.87
CA HIS E 365 -30.91 0.80 49.39
C HIS E 365 -30.87 2.07 50.24
N PRO E 366 -31.89 2.94 50.13
CA PRO E 366 -31.95 4.20 50.93
C PRO E 366 -32.64 4.06 52.29
N TYR E 367 -33.57 3.12 52.33
CA TYR E 367 -34.46 2.89 53.50
C TYR E 367 -33.98 1.96 54.65
N THR E 368 -34.85 1.90 55.66
CA THR E 368 -34.71 1.13 56.91
C THR E 368 -33.77 1.87 57.84
N PHE E 377 -32.75 -10.13 55.12
CA PHE E 377 -31.55 -10.94 54.87
C PHE E 377 -31.96 -12.25 54.25
N ALA E 378 -31.52 -13.36 54.85
CA ALA E 378 -31.93 -14.72 54.46
C ALA E 378 -33.39 -14.81 54.77
N ARG E 379 -33.77 -15.53 55.80
CA ARG E 379 -35.13 -15.48 56.29
C ARG E 379 -36.09 -15.80 55.18
N ASN E 380 -36.37 -14.81 54.35
CA ASN E 380 -37.25 -14.97 53.18
C ASN E 380 -36.73 -16.01 52.22
N THR E 381 -35.45 -15.84 51.87
CA THR E 381 -34.78 -16.80 50.97
C THR E 381 -34.96 -18.23 51.49
N ARG E 382 -34.77 -18.36 52.79
CA ARG E 382 -34.98 -19.68 53.47
C ARG E 382 -36.40 -20.23 53.32
N ARG E 383 -37.34 -19.34 53.63
CA ARG E 383 -38.81 -19.62 53.53
C ARG E 383 -39.15 -20.20 52.14
N ALA E 384 -38.51 -19.65 51.14
CA ALA E 384 -38.73 -20.03 49.73
C ALA E 384 -38.15 -21.38 49.44
N ALA E 385 -36.89 -21.49 49.81
CA ALA E 385 -36.06 -22.72 49.62
C ALA E 385 -36.64 -23.93 50.33
N GLU E 386 -37.02 -23.70 51.58
CA GLU E 386 -37.64 -24.76 52.47
C GLU E 386 -38.96 -25.33 51.93
N VAL E 387 -39.74 -24.44 51.34
CA VAL E 387 -41.09 -24.79 50.76
C VAL E 387 -41.05 -25.47 49.36
N TRP E 388 -40.17 -24.98 48.51
CA TRP E 388 -40.19 -25.29 47.02
C TRP E 388 -39.10 -26.20 46.45
N MET E 389 -37.93 -26.10 47.06
CA MET E 389 -36.67 -26.62 46.47
C MET E 389 -36.44 -28.09 46.72
N ASP E 390 -37.25 -28.59 47.63
CA ASP E 390 -37.12 -29.99 48.11
C ASP E 390 -35.69 -30.24 48.68
N GLU E 391 -35.08 -31.35 48.29
CA GLU E 391 -33.70 -31.75 48.74
C GLU E 391 -32.61 -30.79 48.30
N TYR E 392 -32.82 -30.27 47.10
CA TYR E 392 -31.91 -29.32 46.43
C TYR E 392 -31.66 -28.04 47.23
N LYS E 393 -32.51 -27.83 48.22
CA LYS E 393 -32.33 -26.72 49.22
C LYS E 393 -30.95 -26.76 49.89
N ASN E 394 -30.46 -27.97 49.99
CA ASN E 394 -29.15 -28.29 50.65
C ASN E 394 -27.96 -27.63 49.93
N PHE E 395 -28.05 -27.67 48.62
CA PHE E 395 -27.10 -26.97 47.74
C PHE E 395 -27.02 -25.47 48.03
N TYR E 396 -28.17 -24.90 48.37
CA TYR E 396 -28.26 -23.48 48.85
C TYR E 396 -27.44 -23.28 50.13
N TYR E 397 -27.72 -24.18 51.06
CA TYR E 397 -27.09 -24.17 52.41
C TYR E 397 -25.58 -24.41 52.31
N ALA E 398 -25.25 -25.24 51.35
CA ALA E 398 -23.85 -25.52 50.98
C ALA E 398 -23.11 -24.25 50.52
N ALA E 399 -23.79 -23.50 49.70
CA ALA E 399 -23.29 -22.20 49.19
C ALA E 399 -23.27 -21.10 50.27
N VAL E 400 -24.29 -21.16 51.09
CA VAL E 400 -24.51 -20.20 52.20
C VAL E 400 -24.79 -20.94 53.53
N PRO E 401 -23.74 -21.40 54.23
CA PRO E 401 -23.95 -22.21 55.44
C PRO E 401 -24.46 -21.39 56.62
N SER E 402 -24.04 -20.14 56.68
CA SER E 402 -24.47 -19.20 57.74
C SER E 402 -25.99 -19.10 57.87
N ALA E 403 -26.63 -19.37 56.74
CA ALA E 403 -28.11 -19.35 56.57
C ALA E 403 -28.87 -20.47 57.32
N ARG E 404 -28.18 -21.56 57.58
CA ARG E 404 -28.73 -22.68 58.42
C ARG E 404 -29.22 -22.23 59.80
N ASN E 405 -28.54 -21.20 60.29
CA ASN E 405 -28.75 -20.57 61.64
C ASN E 405 -29.88 -19.56 61.76
N VAL E 406 -30.19 -18.96 60.64
CA VAL E 406 -31.20 -17.87 60.57
C VAL E 406 -32.60 -18.44 60.73
N PRO E 407 -33.32 -17.99 61.77
CA PRO E 407 -34.67 -18.47 61.88
C PRO E 407 -35.58 -17.76 60.88
N TYR E 408 -36.41 -18.59 60.28
CA TYR E 408 -37.28 -18.16 59.15
C TYR E 408 -38.77 -18.07 59.50
N GLY E 409 -39.18 -19.03 60.30
CA GLY E 409 -40.53 -19.05 60.88
C GLY E 409 -41.44 -20.18 60.42
N ASN E 410 -42.74 -19.93 60.57
CA ASN E 410 -43.79 -20.91 60.23
C ASN E 410 -44.14 -20.91 58.74
N ILE E 411 -44.05 -22.09 58.15
CA ILE E 411 -44.30 -22.29 56.68
C ILE E 411 -45.42 -23.31 56.37
N GLN E 412 -46.37 -23.36 57.28
CA GLN E 412 -47.41 -24.43 57.25
C GLN E 412 -48.42 -24.29 56.10
N SER E 413 -48.97 -23.10 56.02
CA SER E 413 -49.97 -22.76 54.99
C SER E 413 -49.38 -22.96 53.59
N ARG E 414 -48.18 -22.45 53.45
CA ARG E 414 -47.38 -22.47 52.19
C ARG E 414 -47.19 -23.91 51.67
N LEU E 415 -46.91 -24.78 52.60
CA LEU E 415 -46.76 -26.24 52.32
C LEU E 415 -48.06 -26.90 51.91
N GLU E 416 -49.09 -26.57 52.67
CA GLU E 416 -50.50 -26.99 52.40
C GLU E 416 -50.94 -26.53 51.01
N LEU E 417 -50.60 -25.28 50.77
CA LEU E 417 -50.87 -24.57 49.51
C LEU E 417 -50.30 -25.33 48.32
N ARG E 418 -49.06 -25.73 48.49
CA ARG E 418 -48.30 -26.50 47.47
C ARG E 418 -48.97 -27.84 47.16
N LYS E 419 -49.34 -28.51 48.25
CA LYS E 419 -50.10 -29.80 48.21
C LYS E 419 -51.38 -29.63 47.39
N LYS E 420 -52.15 -28.69 47.90
CA LYS E 420 -53.49 -28.29 47.37
C LYS E 420 -53.45 -28.03 45.87
N LEU E 421 -52.43 -27.31 45.46
CA LEU E 421 -52.25 -26.87 44.05
C LEU E 421 -51.79 -27.97 43.11
N SER E 422 -51.34 -29.02 43.74
CA SER E 422 -50.83 -30.18 43.00
C SER E 422 -49.56 -29.83 42.19
N CYS E 423 -48.66 -29.12 42.85
CA CYS E 423 -47.42 -28.58 42.20
C CYS E 423 -46.40 -29.68 41.92
N LYS E 424 -45.61 -29.46 40.89
CA LYS E 424 -44.49 -30.37 40.50
C LYS E 424 -43.28 -30.23 41.43
N PRO E 425 -42.40 -31.26 41.46
CA PRO E 425 -41.24 -31.09 42.30
C PRO E 425 -40.13 -30.30 41.67
N PHE E 426 -39.24 -29.85 42.54
CA PHE E 426 -38.16 -28.95 42.12
C PHE E 426 -37.29 -29.56 41.03
N LYS E 427 -37.08 -30.86 41.17
CA LYS E 427 -36.31 -31.65 40.18
C LYS E 427 -36.83 -31.41 38.76
N TRP E 428 -38.14 -31.39 38.67
CA TRP E 428 -38.87 -31.08 37.39
C TRP E 428 -38.53 -29.68 36.87
N TYR E 429 -38.61 -28.75 37.81
CA TYR E 429 -38.29 -27.31 37.56
C TYR E 429 -36.91 -27.17 36.93
N LEU E 430 -35.96 -27.83 37.55
CA LEU E 430 -34.55 -27.80 37.11
C LEU E 430 -34.38 -28.37 35.73
N GLU E 431 -35.03 -29.49 35.53
CA GLU E 431 -34.96 -30.29 34.26
C GLU E 431 -35.59 -29.57 33.07
N ASN E 432 -36.76 -29.03 33.33
CA ASN E 432 -37.64 -28.47 32.27
C ASN E 432 -37.61 -26.97 32.06
N VAL E 433 -37.36 -26.28 33.15
CA VAL E 433 -37.39 -24.77 33.17
C VAL E 433 -36.02 -24.13 33.20
N TYR E 434 -35.20 -24.61 34.13
CA TYR E 434 -33.80 -24.10 34.36
C TYR E 434 -32.71 -25.18 34.23
N PRO E 435 -32.66 -25.87 33.10
CA PRO E 435 -31.66 -26.90 32.90
C PRO E 435 -30.21 -26.41 32.83
N GLU E 436 -30.04 -25.18 32.36
CA GLU E 436 -28.68 -24.57 32.23
C GLU E 436 -28.05 -24.33 33.61
N LEU E 437 -28.87 -24.41 34.64
CA LEU E 437 -28.33 -24.30 36.02
C LEU E 437 -27.50 -25.53 36.34
N ARG E 438 -26.22 -25.30 36.61
CA ARG E 438 -25.26 -26.42 36.87
C ARG E 438 -25.43 -27.01 38.28
N VAL E 439 -25.81 -28.27 38.28
CA VAL E 439 -26.25 -29.01 39.49
C VAL E 439 -25.28 -30.16 39.94
N PRO E 440 -24.79 -30.12 41.20
CA PRO E 440 -23.81 -31.10 41.59
C PRO E 440 -24.38 -32.48 41.63
N ASP E 441 -23.47 -33.42 41.40
CA ASP E 441 -23.73 -34.82 41.69
C ASP E 441 -24.09 -34.98 43.18
N HIS E 442 -25.00 -35.90 43.45
CA HIS E 442 -25.60 -36.05 44.82
C HIS E 442 -24.56 -36.42 45.89
N GLN E 443 -23.50 -37.07 45.43
CA GLN E 443 -22.37 -37.61 46.28
C GLN E 443 -21.07 -36.81 46.29
N ASP E 444 -21.02 -35.83 45.41
CA ASP E 444 -19.96 -34.82 45.42
C ASP E 444 -19.80 -34.29 46.85
N ILE E 445 -18.56 -34.21 47.28
CA ILE E 445 -18.19 -33.71 48.63
C ILE E 445 -18.25 -32.19 48.63
N ALA E 446 -17.68 -31.67 47.58
CA ALA E 446 -17.63 -30.23 47.35
C ALA E 446 -17.76 -29.90 45.89
N PHE E 447 -18.11 -28.65 45.65
CA PHE E 447 -18.53 -28.22 44.31
C PHE E 447 -18.40 -26.74 44.04
N GLY E 448 -18.23 -26.48 42.78
CA GLY E 448 -18.33 -25.13 42.23
C GLY E 448 -16.99 -24.57 41.87
N ALA E 449 -16.74 -23.36 42.31
CA ALA E 449 -15.47 -22.74 41.99
C ALA E 449 -14.47 -23.05 43.11
N LEU E 450 -13.20 -23.18 42.72
CA LEU E 450 -12.06 -23.35 43.70
C LEU E 450 -11.30 -22.03 43.87
N GLN E 451 -11.71 -21.35 44.92
CA GLN E 451 -11.26 -19.99 45.15
C GLN E 451 -10.02 -19.87 45.95
N GLN E 452 -9.21 -18.97 45.44
CA GLN E 452 -8.00 -18.45 46.16
C GLN E 452 -7.94 -16.96 45.99
N GLY E 453 -8.37 -16.29 47.07
CA GLY E 453 -8.67 -14.86 47.11
C GLY E 453 -9.68 -14.45 46.04
N THR E 454 -9.29 -13.51 45.20
CA THR E 454 -10.14 -13.14 44.02
C THR E 454 -9.90 -14.02 42.79
N ASN E 455 -8.90 -14.87 42.95
CA ASN E 455 -8.53 -15.84 41.93
C ASN E 455 -9.23 -17.13 42.10
N CYS E 456 -9.44 -17.73 40.95
CA CYS E 456 -10.06 -19.07 40.80
C CYS E 456 -9.19 -20.10 40.04
N LEU E 457 -9.37 -21.35 40.46
CA LEU E 457 -8.78 -22.52 39.75
C LEU E 457 -9.39 -22.57 38.35
N ASP E 458 -8.52 -22.69 37.38
CA ASP E 458 -8.90 -22.58 35.98
C ASP E 458 -8.15 -23.53 35.02
N THR E 459 -8.90 -24.16 34.14
CA THR E 459 -8.28 -25.10 33.15
C THR E 459 -7.50 -24.40 32.07
N LEU E 460 -7.65 -23.09 32.01
CA LEU E 460 -7.06 -22.22 30.92
C LEU E 460 -7.38 -22.68 29.48
N GLY E 461 -8.48 -23.42 29.39
CA GLY E 461 -8.98 -24.02 28.12
C GLY E 461 -8.19 -25.24 27.68
N HIS E 462 -7.26 -25.58 28.54
CA HIS E 462 -6.48 -26.79 28.41
C HIS E 462 -7.34 -28.06 28.55
N PHE E 463 -6.81 -29.11 27.94
CA PHE E 463 -7.41 -30.44 28.01
C PHE E 463 -6.45 -31.47 28.61
N ALA E 464 -6.66 -32.72 28.29
CA ALA E 464 -5.81 -33.81 28.78
C ALA E 464 -4.34 -33.68 28.42
N ASP E 465 -3.53 -34.09 29.38
CA ASP E 465 -2.03 -33.89 29.46
C ASP E 465 -1.64 -32.42 29.55
N GLY E 466 -2.65 -31.63 29.78
CA GLY E 466 -2.52 -30.18 29.91
C GLY E 466 -2.23 -29.71 31.31
N VAL E 467 -1.52 -28.59 31.38
CA VAL E 467 -1.32 -27.91 32.67
C VAL E 467 -2.56 -27.16 33.08
N VAL E 468 -2.49 -26.66 34.28
CA VAL E 468 -3.63 -25.98 34.91
C VAL E 468 -3.20 -24.69 35.60
N GLY E 469 -4.15 -23.80 35.77
CA GLY E 469 -3.83 -22.51 36.38
C GLY E 469 -4.87 -21.75 37.18
N VAL E 470 -4.51 -20.47 37.38
CA VAL E 470 -5.43 -19.44 38.00
C VAL E 470 -5.81 -18.27 37.09
N TYR E 471 -6.97 -17.78 37.38
CA TYR E 471 -7.61 -16.76 36.54
C TYR E 471 -8.56 -16.02 37.44
N GLU E 472 -8.69 -14.71 37.24
CA GLU E 472 -9.55 -13.95 38.16
C GLU E 472 -10.97 -14.53 38.06
N CYS E 473 -11.53 -14.76 39.23
CA CYS E 473 -12.76 -15.56 39.38
C CYS E 473 -13.90 -14.82 38.74
N HIS E 474 -14.83 -15.52 38.12
CA HIS E 474 -15.91 -14.83 37.44
C HIS E 474 -17.34 -15.38 37.52
N ASN E 475 -17.56 -16.39 38.33
CA ASN E 475 -18.95 -16.86 38.61
C ASN E 475 -19.81 -17.22 37.40
N ALA E 476 -19.22 -17.15 36.22
CA ALA E 476 -19.79 -17.70 34.97
C ALA E 476 -19.53 -19.19 34.85
N GLY E 477 -19.07 -19.74 35.96
CA GLY E 477 -18.46 -21.09 36.07
C GLY E 477 -18.38 -22.01 34.84
N GLY E 478 -17.29 -21.91 34.10
CA GLY E 478 -17.12 -22.78 32.91
C GLY E 478 -15.89 -23.66 32.98
N ASN E 479 -14.77 -23.09 32.54
CA ASN E 479 -13.40 -23.61 32.85
C ASN E 479 -12.98 -23.36 34.31
N GLN E 480 -13.93 -22.84 35.07
CA GLN E 480 -13.74 -22.60 36.51
C GLN E 480 -14.64 -23.46 37.34
N GLU E 481 -15.28 -24.35 36.63
CA GLU E 481 -16.19 -25.30 37.25
C GLU E 481 -15.47 -26.57 37.67
N TRP E 482 -15.52 -26.78 38.97
CA TRP E 482 -14.83 -27.90 39.66
C TRP E 482 -15.68 -28.65 40.66
N ALA E 483 -15.27 -29.88 40.86
CA ALA E 483 -15.90 -30.75 41.86
C ALA E 483 -14.86 -31.56 42.65
N LEU E 484 -15.14 -31.68 43.94
CA LEU E 484 -14.46 -32.65 44.81
C LEU E 484 -15.36 -33.85 45.01
N THR E 485 -14.96 -34.94 44.39
CA THR E 485 -15.77 -36.17 44.38
C THR E 485 -15.61 -37.05 45.63
N LYS E 486 -16.57 -37.95 45.77
CA LYS E 486 -16.55 -39.05 46.77
C LYS E 486 -15.35 -39.99 46.60
N GLU E 487 -14.90 -40.13 45.36
CA GLU E 487 -13.62 -40.89 45.01
C GLU E 487 -12.33 -40.13 45.35
N LYS E 488 -12.51 -39.05 46.11
CA LYS E 488 -11.42 -38.15 46.60
C LYS E 488 -10.69 -37.40 45.48
N SER E 489 -11.41 -37.21 44.39
CA SER E 489 -10.83 -36.59 43.18
C SER E 489 -11.37 -35.17 42.89
N VAL E 490 -10.48 -34.38 42.32
CA VAL E 490 -10.74 -32.97 41.97
C VAL E 490 -10.94 -32.87 40.46
N LYS E 491 -12.19 -33.02 40.10
CA LYS E 491 -12.54 -33.13 38.69
C LYS E 491 -13.21 -31.89 38.10
N HIS E 492 -12.76 -31.63 36.89
CA HIS E 492 -13.44 -30.75 35.91
C HIS E 492 -13.88 -31.58 34.73
N MET E 493 -15.17 -31.57 34.53
CA MET E 493 -15.82 -32.42 33.52
C MET E 493 -15.47 -33.86 33.81
N ASP E 494 -14.91 -34.54 32.82
CA ASP E 494 -14.34 -35.91 33.00
C ASP E 494 -12.82 -35.89 33.14
N LEU E 495 -12.30 -34.71 33.39
CA LEU E 495 -10.85 -34.50 33.62
C LEU E 495 -10.50 -34.28 35.13
N CYS E 496 -9.30 -34.69 35.48
CA CYS E 496 -8.88 -34.76 36.89
C CYS E 496 -7.50 -34.23 37.18
N LEU E 497 -7.43 -33.50 38.30
CA LEU E 497 -6.12 -33.01 38.80
C LEU E 497 -5.27 -34.20 39.19
N THR E 498 -4.15 -34.27 38.49
CA THR E 498 -3.27 -35.41 38.53
C THR E 498 -1.85 -35.05 38.89
N VAL E 499 -1.45 -35.67 39.99
CA VAL E 499 -0.07 -35.63 40.49
C VAL E 499 0.81 -36.59 39.66
N VAL E 500 1.32 -36.04 38.60
CA VAL E 500 2.21 -36.73 37.65
C VAL E 500 3.60 -37.02 38.20
N ASP E 501 4.02 -36.19 39.09
CA ASP E 501 5.40 -36.14 39.62
C ASP E 501 5.38 -35.58 41.06
N ARG E 502 5.72 -36.44 42.00
CA ARG E 502 5.72 -36.14 43.46
C ARG E 502 6.79 -35.15 43.93
N ALA E 503 7.72 -34.86 43.05
CA ALA E 503 8.81 -33.92 43.43
C ALA E 503 8.28 -32.50 43.67
N PRO E 504 8.56 -31.92 44.86
CA PRO E 504 8.10 -30.54 45.09
C PRO E 504 8.55 -29.58 44.01
N GLY E 505 7.62 -28.72 43.65
CA GLY E 505 7.80 -27.72 42.58
C GLY E 505 7.20 -28.22 41.28
N SER E 506 6.92 -29.52 41.27
CA SER E 506 6.40 -30.23 40.08
C SER E 506 5.02 -29.79 39.65
N LEU E 507 4.91 -29.53 38.36
CA LEU E 507 3.63 -29.15 37.76
C LEU E 507 2.65 -30.29 37.80
N ILE E 508 1.44 -29.98 38.18
CA ILE E 508 0.37 -30.97 38.04
C ILE E 508 -0.25 -30.92 36.63
N LYS E 509 -0.96 -31.98 36.31
CA LYS E 509 -1.57 -32.17 34.98
C LYS E 509 -2.98 -32.64 35.03
N LEU E 510 -3.67 -32.17 34.04
CA LEU E 510 -5.03 -32.59 33.71
C LEU E 510 -5.01 -33.93 32.96
N GLN E 511 -5.72 -34.86 33.55
CA GLN E 511 -5.84 -36.22 32.99
C GLN E 511 -7.16 -36.83 33.22
N GLY E 512 -7.51 -37.67 32.25
CA GLY E 512 -8.77 -38.39 32.25
C GLY E 512 -8.93 -39.08 33.59
N CYS E 513 -10.07 -38.86 34.21
CA CYS E 513 -10.33 -39.43 35.56
C CYS E 513 -10.36 -40.95 35.52
N ARG E 514 -9.49 -41.53 36.31
CA ARG E 514 -9.43 -42.98 36.53
C ARG E 514 -9.61 -43.20 38.03
N GLU E 515 -10.70 -43.84 38.37
CA GLU E 515 -11.03 -44.06 39.79
C GLU E 515 -9.90 -44.71 40.53
N ASP E 516 -9.13 -45.49 39.80
CA ASP E 516 -8.07 -46.31 40.42
C ASP E 516 -6.71 -45.67 40.44
N ASP E 517 -6.60 -44.48 39.89
CA ASP E 517 -5.32 -43.77 39.87
C ASP E 517 -5.12 -43.02 41.20
N SER E 518 -4.12 -43.47 41.95
CA SER E 518 -3.80 -42.90 43.29
C SER E 518 -3.27 -41.45 43.19
N ARG E 519 -2.65 -41.19 42.05
CA ARG E 519 -2.06 -39.86 41.71
C ARG E 519 -3.09 -38.73 41.57
N GLN E 520 -4.33 -39.13 41.60
CA GLN E 520 -5.50 -38.26 41.35
C GLN E 520 -6.32 -37.99 42.60
N LYS E 521 -5.75 -38.45 43.69
CA LYS E 521 -6.42 -38.44 44.99
C LYS E 521 -6.02 -37.27 45.89
N TRP E 522 -7.05 -36.55 46.29
CA TRP E 522 -6.94 -35.31 47.08
C TRP E 522 -7.85 -35.29 48.30
N GLU E 523 -7.30 -34.72 49.34
CA GLU E 523 -8.05 -34.47 50.60
C GLU E 523 -7.99 -33.03 51.04
N GLN E 524 -9.16 -32.56 51.49
CA GLN E 524 -9.29 -31.24 52.16
C GLN E 524 -8.71 -31.27 53.57
N ILE E 525 -7.96 -30.24 53.87
CA ILE E 525 -7.42 -30.01 55.22
C ILE E 525 -7.56 -28.58 55.76
N GLU E 526 -7.15 -28.48 57.02
CA GLU E 526 -7.11 -27.20 57.80
C GLU E 526 -8.39 -26.40 57.70
N GLY E 527 -9.46 -27.05 58.09
CA GLY E 527 -10.79 -26.44 58.10
C GLY E 527 -11.29 -26.09 56.73
N ASN E 528 -11.15 -27.06 55.84
CA ASN E 528 -11.52 -26.91 54.40
C ASN E 528 -10.98 -25.65 53.72
N SER E 529 -9.70 -25.38 53.97
CA SER E 529 -9.00 -24.18 53.41
C SER E 529 -7.78 -24.53 52.55
N LYS E 530 -7.47 -25.81 52.54
CA LYS E 530 -6.38 -26.36 51.72
C LYS E 530 -6.67 -27.70 51.03
N LEU E 531 -5.82 -28.02 50.07
CA LEU E 531 -5.89 -29.33 49.32
C LEU E 531 -4.60 -30.11 49.32
N ARG E 532 -4.64 -31.14 50.14
CA ARG E 532 -3.49 -32.03 50.34
C ARG E 532 -3.63 -33.26 49.45
N HIS E 533 -2.54 -33.58 48.78
CA HIS E 533 -2.45 -34.79 47.94
C HIS E 533 -2.38 -36.02 48.82
N VAL E 534 -3.40 -36.84 48.68
CA VAL E 534 -3.59 -38.01 49.60
C VAL E 534 -2.40 -38.93 49.56
N GLY E 535 -2.00 -39.31 50.78
CA GLY E 535 -0.81 -40.17 50.99
C GLY E 535 0.51 -39.43 50.87
N SER E 536 0.46 -38.16 51.20
CA SER E 536 1.67 -37.31 51.09
C SER E 536 1.67 -36.04 51.95
N ASN E 537 2.83 -35.41 51.97
CA ASN E 537 2.99 -34.03 52.56
C ASN E 537 2.94 -32.93 51.48
N LEU E 538 2.26 -33.26 50.41
CA LEU E 538 2.15 -32.36 49.27
C LEU E 538 0.82 -31.64 49.22
N CYS E 539 0.94 -30.35 48.95
CA CYS E 539 -0.21 -29.45 48.80
C CYS E 539 -0.33 -28.73 47.44
N LEU E 540 -1.55 -28.69 46.94
CA LEU E 540 -1.89 -27.87 45.73
C LEU E 540 -1.49 -26.39 45.91
N ASP E 541 -0.67 -25.92 45.01
CA ASP E 541 0.06 -24.63 45.19
C ASP E 541 0.16 -23.75 43.96
N SER E 542 -0.20 -22.49 44.11
CA SER E 542 -0.36 -21.55 42.96
C SER E 542 0.81 -20.64 42.72
N ARG E 543 1.83 -20.80 43.52
CA ARG E 543 3.00 -19.90 43.39
C ARG E 543 3.70 -20.02 42.05
N THR E 544 3.54 -21.17 41.45
CA THR E 544 4.18 -21.53 40.13
C THR E 544 3.33 -21.22 38.90
N ALA E 545 2.20 -20.62 39.18
CA ALA E 545 1.20 -20.28 38.13
C ALA E 545 1.78 -19.48 36.99
N LYS E 546 2.57 -18.47 37.34
CA LYS E 546 3.31 -17.58 36.37
C LYS E 546 4.58 -18.21 35.74
N SER E 547 4.99 -19.32 36.31
CA SER E 547 6.16 -20.06 35.83
C SER E 547 5.85 -21.48 35.30
N GLY E 548 4.67 -21.62 34.69
CA GLY E 548 4.29 -22.88 34.05
C GLY E 548 2.90 -23.39 34.38
N GLY E 549 2.50 -23.13 35.59
CA GLY E 549 1.17 -23.51 36.07
C GLY E 549 1.14 -24.06 37.48
N LEU E 550 -0.07 -24.39 37.95
CA LEU E 550 -0.25 -24.94 39.32
C LEU E 550 0.67 -26.11 39.57
N SER E 551 1.23 -26.06 40.74
CA SER E 551 2.17 -27.07 41.17
C SER E 551 1.77 -27.77 42.44
N VAL E 552 2.50 -28.82 42.64
CA VAL E 552 2.45 -29.60 43.85
C VAL E 552 3.67 -29.19 44.67
N GLU E 553 3.40 -28.69 45.84
CA GLU E 553 4.46 -28.14 46.73
C GLU E 553 4.35 -28.68 48.15
N VAL E 554 5.46 -28.69 48.86
CA VAL E 554 5.44 -29.25 50.24
C VAL E 554 4.51 -28.39 51.13
N CYS E 555 3.58 -29.08 51.78
CA CYS E 555 2.54 -28.40 52.59
C CYS E 555 3.13 -27.53 53.66
N GLY E 556 2.67 -26.30 53.65
CA GLY E 556 3.17 -25.27 54.57
C GLY E 556 2.24 -24.08 54.71
N PRO E 557 2.52 -23.17 55.66
CA PRO E 557 1.61 -22.03 55.95
C PRO E 557 1.52 -20.92 54.90
N ALA E 558 2.04 -21.17 53.71
CA ALA E 558 1.93 -20.20 52.57
C ALA E 558 0.50 -19.90 52.10
N LEU E 559 0.30 -18.68 51.60
CA LEU E 559 -1.03 -18.23 51.11
C LEU E 559 -1.46 -18.81 49.77
N SER E 560 -0.46 -19.14 48.98
CA SER E 560 -0.63 -19.75 47.60
C SER E 560 -1.19 -21.18 47.69
N GLN E 561 -1.17 -21.73 48.90
CA GLN E 561 -1.77 -23.05 49.23
C GLN E 561 -3.20 -23.00 49.78
N GLN E 562 -3.74 -21.80 49.72
CA GLN E 562 -5.11 -21.55 50.21
C GLN E 562 -6.12 -21.76 49.10
N TRP E 563 -6.99 -22.73 49.32
CA TRP E 563 -8.11 -23.03 48.41
C TRP E 563 -9.39 -23.36 49.13
N LYS E 564 -10.46 -22.78 48.61
CA LYS E 564 -11.85 -22.92 49.12
C LYS E 564 -12.86 -23.11 48.02
N PHE E 565 -13.59 -24.20 48.10
CA PHE E 565 -14.72 -24.46 47.19
C PHE E 565 -15.88 -23.54 47.59
N THR E 566 -16.63 -23.09 46.61
CA THR E 566 -17.81 -22.25 46.87
C THR E 566 -19.02 -23.00 47.48
N LEU E 567 -19.16 -24.27 47.12
CA LEU E 567 -20.17 -25.16 47.77
C LEU E 567 -19.52 -26.33 48.45
N ASN E 568 -19.85 -26.47 49.73
CA ASN E 568 -19.39 -27.59 50.57
C ASN E 568 -20.54 -28.35 51.18
N LEU E 569 -20.48 -29.66 51.02
CA LEU E 569 -21.61 -30.56 51.37
C LEU E 569 -21.56 -31.06 52.79
N VAL F 76 -72.77 1.09 -18.65
CA VAL F 76 -73.34 2.33 -18.03
C VAL F 76 -72.37 3.51 -18.17
N ARG F 77 -72.96 4.66 -18.47
CA ARG F 77 -72.22 5.89 -18.79
C ARG F 77 -71.36 6.35 -17.62
N TRP F 78 -70.14 6.77 -17.90
CA TRP F 78 -69.18 7.06 -16.79
C TRP F 78 -69.77 8.05 -15.75
N PRO F 79 -70.49 9.11 -16.17
CA PRO F 79 -71.03 10.04 -15.18
C PRO F 79 -72.17 9.49 -14.33
N ASP F 80 -72.82 8.46 -14.85
CA ASP F 80 -73.89 7.73 -14.10
C ASP F 80 -73.32 6.73 -13.12
N PHE F 81 -72.03 6.51 -13.22
CA PHE F 81 -71.33 5.62 -12.29
C PHE F 81 -71.34 6.24 -10.89
N ASN F 82 -71.25 5.35 -9.92
CA ASN F 82 -71.55 5.64 -8.54
C ASN F 82 -70.29 5.62 -7.71
N GLN F 83 -69.51 6.70 -7.73
CA GLN F 83 -68.29 6.69 -6.95
C GLN F 83 -68.63 6.39 -5.51
N GLU F 84 -69.64 7.06 -4.98
CA GLU F 84 -70.09 6.91 -3.60
C GLU F 84 -70.03 5.46 -3.13
N ALA F 85 -70.75 4.59 -3.80
CA ALA F 85 -70.78 3.20 -3.41
C ALA F 85 -69.44 2.54 -3.59
N TYR F 86 -68.70 3.00 -4.59
CA TYR F 86 -67.51 2.31 -4.98
C TYR F 86 -66.30 3.04 -4.46
N PRO F 98 -51.65 6.97 5.90
CA PRO F 98 -51.61 5.65 6.51
C PRO F 98 -50.21 5.28 7.04
N TYR F 99 -49.18 5.17 6.20
CA TYR F 99 -49.27 5.06 4.71
C TYR F 99 -49.44 3.58 4.34
N ALA F 100 -50.55 3.34 3.67
CA ALA F 100 -51.15 2.02 3.56
C ALA F 100 -50.30 1.17 2.63
N ARG F 101 -50.95 0.44 1.73
CA ARG F 101 -50.29 -0.38 0.66
C ARG F 101 -49.60 0.51 -0.38
N ASN F 102 -50.08 1.73 -0.52
CA ASN F 102 -49.82 2.52 -1.75
C ASN F 102 -48.61 3.47 -1.68
N LYS F 103 -48.27 3.87 -0.48
CA LYS F 103 -47.20 4.86 -0.23
C LYS F 103 -47.63 6.24 -0.77
N PHE F 104 -48.93 6.48 -0.79
CA PHE F 104 -49.54 7.84 -1.03
C PHE F 104 -50.77 8.06 -0.15
N ASN F 105 -51.12 9.32 -0.03
CA ASN F 105 -52.23 9.73 0.87
C ASN F 105 -53.61 9.31 0.36
N GLN F 106 -54.07 8.18 0.85
CA GLN F 106 -55.36 7.62 0.41
C GLN F 106 -56.60 8.45 0.80
N VAL F 107 -56.52 9.06 1.96
CA VAL F 107 -57.66 9.87 2.49
C VAL F 107 -57.94 11.01 1.53
N GLU F 108 -56.85 11.66 1.20
CA GLU F 108 -56.85 12.85 0.30
C GLU F 108 -57.36 12.51 -1.12
N SER F 109 -56.88 11.37 -1.60
CA SER F 109 -57.32 10.77 -2.89
C SER F 109 -58.82 10.47 -2.94
N ASP F 110 -59.29 9.91 -1.84
CA ASP F 110 -60.72 9.50 -1.67
C ASP F 110 -61.71 10.67 -1.59
N LYS F 111 -61.22 11.79 -1.08
CA LYS F 111 -61.98 13.09 -1.03
C LYS F 111 -62.33 13.64 -2.40
N LEU F 112 -61.44 13.30 -3.31
CA LEU F 112 -61.48 13.76 -4.71
C LEU F 112 -62.61 13.17 -5.52
N ARG F 113 -63.25 14.06 -6.24
CA ARG F 113 -64.30 13.72 -7.22
C ARG F 113 -63.68 12.89 -8.38
N MET F 114 -64.41 11.89 -8.83
CA MET F 114 -63.90 10.92 -9.89
C MET F 114 -63.47 11.62 -11.20
N ASP F 115 -64.17 12.71 -11.47
CA ASP F 115 -63.88 13.61 -12.61
C ASP F 115 -63.45 15.02 -12.20
N ARG F 116 -62.69 15.08 -11.13
CA ARG F 116 -62.29 16.39 -10.56
C ARG F 116 -61.60 17.27 -11.57
N ALA F 117 -61.86 18.54 -11.42
CA ALA F 117 -61.28 19.58 -12.29
C ALA F 117 -59.79 19.70 -12.01
N ILE F 118 -59.05 19.91 -13.09
CA ILE F 118 -57.59 20.11 -12.97
C ILE F 118 -57.10 21.25 -13.86
N PRO F 119 -56.05 21.96 -13.41
CA PRO F 119 -55.54 23.00 -14.28
C PRO F 119 -55.01 22.50 -15.61
N ASP F 120 -55.32 23.31 -16.62
CA ASP F 120 -54.75 23.16 -17.96
C ASP F 120 -53.28 23.59 -17.91
N THR F 121 -52.41 22.60 -17.93
CA THR F 121 -50.93 22.80 -17.78
C THR F 121 -50.18 22.89 -19.10
N ARG F 122 -50.95 23.08 -20.14
CA ARG F 122 -50.37 23.12 -21.50
C ARG F 122 -49.82 24.46 -21.90
N HIS F 123 -48.80 24.38 -22.75
CA HIS F 123 -48.27 25.56 -23.46
C HIS F 123 -49.45 26.23 -24.17
N ASP F 124 -49.43 27.54 -24.17
CA ASP F 124 -50.49 28.38 -24.80
C ASP F 124 -50.79 28.01 -26.25
N GLN F 125 -49.74 27.64 -26.94
CA GLN F 125 -49.77 27.31 -28.38
C GLN F 125 -50.60 26.05 -28.68
N CYS F 126 -50.52 25.10 -27.77
CA CYS F 126 -51.36 23.85 -27.82
C CYS F 126 -52.85 24.14 -27.63
N GLN F 127 -53.08 25.08 -26.75
CA GLN F 127 -54.43 25.54 -26.37
C GLN F 127 -55.15 26.27 -27.49
N ARG F 128 -54.33 26.83 -28.37
CA ARG F 128 -54.76 27.54 -29.61
C ARG F 128 -54.54 26.62 -30.78
N LYS F 129 -55.16 25.46 -30.73
CA LYS F 129 -54.95 24.47 -31.76
C LYS F 129 -56.15 23.56 -31.98
N GLN F 130 -56.53 23.46 -33.25
CA GLN F 130 -57.53 22.47 -33.68
C GLN F 130 -56.83 21.15 -33.95
N TRP F 131 -57.21 20.15 -33.16
CA TRP F 131 -56.65 18.80 -33.29
C TRP F 131 -57.46 17.98 -34.23
N ARG F 132 -56.76 17.30 -35.14
CA ARG F 132 -57.44 16.36 -36.04
C ARG F 132 -58.05 15.25 -35.20
N VAL F 133 -59.15 14.74 -35.69
CA VAL F 133 -59.91 13.70 -35.00
C VAL F 133 -60.13 12.48 -35.92
N ASP F 134 -59.75 12.71 -37.17
CA ASP F 134 -59.68 11.69 -38.23
C ASP F 134 -58.43 10.78 -38.11
N LEU F 135 -58.44 10.06 -36.99
CA LEU F 135 -57.27 9.34 -36.40
C LEU F 135 -57.58 7.91 -36.04
N PRO F 136 -56.56 7.01 -36.04
CA PRO F 136 -56.86 5.67 -35.55
C PRO F 136 -57.22 5.65 -34.09
N ALA F 137 -58.20 4.83 -33.80
CA ALA F 137 -58.64 4.63 -32.42
C ALA F 137 -57.62 3.82 -31.65
N THR F 138 -57.67 4.00 -30.34
CA THR F 138 -56.74 3.30 -29.47
C THR F 138 -57.40 2.36 -28.48
N SER F 139 -56.63 1.34 -28.18
CA SER F 139 -56.92 0.40 -27.09
C SER F 139 -56.06 0.75 -25.88
N VAL F 140 -56.71 1.32 -24.89
CA VAL F 140 -56.03 1.77 -23.66
C VAL F 140 -55.81 0.61 -22.71
N VAL F 141 -54.56 0.34 -22.44
CA VAL F 141 -54.18 -0.73 -21.51
C VAL F 141 -53.69 -0.20 -20.17
N ILE F 142 -54.46 -0.56 -19.18
CA ILE F 142 -54.17 -0.18 -17.79
C ILE F 142 -54.06 -1.38 -16.90
N THR F 143 -52.90 -1.43 -16.31
CA THR F 143 -52.47 -2.56 -15.49
C THR F 143 -52.42 -2.16 -14.03
N PHE F 144 -52.90 -3.04 -13.18
CA PHE F 144 -52.95 -2.73 -11.72
C PHE F 144 -52.94 -3.89 -10.74
N HIS F 145 -52.35 -3.57 -9.61
CA HIS F 145 -52.28 -4.44 -8.43
C HIS F 145 -52.51 -3.68 -7.12
N ASN F 146 -53.62 -4.04 -6.49
CA ASN F 146 -54.05 -3.44 -5.19
C ASN F 146 -53.90 -1.95 -5.21
N GLU F 147 -54.47 -1.42 -6.25
CA GLU F 147 -54.52 0.02 -6.46
C GLU F 147 -55.65 0.59 -5.65
N ALA F 148 -55.42 1.79 -5.18
CA ALA F 148 -56.47 2.55 -4.48
C ALA F 148 -57.68 2.79 -5.40
N ARG F 149 -58.86 2.38 -4.96
CA ARG F 149 -60.07 2.46 -5.81
C ARG F 149 -60.32 3.84 -6.39
N SER F 150 -60.24 4.83 -5.53
CA SER F 150 -60.49 6.23 -5.95
C SER F 150 -59.54 6.65 -7.08
N ALA F 151 -58.28 6.26 -6.94
CA ALA F 151 -57.21 6.60 -7.94
C ALA F 151 -57.40 5.90 -9.30
N LEU F 152 -57.80 4.65 -9.18
CA LEU F 152 -58.04 3.75 -10.33
C LEU F 152 -59.21 4.22 -11.18
N LEU F 153 -60.29 4.43 -10.47
CA LEU F 153 -61.52 4.97 -11.05
C LEU F 153 -61.21 6.27 -11.78
N ARG F 154 -60.54 7.13 -11.03
CA ARG F 154 -60.21 8.49 -11.49
C ARG F 154 -59.36 8.43 -12.78
N THR F 155 -58.54 7.41 -12.88
CA THR F 155 -57.69 7.23 -14.06
C THR F 155 -58.58 6.94 -15.27
N VAL F 156 -59.37 5.91 -15.09
CA VAL F 156 -60.37 5.48 -16.09
C VAL F 156 -61.32 6.61 -16.55
N VAL F 157 -61.96 7.26 -15.60
CA VAL F 157 -62.90 8.36 -15.98
C VAL F 157 -62.14 9.51 -16.68
N SER F 158 -60.91 9.76 -16.24
CA SER F 158 -60.11 10.84 -16.91
C SER F 158 -59.91 10.50 -18.38
N VAL F 159 -59.68 9.22 -18.64
CA VAL F 159 -59.50 8.73 -20.04
C VAL F 159 -60.77 8.96 -20.86
N LEU F 160 -61.85 8.47 -20.30
CA LEU F 160 -63.19 8.60 -20.94
C LEU F 160 -63.65 10.04 -21.12
N LYS F 161 -63.48 10.82 -20.10
CA LYS F 161 -63.99 12.23 -20.08
C LYS F 161 -63.20 13.18 -20.99
N LYS F 162 -61.90 12.94 -21.03
CA LYS F 162 -60.93 13.85 -21.69
C LYS F 162 -60.55 13.47 -23.10
N SER F 163 -61.02 12.31 -23.51
CA SER F 163 -60.73 11.76 -24.85
C SER F 163 -61.96 11.73 -25.75
N PRO F 164 -61.82 12.18 -27.02
CA PRO F 164 -62.91 11.99 -27.96
C PRO F 164 -63.31 10.53 -28.03
N PRO F 165 -64.60 10.26 -27.86
CA PRO F 165 -65.02 8.88 -27.68
C PRO F 165 -64.67 7.96 -28.82
N HIS F 166 -64.82 8.46 -30.03
CA HIS F 166 -64.61 7.58 -31.22
C HIS F 166 -63.16 7.07 -31.31
N LEU F 167 -62.29 7.81 -30.63
CA LEU F 167 -60.82 7.48 -30.53
C LEU F 167 -60.50 6.47 -29.43
N ILE F 168 -61.46 6.30 -28.55
CA ILE F 168 -61.35 5.29 -27.49
C ILE F 168 -62.13 4.02 -27.83
N LYS F 169 -61.43 3.08 -28.43
CA LYS F 169 -62.02 1.79 -28.82
C LYS F 169 -62.50 1.07 -27.60
N GLU F 170 -61.58 1.01 -26.67
CA GLU F 170 -61.76 0.24 -25.43
C GLU F 170 -60.76 0.63 -24.36
N ILE F 171 -61.19 0.41 -23.13
CA ILE F 171 -60.27 0.47 -22.00
C ILE F 171 -60.10 -0.90 -21.41
N ILE F 172 -58.88 -1.38 -21.49
CA ILE F 172 -58.52 -2.72 -21.00
C ILE F 172 -57.84 -2.67 -19.65
N LEU F 173 -58.61 -3.10 -18.67
CA LEU F 173 -58.14 -3.18 -17.29
C LEU F 173 -57.59 -4.55 -17.02
N VAL F 174 -56.29 -4.58 -16.81
CA VAL F 174 -55.60 -5.81 -16.37
C VAL F 174 -55.34 -5.84 -14.86
N ASP F 175 -56.21 -6.59 -14.20
CA ASP F 175 -56.15 -6.89 -12.74
C ASP F 175 -55.06 -7.90 -12.39
N ASP F 176 -53.92 -7.39 -11.97
CA ASP F 176 -52.73 -8.23 -11.66
C ASP F 176 -52.77 -8.88 -10.27
N TYR F 177 -53.72 -9.77 -10.14
CA TYR F 177 -53.90 -10.61 -8.91
C TYR F 177 -54.10 -9.75 -7.66
N SER F 178 -54.99 -8.80 -7.80
CA SER F 178 -55.39 -7.92 -6.67
C SER F 178 -56.11 -8.72 -5.60
N ASN F 179 -55.85 -8.40 -4.34
CA ASN F 179 -56.54 -9.10 -3.21
C ASN F 179 -58.02 -9.24 -3.48
N ASP F 180 -58.63 -8.09 -3.71
CA ASP F 180 -60.07 -8.00 -3.98
C ASP F 180 -60.41 -7.83 -5.48
N PRO F 181 -60.92 -8.88 -6.15
CA PRO F 181 -61.23 -8.83 -7.58
C PRO F 181 -62.34 -7.87 -7.97
N GLU F 182 -63.07 -7.45 -6.97
CA GLU F 182 -64.20 -6.49 -7.17
C GLU F 182 -63.71 -5.12 -7.60
N ASP F 183 -62.57 -4.74 -7.05
CA ASP F 183 -61.87 -3.45 -7.37
C ASP F 183 -61.98 -3.15 -8.87
N GLY F 184 -61.57 -4.14 -9.63
CA GLY F 184 -61.60 -4.12 -11.11
C GLY F 184 -62.93 -4.55 -11.73
N ALA F 185 -63.44 -5.65 -11.22
CA ALA F 185 -64.71 -6.23 -11.71
C ALA F 185 -65.86 -5.22 -11.75
N LEU F 186 -65.97 -4.46 -10.67
CA LEU F 186 -67.02 -3.39 -10.51
C LEU F 186 -66.94 -2.31 -11.60
N LEU F 187 -65.72 -1.98 -11.98
CA LEU F 187 -65.43 -0.97 -13.05
C LEU F 187 -65.83 -1.46 -14.44
N GLY F 188 -65.96 -2.76 -14.53
CA GLY F 188 -66.42 -3.48 -15.75
C GLY F 188 -67.81 -3.09 -16.23
N LYS F 189 -68.59 -2.55 -15.31
CA LYS F 189 -69.94 -1.99 -15.60
C LYS F 189 -69.87 -0.80 -16.52
N ILE F 190 -68.71 -0.17 -16.50
CA ILE F 190 -68.53 1.11 -17.20
C ILE F 190 -68.31 0.94 -18.69
N GLU F 191 -68.99 1.82 -19.40
CA GLU F 191 -68.85 1.98 -20.87
C GLU F 191 -67.40 1.79 -21.33
N LYS F 192 -67.22 0.94 -22.33
CA LYS F 192 -65.91 0.60 -22.98
C LYS F 192 -64.86 -0.11 -22.13
N VAL F 193 -65.19 -0.26 -20.87
CA VAL F 193 -64.27 -0.92 -19.92
C VAL F 193 -64.35 -2.43 -19.97
N ARG F 194 -63.24 -3.05 -20.35
CA ARG F 194 -63.08 -4.50 -20.21
C ARG F 194 -62.12 -4.82 -19.12
N VAL F 195 -62.54 -5.73 -18.26
CA VAL F 195 -61.61 -6.18 -17.19
C VAL F 195 -61.11 -7.60 -17.39
N LEU F 196 -59.80 -7.69 -17.40
CA LEU F 196 -59.03 -8.95 -17.41
C LEU F 196 -58.35 -9.20 -16.07
N ARG F 197 -58.71 -10.29 -15.43
CA ARG F 197 -58.05 -10.69 -14.18
C ARG F 197 -57.02 -11.78 -14.37
N ASN F 198 -55.84 -11.51 -13.84
CA ASN F 198 -54.78 -12.53 -13.59
C ASN F 198 -55.10 -13.36 -12.35
N ASP F 199 -55.08 -14.68 -12.54
CA ASP F 199 -55.32 -15.64 -11.41
C ASP F 199 -54.05 -15.97 -10.60
N ARG F 200 -52.96 -15.36 -11.01
CA ARG F 200 -51.74 -15.25 -10.16
C ARG F 200 -50.93 -13.98 -10.45
N ARG F 201 -50.13 -13.55 -9.46
CA ARG F 201 -49.30 -12.32 -9.65
C ARG F 201 -48.25 -12.50 -10.75
N GLU F 202 -48.42 -11.74 -11.81
CA GLU F 202 -47.56 -11.81 -13.06
C GLU F 202 -46.60 -10.64 -13.20
N GLY F 203 -47.01 -9.57 -12.59
CA GLY F 203 -46.26 -8.30 -12.66
C GLY F 203 -46.67 -7.38 -13.81
N LEU F 204 -46.03 -6.22 -13.81
CA LEU F 204 -46.39 -5.09 -14.74
C LEU F 204 -46.17 -5.44 -16.24
N MET F 205 -45.00 -5.95 -16.60
CA MET F 205 -44.79 -6.25 -18.01
C MET F 205 -45.67 -7.39 -18.51
N ARG F 206 -45.54 -8.54 -17.91
CA ARG F 206 -46.36 -9.67 -18.40
C ARG F 206 -47.83 -9.27 -18.57
N SER F 207 -48.32 -8.58 -17.57
CA SER F 207 -49.73 -8.07 -17.54
C SER F 207 -50.07 -7.18 -18.73
N ARG F 208 -49.14 -6.29 -19.04
CA ARG F 208 -49.26 -5.37 -20.20
C ARG F 208 -49.36 -6.10 -21.52
N VAL F 209 -48.51 -7.11 -21.63
CA VAL F 209 -48.49 -7.96 -22.82
C VAL F 209 -49.82 -8.68 -22.99
N ARG F 210 -50.30 -9.22 -21.89
CA ARG F 210 -51.62 -9.88 -21.87
C ARG F 210 -52.70 -8.95 -22.41
N GLY F 211 -52.67 -7.74 -21.89
CA GLY F 211 -53.65 -6.69 -22.25
C GLY F 211 -53.53 -6.26 -23.71
N ALA F 212 -52.29 -6.01 -24.10
CA ALA F 212 -51.93 -5.70 -25.50
C ALA F 212 -52.43 -6.77 -26.49
N ASP F 213 -52.20 -8.01 -26.09
CA ASP F 213 -52.62 -9.22 -26.87
C ASP F 213 -54.12 -9.23 -27.12
N ALA F 214 -54.84 -8.87 -26.09
CA ALA F 214 -56.35 -8.77 -26.07
C ALA F 214 -56.90 -7.55 -26.80
N ALA F 215 -55.98 -6.67 -27.13
CA ALA F 215 -56.34 -5.36 -27.72
C ALA F 215 -56.82 -5.48 -29.15
N GLN F 216 -57.94 -4.86 -29.41
CA GLN F 216 -58.58 -4.88 -30.75
C GLN F 216 -58.17 -3.75 -31.67
N ALA F 217 -57.77 -2.65 -31.09
CA ALA F 217 -57.43 -1.45 -31.86
C ALA F 217 -56.08 -1.59 -32.59
N LYS F 218 -55.83 -0.65 -33.50
CA LYS F 218 -54.53 -0.56 -34.26
C LYS F 218 -53.40 -0.01 -33.43
N VAL F 219 -53.82 0.88 -32.56
CA VAL F 219 -52.91 1.61 -31.68
C VAL F 219 -53.10 1.25 -30.21
N LEU F 220 -51.97 0.97 -29.60
CA LEU F 220 -51.83 0.73 -28.15
C LEU F 220 -51.51 1.96 -27.34
N THR F 221 -52.29 2.14 -26.30
CA THR F 221 -51.94 3.15 -25.29
C THR F 221 -51.76 2.55 -23.93
N PHE F 222 -50.57 2.73 -23.39
CA PHE F 222 -50.28 2.30 -22.01
C PHE F 222 -50.29 3.42 -20.98
N LEU F 223 -51.01 3.15 -19.90
CA LEU F 223 -51.09 4.02 -18.70
C LEU F 223 -51.00 3.30 -17.36
N ASP F 224 -50.40 4.01 -16.41
CA ASP F 224 -50.42 3.62 -14.98
C ASP F 224 -51.83 3.69 -14.46
N SER F 225 -52.05 3.03 -13.34
CA SER F 225 -53.38 2.99 -12.65
C SER F 225 -53.70 4.17 -11.71
N HIS F 226 -52.74 5.07 -11.59
CA HIS F 226 -52.88 6.32 -10.75
C HIS F 226 -52.47 7.53 -11.57
N CYS F 227 -53.15 7.64 -12.70
CA CYS F 227 -52.99 8.77 -13.65
C CYS F 227 -54.23 9.61 -13.82
N GLU F 228 -53.98 10.84 -14.24
CA GLU F 228 -55.05 11.79 -14.61
C GLU F 228 -54.80 12.51 -15.93
N CYS F 229 -55.63 12.16 -16.90
CA CYS F 229 -55.53 12.74 -18.26
C CYS F 229 -55.99 14.15 -18.31
N ASN F 230 -55.23 14.93 -19.05
CA ASN F 230 -55.54 16.37 -19.24
C ASN F 230 -56.22 16.67 -20.57
N GLU F 231 -56.59 17.93 -20.70
CA GLU F 231 -57.13 18.48 -21.98
C GLU F 231 -56.38 18.07 -23.24
N HIS F 232 -57.15 17.51 -24.15
CA HIS F 232 -56.69 17.07 -25.50
C HIS F 232 -55.35 16.33 -25.49
N TRP F 233 -55.30 15.42 -24.56
CA TRP F 233 -54.08 14.67 -24.24
C TRP F 233 -53.75 13.64 -25.31
N LEU F 234 -54.80 13.06 -25.86
CA LEU F 234 -54.66 11.88 -26.75
C LEU F 234 -54.34 12.19 -28.23
N GLU F 235 -55.03 13.16 -28.76
CA GLU F 235 -54.89 13.55 -30.20
C GLU F 235 -53.44 13.78 -30.69
N PRO F 236 -52.67 14.65 -30.03
CA PRO F 236 -51.28 14.84 -30.38
C PRO F 236 -50.44 13.59 -30.37
N LEU F 237 -50.80 12.67 -29.49
CA LEU F 237 -50.06 11.40 -29.39
C LEU F 237 -50.31 10.54 -30.62
N LEU F 238 -51.59 10.41 -30.93
CA LEU F 238 -52.09 9.57 -32.06
C LEU F 238 -51.70 10.10 -33.41
N GLU F 239 -51.79 11.41 -33.52
CA GLU F 239 -51.31 12.17 -34.70
C GLU F 239 -49.93 11.68 -35.14
N ARG F 240 -49.06 11.56 -34.17
CA ARG F 240 -47.65 11.17 -34.39
C ARG F 240 -47.50 9.77 -34.94
N VAL F 241 -48.15 8.82 -34.29
CA VAL F 241 -47.93 7.39 -34.65
C VAL F 241 -48.75 7.03 -35.91
N ALA F 242 -49.76 7.84 -36.15
CA ALA F 242 -50.54 7.75 -37.40
C ALA F 242 -49.69 8.11 -38.63
N GLU F 243 -48.99 9.23 -38.54
CA GLU F 243 -48.00 9.66 -39.59
C GLU F 243 -46.88 8.64 -39.84
N ASP F 244 -46.36 8.14 -38.75
CA ASP F 244 -45.19 7.21 -38.73
C ASP F 244 -45.28 6.19 -37.61
N ARG F 245 -45.58 4.96 -38.02
CA ARG F 245 -45.90 3.83 -37.09
C ARG F 245 -44.72 3.31 -36.23
N THR F 246 -43.54 3.78 -36.56
CA THR F 246 -42.29 3.41 -35.81
C THR F 246 -42.00 4.33 -34.62
N ARG F 247 -42.73 5.41 -34.62
CA ARG F 247 -42.71 6.38 -33.51
C ARG F 247 -43.39 5.80 -32.30
N VAL F 248 -42.63 5.86 -31.24
CA VAL F 248 -43.11 5.56 -29.91
C VAL F 248 -43.13 6.82 -29.07
N VAL F 249 -44.32 7.19 -28.67
CA VAL F 249 -44.56 8.51 -28.09
C VAL F 249 -45.22 8.59 -26.70
N SER F 250 -44.82 9.65 -26.03
CA SER F 250 -45.19 9.97 -24.62
C SER F 250 -45.67 11.34 -24.37
N PRO F 251 -46.60 11.46 -23.45
CA PRO F 251 -46.90 12.77 -23.05
C PRO F 251 -45.89 13.26 -22.06
N ILE F 252 -45.97 14.56 -21.88
CA ILE F 252 -45.35 15.18 -20.74
C ILE F 252 -46.13 14.71 -19.55
N ILE F 253 -45.39 14.22 -18.58
CA ILE F 253 -45.95 13.64 -17.35
C ILE F 253 -46.03 14.63 -16.22
N ASP F 254 -47.19 15.19 -16.10
CA ASP F 254 -47.44 16.12 -14.99
C ASP F 254 -47.35 15.40 -13.68
N VAL F 255 -47.20 16.21 -12.64
CA VAL F 255 -46.99 15.72 -11.26
C VAL F 255 -48.22 15.85 -10.42
N ILE F 256 -48.67 14.68 -9.96
CA ILE F 256 -49.73 14.59 -8.92
C ILE F 256 -49.14 14.28 -7.54
N ASN F 257 -49.25 15.29 -6.70
CA ASN F 257 -48.66 15.28 -5.35
C ASN F 257 -49.21 14.13 -4.49
N MET F 258 -48.28 13.33 -4.02
CA MET F 258 -48.60 12.09 -3.26
C MET F 258 -49.28 12.35 -1.89
N ASP F 259 -49.05 13.54 -1.35
CA ASP F 259 -49.57 13.92 0.01
C ASP F 259 -50.92 14.62 -0.03
N ASN F 260 -50.97 15.71 -0.77
CA ASN F 260 -52.21 16.56 -0.92
C ASN F 260 -53.01 16.40 -2.22
N PHE F 261 -52.47 15.58 -3.10
CA PHE F 261 -53.10 15.25 -4.44
C PHE F 261 -53.34 16.41 -5.39
N GLN F 262 -52.59 17.46 -5.14
CA GLN F 262 -52.55 18.58 -6.05
C GLN F 262 -51.91 18.21 -7.39
N TYR F 263 -52.59 18.67 -8.42
CA TYR F 263 -52.18 18.49 -9.83
C TYR F 263 -51.24 19.63 -10.21
N VAL F 264 -50.00 19.25 -10.41
CA VAL F 264 -48.92 20.21 -10.69
C VAL F 264 -48.28 20.02 -12.05
N GLY F 265 -48.23 21.13 -12.75
CA GLY F 265 -47.67 21.22 -14.08
C GLY F 265 -46.18 20.98 -14.06
N ALA F 266 -45.76 20.02 -14.86
CA ALA F 266 -44.34 19.67 -14.98
C ALA F 266 -43.60 20.58 -15.95
N SER F 267 -42.29 20.50 -15.85
CA SER F 267 -41.40 21.15 -16.84
C SER F 267 -41.46 20.44 -18.20
N ALA F 268 -41.54 21.25 -19.24
CA ALA F 268 -41.51 20.79 -20.67
C ALA F 268 -40.11 20.80 -21.26
N ASP F 269 -39.16 21.24 -20.46
CA ASP F 269 -37.75 21.41 -20.92
C ASP F 269 -36.88 20.20 -20.63
N LEU F 270 -37.57 19.09 -20.41
CA LEU F 270 -36.92 17.82 -20.01
C LEU F 270 -36.93 16.70 -21.03
N LYS F 271 -35.80 16.04 -21.04
CA LYS F 271 -35.61 14.72 -21.70
C LYS F 271 -35.44 13.60 -20.69
N GLY F 272 -35.78 12.44 -21.16
CA GLY F 272 -35.49 11.19 -20.47
C GLY F 272 -34.01 10.84 -20.53
N GLY F 273 -33.55 10.10 -19.53
CA GLY F 273 -32.13 9.72 -19.48
C GLY F 273 -31.66 8.77 -18.40
N PHE F 274 -30.37 8.55 -18.41
CA PHE F 274 -29.73 7.68 -17.40
C PHE F 274 -28.24 7.87 -17.19
N ASP F 275 -27.83 7.34 -16.05
CA ASP F 275 -26.42 7.18 -15.68
C ASP F 275 -26.00 5.73 -15.85
N TRP F 276 -24.70 5.48 -15.75
CA TRP F 276 -24.11 4.11 -15.99
C TRP F 276 -24.61 3.02 -15.03
N ASN F 277 -25.09 3.45 -13.87
CA ASN F 277 -25.86 2.56 -12.92
C ASN F 277 -27.24 2.12 -13.46
N LEU F 278 -27.48 2.51 -14.70
CA LEU F 278 -28.76 2.29 -15.45
C LEU F 278 -30.05 2.70 -14.73
N VAL F 279 -29.91 3.63 -13.80
CA VAL F 279 -31.09 4.22 -13.11
C VAL F 279 -31.66 5.41 -13.88
N PHE F 280 -32.96 5.34 -14.10
CA PHE F 280 -33.69 6.39 -14.85
C PHE F 280 -33.55 7.73 -14.15
N LYS F 281 -33.39 8.72 -14.99
CA LYS F 281 -33.33 10.11 -14.53
C LYS F 281 -33.76 11.11 -15.59
N TRP F 282 -34.17 12.26 -15.09
CA TRP F 282 -34.54 13.42 -15.95
C TRP F 282 -33.36 14.31 -16.24
N ASP F 283 -33.05 14.38 -17.52
CA ASP F 283 -32.05 15.35 -18.03
C ASP F 283 -32.76 16.65 -18.43
N TYR F 284 -32.13 17.76 -18.14
CA TYR F 284 -32.50 19.04 -18.79
C TYR F 284 -31.97 19.02 -20.21
N MET F 285 -32.70 19.66 -21.09
CA MET F 285 -32.20 19.89 -22.46
C MET F 285 -30.97 20.77 -22.39
N THR F 286 -30.07 20.54 -23.33
CA THR F 286 -28.90 21.45 -23.51
C THR F 286 -29.41 22.82 -23.98
N PRO F 287 -28.82 23.92 -23.49
CA PRO F 287 -29.17 25.27 -23.95
C PRO F 287 -29.17 25.40 -25.46
N GLU F 288 -28.21 24.70 -26.05
CA GLU F 288 -28.09 24.48 -27.53
C GLU F 288 -29.44 24.03 -28.14
N GLN F 289 -29.89 22.88 -27.64
CA GLN F 289 -31.19 22.24 -28.01
C GLN F 289 -32.38 23.18 -27.79
N ARG F 290 -32.45 23.66 -26.56
CA ARG F 290 -33.53 24.59 -26.11
C ARG F 290 -33.72 25.76 -27.06
N ARG F 291 -32.59 26.39 -27.33
CA ARG F 291 -32.51 27.60 -28.17
C ARG F 291 -33.02 27.34 -29.60
N SER F 292 -32.61 26.20 -30.11
CA SER F 292 -32.92 25.73 -31.51
C SER F 292 -34.40 25.37 -31.73
N ARG F 293 -35.09 25.26 -30.62
CA ARG F 293 -36.56 24.99 -30.55
C ARG F 293 -37.40 26.24 -30.40
N GLN F 294 -36.76 27.29 -29.92
CA GLN F 294 -37.40 28.62 -29.66
C GLN F 294 -38.39 28.98 -30.76
N GLY F 295 -38.00 28.58 -31.97
CA GLY F 295 -38.85 28.69 -33.19
C GLY F 295 -40.23 28.05 -33.04
N ASN F 296 -40.20 26.76 -32.73
CA ASN F 296 -41.41 25.96 -32.29
C ASN F 296 -41.26 25.22 -30.94
N PRO F 297 -41.70 25.83 -29.83
CA PRO F 297 -41.48 25.29 -28.48
C PRO F 297 -42.31 24.08 -28.06
N VAL F 298 -43.37 23.81 -28.81
CA VAL F 298 -44.22 22.60 -28.57
C VAL F 298 -43.99 21.46 -29.56
N ALA F 299 -42.86 21.51 -30.20
CA ALA F 299 -42.47 20.44 -31.12
C ALA F 299 -42.13 19.15 -30.38
N PRO F 300 -42.29 18.02 -31.04
CA PRO F 300 -41.80 16.81 -30.44
C PRO F 300 -40.39 16.94 -29.97
N ILE F 301 -40.11 16.24 -28.90
CA ILE F 301 -38.74 16.16 -28.36
C ILE F 301 -38.23 14.73 -28.42
N LYS F 302 -37.14 14.58 -29.15
CA LYS F 302 -36.44 13.28 -29.20
C LYS F 302 -35.92 12.98 -27.81
N THR F 303 -36.19 11.78 -27.35
CA THR F 303 -35.71 11.31 -26.02
C THR F 303 -35.00 9.96 -26.11
N PRO F 304 -33.80 9.83 -25.51
CA PRO F 304 -33.06 8.56 -25.59
C PRO F 304 -33.67 7.50 -24.74
N MET F 305 -34.50 7.98 -23.84
CA MET F 305 -35.22 7.10 -22.95
C MET F 305 -36.60 7.63 -22.55
N ILE F 306 -37.50 6.68 -22.43
CA ILE F 306 -38.86 6.95 -21.98
C ILE F 306 -39.03 6.53 -20.52
N ALA F 307 -39.78 7.34 -19.79
CA ALA F 307 -40.09 7.08 -18.35
C ALA F 307 -40.60 5.65 -18.17
N GLY F 308 -41.60 5.35 -18.98
CA GLY F 308 -42.05 3.95 -19.26
C GLY F 308 -43.50 3.68 -18.90
N GLY F 309 -43.94 4.32 -17.85
CA GLY F 309 -45.32 4.11 -17.38
C GLY F 309 -46.35 4.48 -18.45
N LEU F 310 -46.05 5.57 -19.12
CA LEU F 310 -47.04 6.26 -19.99
C LEU F 310 -46.54 6.44 -21.40
N PHE F 311 -47.02 5.60 -22.27
CA PHE F 311 -46.75 5.79 -23.70
C PHE F 311 -47.75 5.21 -24.66
N VAL F 312 -47.56 5.67 -25.86
CA VAL F 312 -48.40 5.29 -27.02
C VAL F 312 -47.58 4.68 -28.14
N MET F 313 -48.10 3.58 -28.64
CA MET F 313 -47.39 2.72 -29.58
C MET F 313 -48.30 1.97 -30.52
N ASP F 314 -47.85 1.94 -31.76
CA ASP F 314 -48.51 1.15 -32.82
C ASP F 314 -48.52 -0.32 -32.44
N LYS F 315 -49.70 -0.90 -32.44
CA LYS F 315 -49.91 -2.32 -31.98
C LYS F 315 -49.10 -3.33 -32.77
N PHE F 316 -49.17 -3.21 -34.08
CA PHE F 316 -48.40 -4.10 -34.98
C PHE F 316 -46.90 -3.97 -34.74
N TYR F 317 -46.47 -2.73 -34.62
CA TYR F 317 -45.04 -2.39 -34.37
C TYR F 317 -44.52 -2.95 -33.05
N PHE F 318 -45.39 -2.87 -32.07
CA PHE F 318 -45.15 -3.41 -30.69
C PHE F 318 -44.84 -4.90 -30.74
N GLU F 319 -45.67 -5.57 -31.53
CA GLU F 319 -45.61 -7.04 -31.74
C GLU F 319 -44.35 -7.45 -32.53
N GLU F 320 -44.21 -6.80 -33.66
CA GLU F 320 -43.02 -6.89 -34.55
C GLU F 320 -41.68 -6.81 -33.82
N LEU F 321 -41.53 -5.72 -33.07
CA LEU F 321 -40.26 -5.41 -32.31
C LEU F 321 -40.00 -6.30 -31.13
N GLY F 322 -40.96 -7.16 -30.86
CA GLY F 322 -40.78 -8.22 -29.82
C GLY F 322 -41.44 -7.92 -28.50
N LYS F 323 -42.56 -7.26 -28.61
CA LYS F 323 -43.44 -6.95 -27.48
C LYS F 323 -42.65 -6.36 -26.29
N TYR F 324 -42.79 -7.04 -25.16
CA TYR F 324 -41.86 -6.90 -23.99
C TYR F 324 -41.09 -8.19 -23.79
N ASP F 325 -39.91 -8.04 -23.19
CA ASP F 325 -39.15 -9.20 -22.65
C ASP F 325 -39.99 -9.89 -21.58
N MET F 326 -40.38 -11.10 -21.92
CA MET F 326 -41.39 -11.90 -21.16
C MET F 326 -40.94 -12.53 -19.83
N MET F 327 -39.63 -12.58 -19.68
CA MET F 327 -38.94 -13.20 -18.49
C MET F 327 -38.55 -12.21 -17.41
N MET F 328 -38.94 -10.97 -17.61
CA MET F 328 -38.54 -9.92 -16.64
C MET F 328 -39.22 -9.91 -15.26
N ASP F 329 -38.55 -9.15 -14.38
CA ASP F 329 -38.75 -9.11 -12.89
C ASP F 329 -40.24 -8.96 -12.45
N VAL F 330 -40.49 -8.06 -11.54
CA VAL F 330 -41.84 -7.60 -11.14
C VAL F 330 -41.96 -6.12 -11.44
N TRP F 331 -40.79 -5.49 -11.42
CA TRP F 331 -40.66 -4.03 -11.49
C TRP F 331 -39.45 -3.61 -12.35
N GLY F 332 -39.43 -2.30 -12.50
CA GLY F 332 -38.37 -1.46 -13.10
C GLY F 332 -37.18 -2.30 -13.43
N GLY F 333 -36.61 -2.11 -14.60
CA GLY F 333 -37.12 -1.11 -15.50
C GLY F 333 -36.81 -1.57 -16.89
N GLU F 334 -37.20 -2.81 -17.19
CA GLU F 334 -36.91 -3.34 -18.50
C GLU F 334 -37.47 -2.38 -19.54
N ASN F 335 -38.40 -1.52 -19.10
CA ASN F 335 -38.79 -0.33 -19.86
C ASN F 335 -37.57 0.30 -20.49
N LEU F 336 -36.47 0.15 -19.79
CA LEU F 336 -35.21 0.59 -20.30
C LEU F 336 -34.84 -0.24 -21.51
N GLU F 337 -35.21 -1.51 -21.51
CA GLU F 337 -34.95 -2.35 -22.67
C GLU F 337 -35.57 -1.68 -23.86
N ILE F 338 -36.87 -1.83 -23.94
CA ILE F 338 -37.67 -1.24 -24.99
C ILE F 338 -37.19 0.12 -25.45
N SER F 339 -36.72 0.96 -24.55
CA SER F 339 -36.14 2.22 -25.06
C SER F 339 -34.94 1.96 -25.97
N PHE F 340 -34.06 1.10 -25.49
CA PHE F 340 -32.85 0.69 -26.26
C PHE F 340 -33.30 0.03 -27.55
N ARG F 341 -34.13 -0.98 -27.36
CA ARG F 341 -34.66 -1.82 -28.45
C ARG F 341 -35.27 -0.99 -29.59
N VAL F 342 -36.19 -0.11 -29.22
CA VAL F 342 -36.87 0.77 -30.22
C VAL F 342 -35.88 1.57 -31.09
N TRP F 343 -34.98 2.24 -30.40
CA TRP F 343 -33.99 3.15 -31.05
C TRP F 343 -33.04 2.40 -31.95
N GLN F 344 -32.43 1.40 -31.32
CA GLN F 344 -31.41 0.52 -31.95
C GLN F 344 -31.96 -0.20 -33.18
N CYS F 345 -33.20 -0.60 -33.08
CA CYS F 345 -33.90 -1.35 -34.18
C CYS F 345 -34.72 -0.50 -35.15
N GLY F 346 -34.33 0.75 -35.29
CA GLY F 346 -34.79 1.64 -36.39
C GLY F 346 -36.00 2.51 -36.10
N GLY F 347 -36.47 2.38 -34.88
CA GLY F 347 -37.60 3.19 -34.38
C GLY F 347 -37.14 4.48 -33.72
N SER F 348 -38.11 5.24 -33.27
CA SER F 348 -37.84 6.46 -32.46
C SER F 348 -38.72 6.61 -31.22
N LEU F 349 -38.18 7.39 -30.31
CA LEU F 349 -38.80 7.76 -29.01
C LEU F 349 -39.07 9.25 -28.92
N GLU F 350 -40.30 9.58 -28.67
CA GLU F 350 -40.69 11.01 -28.51
C GLU F 350 -41.47 11.36 -27.24
N ILE F 351 -41.14 12.52 -26.74
CA ILE F 351 -41.97 13.25 -25.75
C ILE F 351 -42.74 14.33 -26.47
N ILE F 352 -44.00 14.42 -26.16
CA ILE F 352 -44.96 15.29 -26.90
C ILE F 352 -45.63 16.37 -26.02
N PRO F 353 -45.08 17.58 -26.00
CA PRO F 353 -45.45 18.63 -25.03
C PRO F 353 -46.89 19.02 -24.96
N CYS F 354 -47.56 18.93 -26.08
CA CYS F 354 -49.00 19.30 -26.09
C CYS F 354 -49.89 18.27 -25.41
N SER F 355 -49.27 17.12 -25.25
CA SER F 355 -49.87 15.98 -24.51
C SER F 355 -49.47 15.99 -23.04
N ARG F 356 -50.50 16.15 -22.23
CA ARG F 356 -50.36 16.23 -20.77
C ARG F 356 -51.15 15.19 -19.96
N VAL F 357 -50.38 14.44 -19.22
CA VAL F 357 -50.92 13.41 -18.32
C VAL F 357 -50.29 13.42 -16.93
N GLY F 358 -51.18 13.63 -16.02
CA GLY F 358 -50.88 13.63 -14.58
C GLY F 358 -50.55 12.23 -14.06
N HIS F 359 -49.56 12.18 -13.19
CA HIS F 359 -49.13 10.91 -12.57
C HIS F 359 -48.77 11.08 -11.11
N VAL F 360 -49.30 10.17 -10.30
CA VAL F 360 -48.95 10.17 -8.87
C VAL F 360 -47.55 9.60 -8.66
N PHE F 361 -46.62 10.53 -8.51
CA PHE F 361 -45.25 10.14 -8.19
C PHE F 361 -45.13 9.88 -6.72
N ARG F 362 -44.49 8.77 -6.46
CA ARG F 362 -44.28 8.25 -5.14
C ARG F 362 -42.83 8.33 -4.69
N SER G 1 -7.31 44.43 -15.36
CA SER G 1 -6.64 43.19 -15.91
C SER G 1 -7.59 42.37 -16.81
N THR G 2 -7.03 41.39 -17.52
CA THR G 2 -7.84 40.38 -18.22
C THR G 2 -8.20 39.33 -17.16
N CYS G 3 -7.55 38.17 -17.21
CA CYS G 3 -7.97 36.98 -16.46
C CYS G 3 -7.35 35.71 -17.07
N PRO G 4 -6.54 34.97 -16.28
CA PRO G 4 -5.81 33.76 -16.65
C PRO G 4 -6.60 32.72 -17.45
N ALA G 5 -5.94 32.13 -18.44
CA ALA G 5 -6.53 31.08 -19.28
C ALA G 5 -6.39 29.66 -18.68
N ALA G 6 -6.43 29.53 -17.35
N SER H 1 -30.10 -5.30 45.87
CA SER H 1 -30.95 -4.56 44.88
C SER H 1 -30.81 -5.24 43.51
N THR H 2 -31.91 -5.51 42.80
CA THR H 2 -31.80 -6.12 41.47
C THR H 2 -30.76 -5.33 40.73
N CYS H 3 -30.13 -6.00 39.78
CA CYS H 3 -29.02 -5.48 39.02
C CYS H 3 -29.42 -5.07 37.63
N PRO H 4 -28.59 -4.23 37.00
CA PRO H 4 -28.96 -3.62 35.72
C PRO H 4 -28.87 -4.54 34.51
N ALA H 5 -29.92 -4.51 33.70
CA ALA H 5 -29.95 -5.22 32.42
C ALA H 5 -29.09 -4.58 31.30
N ALA H 6 -28.26 -3.59 31.65
N SER I 1 37.88 -24.30 -3.45
CA SER I 1 37.66 -23.91 -2.01
C SER I 1 37.61 -22.37 -1.86
N THR I 2 36.79 -21.89 -0.91
CA THR I 2 36.73 -20.43 -0.64
C THR I 2 38.11 -19.93 -0.20
N CYS I 3 38.34 -18.71 -0.60
CA CYS I 3 39.61 -18.06 -0.53
C CYS I 3 39.59 -17.07 0.63
N PRO I 4 40.71 -16.96 1.36
CA PRO I 4 40.69 -16.23 2.64
C PRO I 4 40.47 -14.76 2.49
N ALA I 5 39.68 -14.23 3.43
CA ALA I 5 39.43 -12.81 3.56
C ALA I 5 40.69 -12.02 4.06
N ALA I 6 41.89 -12.56 3.80
N SER J 1 -0.47 -30.42 12.33
CA SER J 1 -0.72 -31.62 13.19
C SER J 1 -1.96 -31.34 14.02
N THR J 2 -2.83 -32.36 14.19
CA THR J 2 -4.12 -32.20 14.91
C THR J 2 -3.87 -31.41 16.20
N CYS J 3 -4.32 -31.91 17.33
CA CYS J 3 -4.52 -31.09 18.50
C CYS J 3 -5.04 -32.05 19.55
N PRO J 4 -4.19 -32.35 20.54
CA PRO J 4 -4.50 -33.26 21.63
C PRO J 4 -5.76 -32.87 22.40
N ALA J 5 -6.65 -33.84 22.56
CA ALA J 5 -7.76 -33.71 23.51
C ALA J 5 -7.27 -33.83 24.96
N ALA J 6 -5.98 -33.52 25.19
N SER K 1 55.57 20.25 -20.81
CA SER K 1 54.48 20.19 -21.85
C SER K 1 53.18 19.68 -21.23
N THR K 2 52.04 20.09 -21.80
CA THR K 2 50.75 19.40 -21.55
C THR K 2 50.89 17.99 -22.09
N CYS K 3 50.24 17.05 -21.41
CA CYS K 3 50.31 15.65 -21.75
C CYS K 3 49.14 15.21 -22.65
N PRO K 4 49.36 14.20 -23.53
CA PRO K 4 48.39 13.93 -24.59
C PRO K 4 47.21 13.09 -24.14
N ALA K 5 46.05 13.44 -24.68
CA ALA K 5 44.86 12.66 -24.47
C ALA K 5 45.01 11.29 -25.20
MN MN L . 50.46 23.62 -27.54
C1 BBK M . 46.87 -4.71 -10.50
O1 BBK M . 45.69 -5.36 -10.07
C2 BBK M . 47.96 -5.35 -9.64
N2 BBK M . 47.60 -6.73 -9.43
C3 BBK M . 48.03 -4.73 -8.27
O3 BBK M . 49.07 -5.35 -7.48
C4 BBK M . 48.17 -3.20 -8.40
O4 BBK M . 49.40 -2.83 -9.05
C5 BBK M . 46.90 -2.66 -9.10
S5 BBK M . 46.72 -3.29 -10.39
C6 BBK M . 46.91 -1.16 -9.35
O6 BBK M . 45.83 -0.61 -8.64
C7 BBK M . 48.50 -7.68 -9.26
O7 BBK M . 49.68 -7.39 -9.25
C8 BBK M . 48.01 -9.10 -9.07
N1 UDP N . 53.17 30.88 -26.46
C2 UDP N . 53.16 32.24 -26.35
N3 UDP N . 54.15 32.89 -25.72
C4 UDP N . 55.15 32.20 -25.15
C5 UDP N . 55.18 30.82 -25.23
C6 UDP N . 54.17 30.17 -25.90
O2 UDP N . 52.22 32.89 -26.85
O4 UDP N . 56.07 32.81 -24.57
C1' UDP N . 52.05 30.22 -27.18
C2' UDP N . 52.31 29.01 -28.10
O2' UDP N . 52.31 29.36 -29.50
C3' UDP N . 51.12 28.11 -27.81
C4' UDP N . 50.83 28.38 -26.32
O4' UDP N . 51.10 29.78 -26.19
O3' UDP N . 49.95 28.43 -28.61
C5' UDP N . 51.69 27.68 -25.28
O5' UDP N . 51.41 26.28 -25.24
PA UDP N . 52.49 25.31 -25.95
O1A UDP N . 53.73 26.14 -26.23
O2A UDP N . 51.82 24.70 -27.16
O3A UDP N . 52.62 24.18 -24.84
PB UDP N . 51.66 22.86 -24.82
O1B UDP N . 51.26 22.87 -23.26
O2B UDP N . 52.56 21.64 -25.12
O3B UDP N . 50.35 22.96 -25.54
MN MN O . 35.27 -24.55 5.25
C1 BBK P . 49.19 -0.41 -13.82
O1 BBK P . 48.66 0.93 -13.88
C2 BBK P . 49.79 -0.89 -15.17
N2 BBK P . 50.62 0.13 -15.85
C3 BBK P . 48.64 -1.23 -16.11
O3 BBK P . 49.17 -1.65 -17.36
C4 BBK P . 47.64 -2.23 -15.48
O4 BBK P . 48.35 -3.46 -15.26
C5 BBK P . 47.02 -1.56 -14.22
S5 BBK P . 48.10 -1.22 -13.32
C6 BBK P . 45.98 -2.37 -13.42
O6 BBK P . 44.60 -2.00 -13.55
C7 BBK P . 51.86 0.54 -15.47
O7 BBK P . 52.57 -0.06 -14.67
C8 BBK P . 52.26 1.90 -16.02
N1 UDP Q . 30.66 -31.04 3.87
C2 UDP Q . 29.57 -31.80 4.06
N3 UDP Q . 29.24 -32.79 3.19
C4 UDP Q . 30.00 -33.03 2.10
C5 UDP Q . 31.14 -32.24 1.87
C6 UDP Q . 31.44 -31.24 2.78
O2 UDP Q . 28.87 -31.55 5.07
O4 UDP Q . 29.70 -33.95 1.30
C1' UDP Q . 30.91 -29.98 4.87
C2' UDP Q . 32.37 -29.81 5.29
O2' UDP Q . 32.81 -30.60 6.41
C3' UDP Q . 32.43 -28.33 5.65
C4' UDP Q . 31.31 -27.63 4.88
O4' UDP Q . 30.48 -28.70 4.37
O3' UDP Q . 32.18 -28.13 7.04
C5' UDP Q . 31.75 -26.66 3.76
O5' UDP Q . 33.13 -26.30 3.87
PA UDP Q . 34.29 -26.97 2.98
O1A UDP Q . 33.74 -28.18 2.27
O2A UDP Q . 35.51 -27.21 3.83
O3A UDP Q . 34.59 -25.85 1.86
PB UDP Q . 35.45 -24.49 2.04
O1B UDP Q . 34.82 -23.51 0.93
O2B UDP Q . 36.86 -24.89 1.64
O3B UDP Q . 35.12 -23.85 3.39
MN MN R . -0.75 42.40 -20.51
N1 UDP S . 0.15 50.07 -22.44
C2 UDP S . 0.31 51.20 -23.21
N3 UDP S . -0.16 52.39 -22.78
C4 UDP S . -0.81 52.47 -21.59
C5 UDP S . -0.99 51.35 -20.78
C6 UDP S . -0.49 50.16 -21.25
O2 UDP S . 0.88 51.17 -24.31
O4 UDP S . -1.24 53.55 -21.19
C1' UDP S . 0.69 48.76 -22.91
C2' UDP S . 1.22 47.82 -21.81
O2' UDP S . 2.62 47.95 -21.51
C3' UDP S . 0.79 46.45 -22.34
C4' UDP S . -0.55 46.76 -23.04
O4' UDP S . -0.34 48.04 -23.62
O3' UDP S . 1.74 45.89 -23.29
C5' UDP S . -1.81 46.85 -22.15
O5' UDP S . -2.13 45.64 -21.46
PA UDP S . -1.73 45.41 -19.90
O1A UDP S . -1.43 46.77 -19.30
O2A UDP S . -0.66 44.35 -19.85
O3A UDP S . -3.09 44.78 -19.25
PB UDP S . -3.74 43.34 -19.63
O1B UDP S . -5.03 43.54 -20.61
O2B UDP S . -4.35 42.74 -18.39
O3B UDP S . -2.68 42.58 -20.39
MN MN T . -1.01 -38.72 13.48
N1 UDP U . 1.20 -40.14 5.73
C2 UDP U . 1.12 -40.69 4.50
N3 UDP U . 1.54 -40.02 3.40
C4 UDP U . 2.04 -38.77 3.53
C5 UDP U . 2.13 -38.17 4.79
C6 UDP U . 1.69 -38.89 5.89
O2 UDP U . 0.64 -41.82 4.38
O4 UDP U . 2.43 -38.15 2.52
C1' UDP U . 0.72 -40.93 6.90
C2' UDP U . 1.44 -40.77 8.26
O2' UDP U . 2.49 -41.72 8.57
C3' UDP U . 0.30 -40.91 9.26
C4' UDP U . -0.89 -40.33 8.50
O4' UDP U . -0.68 -40.64 7.12
O3' UDP U . 0.08 -42.30 9.61
C5' UDP U . -1.00 -38.82 8.62
O5' UDP U . -1.07 -38.46 9.99
PA UDP U . 0.03 -37.53 10.70
O1A UDP U . 1.22 -37.36 9.80
O2A UDP U . 0.22 -38.03 12.11
O3A UDP U . -0.81 -36.17 10.89
PB UDP U . -1.68 -35.88 12.24
O1B UDP U . -3.04 -35.18 11.71
O2B UDP U . -0.81 -34.94 13.06
O3B UDP U . -2.09 -37.17 12.90
C1 BBK V . -14.53 -14.53 31.40
O1 BBK V . -15.81 -14.88 31.94
C2 BBK V . -14.34 -13.01 31.55
N2 BBK V . -15.04 -12.55 32.75
C3 BBK V . -14.91 -12.17 30.41
O3 BBK V . -14.30 -10.88 30.40
C4 BBK V . -14.77 -12.88 29.07
O4 BBK V . -13.39 -12.84 28.65
C5 BBK V . -15.41 -14.28 29.22
S5 BBK V . -14.50 -15.04 30.04
C6 BBK V . -15.89 -14.99 27.92
O6 BBK V . -15.33 -16.30 27.67
C7 BBK V . -14.69 -11.48 33.48
O7 BBK V . -13.71 -10.77 33.25
C8 BBK V . -15.61 -11.15 34.63
MN MN W . -36.43 -0.21 42.21
C1 BBK X . -11.10 -18.00 28.64
O1 BBK X . -11.67 -19.05 27.85
C2 BBK X . -9.88 -18.46 29.46
N2 BBK X . -8.83 -19.03 28.61
C3 BBK X . -10.35 -19.54 30.44
O3 BBK X . -9.39 -19.62 31.49
C4 BBK X . -11.79 -19.39 31.00
O4 BBK X . -11.86 -18.72 32.25
C5 BBK X . -12.81 -18.76 30.02
S5 BBK X . -12.23 -17.61 29.42
C6 BBK X . -14.18 -18.38 30.62
O6 BBK X . -15.02 -19.52 30.86
C7 BBK X . -7.81 -18.40 28.01
O7 BBK X . -7.50 -17.24 28.28
C8 BBK X . -7.08 -19.14 26.89
N1 UDP Y . -40.64 -0.14 49.12
C2 UDP Y . -41.71 -0.25 49.94
N3 UDP Y . -41.56 -0.44 51.27
C4 UDP Y . -40.31 -0.55 51.78
C5 UDP Y . -39.17 -0.48 50.97
C6 UDP Y . -39.38 -0.27 49.61
O2 UDP Y . -42.87 -0.15 49.49
O4 UDP Y . -40.18 -0.71 53.00
C1' UDP Y . -40.89 0.07 47.70
C2' UDP Y . -39.94 1.00 46.92
O2' UDP Y . -40.40 2.37 46.92
C3' UDP Y . -39.86 0.35 45.54
C4' UDP Y . -39.97 -1.14 45.93
O4' UDP Y . -40.82 -1.21 47.09
O3' UDP Y . -40.88 0.77 44.55
C5' UDP Y . -38.70 -1.85 46.38
O5' UDP Y . -37.78 -1.76 45.32
PA UDP Y . -36.47 -0.83 45.42
O1A UDP Y . -36.39 -0.12 46.76
O2A UDP Y . -36.41 -0.01 44.17
O3A UDP Y . -35.28 -1.90 45.20
PB UDP Y . -34.90 -2.36 43.70
O1B UDP Y . -35.39 -3.92 43.62
O2B UDP Y . -33.39 -2.20 43.60
O3B UDP Y . -35.75 -1.60 42.72
MN MN Z . -46.74 5.00 -11.24
N1 UDP AA . -48.37 -2.67 -10.97
C2 UDP AA . -48.82 -3.90 -11.29
N3 UDP AA . -48.23 -5.00 -10.76
C4 UDP AA . -47.20 -4.88 -9.89
C5 UDP AA . -46.72 -3.63 -9.56
C6 UDP AA . -47.33 -2.52 -10.12
O2 UDP AA . -49.77 -4.05 -12.08
O4 UDP AA . -46.66 -5.91 -9.40
C1' UDP AA . -49.01 -1.49 -11.60
C2' UDP AA . -49.23 -0.26 -10.72
O2' UDP AA . -50.60 -0.14 -10.32
C3' UDP AA . -48.78 0.89 -11.60
C4' UDP AA . -47.81 0.28 -12.62
O4' UDP AA . -48.18 -1.10 -12.71
O3' UDP AA . -49.90 1.49 -12.28
C5' UDP AA . -46.33 0.27 -12.23
O5' UDP AA . -45.81 1.59 -12.09
PA UDP AA . -45.60 2.15 -10.60
O1A UDP AA . -45.83 1.03 -9.62
O2A UDP AA . -46.43 3.41 -10.47
O3A UDP AA . -44.03 2.49 -10.60
PB UDP AA . -43.59 4.02 -10.84
O1B UDP AA . -42.04 3.83 -11.27
O2B UDP AA . -43.68 4.74 -9.51
O3B UDP AA . -44.32 4.53 -12.07
#